data_1ULP
#
_entry.id   1ULP
#
_cell.length_a   1.000
_cell.length_b   1.000
_cell.length_c   1.000
_cell.angle_alpha   90.00
_cell.angle_beta   90.00
_cell.angle_gamma   90.00
#
_symmetry.space_group_name_H-M   'P 1'
#
_entity_poly.entity_id   1
_entity_poly.type   'polypeptide(L)'
_entity_poly.pdbx_seq_one_letter_code
;ASPIGEGTFDDGPEGWVAYGTDGPLDTSTGALCVAVPAGSAQYGVGVVLNGVAIEEGTTYTLRYTATASTDVTVRALVGQ
NGAPYGTVLDTSPALTSEPRQVTETFTASATYPATPAADDPEGQIAFQLGGFSADAWTLCLDDVALDSEVEL
;
_entity_poly.pdbx_strand_id   A
#
# COMPACT_ATOMS: atom_id res chain seq x y z
N ALA A 1 12.81 -5.48 11.07
CA ALA A 1 13.68 -6.68 10.88
C ALA A 1 13.46 -7.28 9.50
N SER A 2 12.27 -7.75 9.23
CA SER A 2 11.99 -8.36 7.90
C SER A 2 10.93 -7.54 7.16
N PRO A 3 11.21 -7.28 5.90
CA PRO A 3 10.27 -6.48 5.08
C PRO A 3 9.09 -7.37 4.64
N ILE A 4 8.44 -7.02 3.57
CA ILE A 4 7.28 -7.82 3.10
C ILE A 4 7.75 -8.86 2.06
N GLY A 5 8.86 -8.61 1.42
CA GLY A 5 9.37 -9.57 0.40
C GLY A 5 9.53 -8.87 -0.94
N GLU A 6 10.73 -8.83 -1.46
CA GLU A 6 10.95 -8.16 -2.77
C GLU A 6 10.06 -8.79 -3.84
N GLY A 7 8.91 -8.23 -4.08
CA GLY A 7 8.00 -8.80 -5.11
C GLY A 7 6.91 -9.62 -4.42
N THR A 8 5.92 -8.97 -3.87
CA THR A 8 4.83 -9.72 -3.18
C THR A 8 3.66 -9.96 -4.13
N PHE A 9 2.56 -10.44 -3.60
CA PHE A 9 1.37 -10.69 -4.48
C PHE A 9 1.73 -11.69 -5.58
N ASP A 10 2.84 -12.36 -5.46
CA ASP A 10 3.24 -13.36 -6.50
C ASP A 10 2.64 -14.73 -6.18
N ASP A 11 1.57 -14.75 -5.42
CA ASP A 11 0.91 -16.04 -5.05
C ASP A 11 0.01 -15.82 -3.83
N GLY A 12 0.30 -14.81 -3.05
CA GLY A 12 -0.53 -14.53 -1.85
C GLY A 12 -0.34 -13.07 -1.44
N PRO A 13 -1.34 -12.53 -0.80
CA PRO A 13 -1.29 -11.11 -0.34
C PRO A 13 -0.33 -10.97 0.83
N GLU A 14 0.24 -12.05 1.29
CA GLU A 14 1.19 -11.98 2.43
C GLU A 14 0.49 -11.39 3.67
N GLY A 15 0.51 -10.09 3.81
CA GLY A 15 -0.15 -9.46 4.99
C GLY A 15 -1.04 -8.30 4.55
N TRP A 16 -0.80 -7.75 3.39
CA TRP A 16 -1.64 -6.61 2.92
C TRP A 16 -3.12 -6.86 3.24
N VAL A 17 -3.72 -5.97 3.99
CA VAL A 17 -5.17 -6.15 4.32
C VAL A 17 -5.99 -5.02 3.71
N ALA A 18 -7.22 -5.27 3.39
CA ALA A 18 -8.06 -4.20 2.79
C ALA A 18 -9.39 -4.10 3.53
N TYR A 19 -9.70 -2.95 4.06
CA TYR A 19 -10.98 -2.78 4.81
C TYR A 19 -11.96 -1.93 4.01
N GLY A 20 -13.24 -2.06 4.28
CA GLY A 20 -14.25 -1.25 3.54
C GLY A 20 -14.50 -1.89 2.17
N THR A 21 -14.34 -3.18 2.06
CA THR A 21 -14.57 -3.86 0.76
C THR A 21 -15.38 -5.15 0.94
N ASP A 22 -15.34 -6.02 -0.01
CA ASP A 22 -16.10 -7.30 0.12
C ASP A 22 -15.17 -8.43 0.55
N GLY A 23 -15.56 -9.20 1.54
CA GLY A 23 -14.70 -10.32 2.01
C GLY A 23 -13.25 -9.84 2.10
N PRO A 24 -12.36 -10.80 2.22
CA PRO A 24 -10.92 -10.48 2.32
C PRO A 24 -10.37 -10.06 0.95
N LEU A 25 -9.08 -10.13 0.77
CA LEU A 25 -8.49 -9.73 -0.54
C LEU A 25 -8.50 -10.90 -1.52
N ASP A 26 -8.40 -10.63 -2.78
CA ASP A 26 -8.40 -11.74 -3.79
C ASP A 26 -7.16 -11.63 -4.69
N THR A 27 -6.37 -12.66 -4.75
CA THR A 27 -5.16 -12.63 -5.60
C THR A 27 -5.23 -13.75 -6.65
N SER A 28 -4.83 -14.93 -6.29
CA SER A 28 -4.87 -16.07 -7.25
C SER A 28 -4.53 -15.61 -8.67
N THR A 29 -3.39 -15.00 -8.85
CA THR A 29 -3.00 -14.54 -10.21
C THR A 29 -1.60 -13.91 -10.19
N GLY A 30 -1.25 -13.28 -9.10
CA GLY A 30 0.09 -12.64 -9.03
C GLY A 30 -0.06 -11.14 -8.76
N ALA A 31 -1.24 -10.72 -8.39
CA ALA A 31 -1.45 -9.27 -8.11
C ALA A 31 -2.54 -9.09 -7.04
N LEU A 32 -2.22 -8.43 -5.96
CA LEU A 32 -3.24 -8.22 -4.90
C LEU A 32 -4.42 -7.40 -5.46
N CYS A 33 -5.52 -8.05 -5.73
CA CYS A 33 -6.68 -7.30 -6.28
C CYS A 33 -7.80 -7.17 -5.24
N VAL A 34 -7.94 -6.02 -4.64
CA VAL A 34 -9.02 -5.83 -3.63
C VAL A 34 -10.28 -5.34 -4.34
N ALA A 35 -11.43 -5.81 -3.91
CA ALA A 35 -12.69 -5.38 -4.57
C ALA A 35 -13.27 -4.12 -3.92
N VAL A 36 -13.15 -2.99 -4.58
CA VAL A 36 -13.71 -1.73 -3.99
C VAL A 36 -15.20 -1.63 -4.35
N PRO A 37 -16.01 -1.56 -3.33
CA PRO A 37 -17.47 -1.49 -3.54
C PRO A 37 -17.90 -0.10 -4.02
N ALA A 38 -18.78 -0.05 -4.99
CA ALA A 38 -19.23 1.28 -5.49
C ALA A 38 -19.53 2.21 -4.33
N GLY A 39 -19.76 3.47 -4.60
CA GLY A 39 -20.04 4.41 -3.50
C GLY A 39 -19.04 4.20 -2.37
N SER A 40 -17.77 4.12 -2.69
CA SER A 40 -16.74 3.92 -1.63
C SER A 40 -16.32 5.27 -1.05
N ALA A 41 -17.25 6.18 -0.93
CA ALA A 41 -16.94 7.52 -0.37
C ALA A 41 -17.11 7.50 1.15
N GLN A 42 -17.64 8.55 1.71
CA GLN A 42 -17.83 8.62 3.19
C GLN A 42 -16.63 7.99 3.90
N TYR A 43 -16.87 7.25 4.96
CA TYR A 43 -15.74 6.62 5.73
C TYR A 43 -14.53 6.37 4.82
N GLY A 44 -14.77 5.89 3.62
CA GLY A 44 -13.65 5.67 2.67
C GLY A 44 -13.06 4.28 2.84
N VAL A 45 -12.79 3.61 1.75
CA VAL A 45 -12.18 2.25 1.83
C VAL A 45 -10.67 2.40 1.84
N GLY A 46 -9.93 1.32 1.86
CA GLY A 46 -8.44 1.47 1.88
C GLY A 46 -7.77 0.13 2.19
N VAL A 47 -6.46 0.12 2.16
CA VAL A 47 -5.72 -1.14 2.45
C VAL A 47 -4.48 -0.80 3.30
N VAL A 48 -4.25 -1.53 4.37
CA VAL A 48 -3.06 -1.23 5.22
C VAL A 48 -2.19 -2.47 5.38
N LEU A 49 -0.89 -2.30 5.38
CA LEU A 49 0.02 -3.46 5.53
C LEU A 49 1.04 -3.19 6.65
N ASN A 50 0.82 -3.72 7.81
CA ASN A 50 1.77 -3.48 8.94
C ASN A 50 3.01 -4.38 8.78
N GLY A 51 4.17 -3.83 8.99
CA GLY A 51 5.41 -4.66 8.85
C GLY A 51 6.38 -3.98 7.88
N VAL A 52 6.98 -2.89 8.29
CA VAL A 52 7.94 -2.19 7.38
C VAL A 52 9.29 -2.01 8.09
N ALA A 53 10.33 -1.75 7.34
CA ALA A 53 11.66 -1.57 7.98
C ALA A 53 12.24 -0.20 7.61
N ILE A 54 11.76 0.85 8.25
CA ILE A 54 12.30 2.21 7.94
C ILE A 54 12.93 2.82 9.20
N GLU A 55 13.89 3.68 9.03
CA GLU A 55 14.55 4.30 10.22
C GLU A 55 15.06 5.70 9.86
N GLU A 56 14.79 6.66 10.71
CA GLU A 56 15.26 8.05 10.44
C GLU A 56 15.16 8.39 8.96
N GLY A 57 15.99 9.29 8.50
CA GLY A 57 15.93 9.67 7.06
C GLY A 57 16.82 8.73 6.25
N THR A 58 16.29 7.61 5.83
CA THR A 58 17.10 6.64 5.05
C THR A 58 16.59 6.60 3.60
N THR A 59 17.31 5.93 2.73
CA THR A 59 16.86 5.86 1.30
C THR A 59 15.96 4.64 1.10
N TYR A 60 15.11 4.67 0.11
CA TYR A 60 14.21 3.50 -0.14
C TYR A 60 13.69 3.54 -1.57
N THR A 61 12.93 2.55 -1.96
CA THR A 61 12.39 2.53 -3.35
C THR A 61 11.04 1.81 -3.39
N LEU A 62 9.98 2.52 -3.65
CA LEU A 62 8.64 1.87 -3.70
C LEU A 62 8.34 1.37 -5.11
N ARG A 63 8.04 0.11 -5.26
CA ARG A 63 7.75 -0.42 -6.62
C ARG A 63 6.46 -1.24 -6.60
N TYR A 64 5.40 -0.72 -7.17
CA TYR A 64 4.11 -1.49 -7.17
C TYR A 64 3.33 -1.17 -8.46
N THR A 65 2.53 -2.09 -8.92
CA THR A 65 1.74 -1.84 -10.16
C THR A 65 0.24 -1.94 -9.86
N ALA A 66 -0.37 -0.84 -9.54
CA ALA A 66 -1.83 -0.87 -9.22
C ALA A 66 -2.66 -0.66 -10.50
N THR A 67 -3.79 -1.32 -10.58
CA THR A 67 -4.65 -1.16 -11.79
C THR A 67 -6.12 -1.36 -11.42
N ALA A 68 -6.92 -0.35 -11.58
CA ALA A 68 -8.37 -0.48 -11.23
C ALA A 68 -9.21 -0.63 -12.51
N SER A 69 -10.17 -1.51 -12.50
CA SER A 69 -11.02 -1.68 -13.71
C SER A 69 -11.45 -0.32 -14.24
N THR A 70 -11.47 0.67 -13.38
CA THR A 70 -11.88 2.03 -13.81
C THR A 70 -10.70 3.00 -13.67
N ASP A 71 -10.84 4.20 -14.16
CA ASP A 71 -9.73 5.19 -14.03
C ASP A 71 -9.85 5.90 -12.68
N VAL A 72 -9.60 5.21 -11.61
CA VAL A 72 -9.70 5.84 -10.27
C VAL A 72 -8.35 6.33 -9.77
N THR A 73 -8.31 7.50 -9.17
CA THR A 73 -7.02 8.03 -8.65
C THR A 73 -7.17 8.27 -7.14
N VAL A 74 -6.87 7.27 -6.35
CA VAL A 74 -7.02 7.44 -4.88
C VAL A 74 -5.72 7.98 -4.27
N ARG A 75 -5.41 7.61 -3.05
CA ARG A 75 -4.18 8.11 -2.40
C ARG A 75 -3.36 6.96 -1.83
N ALA A 76 -2.05 7.06 -1.90
CA ALA A 76 -1.19 5.97 -1.35
C ALA A 76 0.05 6.58 -0.69
N LEU A 77 0.60 5.91 0.30
CA LEU A 77 1.80 6.46 0.98
C LEU A 77 2.22 5.54 2.14
N VAL A 78 2.98 6.07 3.07
CA VAL A 78 3.43 5.25 4.23
C VAL A 78 3.60 6.16 5.45
N GLY A 79 3.76 5.60 6.61
CA GLY A 79 3.93 6.46 7.83
C GLY A 79 4.16 5.58 9.06
N GLN A 80 4.31 6.20 10.20
CA GLN A 80 4.55 5.42 11.44
C GLN A 80 3.30 5.43 12.33
N ASN A 81 2.96 4.32 12.90
CA ASN A 81 1.78 4.24 13.79
C ASN A 81 2.22 3.71 15.15
N GLY A 82 2.46 4.59 16.09
CA GLY A 82 2.90 4.14 17.43
C GLY A 82 4.11 4.97 17.87
N ALA A 83 4.16 6.22 17.48
CA ALA A 83 5.31 7.08 17.88
C ALA A 83 6.62 6.50 17.32
N PRO A 84 7.52 7.36 16.92
CA PRO A 84 7.29 8.83 16.99
C PRO A 84 6.47 9.31 15.78
N TYR A 85 5.80 8.41 15.10
CA TYR A 85 4.99 8.83 13.91
C TYR A 85 5.89 9.52 12.89
N GLY A 86 5.33 9.94 11.78
CA GLY A 86 6.15 10.61 10.74
C GLY A 86 5.92 9.94 9.38
N THR A 87 5.32 10.65 8.46
CA THR A 87 5.08 10.05 7.12
C THR A 87 6.17 10.48 6.14
N VAL A 88 6.54 9.63 5.22
CA VAL A 88 7.61 10.01 4.25
C VAL A 88 7.09 9.86 2.81
N LEU A 89 6.02 9.12 2.63
CA LEU A 89 5.48 8.95 1.25
C LEU A 89 4.23 9.82 1.04
N ASP A 90 4.16 10.48 -0.08
CA ASP A 90 2.98 11.34 -0.37
C ASP A 90 2.74 11.42 -1.88
N THR A 91 2.06 10.45 -2.44
CA THR A 91 1.81 10.49 -3.91
C THR A 91 0.38 10.06 -4.23
N SER A 92 0.03 10.04 -5.48
CA SER A 92 -1.36 9.64 -5.86
C SER A 92 -1.32 8.41 -6.77
N PRO A 93 -1.78 7.30 -6.23
CA PRO A 93 -1.79 6.04 -6.99
C PRO A 93 -2.86 6.07 -8.09
N ALA A 94 -2.48 6.43 -9.28
CA ALA A 94 -3.47 6.47 -10.39
C ALA A 94 -3.84 5.05 -10.81
N LEU A 95 -5.03 4.84 -11.32
CA LEU A 95 -5.44 3.48 -11.72
C LEU A 95 -6.30 3.52 -12.98
N THR A 96 -6.44 2.41 -13.65
CA THR A 96 -7.27 2.38 -14.89
C THR A 96 -7.27 0.97 -15.48
N SER A 97 -7.95 0.78 -16.59
CA SER A 97 -7.98 -0.57 -17.21
C SER A 97 -6.57 -1.03 -17.57
N GLU A 98 -5.67 -0.10 -17.76
CA GLU A 98 -4.27 -0.48 -18.10
C GLU A 98 -3.44 -0.65 -16.82
N PRO A 99 -2.31 -1.28 -16.98
CA PRO A 99 -1.41 -1.52 -15.82
C PRO A 99 -0.73 -0.21 -15.41
N ARG A 100 -0.65 0.05 -14.13
CA ARG A 100 0.00 1.31 -13.66
C ARG A 100 1.20 0.99 -12.77
N GLN A 101 2.32 0.66 -13.37
CA GLN A 101 3.53 0.33 -12.55
C GLN A 101 4.05 1.59 -11.86
N VAL A 102 4.74 1.42 -10.76
CA VAL A 102 5.27 2.61 -10.03
C VAL A 102 6.73 2.36 -9.61
N THR A 103 7.58 3.32 -9.80
CA THR A 103 9.01 3.13 -9.41
C THR A 103 9.63 4.48 -9.02
N GLU A 104 9.94 4.66 -7.76
CA GLU A 104 10.54 5.94 -7.32
C GLU A 104 11.29 5.76 -6.00
N THR A 105 12.48 6.29 -5.90
CA THR A 105 13.25 6.14 -4.64
C THR A 105 13.05 7.38 -3.75
N PHE A 106 12.42 7.21 -2.62
CA PHE A 106 12.20 8.37 -1.72
C PHE A 106 13.03 8.21 -0.44
N THR A 107 13.34 9.31 0.21
CA THR A 107 14.15 9.23 1.46
C THR A 107 13.23 9.13 2.67
N ALA A 108 12.90 7.94 3.10
CA ALA A 108 11.99 7.79 4.27
C ALA A 108 12.47 8.67 5.43
N SER A 109 11.90 9.84 5.57
CA SER A 109 12.32 10.74 6.67
C SER A 109 11.54 10.41 7.95
N ALA A 110 11.52 9.16 8.33
CA ALA A 110 10.78 8.76 9.56
C ALA A 110 11.35 7.45 10.12
N THR A 111 10.55 6.71 10.84
CA THR A 111 11.04 5.42 11.41
C THR A 111 9.88 4.45 11.60
N TYR A 112 9.85 3.39 10.84
CA TYR A 112 8.75 2.39 10.98
C TYR A 112 9.27 1.12 11.66
N PRO A 113 9.12 1.09 12.96
CA PRO A 113 9.59 -0.09 13.74
C PRO A 113 8.67 -1.28 13.51
N ALA A 114 8.96 -2.39 14.14
CA ALA A 114 8.10 -3.59 13.94
C ALA A 114 7.70 -4.18 15.31
N THR A 115 6.96 -3.45 16.09
CA THR A 115 6.55 -3.96 17.42
C THR A 115 5.02 -3.97 17.53
N PRO A 116 4.45 -5.13 17.35
CA PRO A 116 2.99 -5.28 17.42
C PRO A 116 2.50 -5.18 18.87
N ALA A 117 2.36 -3.99 19.38
CA ALA A 117 1.90 -3.84 20.79
C ALA A 117 0.62 -2.99 20.84
N ALA A 118 -0.06 -2.99 21.96
CA ALA A 118 -1.32 -2.19 22.06
C ALA A 118 -1.02 -0.71 21.76
N ASP A 119 -0.22 -0.08 22.56
CA ASP A 119 0.09 1.36 22.31
C ASP A 119 1.29 1.49 21.36
N ASP A 120 1.49 0.51 20.53
CA ASP A 120 2.64 0.59 19.57
C ASP A 120 2.32 -0.17 18.28
N PRO A 121 1.45 0.42 17.50
CA PRO A 121 1.03 -0.20 16.22
C PRO A 121 2.10 -0.06 15.11
N GLU A 122 3.30 0.23 15.49
CA GLU A 122 4.42 0.38 14.50
C GLU A 122 3.97 1.11 13.24
N GLY A 123 4.83 1.17 12.25
CA GLY A 123 4.46 1.89 10.99
C GLY A 123 4.06 0.87 9.92
N GLN A 124 3.27 1.29 8.97
CA GLN A 124 2.83 0.36 7.89
C GLN A 124 2.58 1.14 6.59
N ILE A 125 1.67 0.65 5.78
CA ILE A 125 1.35 1.34 4.51
C ILE A 125 -0.11 1.79 4.52
N ALA A 126 -0.39 2.97 4.04
CA ALA A 126 -1.80 3.45 4.06
C ALA A 126 -2.33 3.64 2.64
N PHE A 127 -3.40 2.97 2.31
CA PHE A 127 -4.01 3.12 0.96
C PHE A 127 -5.42 3.65 1.12
N GLN A 128 -5.66 4.89 0.75
CA GLN A 128 -7.01 5.47 0.92
C GLN A 128 -7.88 5.21 -0.31
N LEU A 129 -8.62 4.13 -0.30
CA LEU A 129 -9.50 3.82 -1.46
C LEU A 129 -10.90 4.37 -1.18
N GLY A 130 -10.97 5.56 -0.65
CA GLY A 130 -12.30 6.16 -0.35
C GLY A 130 -12.37 7.58 -0.91
N GLY A 131 -13.48 7.97 -1.47
CA GLY A 131 -13.59 9.34 -2.03
C GLY A 131 -12.76 9.45 -3.30
N PHE A 132 -13.08 8.68 -4.30
CA PHE A 132 -12.29 8.74 -5.57
C PHE A 132 -13.16 8.27 -6.75
N SER A 133 -13.34 6.99 -6.90
CA SER A 133 -14.17 6.48 -8.03
C SER A 133 -15.63 6.37 -7.59
N ALA A 134 -16.52 7.08 -8.24
CA ALA A 134 -17.96 7.01 -7.85
C ALA A 134 -18.49 5.59 -8.06
N ASP A 135 -18.66 5.19 -9.28
CA ASP A 135 -19.18 3.82 -9.55
C ASP A 135 -18.33 2.77 -8.84
N ALA A 136 -18.58 1.52 -9.08
CA ALA A 136 -17.78 0.45 -8.40
C ALA A 136 -16.48 0.21 -9.16
N TRP A 137 -15.41 -0.02 -8.46
CA TRP A 137 -14.11 -0.27 -9.13
C TRP A 137 -13.23 -1.16 -8.26
N THR A 138 -11.95 -1.23 -8.54
CA THR A 138 -11.08 -2.11 -7.72
C THR A 138 -9.61 -1.71 -7.86
N LEU A 139 -8.75 -2.33 -7.10
CA LEU A 139 -7.30 -2.01 -7.17
C LEU A 139 -6.49 -3.30 -7.32
N CYS A 140 -5.62 -3.36 -8.28
CA CYS A 140 -4.81 -4.60 -8.47
C CYS A 140 -3.32 -4.29 -8.44
N LEU A 141 -2.69 -4.41 -7.30
CA LEU A 141 -1.23 -4.14 -7.22
C LEU A 141 -0.46 -5.43 -7.47
N ASP A 142 0.84 -5.41 -7.35
CA ASP A 142 1.63 -6.65 -7.60
C ASP A 142 3.12 -6.38 -7.47
N ASP A 143 3.80 -7.11 -6.62
CA ASP A 143 5.27 -6.91 -6.45
C ASP A 143 5.56 -5.59 -5.74
N VAL A 144 5.09 -5.43 -4.53
CA VAL A 144 5.35 -4.16 -3.80
C VAL A 144 6.59 -4.32 -2.92
N ALA A 145 7.66 -3.65 -3.24
CA ALA A 145 8.90 -3.77 -2.42
C ALA A 145 9.30 -2.42 -1.85
N LEU A 146 10.16 -2.41 -0.86
CA LEU A 146 10.60 -1.13 -0.25
C LEU A 146 11.82 -1.36 0.65
N ASP A 147 13.00 -1.31 0.10
CA ASP A 147 14.22 -1.53 0.93
C ASP A 147 15.16 -0.33 0.81
N SER A 148 16.12 -0.24 1.69
CA SER A 148 17.07 0.91 1.64
C SER A 148 18.33 0.52 0.86
N GLU A 149 18.62 1.20 -0.21
CA GLU A 149 19.84 0.87 -1.00
C GLU A 149 19.78 -0.58 -1.48
N VAL A 150 19.79 -0.80 -2.77
CA VAL A 150 19.74 -2.19 -3.29
C VAL A 150 20.49 -2.28 -4.62
N GLU A 151 20.77 -3.47 -5.07
CA GLU A 151 21.50 -3.63 -6.36
C GLU A 151 20.85 -2.76 -7.45
N LEU A 152 21.52 -2.56 -8.55
CA LEU A 152 20.94 -1.73 -9.64
C LEU A 152 21.59 -2.08 -10.98
N ALA A 1 14.63 -6.19 5.78
CA ALA A 1 14.36 -6.39 7.22
C ALA A 1 12.90 -6.79 7.44
N SER A 2 12.56 -8.03 7.15
CA SER A 2 11.16 -8.48 7.33
C SER A 2 10.20 -7.57 6.56
N PRO A 3 10.41 -7.50 5.27
CA PRO A 3 9.56 -6.65 4.41
C PRO A 3 8.20 -7.32 4.19
N ILE A 4 7.52 -6.99 3.12
CA ILE A 4 6.20 -7.60 2.85
C ILE A 4 6.35 -8.79 1.90
N GLY A 5 7.46 -9.47 1.95
CA GLY A 5 7.67 -10.64 1.05
C GLY A 5 8.36 -10.17 -0.24
N GLU A 6 8.14 -8.94 -0.63
CA GLU A 6 8.78 -8.44 -1.88
C GLU A 6 8.52 -9.39 -3.05
N GLY A 7 7.29 -9.51 -3.46
CA GLY A 7 6.97 -10.43 -4.59
C GLY A 7 5.79 -9.87 -5.39
N THR A 8 5.39 -10.56 -6.42
CA THR A 8 4.24 -10.06 -7.24
C THR A 8 2.95 -10.76 -6.82
N PHE A 9 2.64 -10.77 -5.55
CA PHE A 9 1.40 -11.44 -5.08
C PHE A 9 1.23 -12.79 -5.79
N ASP A 10 2.32 -13.48 -6.03
CA ASP A 10 2.22 -14.80 -6.72
C ASP A 10 1.92 -15.90 -5.70
N ASP A 11 1.00 -15.66 -4.80
CA ASP A 11 0.65 -16.68 -3.76
C ASP A 11 -0.08 -16.00 -2.60
N GLY A 12 -1.34 -15.70 -2.77
CA GLY A 12 -2.10 -15.03 -1.68
C GLY A 12 -1.69 -13.56 -1.59
N PRO A 13 -2.54 -12.76 -1.00
CA PRO A 13 -2.27 -11.32 -0.86
C PRO A 13 -1.22 -11.07 0.25
N GLU A 14 -0.68 -12.12 0.81
CA GLU A 14 0.34 -11.95 1.88
C GLU A 14 -0.28 -11.31 3.13
N GLY A 15 -0.29 -10.00 3.20
CA GLY A 15 -0.89 -9.33 4.38
C GLY A 15 -1.68 -8.10 3.95
N TRP A 16 -1.84 -7.90 2.68
CA TRP A 16 -2.61 -6.71 2.19
C TRP A 16 -4.08 -6.87 2.53
N VAL A 17 -4.66 -5.91 3.19
CA VAL A 17 -6.11 -6.01 3.54
C VAL A 17 -6.85 -4.76 3.06
N ALA A 18 -8.09 -4.88 2.71
CA ALA A 18 -8.84 -3.68 2.24
C ALA A 18 -10.18 -3.61 2.98
N TYR A 19 -10.61 -2.42 3.33
CA TYR A 19 -11.89 -2.29 4.07
C TYR A 19 -12.77 -1.21 3.43
N GLY A 20 -14.03 -1.19 3.78
CA GLY A 20 -14.96 -0.17 3.21
C GLY A 20 -15.33 -0.55 1.77
N THR A 21 -15.58 -1.81 1.52
CA THR A 21 -15.95 -2.23 0.14
C THR A 21 -16.86 -3.46 0.18
N ASP A 22 -16.71 -4.35 -0.76
CA ASP A 22 -17.57 -5.57 -0.79
C ASP A 22 -16.71 -6.83 -0.62
N GLY A 23 -17.09 -7.69 0.29
CA GLY A 23 -16.29 -8.94 0.49
C GLY A 23 -14.81 -8.58 0.70
N PRO A 24 -14.04 -9.59 1.01
CA PRO A 24 -12.59 -9.40 1.23
C PRO A 24 -11.87 -9.15 -0.09
N LEU A 25 -10.58 -9.36 -0.12
CA LEU A 25 -9.82 -9.13 -1.39
C LEU A 25 -10.03 -10.30 -2.36
N ASP A 26 -9.45 -10.23 -3.53
CA ASP A 26 -9.61 -11.34 -4.51
C ASP A 26 -8.32 -11.50 -5.31
N THR A 27 -7.66 -12.63 -5.17
CA THR A 27 -6.40 -12.86 -5.93
C THR A 27 -6.56 -14.09 -6.83
N SER A 28 -6.35 -15.26 -6.29
CA SER A 28 -6.48 -16.51 -7.11
C SER A 28 -5.92 -16.29 -8.51
N THR A 29 -4.96 -15.41 -8.66
CA THR A 29 -4.38 -15.15 -10.00
C THR A 29 -2.93 -14.66 -9.88
N GLY A 30 -2.66 -13.86 -8.88
CA GLY A 30 -1.27 -13.33 -8.71
C GLY A 30 -1.32 -11.83 -8.44
N ALA A 31 -2.49 -11.25 -8.44
CA ALA A 31 -2.59 -9.79 -8.19
C ALA A 31 -3.71 -9.51 -7.17
N LEU A 32 -3.51 -8.54 -6.31
CA LEU A 32 -4.56 -8.22 -5.30
C LEU A 32 -5.62 -7.30 -5.91
N CYS A 33 -6.81 -7.79 -6.08
CA CYS A 33 -7.88 -6.93 -6.68
C CYS A 33 -8.99 -6.67 -5.67
N VAL A 34 -9.19 -5.44 -5.29
CA VAL A 34 -10.26 -5.12 -4.30
C VAL A 34 -11.48 -4.56 -5.04
N ALA A 35 -12.66 -4.86 -4.57
CA ALA A 35 -13.89 -4.35 -5.25
C ALA A 35 -14.34 -3.02 -4.61
N VAL A 36 -13.92 -1.93 -5.16
CA VAL A 36 -14.33 -0.60 -4.60
C VAL A 36 -15.67 -0.17 -5.20
N PRO A 37 -16.56 0.25 -4.33
CA PRO A 37 -17.90 0.70 -4.80
C PRO A 37 -17.78 1.98 -5.62
N ALA A 38 -18.84 2.38 -6.27
CA ALA A 38 -18.80 3.62 -7.11
C ALA A 38 -18.49 4.85 -6.25
N GLY A 39 -17.41 5.53 -6.56
CA GLY A 39 -17.04 6.76 -5.78
C GLY A 39 -17.27 6.50 -4.29
N SER A 40 -16.24 6.12 -3.58
CA SER A 40 -16.40 5.86 -2.12
C SER A 40 -17.29 6.94 -1.50
N ALA A 41 -18.55 6.68 -1.40
CA ALA A 41 -19.49 7.69 -0.82
C ALA A 41 -19.61 7.49 0.69
N GLN A 42 -18.57 7.00 1.29
CA GLN A 42 -18.59 6.78 2.77
C GLN A 42 -17.36 7.42 3.40
N TYR A 43 -17.08 7.11 4.63
CA TYR A 43 -15.87 7.70 5.29
C TYR A 43 -14.67 7.59 4.35
N GLY A 44 -14.69 6.67 3.44
CA GLY A 44 -13.55 6.51 2.49
C GLY A 44 -13.05 5.06 2.53
N VAL A 45 -12.70 4.51 1.40
CA VAL A 45 -12.20 3.11 1.39
C VAL A 45 -10.68 3.12 1.58
N GLY A 46 -10.07 1.97 1.73
CA GLY A 46 -8.60 1.97 1.92
C GLY A 46 -8.07 0.54 2.03
N VAL A 47 -6.79 0.41 2.21
CA VAL A 47 -6.17 -0.94 2.33
C VAL A 47 -4.93 -0.81 3.23
N VAL A 48 -4.82 -1.63 4.22
CA VAL A 48 -3.64 -1.52 5.13
C VAL A 48 -2.81 -2.81 5.13
N LEU A 49 -1.53 -2.67 5.00
CA LEU A 49 -0.64 -3.88 4.99
C LEU A 49 0.43 -3.76 6.07
N ASN A 50 0.16 -4.24 7.25
CA ASN A 50 1.15 -4.16 8.35
C ASN A 50 2.38 -5.02 8.02
N GLY A 51 3.52 -4.40 7.81
CA GLY A 51 4.75 -5.18 7.49
C GLY A 51 5.71 -4.30 6.69
N VAL A 52 6.49 -3.50 7.36
CA VAL A 52 7.45 -2.62 6.64
C VAL A 52 8.78 -2.55 7.40
N ALA A 53 9.83 -2.17 6.74
CA ALA A 53 11.16 -2.08 7.43
C ALA A 53 11.81 -0.72 7.17
N ILE A 54 11.55 0.25 8.01
CA ILE A 54 12.16 1.59 7.82
C ILE A 54 12.95 1.99 9.06
N GLU A 55 13.73 3.04 8.98
CA GLU A 55 14.51 3.47 10.17
C GLU A 55 15.00 4.92 10.00
N GLU A 56 14.73 5.75 10.97
CA GLU A 56 15.18 7.18 10.89
C GLU A 56 15.07 7.70 9.46
N GLY A 57 15.88 8.67 9.11
CA GLY A 57 15.82 9.24 7.73
C GLY A 57 16.70 8.42 6.79
N THR A 58 16.21 7.29 6.34
CA THR A 58 17.01 6.44 5.42
C THR A 58 16.42 6.50 4.00
N THR A 59 17.08 5.91 3.05
CA THR A 59 16.56 5.92 1.66
C THR A 59 15.65 4.72 1.41
N TYR A 60 14.75 4.82 0.46
CA TYR A 60 13.84 3.67 0.18
C TYR A 60 13.27 3.78 -1.23
N THR A 61 12.65 2.74 -1.72
CA THR A 61 12.07 2.79 -3.09
C THR A 61 10.76 2.01 -3.12
N LEU A 62 9.66 2.69 -3.38
CA LEU A 62 8.35 1.99 -3.43
C LEU A 62 8.07 1.50 -4.86
N ARG A 63 7.86 0.23 -5.02
CA ARG A 63 7.59 -0.30 -6.39
C ARG A 63 6.29 -1.11 -6.39
N TYR A 64 5.37 -0.79 -7.26
CA TYR A 64 4.09 -1.55 -7.31
C TYR A 64 3.31 -1.17 -8.58
N THR A 65 2.51 -2.07 -9.09
CA THR A 65 1.73 -1.77 -10.32
C THR A 65 0.24 -1.87 -10.03
N ALA A 66 -0.41 -0.76 -9.82
CA ALA A 66 -1.88 -0.79 -9.53
C ALA A 66 -2.68 -0.44 -10.78
N THR A 67 -3.82 -1.04 -10.95
CA THR A 67 -4.65 -0.74 -12.15
C THR A 67 -6.15 -0.87 -11.82
N ALA A 68 -6.88 0.21 -11.90
CA ALA A 68 -8.32 0.16 -11.59
C ALA A 68 -9.14 0.14 -12.89
N SER A 69 -10.19 -0.63 -12.93
CA SER A 69 -11.01 -0.68 -14.17
C SER A 69 -11.33 0.76 -14.63
N THR A 70 -11.27 1.69 -13.72
CA THR A 70 -11.56 3.11 -14.07
C THR A 70 -10.31 3.97 -13.85
N ASP A 71 -10.32 5.19 -14.31
CA ASP A 71 -9.14 6.08 -14.09
C ASP A 71 -9.26 6.74 -12.71
N VAL A 72 -9.10 5.97 -11.66
CA VAL A 72 -9.22 6.54 -10.29
C VAL A 72 -7.84 6.94 -9.74
N THR A 73 -7.78 8.05 -9.06
CA THR A 73 -6.49 8.50 -8.46
C THR A 73 -6.67 8.66 -6.96
N VAL A 74 -6.40 7.63 -6.21
CA VAL A 74 -6.58 7.72 -4.73
C VAL A 74 -5.30 8.22 -4.05
N ARG A 75 -5.04 7.77 -2.86
CA ARG A 75 -3.82 8.24 -2.14
C ARG A 75 -3.04 7.04 -1.58
N ALA A 76 -1.74 7.07 -1.67
CA ALA A 76 -0.93 5.94 -1.14
C ALA A 76 0.32 6.49 -0.43
N LEU A 77 0.86 5.76 0.50
CA LEU A 77 2.06 6.26 1.24
C LEU A 77 2.51 5.22 2.27
N VAL A 78 3.08 5.67 3.37
CA VAL A 78 3.55 4.71 4.42
C VAL A 78 3.47 5.39 5.79
N GLY A 79 3.60 4.64 6.85
CA GLY A 79 3.52 5.28 8.20
C GLY A 79 3.93 4.28 9.29
N GLN A 80 3.75 4.64 10.53
CA GLN A 80 4.12 3.72 11.64
C GLN A 80 2.88 3.00 12.18
N ASN A 81 2.94 2.47 13.37
CA ASN A 81 1.77 1.76 13.94
C ASN A 81 1.88 1.71 15.47
N GLY A 82 1.55 2.77 16.14
CA GLY A 82 1.63 2.78 17.63
C GLY A 82 1.47 4.21 18.14
N ALA A 83 2.53 4.96 18.16
CA ALA A 83 2.45 6.37 18.65
C ALA A 83 3.85 7.00 18.72
N PRO A 84 3.91 8.28 18.47
CA PRO A 84 2.71 9.08 18.13
C PRO A 84 2.40 8.98 16.63
N TYR A 85 2.66 7.86 16.03
CA TYR A 85 2.39 7.70 14.57
C TYR A 85 3.27 8.67 13.77
N GLY A 86 3.82 8.21 12.68
CA GLY A 86 4.68 9.10 11.85
C GLY A 86 4.66 8.62 10.40
N THR A 87 4.25 9.47 9.50
CA THR A 87 4.20 9.06 8.06
C THR A 87 5.46 9.53 7.33
N VAL A 88 5.91 8.79 6.36
CA VAL A 88 7.13 9.20 5.61
C VAL A 88 6.80 9.40 4.12
N LEU A 89 5.77 8.76 3.65
CA LEU A 89 5.38 8.92 2.23
C LEU A 89 4.14 9.80 2.09
N ASP A 90 4.06 10.56 1.03
CA ASP A 90 2.87 11.44 0.85
C ASP A 90 2.62 11.66 -0.65
N THR A 91 1.98 10.74 -1.31
CA THR A 91 1.71 10.92 -2.77
C THR A 91 0.36 10.30 -3.15
N SER A 92 -0.06 10.49 -4.37
CA SER A 92 -1.37 9.93 -4.81
C SER A 92 -1.16 9.00 -6.01
N PRO A 93 -1.51 7.75 -5.82
CA PRO A 93 -1.37 6.74 -6.91
C PRO A 93 -2.40 6.98 -8.01
N ALA A 94 -2.04 6.69 -9.24
CA ALA A 94 -3.00 6.87 -10.36
C ALA A 94 -3.43 5.50 -10.89
N LEU A 95 -4.63 5.40 -11.39
CA LEU A 95 -5.09 4.08 -11.91
C LEU A 95 -5.91 4.26 -13.19
N THR A 96 -6.26 3.18 -13.84
CA THR A 96 -7.05 3.28 -15.10
C THR A 96 -7.08 1.91 -15.79
N SER A 97 -7.72 1.82 -16.92
CA SER A 97 -7.79 0.51 -17.64
C SER A 97 -6.37 0.08 -18.05
N GLU A 98 -5.42 0.97 -17.95
CA GLU A 98 -4.03 0.62 -18.32
C GLU A 98 -3.21 0.33 -17.06
N PRO A 99 -2.25 -0.54 -17.19
CA PRO A 99 -1.38 -0.90 -16.05
C PRO A 99 -0.50 0.27 -15.66
N ARG A 100 -0.46 0.60 -14.40
CA ARG A 100 0.39 1.76 -13.95
C ARG A 100 1.45 1.29 -12.96
N GLN A 101 2.61 0.96 -13.44
CA GLN A 101 3.69 0.50 -12.53
C GLN A 101 4.23 1.68 -11.72
N VAL A 102 4.88 1.43 -10.62
CA VAL A 102 5.42 2.55 -9.79
C VAL A 102 6.89 2.32 -9.45
N THR A 103 7.71 3.32 -9.60
CA THR A 103 9.15 3.15 -9.28
C THR A 103 9.75 4.49 -8.83
N GLU A 104 9.68 4.78 -7.55
CA GLU A 104 10.23 6.07 -7.05
C GLU A 104 10.95 5.86 -5.72
N THR A 105 11.94 6.67 -5.43
CA THR A 105 12.68 6.52 -4.14
C THR A 105 12.38 7.71 -3.22
N PHE A 106 12.16 7.44 -1.96
CA PHE A 106 11.86 8.55 -1.01
C PHE A 106 12.71 8.40 0.25
N THR A 107 12.93 9.49 0.95
CA THR A 107 13.76 9.41 2.20
C THR A 107 12.85 9.14 3.41
N ALA A 108 12.62 7.88 3.70
CA ALA A 108 11.75 7.56 4.86
C ALA A 108 12.16 8.36 6.10
N SER A 109 11.41 9.38 6.43
CA SER A 109 11.77 10.20 7.61
C SER A 109 11.08 9.65 8.87
N ALA A 110 11.26 8.39 9.15
CA ALA A 110 10.61 7.79 10.36
C ALA A 110 11.22 6.44 10.67
N THR A 111 10.50 5.59 11.36
CA THR A 111 11.04 4.25 11.70
C THR A 111 9.91 3.20 11.71
N TYR A 112 9.98 2.24 10.83
CA TYR A 112 8.92 1.19 10.80
C TYR A 112 9.50 -0.16 11.22
N PRO A 113 9.71 -0.31 12.50
CA PRO A 113 10.28 -1.57 13.04
C PRO A 113 9.23 -2.69 13.00
N ALA A 114 9.63 -3.86 12.59
CA ALA A 114 8.66 -4.99 12.52
C ALA A 114 8.53 -5.67 13.89
N THR A 115 8.40 -4.89 14.93
CA THR A 115 8.27 -5.49 16.30
C THR A 115 6.98 -5.00 16.97
N PRO A 116 5.90 -5.68 16.68
CA PRO A 116 4.59 -5.31 17.25
C PRO A 116 4.53 -5.69 18.73
N ALA A 117 4.37 -4.73 19.60
CA ALA A 117 4.31 -5.04 21.06
C ALA A 117 3.38 -4.05 21.77
N ALA A 118 3.30 -4.13 23.07
CA ALA A 118 2.41 -3.21 23.82
C ALA A 118 2.95 -1.77 23.73
N ASP A 119 4.14 -1.61 23.21
CA ASP A 119 4.71 -0.24 23.10
C ASP A 119 5.70 -0.18 21.93
N ASP A 120 5.64 -1.13 21.04
CA ASP A 120 6.58 -1.12 19.87
C ASP A 120 5.82 -0.79 18.59
N PRO A 121 5.87 0.47 18.22
CA PRO A 121 5.17 0.93 17.00
C PRO A 121 5.93 0.49 15.75
N GLU A 122 5.26 -0.17 14.84
CA GLU A 122 5.95 -0.61 13.59
C GLU A 122 5.51 0.27 12.41
N GLY A 123 5.62 -0.20 11.21
CA GLY A 123 5.20 0.63 10.04
C GLY A 123 4.50 -0.25 9.01
N GLN A 124 3.71 0.36 8.16
CA GLN A 124 2.99 -0.44 7.13
C GLN A 124 2.77 0.40 5.86
N ILE A 125 1.83 0.03 5.05
CA ILE A 125 1.55 0.81 3.80
C ILE A 125 0.11 1.33 3.85
N ALA A 126 -0.11 2.53 3.37
CA ALA A 126 -1.49 3.10 3.41
C ALA A 126 -2.05 3.28 2.00
N PHE A 127 -3.10 2.56 1.69
CA PHE A 127 -3.75 2.69 0.35
C PHE A 127 -5.21 3.11 0.56
N GLN A 128 -5.45 4.38 0.77
CA GLN A 128 -6.85 4.83 1.02
C GLN A 128 -7.57 5.16 -0.29
N LEU A 129 -8.59 4.41 -0.60
CA LEU A 129 -9.37 4.68 -1.84
C LEU A 129 -10.63 5.46 -1.47
N GLY A 130 -10.46 6.51 -0.72
CA GLY A 130 -11.64 7.34 -0.32
C GLY A 130 -12.43 7.73 -1.58
N GLY A 131 -13.42 8.56 -1.43
CA GLY A 131 -14.20 8.99 -2.63
C GLY A 131 -13.25 9.51 -3.70
N PHE A 132 -12.77 8.66 -4.56
CA PHE A 132 -11.83 9.11 -5.62
C PHE A 132 -12.45 8.96 -7.01
N SER A 133 -12.87 7.77 -7.35
CA SER A 133 -13.49 7.56 -8.70
C SER A 133 -14.99 7.80 -8.65
N ALA A 134 -15.68 7.60 -9.74
CA ALA A 134 -17.16 7.81 -9.75
C ALA A 134 -17.88 6.46 -9.79
N ASP A 135 -17.86 5.81 -10.92
CA ASP A 135 -18.56 4.49 -11.02
C ASP A 135 -17.79 3.44 -10.22
N ALA A 136 -18.47 2.43 -9.74
CA ALA A 136 -17.78 1.37 -8.95
C ALA A 136 -16.46 1.00 -9.61
N TRP A 137 -15.36 1.17 -8.91
CA TRP A 137 -14.04 0.81 -9.51
C TRP A 137 -13.31 -0.17 -8.61
N THR A 138 -12.06 -0.41 -8.89
CA THR A 138 -11.31 -1.41 -8.08
C THR A 138 -9.80 -1.18 -8.21
N LEU A 139 -9.03 -1.82 -7.39
CA LEU A 139 -7.54 -1.67 -7.47
C LEU A 139 -6.89 -3.04 -7.63
N CYS A 140 -6.08 -3.21 -8.64
CA CYS A 140 -5.43 -4.54 -8.84
C CYS A 140 -3.90 -4.39 -8.87
N LEU A 141 -3.26 -4.67 -7.77
CA LEU A 141 -1.77 -4.56 -7.75
C LEU A 141 -1.16 -5.93 -8.11
N ASP A 142 0.14 -6.03 -8.08
CA ASP A 142 0.78 -7.33 -8.42
C ASP A 142 2.27 -7.30 -8.08
N ASP A 143 2.65 -6.49 -7.13
CA ASP A 143 4.09 -6.41 -6.74
C ASP A 143 4.30 -5.26 -5.76
N VAL A 144 4.98 -5.52 -4.67
CA VAL A 144 5.20 -4.43 -3.67
C VAL A 144 6.51 -4.69 -2.93
N ALA A 145 7.48 -3.82 -3.08
CA ALA A 145 8.77 -4.02 -2.39
C ALA A 145 9.33 -2.69 -1.86
N LEU A 146 10.12 -2.72 -0.84
CA LEU A 146 10.69 -1.46 -0.28
C LEU A 146 12.09 -1.73 0.29
N ASP A 147 13.11 -1.39 -0.45
CA ASP A 147 14.50 -1.61 0.05
C ASP A 147 15.12 -0.30 0.53
N SER A 148 16.40 -0.28 0.75
CA SER A 148 17.06 0.97 1.22
C SER A 148 18.25 1.33 0.33
N GLU A 149 18.95 2.38 0.65
CA GLU A 149 20.13 2.76 -0.19
C GLU A 149 21.09 1.58 -0.34
N VAL A 150 20.97 0.85 -1.42
CA VAL A 150 21.88 -0.32 -1.63
C VAL A 150 22.64 -0.17 -2.95
N GLU A 151 22.71 1.03 -3.47
CA GLU A 151 23.45 1.23 -4.76
C GLU A 151 24.93 0.92 -4.59
N LEU A 152 25.61 0.62 -5.65
CA LEU A 152 27.07 0.31 -5.55
C LEU A 152 27.66 0.02 -6.94
N ALA A 1 14.36 -5.37 4.34
CA ALA A 1 13.64 -4.58 5.39
C ALA A 1 12.17 -5.01 5.46
N SER A 2 11.41 -4.74 4.43
CA SER A 2 9.98 -5.14 4.44
C SER A 2 9.75 -6.32 3.50
N PRO A 3 9.89 -7.50 4.04
CA PRO A 3 9.71 -8.74 3.24
C PRO A 3 8.22 -8.97 2.96
N ILE A 4 7.66 -8.26 2.02
CA ILE A 4 6.21 -8.45 1.71
C ILE A 4 6.07 -9.40 0.51
N GLY A 5 6.83 -10.46 0.48
CA GLY A 5 6.74 -11.41 -0.66
C GLY A 5 7.85 -11.11 -1.67
N GLU A 6 8.44 -9.95 -1.58
CA GLU A 6 9.53 -9.59 -2.54
C GLU A 6 9.16 -10.03 -3.95
N GLY A 7 7.90 -10.04 -4.27
CA GLY A 7 7.46 -10.46 -5.63
C GLY A 7 6.06 -9.92 -5.92
N THR A 8 5.19 -10.77 -6.39
CA THR A 8 3.80 -10.30 -6.69
C THR A 8 2.77 -11.18 -5.98
N PHE A 9 1.51 -10.99 -6.27
CA PHE A 9 0.46 -11.81 -5.62
C PHE A 9 0.11 -13.01 -6.51
N ASP A 10 1.09 -13.71 -6.99
CA ASP A 10 0.82 -14.89 -7.85
C ASP A 10 0.64 -16.15 -7.00
N ASP A 11 0.02 -16.01 -5.85
CA ASP A 11 -0.20 -17.17 -4.94
C ASP A 11 -0.51 -16.68 -3.53
N GLY A 12 -1.23 -15.60 -3.41
CA GLY A 12 -1.55 -15.05 -2.05
C GLY A 12 -1.11 -13.59 -1.98
N PRO A 13 -1.98 -12.77 -1.48
CA PRO A 13 -1.68 -11.33 -1.35
C PRO A 13 -0.82 -11.05 -0.11
N GLU A 14 0.15 -11.88 0.17
CA GLU A 14 1.00 -11.64 1.37
C GLU A 14 0.15 -11.30 2.58
N GLY A 15 -0.10 -10.04 2.82
CA GLY A 15 -0.93 -9.65 4.00
C GLY A 15 -1.70 -8.36 3.71
N TRP A 16 -1.71 -7.91 2.48
CA TRP A 16 -2.45 -6.67 2.14
C TRP A 16 -3.90 -6.77 2.63
N VAL A 17 -4.32 -5.88 3.49
CA VAL A 17 -5.73 -5.93 3.99
C VAL A 17 -6.47 -4.67 3.55
N ALA A 18 -7.78 -4.75 3.44
CA ALA A 18 -8.56 -3.55 3.05
C ALA A 18 -9.83 -3.47 3.90
N TYR A 19 -10.20 -2.30 4.33
CA TYR A 19 -11.41 -2.19 5.21
C TYR A 19 -12.46 -1.25 4.61
N GLY A 20 -13.72 -1.48 4.93
CA GLY A 20 -14.83 -0.64 4.41
C GLY A 20 -15.95 -1.55 3.90
N THR A 21 -15.77 -2.12 2.74
CA THR A 21 -16.83 -3.02 2.19
C THR A 21 -16.20 -4.08 1.29
N ASP A 22 -14.92 -4.31 1.44
CA ASP A 22 -14.25 -5.33 0.59
C ASP A 22 -13.91 -6.57 1.43
N GLY A 23 -14.55 -7.67 1.16
CA GLY A 23 -14.26 -8.91 1.95
C GLY A 23 -12.80 -9.31 1.74
N PRO A 24 -12.60 -10.56 1.46
CA PRO A 24 -11.22 -11.08 1.24
C PRO A 24 -10.70 -10.60 -0.12
N LEU A 25 -9.59 -9.91 -0.12
CA LEU A 25 -9.02 -9.42 -1.42
C LEU A 25 -9.12 -10.52 -2.48
N ASP A 26 -9.72 -10.21 -3.61
CA ASP A 26 -9.86 -11.24 -4.68
C ASP A 26 -8.64 -11.23 -5.60
N THR A 27 -7.97 -12.35 -5.71
CA THR A 27 -6.77 -12.42 -6.58
C THR A 27 -6.99 -13.48 -7.68
N SER A 28 -6.76 -14.72 -7.38
CA SER A 28 -6.95 -15.80 -8.38
C SER A 28 -6.08 -15.54 -9.62
N THR A 29 -4.83 -15.21 -9.42
CA THR A 29 -3.93 -14.96 -10.59
C THR A 29 -2.61 -14.36 -10.11
N GLY A 30 -2.48 -13.07 -10.14
CA GLY A 30 -1.21 -12.43 -9.69
C GLY A 30 -1.48 -10.97 -9.30
N ALA A 31 -2.70 -10.66 -8.98
CA ALA A 31 -3.02 -9.25 -8.59
C ALA A 31 -3.92 -9.24 -7.35
N LEU A 32 -4.01 -8.13 -6.67
CA LEU A 32 -4.86 -8.06 -5.46
C LEU A 32 -5.96 -7.01 -5.65
N CYS A 33 -7.14 -7.43 -6.01
CA CYS A 33 -8.25 -6.43 -6.21
C CYS A 33 -9.15 -6.35 -4.99
N VAL A 34 -9.14 -5.23 -4.32
CA VAL A 34 -10.04 -5.07 -3.14
C VAL A 34 -11.37 -4.50 -3.63
N ALA A 35 -12.45 -4.86 -2.98
CA ALA A 35 -13.78 -4.36 -3.44
C ALA A 35 -14.13 -3.02 -2.79
N VAL A 36 -13.78 -1.94 -3.42
CA VAL A 36 -14.11 -0.61 -2.85
C VAL A 36 -15.58 -0.29 -3.17
N PRO A 37 -16.29 0.17 -2.18
CA PRO A 37 -17.73 0.49 -2.35
C PRO A 37 -17.93 1.68 -3.30
N ALA A 38 -19.15 1.91 -3.71
CA ALA A 38 -19.44 3.04 -4.65
C ALA A 38 -18.94 4.37 -4.10
N GLY A 39 -18.11 5.04 -4.85
CA GLY A 39 -17.56 6.36 -4.41
C GLY A 39 -17.23 6.31 -2.91
N SER A 40 -16.95 5.15 -2.39
CA SER A 40 -16.62 5.01 -0.94
C SER A 40 -17.34 6.09 -0.12
N ALA A 41 -18.63 6.00 -0.07
CA ALA A 41 -19.42 7.01 0.69
C ALA A 41 -19.57 6.56 2.14
N GLN A 42 -19.57 7.49 3.06
CA GLN A 42 -19.68 7.11 4.51
C GLN A 42 -18.75 5.95 4.80
N TYR A 43 -17.69 5.85 4.05
CA TYR A 43 -16.77 4.71 4.27
C TYR A 43 -15.34 5.06 3.87
N GLY A 44 -14.43 4.89 4.77
CA GLY A 44 -13.02 5.14 4.43
C GLY A 44 -12.44 3.82 3.93
N VAL A 45 -12.43 3.62 2.64
CA VAL A 45 -11.90 2.33 2.13
C VAL A 45 -10.39 2.46 1.98
N GLY A 46 -9.65 1.77 2.78
CA GLY A 46 -8.17 1.89 2.68
C GLY A 46 -7.52 0.54 2.89
N VAL A 47 -6.41 0.30 2.25
CA VAL A 47 -5.73 -1.01 2.42
C VAL A 47 -4.42 -0.81 3.21
N VAL A 48 -4.23 -1.56 4.26
CA VAL A 48 -2.99 -1.40 5.06
C VAL A 48 -2.20 -2.71 5.10
N LEU A 49 -0.90 -2.63 5.05
CA LEU A 49 -0.08 -3.86 5.08
C LEU A 49 0.97 -3.76 6.21
N ASN A 50 0.66 -4.30 7.36
CA ASN A 50 1.62 -4.23 8.50
C ASN A 50 2.75 -5.24 8.29
N GLY A 51 3.94 -4.89 8.70
CA GLY A 51 5.09 -5.84 8.54
C GLY A 51 6.20 -5.17 7.73
N VAL A 52 6.65 -4.02 8.15
CA VAL A 52 7.74 -3.32 7.40
C VAL A 52 8.97 -3.14 8.30
N ALA A 53 10.09 -2.83 7.72
CA ALA A 53 11.32 -2.65 8.54
C ALA A 53 12.16 -1.47 8.01
N ILE A 54 11.83 -0.27 8.42
CA ILE A 54 12.60 0.92 7.94
C ILE A 54 13.38 1.52 9.11
N GLU A 55 14.46 2.21 8.83
CA GLU A 55 15.26 2.81 9.93
C GLU A 55 15.85 4.15 9.50
N GLU A 56 15.71 5.15 10.32
CA GLU A 56 16.27 6.50 9.98
C GLU A 56 16.07 6.80 8.49
N GLY A 57 16.93 7.61 7.93
CA GLY A 57 16.80 7.94 6.48
C GLY A 57 17.58 6.92 5.65
N THR A 58 16.90 6.17 4.82
CA THR A 58 17.60 5.16 3.98
C THR A 58 17.06 5.21 2.54
N THR A 59 17.72 4.56 1.62
CA THR A 59 17.25 4.57 0.21
C THR A 59 16.29 3.41 -0.05
N TYR A 60 15.01 3.67 -0.03
CA TYR A 60 14.02 2.58 -0.28
C TYR A 60 13.41 2.73 -1.67
N THR A 61 13.00 1.65 -2.28
CA THR A 61 12.39 1.73 -3.63
C THR A 61 11.00 1.07 -3.62
N LEU A 62 9.96 1.85 -3.73
CA LEU A 62 8.60 1.26 -3.73
C LEU A 62 8.17 0.93 -5.16
N ARG A 63 7.88 -0.32 -5.43
CA ARG A 63 7.47 -0.71 -6.81
C ARG A 63 6.18 -1.53 -6.76
N TYR A 64 5.10 -0.97 -7.24
CA TYR A 64 3.81 -1.72 -7.22
C TYR A 64 3.01 -1.39 -8.49
N THR A 65 2.13 -2.27 -8.89
CA THR A 65 1.32 -2.00 -10.11
C THR A 65 -0.17 -1.99 -9.76
N ALA A 66 -0.74 -0.82 -9.57
CA ALA A 66 -2.18 -0.74 -9.21
C ALA A 66 -3.01 -0.45 -10.46
N THR A 67 -4.24 -0.92 -10.49
CA THR A 67 -5.11 -0.66 -11.66
C THR A 67 -6.58 -0.60 -11.22
N ALA A 68 -7.28 0.41 -11.64
CA ALA A 68 -8.72 0.52 -11.24
C ALA A 68 -9.61 0.51 -12.49
N SER A 69 -10.61 -0.33 -12.51
CA SER A 69 -11.51 -0.38 -13.70
C SER A 69 -12.29 0.94 -13.82
N THR A 70 -12.21 1.77 -12.82
CA THR A 70 -12.95 3.07 -12.88
C THR A 70 -11.95 4.23 -12.93
N ASP A 71 -10.74 3.97 -13.31
CA ASP A 71 -9.72 5.06 -13.37
C ASP A 71 -9.84 5.95 -12.12
N VAL A 72 -9.40 5.46 -11.00
CA VAL A 72 -9.49 6.27 -9.75
C VAL A 72 -8.11 6.72 -9.29
N THR A 73 -8.02 7.93 -8.82
CA THR A 73 -6.70 8.44 -8.34
C THR A 73 -6.82 8.81 -6.86
N VAL A 74 -6.68 7.85 -5.98
CA VAL A 74 -6.81 8.15 -4.53
C VAL A 74 -5.45 8.53 -3.93
N ARG A 75 -5.16 8.08 -2.75
CA ARG A 75 -3.85 8.44 -2.11
C ARG A 75 -3.14 7.20 -1.56
N ALA A 76 -1.84 7.17 -1.66
CA ALA A 76 -1.07 6.01 -1.14
C ALA A 76 0.26 6.50 -0.56
N LEU A 77 0.82 5.77 0.37
CA LEU A 77 2.12 6.21 0.97
C LEU A 77 2.60 5.21 2.02
N VAL A 78 3.34 5.66 2.99
CA VAL A 78 3.85 4.76 4.06
C VAL A 78 4.13 5.57 5.32
N GLY A 79 4.37 4.92 6.43
CA GLY A 79 4.65 5.70 7.67
C GLY A 79 4.74 4.75 8.88
N GLN A 80 5.00 5.30 10.03
CA GLN A 80 5.09 4.46 11.26
C GLN A 80 3.71 3.97 11.68
N ASN A 81 3.53 3.71 12.94
CA ASN A 81 2.21 3.23 13.43
C ASN A 81 2.12 3.46 14.93
N GLY A 82 2.21 4.69 15.36
CA GLY A 82 2.15 5.00 16.82
C GLY A 82 2.80 6.37 17.06
N ALA A 83 3.76 6.42 17.95
CA ALA A 83 4.44 7.71 18.23
C ALA A 83 5.96 7.55 18.06
N PRO A 84 6.61 8.64 17.74
CA PRO A 84 5.93 9.94 17.54
C PRO A 84 5.42 10.07 16.09
N TYR A 85 4.98 8.99 15.51
CA TYR A 85 4.47 9.04 14.11
C TYR A 85 5.57 9.55 13.17
N GLY A 86 5.56 9.11 11.94
CA GLY A 86 6.61 9.57 10.98
C GLY A 86 6.28 9.05 9.58
N THR A 87 6.00 9.93 8.65
CA THR A 87 5.68 9.47 7.27
C THR A 87 6.80 9.85 6.30
N VAL A 88 7.08 9.01 5.35
CA VAL A 88 8.15 9.32 4.36
C VAL A 88 7.61 9.28 2.93
N LEU A 89 6.46 8.69 2.75
CA LEU A 89 5.88 8.61 1.37
C LEU A 89 4.68 9.55 1.24
N ASP A 90 4.58 10.24 0.13
CA ASP A 90 3.44 11.16 -0.07
C ASP A 90 3.14 11.29 -1.57
N THR A 91 2.42 10.34 -2.13
CA THR A 91 2.11 10.43 -3.59
C THR A 91 0.66 10.04 -3.86
N SER A 92 0.25 10.08 -5.10
CA SER A 92 -1.15 9.71 -5.43
C SER A 92 -1.17 8.52 -6.40
N PRO A 93 -1.71 7.43 -5.92
CA PRO A 93 -1.79 6.19 -6.74
C PRO A 93 -2.83 6.33 -7.85
N ALA A 94 -2.43 6.76 -9.01
CA ALA A 94 -3.41 6.91 -10.13
C ALA A 94 -3.76 5.53 -10.69
N LEU A 95 -4.96 5.35 -11.16
CA LEU A 95 -5.35 4.02 -11.71
C LEU A 95 -6.18 4.18 -12.98
N THR A 96 -6.29 3.13 -13.76
CA THR A 96 -7.08 3.21 -15.02
C THR A 96 -7.17 1.83 -15.66
N SER A 97 -7.82 1.73 -16.80
CA SER A 97 -7.94 0.41 -17.48
C SER A 97 -6.54 -0.18 -17.72
N GLU A 98 -5.56 0.66 -17.88
CA GLU A 98 -4.18 0.14 -18.12
C GLU A 98 -3.45 -0.04 -16.78
N PRO A 99 -2.41 -0.83 -16.83
CA PRO A 99 -1.62 -1.10 -15.60
C PRO A 99 -0.79 0.13 -15.21
N ARG A 100 -0.60 0.36 -13.94
CA ARG A 100 0.20 1.54 -13.51
C ARG A 100 1.40 1.07 -12.69
N GLN A 101 2.53 0.90 -13.33
CA GLN A 101 3.74 0.45 -12.58
C GLN A 101 4.45 1.65 -11.94
N VAL A 102 4.16 1.91 -10.70
CA VAL A 102 4.81 3.07 -10.02
C VAL A 102 6.12 2.62 -9.35
N THR A 103 7.16 3.37 -9.52
CA THR A 103 8.47 2.99 -8.90
C THR A 103 9.29 4.25 -8.58
N GLU A 104 9.80 4.34 -7.38
CA GLU A 104 10.60 5.54 -7.00
C GLU A 104 11.48 5.23 -5.79
N THR A 105 12.71 5.67 -5.81
CA THR A 105 13.62 5.41 -4.66
C THR A 105 13.51 6.54 -3.63
N PHE A 106 12.44 6.55 -2.86
CA PHE A 106 12.26 7.63 -1.84
C PHE A 106 13.14 7.35 -0.62
N THR A 107 13.54 8.38 0.08
CA THR A 107 14.38 8.18 1.29
C THR A 107 13.51 8.08 2.54
N ALA A 108 13.22 6.88 2.99
CA ALA A 108 12.37 6.73 4.20
C ALA A 108 13.00 7.46 5.39
N SER A 109 12.54 8.64 5.69
CA SER A 109 13.11 9.40 6.84
C SER A 109 12.39 9.00 8.13
N ALA A 110 12.35 7.74 8.44
CA ALA A 110 11.65 7.29 9.69
C ALA A 110 12.10 5.89 10.07
N THR A 111 11.24 5.14 10.72
CA THR A 111 11.63 3.76 11.13
C THR A 111 10.37 2.91 11.34
N TYR A 112 10.25 1.82 10.64
CA TYR A 112 9.06 0.94 10.82
C TYR A 112 9.48 -0.39 11.44
N PRO A 113 9.53 -0.41 12.74
CA PRO A 113 9.94 -1.65 13.47
C PRO A 113 8.84 -2.72 13.36
N ALA A 114 9.17 -3.94 13.65
CA ALA A 114 8.15 -5.03 13.56
C ALA A 114 7.64 -5.40 14.96
N THR A 115 7.02 -4.48 15.63
CA THR A 115 6.49 -4.79 17.00
C THR A 115 5.06 -4.27 17.13
N PRO A 116 4.13 -5.11 16.76
CA PRO A 116 2.69 -4.73 16.85
C PRO A 116 2.23 -4.74 18.32
N ALA A 117 2.31 -3.63 18.98
CA ALA A 117 1.87 -3.59 20.41
C ALA A 117 1.35 -2.19 20.76
N ALA A 118 0.67 -2.06 21.86
CA ALA A 118 0.14 -0.73 22.26
C ALA A 118 1.28 0.24 22.52
N ASP A 119 2.08 -0.02 23.52
CA ASP A 119 3.23 0.88 23.83
C ASP A 119 4.29 0.79 22.72
N ASP A 120 4.41 -0.35 22.11
CA ASP A 120 5.43 -0.50 21.02
C ASP A 120 4.73 -0.56 19.65
N PRO A 121 4.65 0.57 19.02
CA PRO A 121 4.00 0.65 17.68
C PRO A 121 4.90 0.06 16.61
N GLU A 122 4.63 0.33 15.36
CA GLU A 122 5.48 -0.21 14.27
C GLU A 122 5.38 0.66 13.01
N GLY A 123 5.55 0.07 11.86
CA GLY A 123 5.46 0.86 10.60
C GLY A 123 4.93 -0.04 9.48
N GLN A 124 4.08 0.48 8.64
CA GLN A 124 3.52 -0.35 7.53
C GLN A 124 3.19 0.50 6.31
N ILE A 125 2.19 0.10 5.56
CA ILE A 125 1.80 0.89 4.35
C ILE A 125 0.36 1.38 4.52
N ALA A 126 0.04 2.50 3.91
CA ALA A 126 -1.34 3.02 4.05
C ALA A 126 -1.93 3.37 2.68
N PHE A 127 -3.06 2.81 2.35
CA PHE A 127 -3.70 3.11 1.06
C PHE A 127 -5.07 3.74 1.34
N GLN A 128 -5.20 5.02 1.14
CA GLN A 128 -6.49 5.70 1.45
C GLN A 128 -7.44 5.70 0.25
N LEU A 129 -8.65 5.27 0.46
CA LEU A 129 -9.67 5.28 -0.62
C LEU A 129 -11.03 5.62 -0.01
N GLY A 130 -11.03 6.48 0.98
CA GLY A 130 -12.31 6.88 1.63
C GLY A 130 -12.95 8.01 0.83
N GLY A 131 -14.17 7.82 0.39
CA GLY A 131 -14.86 8.88 -0.40
C GLY A 131 -13.89 9.43 -1.46
N PHE A 132 -13.47 8.60 -2.39
CA PHE A 132 -12.53 9.09 -3.44
C PHE A 132 -13.17 9.02 -4.84
N SER A 133 -13.54 7.86 -5.30
CA SER A 133 -14.16 7.77 -6.66
C SER A 133 -15.67 7.97 -6.57
N ALA A 134 -16.39 7.55 -7.58
CA ALA A 134 -17.88 7.74 -7.56
C ALA A 134 -18.59 6.39 -7.65
N ASP A 135 -18.41 5.68 -8.72
CA ASP A 135 -19.08 4.35 -8.86
C ASP A 135 -18.24 3.27 -8.17
N ALA A 136 -18.87 2.23 -7.70
CA ALA A 136 -18.12 1.15 -7.01
C ALA A 136 -16.90 0.72 -7.85
N TRP A 137 -15.74 0.69 -7.27
CA TRP A 137 -14.53 0.28 -8.04
C TRP A 137 -13.63 -0.60 -7.18
N THR A 138 -12.47 -0.92 -7.67
CA THR A 138 -11.57 -1.82 -6.92
C THR A 138 -10.11 -1.49 -7.26
N LEU A 139 -9.17 -2.14 -6.62
CA LEU A 139 -7.74 -1.84 -6.92
C LEU A 139 -6.89 -3.10 -6.98
N CYS A 140 -6.31 -3.39 -8.12
CA CYS A 140 -5.44 -4.59 -8.26
C CYS A 140 -3.96 -4.21 -8.19
N LEU A 141 -3.26 -4.67 -7.19
CA LEU A 141 -1.82 -4.35 -7.10
C LEU A 141 -0.99 -5.62 -7.36
N ASP A 142 0.31 -5.50 -7.34
CA ASP A 142 1.16 -6.70 -7.58
C ASP A 142 2.63 -6.29 -7.64
N ASP A 143 3.51 -7.24 -7.76
CA ASP A 143 4.96 -6.93 -7.83
C ASP A 143 5.31 -5.84 -6.81
N VAL A 144 5.06 -6.08 -5.56
CA VAL A 144 5.37 -5.05 -4.53
C VAL A 144 6.69 -5.40 -3.82
N ALA A 145 7.70 -4.59 -4.01
CA ALA A 145 9.01 -4.87 -3.37
C ALA A 145 9.60 -3.58 -2.79
N LEU A 146 10.50 -3.71 -1.84
CA LEU A 146 11.12 -2.50 -1.24
C LEU A 146 12.34 -2.89 -0.40
N ASP A 147 13.49 -2.36 -0.72
CA ASP A 147 14.71 -2.72 0.06
C ASP A 147 15.57 -1.47 0.30
N SER A 148 16.84 -1.66 0.56
CA SER A 148 17.73 -0.49 0.81
C SER A 148 19.06 -0.67 0.07
N GLU A 149 19.47 0.31 -0.70
CA GLU A 149 20.75 0.18 -1.44
C GLU A 149 21.93 0.20 -0.47
N VAL A 150 23.12 -0.02 -0.96
CA VAL A 150 24.32 -0.02 -0.06
C VAL A 150 25.61 -0.02 -0.89
N GLU A 151 25.56 0.57 -2.05
CA GLU A 151 26.79 0.61 -2.91
C GLU A 151 26.52 1.40 -4.19
N LEU A 152 27.32 2.39 -4.47
CA LEU A 152 27.11 3.19 -5.71
C LEU A 152 27.99 2.66 -6.84
N ALA A 1 13.41 -11.55 8.71
CA ALA A 1 13.71 -12.04 7.33
C ALA A 1 12.42 -12.40 6.60
N SER A 2 11.66 -11.42 6.19
CA SER A 2 10.38 -11.71 5.47
C SER A 2 9.62 -10.41 5.22
N PRO A 3 9.96 -9.77 4.13
CA PRO A 3 9.29 -8.51 3.76
C PRO A 3 7.89 -8.80 3.19
N ILE A 4 7.37 -7.90 2.40
CA ILE A 4 6.01 -8.13 1.82
C ILE A 4 6.13 -8.85 0.48
N GLY A 5 7.19 -8.61 -0.25
CA GLY A 5 7.35 -9.29 -1.56
C GLY A 5 8.51 -8.65 -2.33
N GLU A 6 9.21 -9.41 -3.12
CA GLU A 6 10.35 -8.84 -3.90
C GLU A 6 9.85 -8.26 -5.22
N GLY A 7 8.58 -7.98 -5.31
CA GLY A 7 8.04 -7.40 -6.58
C GLY A 7 6.51 -7.59 -6.60
N THR A 8 6.04 -8.60 -7.27
CA THR A 8 4.58 -8.84 -7.33
C THR A 8 4.15 -9.77 -6.20
N PHE A 9 2.96 -9.59 -5.69
CA PHE A 9 2.49 -10.48 -4.59
C PHE A 9 2.84 -11.93 -4.92
N ASP A 10 2.67 -12.31 -6.16
CA ASP A 10 3.00 -13.70 -6.60
C ASP A 10 2.79 -14.70 -5.46
N ASP A 11 1.71 -14.56 -4.73
CA ASP A 11 1.41 -15.50 -3.59
C ASP A 11 0.38 -14.86 -2.65
N GLY A 12 -0.88 -14.93 -3.00
CA GLY A 12 -1.92 -14.32 -2.14
C GLY A 12 -1.60 -12.85 -1.89
N PRO A 13 -2.51 -12.18 -1.26
CA PRO A 13 -2.33 -10.73 -0.95
C PRO A 13 -1.31 -10.55 0.17
N GLU A 14 -0.84 -11.63 0.75
CA GLU A 14 0.15 -11.51 1.86
C GLU A 14 -0.47 -10.82 3.07
N GLY A 15 -0.43 -9.51 3.11
CA GLY A 15 -1.02 -8.78 4.26
C GLY A 15 -1.73 -7.51 3.78
N TRP A 16 -1.83 -7.32 2.50
CA TRP A 16 -2.50 -6.11 1.96
C TRP A 16 -4.01 -6.19 2.19
N VAL A 17 -4.48 -5.85 3.37
CA VAL A 17 -5.94 -5.90 3.63
C VAL A 17 -6.61 -4.68 3.00
N ALA A 18 -7.84 -4.82 2.56
CA ALA A 18 -8.53 -3.65 1.95
C ALA A 18 -9.96 -3.53 2.49
N TYR A 19 -10.33 -2.34 2.87
CA TYR A 19 -11.71 -2.14 3.42
C TYR A 19 -12.45 -1.09 2.59
N GLY A 20 -13.51 -1.49 1.92
CA GLY A 20 -14.27 -0.51 1.09
C GLY A 20 -15.72 -0.96 0.97
N THR A 21 -16.22 -1.66 1.95
CA THR A 21 -17.63 -2.13 1.90
C THR A 21 -17.97 -2.75 0.53
N ASP A 22 -16.97 -3.18 -0.20
CA ASP A 22 -17.26 -3.79 -1.53
C ASP A 22 -16.64 -5.19 -1.62
N GLY A 23 -16.77 -5.97 -0.58
CA GLY A 23 -16.19 -7.34 -0.60
C GLY A 23 -14.72 -7.29 -0.19
N PRO A 24 -14.26 -8.36 0.37
CA PRO A 24 -12.85 -8.45 0.82
C PRO A 24 -11.91 -8.57 -0.38
N LEU A 25 -10.78 -7.92 -0.33
CA LEU A 25 -9.82 -8.00 -1.47
C LEU A 25 -9.72 -9.44 -1.97
N ASP A 26 -9.32 -9.61 -3.20
CA ASP A 26 -9.20 -10.99 -3.76
C ASP A 26 -8.02 -11.08 -4.72
N THR A 27 -7.39 -12.22 -4.81
CA THR A 27 -6.22 -12.37 -5.73
C THR A 27 -6.51 -13.45 -6.78
N SER A 28 -6.46 -14.70 -6.38
CA SER A 28 -6.72 -15.80 -7.34
C SER A 28 -6.01 -15.52 -8.66
N THR A 29 -4.84 -14.95 -8.61
CA THR A 29 -4.11 -14.65 -9.88
C THR A 29 -2.70 -14.14 -9.56
N GLY A 30 -2.56 -13.40 -8.49
CA GLY A 30 -1.21 -12.87 -8.13
C GLY A 30 -1.27 -11.36 -8.01
N ALA A 31 -2.44 -10.79 -8.07
CA ALA A 31 -2.57 -9.30 -7.96
C ALA A 31 -3.65 -8.94 -6.93
N LEU A 32 -3.35 -8.03 -6.04
CA LEU A 32 -4.35 -7.64 -5.02
C LEU A 32 -5.44 -6.76 -5.66
N CYS A 33 -6.62 -7.27 -5.81
CA CYS A 33 -7.70 -6.46 -6.44
C CYS A 33 -8.78 -6.10 -5.41
N VAL A 34 -8.78 -4.89 -4.94
CA VAL A 34 -9.81 -4.47 -3.94
C VAL A 34 -11.03 -3.91 -4.69
N ALA A 35 -12.12 -3.69 -4.02
CA ALA A 35 -13.32 -3.17 -4.72
C ALA A 35 -13.80 -1.85 -4.12
N VAL A 36 -13.99 -0.86 -4.95
CA VAL A 36 -14.47 0.46 -4.45
C VAL A 36 -15.85 0.76 -5.06
N PRO A 37 -16.82 0.96 -4.21
CA PRO A 37 -18.20 1.22 -4.69
C PRO A 37 -18.36 2.64 -5.26
N ALA A 38 -19.27 2.83 -6.17
CA ALA A 38 -19.48 4.17 -6.76
C ALA A 38 -19.41 5.24 -5.66
N GLY A 39 -18.66 6.27 -5.87
CA GLY A 39 -18.55 7.33 -4.81
C GLY A 39 -18.32 6.65 -3.47
N SER A 40 -17.16 6.11 -3.26
CA SER A 40 -16.88 5.41 -1.96
C SER A 40 -16.44 6.41 -0.90
N ALA A 41 -16.97 7.60 -0.93
CA ALA A 41 -16.59 8.62 0.09
C ALA A 41 -17.64 8.65 1.19
N GLN A 42 -18.39 7.61 1.31
CA GLN A 42 -19.44 7.55 2.36
C GLN A 42 -18.90 6.84 3.61
N TYR A 43 -17.60 6.79 3.71
CA TYR A 43 -16.94 6.15 4.89
C TYR A 43 -15.42 6.17 4.70
N GLY A 44 -14.97 6.15 3.48
CA GLY A 44 -13.50 6.20 3.22
C GLY A 44 -12.97 4.79 2.95
N VAL A 45 -12.60 4.50 1.74
CA VAL A 45 -12.07 3.15 1.42
C VAL A 45 -10.55 3.18 1.61
N GLY A 46 -9.88 2.08 1.42
CA GLY A 46 -8.40 2.09 1.60
C GLY A 46 -7.86 0.67 1.74
N VAL A 47 -6.58 0.56 2.03
CA VAL A 47 -5.95 -0.78 2.20
C VAL A 47 -4.78 -0.64 3.17
N VAL A 48 -4.72 -1.44 4.19
CA VAL A 48 -3.59 -1.31 5.16
C VAL A 48 -2.79 -2.61 5.23
N LEU A 49 -1.49 -2.52 5.07
CA LEU A 49 -0.65 -3.75 5.13
C LEU A 49 0.36 -3.64 6.27
N ASN A 50 0.13 -4.35 7.36
CA ASN A 50 1.09 -4.29 8.50
C ASN A 50 2.27 -5.23 8.25
N GLY A 51 3.40 -4.70 7.88
CA GLY A 51 4.59 -5.56 7.62
C GLY A 51 5.62 -4.80 6.78
N VAL A 52 6.24 -3.81 7.36
CA VAL A 52 7.26 -3.04 6.60
C VAL A 52 8.62 -3.13 7.30
N ALA A 53 9.66 -2.64 6.67
CA ALA A 53 11.01 -2.72 7.31
C ALA A 53 11.77 -1.41 7.12
N ILE A 54 11.46 -0.42 7.90
CA ILE A 54 12.18 0.89 7.78
C ILE A 54 12.91 1.20 9.09
N GLU A 55 13.89 2.06 9.06
CA GLU A 55 14.63 2.40 10.31
C GLU A 55 15.25 3.79 10.23
N GLU A 56 15.05 4.59 11.25
CA GLU A 56 15.63 5.97 11.26
C GLU A 56 15.57 6.60 9.86
N GLY A 57 16.44 7.53 9.58
CA GLY A 57 16.43 8.18 8.24
C GLY A 57 17.28 7.35 7.27
N THR A 58 16.66 6.45 6.55
CA THR A 58 17.42 5.62 5.59
C THR A 58 16.83 5.80 4.18
N THR A 59 17.46 5.24 3.19
CA THR A 59 16.95 5.38 1.79
C THR A 59 15.97 4.25 1.47
N TYR A 60 15.04 4.49 0.58
CA TYR A 60 14.06 3.42 0.22
C TYR A 60 13.48 3.68 -1.16
N THR A 61 12.83 2.71 -1.74
CA THR A 61 12.24 2.88 -3.09
C THR A 61 10.90 2.15 -3.18
N LEU A 62 9.82 2.87 -3.30
CA LEU A 62 8.49 2.21 -3.38
C LEU A 62 8.14 1.91 -4.84
N ARG A 63 7.93 0.67 -5.18
CA ARG A 63 7.60 0.32 -6.58
C ARG A 63 6.36 -0.58 -6.61
N TYR A 64 5.30 -0.14 -7.25
CA TYR A 64 4.07 -0.98 -7.31
C TYR A 64 3.29 -0.68 -8.61
N THR A 65 2.54 -1.64 -9.08
CA THR A 65 1.76 -1.41 -10.34
C THR A 65 0.27 -1.56 -10.06
N ALA A 66 -0.41 -0.47 -9.80
CA ALA A 66 -1.87 -0.55 -9.51
C ALA A 66 -2.67 -0.18 -10.75
N THR A 67 -3.87 -0.69 -10.87
CA THR A 67 -4.71 -0.36 -12.05
C THR A 67 -6.20 -0.40 -11.67
N ALA A 68 -6.88 0.71 -11.77
CA ALA A 68 -8.32 0.74 -11.42
C ALA A 68 -9.17 0.66 -12.70
N SER A 69 -10.25 -0.08 -12.66
CA SER A 69 -11.11 -0.17 -13.88
C SER A 69 -11.30 1.23 -14.47
N THR A 70 -11.19 2.24 -13.65
CA THR A 70 -11.35 3.63 -14.15
C THR A 70 -10.04 4.41 -13.95
N ASP A 71 -10.13 5.70 -13.80
CA ASP A 71 -8.90 6.51 -13.58
C ASP A 71 -8.96 7.16 -12.20
N VAL A 72 -8.99 6.37 -11.16
CA VAL A 72 -9.08 6.93 -9.78
C VAL A 72 -7.69 7.33 -9.27
N THR A 73 -7.60 8.46 -8.65
CA THR A 73 -6.29 8.92 -8.09
C THR A 73 -6.43 9.11 -6.58
N VAL A 74 -6.18 8.06 -5.83
CA VAL A 74 -6.31 8.18 -4.34
C VAL A 74 -5.01 8.64 -3.71
N ARG A 75 -4.76 8.24 -2.49
CA ARG A 75 -3.51 8.66 -1.80
C ARG A 75 -2.78 7.46 -1.20
N ALA A 76 -1.49 7.41 -1.36
CA ALA A 76 -0.70 6.27 -0.79
C ALA A 76 0.53 6.80 -0.06
N LEU A 77 1.08 6.03 0.84
CA LEU A 77 2.28 6.51 1.58
C LEU A 77 2.72 5.46 2.61
N VAL A 78 3.43 5.88 3.63
CA VAL A 78 3.88 4.91 4.67
C VAL A 78 3.95 5.62 6.03
N GLY A 79 4.09 4.89 7.10
CA GLY A 79 4.15 5.55 8.43
C GLY A 79 4.35 4.50 9.53
N GLN A 80 4.23 4.89 10.77
CA GLN A 80 4.41 3.93 11.89
C GLN A 80 3.07 3.68 12.60
N ASN A 81 2.61 2.47 12.59
CA ASN A 81 1.31 2.17 13.28
C ASN A 81 1.54 1.89 14.76
N GLY A 82 1.41 2.90 15.59
CA GLY A 82 1.62 2.69 17.04
C GLY A 82 1.77 4.05 17.73
N ALA A 83 2.98 4.54 17.83
CA ALA A 83 3.19 5.87 18.49
C ALA A 83 4.69 6.16 18.63
N PRO A 84 5.06 7.41 18.48
CA PRO A 84 4.08 8.48 18.20
C PRO A 84 3.78 8.56 16.69
N TYR A 85 3.82 7.45 16.01
CA TYR A 85 3.54 7.47 14.53
C TYR A 85 4.63 8.27 13.81
N GLY A 86 4.81 8.02 12.53
CA GLY A 86 5.85 8.76 11.76
C GLY A 86 5.71 8.43 10.28
N THR A 87 5.15 9.32 9.51
CA THR A 87 4.98 9.06 8.06
C THR A 87 6.22 9.54 7.28
N VAL A 88 6.65 8.78 6.32
CA VAL A 88 7.84 9.20 5.52
C VAL A 88 7.46 9.33 4.05
N LEU A 89 6.34 8.78 3.66
CA LEU A 89 5.91 8.89 2.24
C LEU A 89 4.71 9.83 2.10
N ASP A 90 4.65 10.58 1.04
CA ASP A 90 3.50 11.51 0.85
C ASP A 90 3.25 11.73 -0.65
N THR A 91 2.52 10.84 -1.28
CA THR A 91 2.24 11.00 -2.73
C THR A 91 0.84 10.49 -3.07
N SER A 92 0.42 10.67 -4.30
CA SER A 92 -0.93 10.19 -4.70
C SER A 92 -0.82 9.19 -5.85
N PRO A 93 -1.22 7.98 -5.59
CA PRO A 93 -1.17 6.91 -6.61
C PRO A 93 -2.23 7.14 -7.70
N ALA A 94 -1.80 7.20 -8.94
CA ALA A 94 -2.78 7.40 -10.05
C ALA A 94 -3.15 6.06 -10.65
N LEU A 95 -4.35 5.92 -11.14
CA LEU A 95 -4.76 4.61 -11.73
C LEU A 95 -5.52 4.83 -13.04
N THR A 96 -5.71 3.79 -13.80
CA THR A 96 -6.45 3.91 -15.10
C THR A 96 -6.86 2.53 -15.61
N SER A 97 -7.49 2.47 -16.74
CA SER A 97 -7.93 1.16 -17.28
C SER A 97 -6.71 0.33 -17.72
N GLU A 98 -5.54 0.92 -17.68
CA GLU A 98 -4.33 0.18 -18.10
C GLU A 98 -3.41 -0.04 -16.89
N PRO A 99 -2.32 -0.72 -17.12
CA PRO A 99 -1.35 -1.01 -16.05
C PRO A 99 -0.58 0.27 -15.67
N ARG A 100 -0.55 0.61 -14.41
CA ARG A 100 0.18 1.84 -13.99
C ARG A 100 1.30 1.48 -13.02
N GLN A 101 2.48 1.24 -13.52
CA GLN A 101 3.62 0.89 -12.62
C GLN A 101 4.14 2.14 -11.90
N VAL A 102 4.79 1.97 -10.79
CA VAL A 102 5.31 3.14 -10.04
C VAL A 102 6.74 2.88 -9.58
N THR A 103 7.60 3.87 -9.68
CA THR A 103 9.02 3.67 -9.24
C THR A 103 9.60 5.00 -8.74
N GLU A 104 9.69 5.15 -7.44
CA GLU A 104 10.26 6.42 -6.89
C GLU A 104 11.11 6.13 -5.66
N THR A 105 11.90 7.07 -5.23
CA THR A 105 12.76 6.84 -4.03
C THR A 105 12.45 7.88 -2.95
N PHE A 106 12.92 7.66 -1.75
CA PHE A 106 12.66 8.63 -0.66
C PHE A 106 13.45 8.26 0.60
N THR A 107 13.80 9.22 1.41
CA THR A 107 14.57 8.92 2.64
C THR A 107 13.61 8.65 3.81
N ALA A 108 13.32 7.40 4.07
CA ALA A 108 12.39 7.08 5.19
C ALA A 108 12.88 7.70 6.49
N SER A 109 12.32 8.82 6.88
CA SER A 109 12.77 9.47 8.14
C SER A 109 11.96 8.94 9.33
N ALA A 110 11.90 7.64 9.49
CA ALA A 110 11.13 7.06 10.62
C ALA A 110 11.62 5.63 10.91
N THR A 111 10.78 4.83 11.50
CA THR A 111 11.19 3.42 11.82
C THR A 111 9.98 2.49 11.72
N TYR A 112 9.97 1.63 10.74
CA TYR A 112 8.82 0.68 10.59
C TYR A 112 9.29 -0.75 10.88
N PRO A 113 9.43 -1.04 12.14
CA PRO A 113 9.88 -2.39 12.57
C PRO A 113 8.75 -3.42 12.36
N ALA A 114 9.02 -4.66 12.65
CA ALA A 114 7.96 -5.70 12.48
C ALA A 114 7.59 -6.32 13.83
N THR A 115 7.61 -5.54 14.87
CA THR A 115 7.27 -6.08 16.21
C THR A 115 5.91 -5.54 16.66
N PRO A 116 4.88 -6.25 16.31
CA PRO A 116 3.50 -5.85 16.67
C PRO A 116 3.25 -6.08 18.16
N ALA A 117 3.71 -5.19 19.00
CA ALA A 117 3.50 -5.36 20.46
C ALA A 117 2.99 -4.05 21.08
N ALA A 118 2.65 -4.07 22.34
CA ALA A 118 2.14 -2.83 22.99
C ALA A 118 3.25 -1.78 23.08
N ASP A 119 4.32 -2.09 23.75
CA ASP A 119 5.43 -1.11 23.87
C ASP A 119 6.34 -1.18 22.63
N ASP A 120 5.91 -1.84 21.60
CA ASP A 120 6.74 -1.95 20.37
C ASP A 120 5.89 -1.71 19.13
N PRO A 121 5.84 -0.47 18.72
CA PRO A 121 5.06 -0.10 17.52
C PRO A 121 5.76 -0.57 16.24
N GLU A 122 5.11 -0.46 15.11
CA GLU A 122 5.75 -0.90 13.83
C GLU A 122 5.40 0.08 12.71
N GLY A 123 5.61 -0.32 11.48
CA GLY A 123 5.29 0.58 10.34
C GLY A 123 4.61 -0.22 9.23
N GLN A 124 3.83 0.44 8.41
CA GLN A 124 3.13 -0.30 7.31
C GLN A 124 2.91 0.63 6.11
N ILE A 125 2.01 0.26 5.24
CA ILE A 125 1.74 1.12 4.05
C ILE A 125 0.28 1.56 4.06
N ALA A 126 0.00 2.77 3.62
CA ALA A 126 -1.39 3.26 3.64
C ALA A 126 -1.91 3.53 2.22
N PHE A 127 -2.90 2.78 1.81
CA PHE A 127 -3.51 2.97 0.45
C PHE A 127 -4.97 3.35 0.65
N GLN A 128 -5.23 4.58 1.03
CA GLN A 128 -6.64 4.99 1.29
C GLN A 128 -7.34 5.51 0.04
N LEU A 129 -8.43 4.90 -0.31
CA LEU A 129 -9.22 5.35 -1.50
C LEU A 129 -10.50 6.01 -0.98
N GLY A 130 -10.36 6.99 -0.14
CA GLY A 130 -11.55 7.68 0.44
C GLY A 130 -12.31 8.43 -0.67
N GLY A 131 -13.25 7.78 -1.31
CA GLY A 131 -14.03 8.45 -2.39
C GLY A 131 -13.12 9.35 -3.22
N PHE A 132 -12.47 8.80 -4.22
CA PHE A 132 -11.57 9.63 -5.06
C PHE A 132 -12.15 9.77 -6.47
N SER A 133 -12.57 8.68 -7.06
CA SER A 133 -13.14 8.76 -8.45
C SER A 133 -14.65 9.00 -8.38
N ALA A 134 -15.32 8.97 -9.51
CA ALA A 134 -16.79 9.20 -9.51
C ALA A 134 -17.54 7.86 -9.55
N ASP A 135 -17.66 7.29 -10.72
CA ASP A 135 -18.37 5.98 -10.83
C ASP A 135 -17.65 4.90 -10.03
N ALA A 136 -18.34 3.87 -9.63
CA ALA A 136 -17.69 2.78 -8.86
C ALA A 136 -16.43 2.30 -9.57
N TRP A 137 -15.33 2.25 -8.88
CA TRP A 137 -14.06 1.79 -9.53
C TRP A 137 -13.37 0.75 -8.65
N THR A 138 -12.13 0.47 -8.92
CA THR A 138 -11.43 -0.56 -8.11
C THR A 138 -9.90 -0.40 -8.24
N LEU A 139 -9.15 -1.26 -7.60
CA LEU A 139 -7.67 -1.17 -7.68
C LEU A 139 -7.06 -2.57 -7.77
N CYS A 140 -6.03 -2.74 -8.56
CA CYS A 140 -5.40 -4.08 -8.68
C CYS A 140 -3.87 -3.95 -8.76
N LEU A 141 -3.19 -4.23 -7.68
CA LEU A 141 -1.70 -4.12 -7.71
C LEU A 141 -1.09 -5.50 -7.97
N ASP A 142 0.22 -5.59 -7.98
CA ASP A 142 0.88 -6.90 -8.24
C ASP A 142 2.38 -6.70 -8.47
N ASP A 143 2.96 -5.76 -7.78
CA ASP A 143 4.43 -5.50 -7.95
C ASP A 143 4.91 -4.54 -6.86
N VAL A 144 4.50 -4.76 -5.65
CA VAL A 144 4.93 -3.87 -4.54
C VAL A 144 6.21 -4.39 -3.91
N ALA A 145 7.21 -3.56 -3.81
CA ALA A 145 8.50 -4.00 -3.20
C ALA A 145 9.20 -2.83 -2.51
N LEU A 146 9.92 -3.09 -1.46
CA LEU A 146 10.62 -1.98 -0.75
C LEU A 146 12.01 -2.43 -0.29
N ASP A 147 12.98 -1.57 -0.41
CA ASP A 147 14.37 -1.96 0.01
C ASP A 147 15.14 -0.71 0.46
N SER A 148 16.39 -0.87 0.82
CA SER A 148 17.18 0.31 1.26
C SER A 148 18.52 0.36 0.51
N GLU A 149 19.29 1.39 0.73
CA GLU A 149 20.60 1.50 0.03
C GLU A 149 21.53 0.36 0.47
N VAL A 150 21.45 -0.77 -0.17
CA VAL A 150 22.33 -1.91 0.22
C VAL A 150 22.08 -3.12 -0.69
N GLU A 151 23.11 -3.65 -1.28
CA GLU A 151 22.93 -4.82 -2.18
C GLU A 151 21.93 -4.49 -3.28
N LEU A 152 21.56 -5.46 -4.08
CA LEU A 152 20.58 -5.19 -5.17
C LEU A 152 19.65 -6.40 -5.37
N ALA A 1 11.20 -10.18 10.09
CA ALA A 1 11.64 -11.40 9.36
C ALA A 1 11.92 -11.06 7.89
N SER A 2 11.05 -10.30 7.27
CA SER A 2 11.27 -9.94 5.84
C SER A 2 10.34 -8.79 5.45
N PRO A 3 10.60 -8.24 4.29
CA PRO A 3 9.79 -7.12 3.78
C PRO A 3 8.45 -7.64 3.27
N ILE A 4 7.82 -6.91 2.38
CA ILE A 4 6.51 -7.36 1.85
C ILE A 4 6.71 -8.23 0.60
N GLY A 5 7.93 -8.51 0.27
CA GLY A 5 8.20 -9.36 -0.94
C GLY A 5 9.30 -8.70 -1.78
N GLU A 6 9.46 -9.15 -3.00
CA GLU A 6 10.51 -8.56 -3.87
C GLU A 6 9.97 -8.37 -5.29
N GLY A 7 9.17 -7.35 -5.49
CA GLY A 7 8.61 -7.10 -6.85
C GLY A 7 7.11 -7.38 -6.84
N THR A 8 6.62 -8.10 -7.81
CA THR A 8 5.17 -8.40 -7.85
C THR A 8 4.82 -9.49 -6.83
N PHE A 9 3.65 -9.42 -6.26
CA PHE A 9 3.26 -10.45 -5.25
C PHE A 9 3.66 -11.84 -5.73
N ASP A 10 3.57 -12.08 -7.02
CA ASP A 10 3.95 -13.40 -7.60
C ASP A 10 3.59 -14.55 -6.64
N ASP A 11 2.33 -14.69 -6.30
CA ASP A 11 1.89 -15.79 -5.39
C ASP A 11 0.51 -15.46 -4.82
N GLY A 12 0.42 -14.44 -4.00
CA GLY A 12 -0.90 -14.08 -3.41
C GLY A 12 -0.76 -12.78 -2.61
N PRO A 13 -1.81 -12.45 -1.92
CA PRO A 13 -1.82 -11.22 -1.09
C PRO A 13 -0.98 -11.42 0.17
N GLU A 14 0.32 -11.29 0.06
CA GLU A 14 1.22 -11.47 1.24
C GLU A 14 0.54 -10.94 2.51
N GLY A 15 0.32 -9.65 2.56
CA GLY A 15 -0.35 -9.07 3.77
C GLY A 15 -1.25 -7.91 3.34
N TRP A 16 -1.49 -7.78 2.06
CA TRP A 16 -2.35 -6.67 1.57
C TRP A 16 -3.82 -6.93 1.91
N VAL A 17 -4.36 -6.20 2.84
CA VAL A 17 -5.80 -6.39 3.20
C VAL A 17 -6.60 -5.19 2.70
N ALA A 18 -7.86 -5.38 2.40
CA ALA A 18 -8.67 -4.23 1.92
C ALA A 18 -9.97 -4.17 2.71
N TYR A 19 -10.19 -3.10 3.42
CA TYR A 19 -11.43 -2.97 4.23
C TYR A 19 -12.40 -1.97 3.60
N GLY A 20 -13.58 -1.85 4.14
CA GLY A 20 -14.57 -0.89 3.59
C GLY A 20 -15.42 -1.58 2.52
N THR A 21 -15.00 -2.73 2.07
CA THR A 21 -15.78 -3.45 1.03
C THR A 21 -15.59 -4.97 1.18
N ASP A 22 -15.50 -5.67 0.09
CA ASP A 22 -15.31 -7.15 0.16
C ASP A 22 -13.81 -7.47 0.21
N GLY A 23 -13.47 -8.72 0.39
CA GLY A 23 -12.02 -9.07 0.45
C GLY A 23 -11.67 -10.11 -0.63
N PRO A 24 -12.17 -9.90 -1.82
CA PRO A 24 -11.89 -10.83 -2.94
C PRO A 24 -10.50 -10.53 -3.54
N LEU A 25 -9.52 -10.25 -2.74
CA LEU A 25 -8.17 -9.95 -3.28
C LEU A 25 -7.81 -10.95 -4.38
N ASP A 26 -8.07 -10.61 -5.62
CA ASP A 26 -7.74 -11.54 -6.73
C ASP A 26 -6.23 -11.52 -6.97
N THR A 27 -5.56 -12.62 -6.75
CA THR A 27 -4.09 -12.63 -6.96
C THR A 27 -3.70 -13.65 -8.03
N SER A 28 -4.45 -14.71 -8.16
CA SER A 28 -4.13 -15.75 -9.18
C SER A 28 -4.00 -15.11 -10.58
N THR A 29 -2.85 -14.57 -10.89
CA THR A 29 -2.65 -13.92 -12.22
C THR A 29 -1.40 -13.06 -12.20
N GLY A 30 -1.07 -12.48 -11.07
CA GLY A 30 0.14 -11.62 -10.98
C GLY A 30 -0.22 -10.25 -10.41
N ALA A 31 -1.43 -10.08 -9.96
CA ALA A 31 -1.84 -8.76 -9.39
C ALA A 31 -2.92 -8.93 -8.33
N LEU A 32 -3.02 -8.00 -7.41
CA LEU A 32 -4.06 -8.10 -6.35
C LEU A 32 -5.20 -7.12 -6.62
N CYS A 33 -6.33 -7.59 -7.08
CA CYS A 33 -7.46 -6.67 -7.36
C CYS A 33 -8.46 -6.65 -6.20
N VAL A 34 -8.58 -5.53 -5.54
CA VAL A 34 -9.56 -5.43 -4.42
C VAL A 34 -10.89 -4.96 -4.99
N ALA A 35 -11.98 -5.36 -4.41
CA ALA A 35 -13.31 -4.94 -4.94
C ALA A 35 -13.78 -3.63 -4.31
N VAL A 36 -13.82 -2.59 -5.08
CA VAL A 36 -14.29 -1.28 -4.56
C VAL A 36 -15.70 -0.98 -5.08
N PRO A 37 -16.56 -0.57 -4.19
CA PRO A 37 -17.96 -0.27 -4.56
C PRO A 37 -18.03 0.95 -5.49
N ALA A 38 -19.20 1.22 -6.03
CA ALA A 38 -19.34 2.38 -6.94
C ALA A 38 -18.93 3.69 -6.26
N GLY A 39 -18.07 4.44 -6.91
CA GLY A 39 -17.62 5.73 -6.32
C GLY A 39 -17.38 5.59 -4.81
N SER A 40 -16.84 4.47 -4.39
CA SER A 40 -16.55 4.22 -2.95
C SER A 40 -17.32 5.18 -2.05
N ALA A 41 -18.63 5.15 -2.13
CA ALA A 41 -19.44 6.06 -1.29
C ALA A 41 -19.77 5.43 0.05
N GLN A 42 -19.11 5.87 1.08
CA GLN A 42 -19.35 5.30 2.44
C GLN A 42 -18.30 5.84 3.42
N TYR A 43 -18.24 5.29 4.60
CA TYR A 43 -17.22 5.78 5.58
C TYR A 43 -15.87 5.97 4.88
N GLY A 44 -15.64 5.25 3.82
CA GLY A 44 -14.36 5.38 3.09
C GLY A 44 -13.66 4.02 3.00
N VAL A 45 -13.28 3.61 1.82
CA VAL A 45 -12.59 2.30 1.66
C VAL A 45 -11.08 2.52 1.81
N GLY A 46 -10.29 1.46 1.76
CA GLY A 46 -8.82 1.65 1.90
C GLY A 46 -8.12 0.31 2.18
N VAL A 47 -7.01 0.09 1.55
CA VAL A 47 -6.25 -1.18 1.77
C VAL A 47 -5.02 -0.88 2.64
N VAL A 48 -4.69 -1.77 3.55
CA VAL A 48 -3.50 -1.52 4.42
C VAL A 48 -2.60 -2.77 4.47
N LEU A 49 -1.31 -2.58 4.52
CA LEU A 49 -0.39 -3.74 4.58
C LEU A 49 0.72 -3.48 5.61
N ASN A 50 0.74 -4.23 6.68
CA ASN A 50 1.78 -4.03 7.72
C ASN A 50 3.01 -4.88 7.42
N GLY A 51 4.18 -4.30 7.48
CA GLY A 51 5.41 -5.08 7.20
C GLY A 51 6.42 -4.23 6.41
N VAL A 52 7.03 -3.25 7.04
CA VAL A 52 8.02 -2.40 6.31
C VAL A 52 9.40 -2.52 6.98
N ALA A 53 10.40 -1.94 6.39
CA ALA A 53 11.77 -2.03 7.00
C ALA A 53 12.36 -0.63 7.21
N ILE A 54 11.96 0.03 8.27
CA ILE A 54 12.51 1.39 8.54
C ILE A 54 12.71 1.58 10.05
N GLU A 55 13.46 2.55 10.46
CA GLU A 55 13.67 2.77 11.92
C GLU A 55 14.43 4.08 12.17
N GLU A 56 14.28 5.02 11.28
CA GLU A 56 14.99 6.32 11.45
C GLU A 56 14.70 7.23 10.24
N GLY A 57 15.46 8.28 10.10
CA GLY A 57 15.26 9.19 8.94
C GLY A 57 16.19 8.78 7.81
N THR A 58 15.94 7.65 7.22
CA THR A 58 16.82 7.17 6.11
C THR A 58 16.12 7.36 4.76
N THR A 59 16.82 7.11 3.69
CA THR A 59 16.22 7.26 2.34
C THR A 59 15.57 5.95 1.91
N TYR A 60 14.66 6.01 0.97
CA TYR A 60 14.00 4.75 0.51
C TYR A 60 13.37 4.95 -0.87
N THR A 61 12.68 3.97 -1.37
CA THR A 61 12.05 4.11 -2.70
C THR A 61 10.75 3.31 -2.75
N LEU A 62 9.65 3.97 -3.02
CA LEU A 62 8.35 3.25 -3.08
C LEU A 62 8.10 2.72 -4.49
N ARG A 63 7.95 1.43 -4.64
CA ARG A 63 7.70 0.86 -5.99
C ARG A 63 6.42 0.02 -5.97
N TYR A 64 5.60 0.15 -6.98
CA TYR A 64 4.34 -0.64 -7.03
C TYR A 64 3.59 -0.34 -8.33
N THR A 65 2.96 -1.33 -8.91
CA THR A 65 2.22 -1.10 -10.18
C THR A 65 0.73 -1.41 -9.98
N ALA A 66 -0.06 -0.41 -9.75
CA ALA A 66 -1.52 -0.63 -9.55
C ALA A 66 -2.29 -0.34 -10.83
N THR A 67 -3.38 -1.02 -11.04
CA THR A 67 -4.19 -0.78 -12.27
C THR A 67 -5.66 -1.06 -12.01
N ALA A 68 -6.44 -0.04 -11.82
CA ALA A 68 -7.90 -0.23 -11.56
C ALA A 68 -8.67 -0.26 -12.88
N SER A 69 -9.54 -1.23 -13.06
CA SER A 69 -10.33 -1.28 -14.32
C SER A 69 -10.82 0.12 -14.68
N THR A 70 -10.98 0.96 -13.70
CA THR A 70 -11.47 2.35 -13.98
C THR A 70 -10.34 3.35 -13.70
N ASP A 71 -10.42 4.52 -14.26
CA ASP A 71 -9.36 5.54 -14.00
C ASP A 71 -9.58 6.18 -12.62
N VAL A 72 -9.19 5.51 -11.58
CA VAL A 72 -9.40 6.07 -10.21
C VAL A 72 -8.09 6.65 -9.65
N THR A 73 -8.19 7.77 -8.99
CA THR A 73 -6.98 8.40 -8.39
C THR A 73 -7.21 8.50 -6.88
N VAL A 74 -6.89 7.47 -6.15
CA VAL A 74 -7.11 7.50 -4.67
C VAL A 74 -5.89 8.07 -3.95
N ARG A 75 -5.56 7.54 -2.80
CA ARG A 75 -4.39 8.06 -2.06
C ARG A 75 -3.50 6.90 -1.57
N ALA A 76 -2.23 7.12 -1.48
CA ALA A 76 -1.31 6.04 -1.01
C ALA A 76 -0.13 6.64 -0.25
N LEU A 77 0.48 5.89 0.62
CA LEU A 77 1.63 6.43 1.40
C LEU A 77 2.16 5.39 2.39
N VAL A 78 2.82 5.83 3.43
CA VAL A 78 3.36 4.87 4.43
C VAL A 78 3.37 5.53 5.81
N GLY A 79 3.54 4.77 6.86
CA GLY A 79 3.56 5.38 8.22
C GLY A 79 3.89 4.33 9.27
N GLN A 80 3.63 4.62 10.52
CA GLN A 80 3.93 3.64 11.60
C GLN A 80 2.65 3.26 12.35
N ASN A 81 2.53 2.03 12.75
CA ASN A 81 1.32 1.59 13.48
C ASN A 81 1.58 1.64 15.00
N GLY A 82 1.22 2.73 15.63
CA GLY A 82 1.44 2.84 17.10
C GLY A 82 1.97 4.23 17.42
N ALA A 83 1.67 4.75 18.59
CA ALA A 83 2.14 6.11 18.95
C ALA A 83 3.68 6.13 19.00
N PRO A 84 4.24 7.31 18.81
CA PRO A 84 3.42 8.53 18.56
C PRO A 84 2.90 8.57 17.12
N TYR A 85 3.09 7.50 16.38
CA TYR A 85 2.61 7.47 14.97
C TYR A 85 3.46 8.41 14.10
N GLY A 86 3.36 8.29 12.81
CA GLY A 86 4.15 9.17 11.91
C GLY A 86 3.99 8.71 10.46
N THR A 87 4.39 9.52 9.52
CA THR A 87 4.25 9.13 8.09
C THR A 87 5.45 9.64 7.28
N VAL A 88 5.84 8.94 6.26
CA VAL A 88 7.00 9.39 5.43
C VAL A 88 6.58 9.57 3.97
N LEU A 89 5.48 8.98 3.59
CA LEU A 89 5.01 9.12 2.17
C LEU A 89 3.72 9.94 2.10
N ASP A 90 3.58 10.74 1.09
CA ASP A 90 2.35 11.57 0.94
C ASP A 90 2.07 11.84 -0.55
N THR A 91 1.34 10.97 -1.20
CA THR A 91 1.04 11.21 -2.64
C THR A 91 -0.27 10.53 -3.04
N SER A 92 -0.68 10.70 -4.27
CA SER A 92 -1.95 10.07 -4.72
C SER A 92 -1.68 9.12 -5.89
N PRO A 93 -2.01 7.87 -5.69
CA PRO A 93 -1.79 6.84 -6.74
C PRO A 93 -2.81 6.99 -7.87
N ALA A 94 -2.35 7.06 -9.10
CA ALA A 94 -3.29 7.17 -10.25
C ALA A 94 -3.56 5.78 -10.81
N LEU A 95 -4.73 5.56 -11.37
CA LEU A 95 -5.02 4.21 -11.92
C LEU A 95 -5.90 4.32 -13.17
N THR A 96 -6.13 3.21 -13.83
CA THR A 96 -6.97 3.22 -15.06
C THR A 96 -6.85 1.88 -15.78
N SER A 97 -7.51 1.72 -16.90
CA SER A 97 -7.42 0.43 -17.64
C SER A 97 -5.97 0.17 -18.06
N GLU A 98 -5.14 1.17 -17.97
CA GLU A 98 -3.71 0.99 -18.36
C GLU A 98 -2.87 0.69 -17.12
N PRO A 99 -1.82 -0.06 -17.31
CA PRO A 99 -0.93 -0.42 -16.18
C PRO A 99 -0.18 0.82 -15.68
N ARG A 100 -0.20 1.05 -14.40
CA ARG A 100 0.49 2.25 -13.86
C ARG A 100 1.59 1.85 -12.86
N GLN A 101 2.79 1.66 -13.34
CA GLN A 101 3.90 1.28 -12.42
C GLN A 101 4.30 2.48 -11.56
N VAL A 102 4.92 2.24 -10.44
CA VAL A 102 5.33 3.38 -9.57
C VAL A 102 6.80 3.24 -9.14
N THR A 103 7.56 4.29 -9.25
CA THR A 103 9.00 4.22 -8.85
C THR A 103 9.47 5.59 -8.37
N GLU A 104 9.30 5.88 -7.11
CA GLU A 104 9.74 7.21 -6.58
C GLU A 104 10.68 7.03 -5.39
N THR A 105 11.09 8.10 -4.78
CA THR A 105 12.00 8.00 -3.60
C THR A 105 11.54 8.93 -2.48
N PHE A 106 12.07 8.76 -1.30
CA PHE A 106 11.66 9.64 -0.17
C PHE A 106 12.51 9.35 1.06
N THR A 107 12.69 10.31 1.93
CA THR A 107 13.50 10.07 3.15
C THR A 107 12.60 9.57 4.29
N ALA A 108 12.51 8.28 4.45
CA ALA A 108 11.65 7.73 5.53
C ALA A 108 11.98 8.42 6.87
N SER A 109 11.33 9.50 7.16
CA SER A 109 11.62 10.20 8.45
C SER A 109 10.78 9.59 9.57
N ALA A 110 10.87 8.31 9.76
CA ALA A 110 10.08 7.65 10.84
C ALA A 110 10.71 6.31 11.23
N THR A 111 9.97 5.48 11.91
CA THR A 111 10.52 4.16 12.32
C THR A 111 9.50 3.06 12.08
N TYR A 112 9.74 2.20 11.13
CA TYR A 112 8.79 1.10 10.83
C TYR A 112 9.38 -0.25 11.28
N PRO A 113 9.46 -0.43 12.56
CA PRO A 113 10.02 -1.69 13.12
C PRO A 113 9.05 -2.86 12.89
N ALA A 114 9.48 -3.87 12.19
CA ALA A 114 8.58 -5.03 11.94
C ALA A 114 8.28 -5.76 13.26
N THR A 115 8.94 -5.40 14.31
CA THR A 115 8.69 -6.07 15.62
C THR A 115 7.93 -5.14 16.56
N PRO A 116 6.62 -5.17 16.44
CA PRO A 116 5.76 -4.32 17.29
C PRO A 116 5.73 -4.84 18.73
N ALA A 117 5.53 -3.98 19.69
CA ALA A 117 5.49 -4.44 21.11
C ALA A 117 4.43 -3.66 21.89
N ALA A 118 4.46 -3.74 23.19
CA ALA A 118 3.45 -3.00 24.01
C ALA A 118 3.58 -1.50 23.78
N ASP A 119 4.63 -1.07 23.15
CA ASP A 119 4.81 0.38 22.89
C ASP A 119 5.74 0.60 21.70
N ASP A 120 5.87 -0.38 20.85
CA ASP A 120 6.76 -0.24 19.66
C ASP A 120 5.93 -0.23 18.37
N PRO A 121 5.74 0.94 17.84
CA PRO A 121 4.96 1.10 16.59
C PRO A 121 5.77 0.59 15.39
N GLU A 122 5.15 -0.17 14.52
CA GLU A 122 5.90 -0.68 13.34
C GLU A 122 5.66 0.23 12.13
N GLY A 123 5.56 -0.33 10.95
CA GLY A 123 5.34 0.52 9.74
C GLY A 123 4.55 -0.28 8.71
N GLN A 124 3.72 0.39 7.95
CA GLN A 124 2.91 -0.33 6.92
C GLN A 124 2.62 0.58 5.73
N ILE A 125 1.66 0.24 4.92
CA ILE A 125 1.30 1.08 3.75
C ILE A 125 -0.14 1.55 3.89
N ALA A 126 -0.42 2.76 3.47
CA ALA A 126 -1.82 3.27 3.60
C ALA A 126 -2.42 3.55 2.22
N PHE A 127 -3.48 2.86 1.88
CA PHE A 127 -4.15 3.08 0.58
C PHE A 127 -5.58 3.57 0.85
N GLN A 128 -5.81 4.84 0.71
CA GLN A 128 -7.17 5.37 1.01
C GLN A 128 -8.07 5.33 -0.23
N LEU A 129 -9.02 4.43 -0.23
CA LEU A 129 -9.95 4.33 -1.40
C LEU A 129 -11.31 4.89 -0.99
N GLY A 130 -11.32 6.00 -0.31
CA GLY A 130 -12.60 6.61 0.13
C GLY A 130 -13.09 7.61 -0.92
N GLY A 131 -14.23 7.34 -1.51
CA GLY A 131 -14.77 8.26 -2.54
C GLY A 131 -13.65 8.75 -3.46
N PHE A 132 -13.39 8.04 -4.53
CA PHE A 132 -12.30 8.47 -5.45
C PHE A 132 -12.73 8.28 -6.91
N SER A 133 -13.11 7.08 -7.28
CA SER A 133 -13.54 6.83 -8.70
C SER A 133 -15.04 7.10 -8.85
N ALA A 134 -15.58 6.88 -10.01
CA ALA A 134 -17.03 7.12 -10.23
C ALA A 134 -17.80 5.81 -10.16
N ASP A 135 -17.73 5.00 -11.19
CA ASP A 135 -18.46 3.70 -11.19
C ASP A 135 -17.65 2.64 -10.45
N ALA A 136 -18.31 1.66 -9.90
CA ALA A 136 -17.58 0.58 -9.16
C ALA A 136 -16.30 0.19 -9.89
N TRP A 137 -15.24 -0.08 -9.17
CA TRP A 137 -13.97 -0.46 -9.84
C TRP A 137 -13.12 -1.34 -8.92
N THR A 138 -11.86 -1.41 -9.17
CA THR A 138 -10.98 -2.28 -8.33
C THR A 138 -9.51 -1.84 -8.49
N LEU A 139 -8.61 -2.45 -7.76
CA LEU A 139 -7.17 -2.04 -7.88
C LEU A 139 -6.25 -3.24 -7.93
N CYS A 140 -5.55 -3.42 -9.02
CA CYS A 140 -4.58 -4.56 -9.13
C CYS A 140 -3.13 -4.09 -9.00
N LEU A 141 -2.47 -4.43 -7.93
CA LEU A 141 -1.05 -4.02 -7.76
C LEU A 141 -0.15 -5.21 -8.11
N ASP A 142 1.13 -5.03 -8.02
CA ASP A 142 2.08 -6.16 -8.34
C ASP A 142 3.50 -5.63 -8.50
N ASP A 143 4.07 -5.12 -7.45
CA ASP A 143 5.46 -4.57 -7.51
C ASP A 143 5.72 -3.74 -6.25
N VAL A 144 5.30 -4.23 -5.12
CA VAL A 144 5.51 -3.46 -3.86
C VAL A 144 6.85 -3.81 -3.23
N ALA A 145 7.71 -2.83 -3.08
CA ALA A 145 9.05 -3.08 -2.46
C ALA A 145 9.60 -1.78 -1.89
N LEU A 146 10.34 -1.86 -0.82
CA LEU A 146 10.92 -0.63 -0.21
C LEU A 146 12.31 -0.90 0.35
N ASP A 147 13.19 0.07 0.31
CA ASP A 147 14.57 -0.13 0.83
C ASP A 147 15.38 1.16 0.71
N SER A 148 16.34 1.35 1.57
CA SER A 148 17.17 2.59 1.51
C SER A 148 18.41 2.34 0.64
N GLU A 149 19.28 3.31 0.55
CA GLU A 149 20.51 3.14 -0.28
C GLU A 149 21.25 1.86 0.13
N VAL A 150 22.22 1.46 -0.64
CA VAL A 150 22.97 0.22 -0.29
C VAL A 150 23.38 0.24 1.19
N GLU A 151 23.40 -0.91 1.81
CA GLU A 151 23.78 -0.96 3.26
C GLU A 151 24.01 -2.41 3.69
N LEU A 152 24.95 -3.08 3.09
CA LEU A 152 25.23 -4.49 3.47
C LEU A 152 24.00 -5.36 3.20
N ALA A 1 13.87 -8.10 5.67
CA ALA A 1 13.75 -7.96 4.18
C ALA A 1 12.34 -7.51 3.81
N SER A 2 12.11 -7.25 2.55
CA SER A 2 10.75 -6.81 2.12
C SER A 2 9.67 -7.67 2.81
N PRO A 3 9.00 -7.05 3.74
CA PRO A 3 7.92 -7.77 4.49
C PRO A 3 6.62 -7.81 3.68
N ILE A 4 6.68 -7.61 2.39
CA ILE A 4 5.44 -7.64 1.57
C ILE A 4 5.73 -8.26 0.19
N GLY A 5 6.88 -8.84 0.02
CA GLY A 5 7.23 -9.45 -1.29
C GLY A 5 8.41 -8.70 -1.91
N GLU A 6 9.22 -9.39 -2.67
CA GLU A 6 10.40 -8.72 -3.29
C GLU A 6 10.01 -8.16 -4.67
N GLY A 7 8.75 -7.96 -4.90
CA GLY A 7 8.31 -7.42 -6.22
C GLY A 7 6.87 -7.87 -6.51
N THR A 8 6.65 -8.48 -7.63
CA THR A 8 5.27 -8.94 -7.98
C THR A 8 4.75 -9.88 -6.89
N PHE A 9 3.55 -9.66 -6.44
CA PHE A 9 2.97 -10.54 -5.39
C PHE A 9 3.29 -12.00 -5.71
N ASP A 10 3.46 -12.31 -6.98
CA ASP A 10 3.78 -13.70 -7.41
C ASP A 10 2.52 -14.58 -7.45
N ASP A 11 1.67 -14.48 -6.45
CA ASP A 11 0.41 -15.30 -6.41
C ASP A 11 -0.13 -15.31 -4.97
N GLY A 12 -0.04 -14.21 -4.29
CA GLY A 12 -0.54 -14.15 -2.89
C GLY A 12 -0.40 -12.73 -2.35
N PRO A 13 -1.45 -12.26 -1.71
CA PRO A 13 -1.43 -10.90 -1.14
C PRO A 13 -0.54 -10.85 0.11
N GLU A 14 -0.19 -11.98 0.64
CA GLU A 14 0.69 -11.99 1.85
C GLU A 14 -0.04 -11.32 3.03
N GLY A 15 0.07 -10.03 3.15
CA GLY A 15 -0.60 -9.34 4.28
C GLY A 15 -1.52 -8.23 3.74
N TRP A 16 -1.36 -7.87 2.49
CA TRP A 16 -2.22 -6.80 1.91
C TRP A 16 -3.70 -7.10 2.15
N VAL A 17 -4.35 -6.33 2.97
CA VAL A 17 -5.80 -6.57 3.24
C VAL A 17 -6.63 -5.42 2.67
N ALA A 18 -7.81 -5.70 2.22
CA ALA A 18 -8.66 -4.60 1.65
C ALA A 18 -10.05 -4.63 2.29
N TYR A 19 -10.72 -3.52 2.34
CA TYR A 19 -12.07 -3.49 2.97
C TYR A 19 -12.99 -2.50 2.26
N GLY A 20 -14.26 -2.72 2.36
CA GLY A 20 -15.24 -1.81 1.69
C GLY A 20 -16.59 -2.51 1.58
N THR A 21 -16.85 -3.14 0.47
CA THR A 21 -18.15 -3.86 0.32
C THR A 21 -18.01 -5.06 -0.63
N ASP A 22 -16.81 -5.51 -0.86
CA ASP A 22 -16.63 -6.69 -1.76
C ASP A 22 -15.87 -7.81 -1.04
N GLY A 23 -16.43 -8.30 0.04
CA GLY A 23 -15.74 -9.39 0.79
C GLY A 23 -14.25 -9.07 0.91
N PRO A 24 -13.49 -10.09 1.22
CA PRO A 24 -12.02 -9.92 1.36
C PRO A 24 -11.36 -9.71 0.00
N LEU A 25 -10.33 -8.91 -0.06
CA LEU A 25 -9.65 -8.67 -1.36
C LEU A 25 -9.49 -9.98 -2.14
N ASP A 26 -9.23 -9.90 -3.41
CA ASP A 26 -9.07 -11.14 -4.22
C ASP A 26 -7.82 -11.03 -5.12
N THR A 27 -7.06 -12.08 -5.22
CA THR A 27 -5.85 -12.03 -6.08
C THR A 27 -5.93 -13.07 -7.19
N SER A 28 -5.66 -14.31 -6.89
CA SER A 28 -5.74 -15.37 -7.93
C SER A 28 -4.73 -15.09 -9.04
N THR A 29 -5.11 -14.32 -10.03
CA THR A 29 -4.19 -14.00 -11.15
C THR A 29 -2.78 -13.71 -10.61
N GLY A 30 -2.70 -13.18 -9.41
CA GLY A 30 -1.37 -12.86 -8.83
C GLY A 30 -1.32 -11.40 -8.41
N ALA A 31 -2.11 -10.57 -9.04
CA ALA A 31 -2.11 -9.12 -8.67
C ALA A 31 -3.18 -8.85 -7.61
N LEU A 32 -2.85 -8.08 -6.61
CA LEU A 32 -3.85 -7.77 -5.55
C LEU A 32 -4.97 -6.90 -6.12
N CYS A 33 -6.12 -7.46 -6.34
CA CYS A 33 -7.24 -6.66 -6.91
C CYS A 33 -8.38 -6.50 -5.90
N VAL A 34 -8.47 -5.36 -5.28
CA VAL A 34 -9.58 -5.14 -4.30
C VAL A 34 -10.79 -4.57 -5.04
N ALA A 35 -11.95 -4.59 -4.43
CA ALA A 35 -13.15 -4.06 -5.13
C ALA A 35 -13.66 -2.78 -4.47
N VAL A 36 -13.92 -1.77 -5.25
CA VAL A 36 -14.44 -0.49 -4.67
C VAL A 36 -15.81 -0.18 -5.27
N PRO A 37 -16.80 -0.16 -4.43
CA PRO A 37 -18.19 0.11 -4.89
C PRO A 37 -18.36 1.58 -5.34
N ALA A 38 -19.16 1.81 -6.36
CA ALA A 38 -19.37 3.19 -6.84
C ALA A 38 -19.61 4.12 -5.65
N GLY A 39 -19.31 5.39 -5.80
CA GLY A 39 -19.51 6.33 -4.66
C GLY A 39 -18.99 5.68 -3.39
N SER A 40 -17.73 5.35 -3.36
CA SER A 40 -17.15 4.71 -2.14
C SER A 40 -16.74 5.77 -1.11
N ALA A 41 -17.51 6.82 -1.00
CA ALA A 41 -17.18 7.88 -0.01
C ALA A 41 -17.90 7.60 1.31
N GLN A 42 -18.30 6.38 1.48
CA GLN A 42 -19.00 5.99 2.74
C GLN A 42 -17.99 5.93 3.88
N TYR A 43 -18.15 5.00 4.78
CA TYR A 43 -17.19 4.88 5.91
C TYR A 43 -15.77 5.08 5.39
N GLY A 44 -15.53 4.78 4.13
CA GLY A 44 -14.18 4.95 3.55
C GLY A 44 -13.62 3.60 3.13
N VAL A 45 -13.45 3.39 1.85
CA VAL A 45 -12.88 2.09 1.38
C VAL A 45 -11.37 2.22 1.34
N GLY A 46 -10.64 1.15 1.54
CA GLY A 46 -9.16 1.27 1.52
C GLY A 46 -8.49 -0.07 1.79
N VAL A 47 -7.21 -0.15 1.54
CA VAL A 47 -6.46 -1.41 1.79
C VAL A 47 -5.30 -1.14 2.77
N VAL A 48 -5.16 -1.93 3.78
CA VAL A 48 -4.06 -1.69 4.76
C VAL A 48 -3.12 -2.90 4.82
N LEU A 49 -1.83 -2.66 4.89
CA LEU A 49 -0.86 -3.79 4.94
C LEU A 49 0.13 -3.57 6.09
N ASN A 50 -0.20 -4.00 7.27
CA ASN A 50 0.73 -3.81 8.42
C ASN A 50 1.96 -4.70 8.25
N GLY A 51 3.08 -4.13 7.87
CA GLY A 51 4.31 -4.94 7.69
C GLY A 51 5.26 -4.23 6.72
N VAL A 52 5.98 -3.26 7.20
CA VAL A 52 6.93 -2.53 6.30
C VAL A 52 8.34 -2.56 6.91
N ALA A 53 9.34 -2.33 6.10
CA ALA A 53 10.74 -2.37 6.63
C ALA A 53 11.43 -1.01 6.44
N ILE A 54 11.31 -0.13 7.39
CA ILE A 54 11.97 1.21 7.27
C ILE A 54 12.77 1.51 8.54
N GLU A 55 13.54 2.56 8.56
CA GLU A 55 14.33 2.87 9.78
C GLU A 55 15.11 4.18 9.62
N GLU A 56 15.02 5.04 10.60
CA GLU A 56 15.77 6.32 10.54
C GLU A 56 15.49 7.06 9.24
N GLY A 57 16.26 8.07 8.96
CA GLY A 57 16.05 8.84 7.69
C GLY A 57 16.86 8.16 6.59
N THR A 58 16.54 6.93 6.30
CA THR A 58 17.27 6.19 5.25
C THR A 58 16.52 6.27 3.92
N THR A 59 17.10 5.75 2.87
CA THR A 59 16.42 5.81 1.54
C THR A 59 15.55 4.56 1.34
N TYR A 60 14.60 4.64 0.45
CA TYR A 60 13.71 3.48 0.20
C TYR A 60 13.04 3.61 -1.17
N THR A 61 13.26 2.69 -2.05
CA THR A 61 12.64 2.77 -3.39
C THR A 61 11.28 2.08 -3.40
N LEU A 62 10.22 2.82 -3.51
CA LEU A 62 8.87 2.19 -3.52
C LEU A 62 8.46 1.86 -4.95
N ARG A 63 8.10 0.63 -5.21
CA ARG A 63 7.71 0.24 -6.59
C ARG A 63 6.41 -0.57 -6.56
N TYR A 64 5.46 -0.20 -7.37
CA TYR A 64 4.17 -0.94 -7.40
C TYR A 64 3.36 -0.55 -8.65
N THR A 65 2.58 -1.45 -9.18
CA THR A 65 1.78 -1.13 -10.39
C THR A 65 0.29 -1.26 -10.10
N ALA A 66 -0.33 -0.20 -9.66
CA ALA A 66 -1.79 -0.27 -9.36
C ALA A 66 -2.60 0.09 -10.60
N THR A 67 -3.77 -0.47 -10.74
CA THR A 67 -4.62 -0.15 -11.92
C THR A 67 -6.10 -0.27 -11.56
N ALA A 68 -6.88 0.72 -11.87
CA ALA A 68 -8.33 0.66 -11.55
C ALA A 68 -9.14 0.63 -12.84
N SER A 69 -10.21 -0.12 -12.87
CA SER A 69 -11.04 -0.16 -14.10
C SER A 69 -11.27 1.26 -14.61
N THR A 70 -11.19 2.22 -13.73
CA THR A 70 -11.38 3.64 -14.14
C THR A 70 -10.10 4.44 -13.84
N ASP A 71 -10.21 5.74 -13.77
CA ASP A 71 -9.02 6.57 -13.46
C ASP A 71 -9.16 7.12 -12.03
N VAL A 72 -9.09 6.26 -11.05
CA VAL A 72 -9.24 6.74 -9.64
C VAL A 72 -7.89 7.16 -9.05
N THR A 73 -7.88 8.28 -8.37
CA THR A 73 -6.62 8.76 -7.73
C THR A 73 -6.86 8.91 -6.24
N VAL A 74 -6.60 7.88 -5.47
CA VAL A 74 -6.84 7.97 -4.00
C VAL A 74 -5.60 8.50 -3.28
N ARG A 75 -5.50 8.25 -2.00
CA ARG A 75 -4.33 8.76 -1.23
C ARG A 75 -3.52 7.60 -0.63
N ALA A 76 -2.37 7.32 -1.17
CA ALA A 76 -1.53 6.22 -0.62
C ALA A 76 -0.27 6.79 0.03
N LEU A 77 0.37 6.04 0.88
CA LEU A 77 1.60 6.56 1.54
C LEU A 77 2.14 5.52 2.53
N VAL A 78 2.89 5.95 3.51
CA VAL A 78 3.45 4.99 4.51
C VAL A 78 3.56 5.69 5.87
N GLY A 79 3.80 4.96 6.92
CA GLY A 79 3.93 5.61 8.25
C GLY A 79 4.14 4.55 9.34
N GLN A 80 4.19 4.96 10.58
CA GLN A 80 4.40 3.99 11.69
C GLN A 80 3.05 3.46 12.18
N ASN A 81 3.02 2.93 13.38
CA ASN A 81 1.74 2.39 13.92
C ASN A 81 1.88 2.12 15.42
N GLY A 82 1.69 3.12 16.23
CA GLY A 82 1.81 2.92 17.70
C GLY A 82 2.51 4.12 18.34
N ALA A 83 2.24 5.30 17.85
CA ALA A 83 2.89 6.52 18.42
C ALA A 83 4.41 6.41 18.32
N PRO A 84 5.06 7.53 18.11
CA PRO A 84 4.34 8.83 17.99
C PRO A 84 3.79 9.03 16.58
N TYR A 85 3.62 7.96 15.84
CA TYR A 85 3.09 8.09 14.45
C TYR A 85 4.02 8.96 13.60
N GLY A 86 4.48 8.44 12.50
CA GLY A 86 5.39 9.23 11.63
C GLY A 86 5.26 8.75 10.18
N THR A 87 4.73 9.59 9.32
CA THR A 87 4.57 9.18 7.90
C THR A 87 5.73 9.71 7.05
N VAL A 88 6.13 8.99 6.03
CA VAL A 88 7.24 9.47 5.17
C VAL A 88 6.76 9.62 3.72
N LEU A 89 5.68 8.97 3.38
CA LEU A 89 5.15 9.09 1.99
C LEU A 89 3.91 9.97 1.96
N ASP A 90 3.74 10.74 0.91
CA ASP A 90 2.55 11.62 0.82
C ASP A 90 2.17 11.84 -0.66
N THR A 91 1.39 10.96 -1.22
CA THR A 91 1.00 11.13 -2.65
C THR A 91 -0.26 10.30 -2.96
N SER A 92 -0.74 10.38 -4.17
CA SER A 92 -1.97 9.61 -4.53
C SER A 92 -1.65 8.64 -5.68
N PRO A 93 -2.02 7.40 -5.50
CA PRO A 93 -1.78 6.37 -6.53
C PRO A 93 -2.71 6.57 -7.73
N ALA A 94 -2.40 7.49 -8.59
CA ALA A 94 -3.28 7.70 -9.78
C ALA A 94 -3.50 6.36 -10.48
N LEU A 95 -4.70 6.10 -10.92
CA LEU A 95 -4.97 4.79 -11.59
C LEU A 95 -5.68 5.00 -12.93
N THR A 96 -5.91 3.94 -13.65
CA THR A 96 -6.60 4.06 -14.97
C THR A 96 -6.93 2.66 -15.51
N SER A 97 -7.51 2.60 -16.67
CA SER A 97 -7.84 1.26 -17.25
C SER A 97 -6.57 0.53 -17.67
N GLU A 98 -5.45 1.20 -17.62
CA GLU A 98 -4.17 0.55 -18.02
C GLU A 98 -3.30 0.32 -16.79
N PRO A 99 -2.17 -0.30 -17.00
CA PRO A 99 -1.22 -0.59 -15.89
C PRO A 99 -0.55 0.69 -15.43
N ARG A 100 -0.49 0.93 -14.15
CA ARG A 100 0.17 2.16 -13.63
C ARG A 100 1.34 1.80 -12.73
N GLN A 101 2.51 1.60 -13.30
CA GLN A 101 3.69 1.24 -12.47
C GLN A 101 4.19 2.46 -11.71
N VAL A 102 4.88 2.26 -10.62
CA VAL A 102 5.40 3.41 -9.83
C VAL A 102 6.85 3.16 -9.43
N THR A 103 7.67 4.16 -9.51
CA THR A 103 9.11 3.98 -9.13
C THR A 103 9.69 5.29 -8.60
N GLU A 104 10.01 5.35 -7.33
CA GLU A 104 10.58 6.60 -6.76
C GLU A 104 11.39 6.28 -5.50
N THR A 105 12.57 6.84 -5.39
CA THR A 105 13.41 6.57 -4.19
C THR A 105 13.22 7.69 -3.16
N PHE A 106 12.33 7.51 -2.23
CA PHE A 106 12.10 8.57 -1.20
C PHE A 106 12.93 8.29 0.05
N THR A 107 13.28 9.31 0.79
CA THR A 107 14.08 9.09 2.03
C THR A 107 13.16 8.85 3.22
N ALA A 108 12.96 7.62 3.59
CA ALA A 108 12.07 7.32 4.75
C ALA A 108 12.57 8.02 6.00
N SER A 109 11.92 9.08 6.40
CA SER A 109 12.35 9.81 7.63
C SER A 109 11.62 9.27 8.85
N ALA A 110 11.68 7.97 9.06
CA ALA A 110 10.97 7.38 10.23
C ALA A 110 11.50 5.96 10.49
N THR A 111 10.70 5.12 11.08
CA THR A 111 11.16 3.73 11.37
C THR A 111 9.96 2.77 11.36
N TYR A 112 9.90 1.89 10.40
CA TYR A 112 8.77 0.92 10.35
C TYR A 112 9.26 -0.49 10.65
N PRO A 113 9.45 -0.75 11.92
CA PRO A 113 9.93 -2.08 12.37
C PRO A 113 8.83 -3.13 12.19
N ALA A 114 9.06 -4.33 12.66
CA ALA A 114 8.02 -5.39 12.52
C ALA A 114 7.85 -6.13 13.84
N THR A 115 7.80 -5.42 14.94
CA THR A 115 7.63 -6.10 16.26
C THR A 115 6.68 -5.29 17.14
N PRO A 116 5.43 -5.67 17.09
CA PRO A 116 4.39 -4.97 17.90
C PRO A 116 4.53 -5.34 19.37
N ALA A 117 4.81 -4.37 20.22
CA ALA A 117 4.96 -4.67 21.67
C ALA A 117 4.22 -3.61 22.50
N ALA A 118 4.34 -3.67 23.80
CA ALA A 118 3.64 -2.67 24.66
C ALA A 118 4.19 -1.26 24.38
N ASP A 119 5.27 -1.17 23.66
CA ASP A 119 5.85 0.17 23.35
C ASP A 119 6.69 0.10 22.07
N ASP A 120 6.46 -0.89 21.26
CA ASP A 120 7.25 -1.01 20.00
C ASP A 120 6.34 -0.88 18.78
N PRO A 121 6.16 0.34 18.35
CA PRO A 121 5.28 0.61 17.18
C PRO A 121 5.98 0.18 15.88
N GLU A 122 5.23 -0.11 14.86
CA GLU A 122 5.85 -0.54 13.57
C GLU A 122 5.41 0.40 12.44
N GLY A 123 5.60 0.00 11.22
CA GLY A 123 5.19 0.87 10.08
C GLY A 123 4.52 0.01 9.01
N GLN A 124 3.67 0.61 8.22
CA GLN A 124 2.97 -0.18 7.16
C GLN A 124 2.63 0.71 5.95
N ILE A 125 1.71 0.27 5.13
CA ILE A 125 1.32 1.09 3.95
C ILE A 125 -0.15 1.47 4.07
N ALA A 126 -0.50 2.65 3.64
CA ALA A 126 -1.92 3.08 3.76
C ALA A 126 -2.52 3.37 2.39
N PHE A 127 -3.60 2.71 2.07
CA PHE A 127 -4.28 2.96 0.76
C PHE A 127 -5.69 3.47 1.08
N GLN A 128 -5.88 4.76 1.05
CA GLN A 128 -7.21 5.33 1.40
C GLN A 128 -8.10 5.43 0.17
N LEU A 129 -8.91 4.44 -0.06
CA LEU A 129 -9.86 4.48 -1.21
C LEU A 129 -11.20 5.00 -0.72
N GLY A 130 -11.18 6.08 0.04
CA GLY A 130 -12.45 6.65 0.57
C GLY A 130 -13.09 7.57 -0.48
N GLY A 131 -13.82 7.01 -1.40
CA GLY A 131 -14.48 7.84 -2.44
C GLY A 131 -13.43 8.70 -3.16
N PHE A 132 -13.02 8.29 -4.32
CA PHE A 132 -12.00 9.07 -5.07
C PHE A 132 -12.35 9.09 -6.57
N SER A 133 -12.80 7.99 -7.09
CA SER A 133 -13.18 7.95 -8.53
C SER A 133 -14.66 8.29 -8.70
N ALA A 134 -15.16 8.24 -9.91
CA ALA A 134 -16.60 8.57 -10.14
C ALA A 134 -17.46 7.30 -10.00
N ASP A 135 -17.64 6.58 -11.06
CA ASP A 135 -18.48 5.35 -10.98
C ASP A 135 -17.73 4.23 -10.24
N ALA A 136 -18.37 3.11 -10.03
CA ALA A 136 -17.69 1.98 -9.32
C ALA A 136 -16.32 1.70 -9.94
N TRP A 137 -15.30 1.65 -9.13
CA TRP A 137 -13.94 1.37 -9.68
C TRP A 137 -13.23 0.34 -8.81
N THR A 138 -11.97 0.12 -9.04
CA THR A 138 -11.25 -0.90 -8.24
C THR A 138 -9.74 -0.66 -8.30
N LEU A 139 -8.98 -1.44 -7.55
CA LEU A 139 -7.49 -1.26 -7.57
C LEU A 139 -6.83 -2.62 -7.85
N CYS A 140 -5.72 -2.61 -8.54
CA CYS A 140 -5.04 -3.91 -8.83
C CYS A 140 -3.52 -3.73 -8.88
N LEU A 141 -2.84 -4.03 -7.81
CA LEU A 141 -1.35 -3.90 -7.81
C LEU A 141 -0.73 -5.24 -8.19
N ASP A 142 0.58 -5.33 -8.20
CA ASP A 142 1.23 -6.62 -8.57
C ASP A 142 2.75 -6.47 -8.60
N ASP A 143 3.29 -5.72 -7.69
CA ASP A 143 4.78 -5.53 -7.66
C ASP A 143 5.15 -4.53 -6.58
N VAL A 144 4.67 -4.74 -5.37
CA VAL A 144 4.99 -3.78 -4.27
C VAL A 144 6.25 -4.22 -3.55
N ALA A 145 7.29 -3.44 -3.62
CA ALA A 145 8.57 -3.81 -2.93
C ALA A 145 9.16 -2.58 -2.24
N LEU A 146 9.58 -2.72 -1.01
CA LEU A 146 10.18 -1.56 -0.29
C LEU A 146 11.52 -1.96 0.33
N ASP A 147 12.50 -1.11 0.24
CA ASP A 147 13.83 -1.44 0.81
C ASP A 147 14.81 -0.27 0.61
N SER A 148 15.82 -0.17 1.43
CA SER A 148 16.80 0.93 1.27
C SER A 148 17.95 0.50 0.35
N GLU A 149 18.97 1.32 0.24
CA GLU A 149 20.11 0.95 -0.64
C GLU A 149 20.54 -0.50 -0.39
N VAL A 150 21.38 -1.04 -1.22
CA VAL A 150 21.83 -2.45 -1.03
C VAL A 150 22.13 -2.71 0.44
N GLU A 151 22.16 -3.95 0.85
CA GLU A 151 22.46 -4.28 2.27
C GLU A 151 23.75 -5.08 2.39
N LEU A 152 24.30 -5.20 3.56
CA LEU A 152 25.56 -5.97 3.74
C LEU A 152 25.30 -7.46 3.48
N ALA A 1 15.05 -6.23 6.94
CA ALA A 1 14.89 -7.61 6.36
C ALA A 1 13.45 -8.10 6.54
N SER A 2 13.09 -9.17 5.89
CA SER A 2 11.71 -9.69 6.03
C SER A 2 10.69 -8.68 5.49
N PRO A 3 10.81 -8.37 4.22
CA PRO A 3 9.91 -7.40 3.58
C PRO A 3 8.55 -8.06 3.32
N ILE A 4 7.81 -7.55 2.37
CA ILE A 4 6.47 -8.14 2.06
C ILE A 4 6.59 -9.15 0.92
N GLY A 5 7.70 -9.16 0.23
CA GLY A 5 7.87 -10.12 -0.89
C GLY A 5 8.67 -9.46 -2.01
N GLU A 6 8.62 -8.16 -2.09
CA GLU A 6 9.38 -7.45 -3.16
C GLU A 6 9.01 -8.01 -4.53
N GLY A 7 7.80 -7.77 -4.98
CA GLY A 7 7.39 -8.30 -6.32
C GLY A 7 5.88 -8.11 -6.49
N THR A 8 5.29 -8.81 -7.41
CA THR A 8 3.82 -8.67 -7.64
C THR A 8 3.06 -9.67 -6.76
N PHE A 9 1.79 -9.84 -7.02
CA PHE A 9 0.99 -10.80 -6.21
C PHE A 9 0.75 -12.10 -7.00
N ASP A 10 1.79 -12.66 -7.56
CA ASP A 10 1.61 -13.91 -8.35
C ASP A 10 1.65 -15.13 -7.42
N ASP A 11 0.96 -15.06 -6.31
CA ASP A 11 0.93 -16.20 -5.33
C ASP A 11 0.45 -15.69 -3.97
N GLY A 12 -0.82 -15.50 -3.81
CA GLY A 12 -1.36 -15.02 -2.50
C GLY A 12 -0.95 -13.56 -2.29
N PRO A 13 -1.85 -12.81 -1.72
CA PRO A 13 -1.60 -11.38 -1.45
C PRO A 13 -0.65 -11.21 -0.25
N GLU A 14 -0.17 -12.30 0.29
CA GLU A 14 0.75 -12.20 1.47
C GLU A 14 0.00 -11.68 2.69
N GLY A 15 -0.11 -10.38 2.82
CA GLY A 15 -0.83 -9.81 4.00
C GLY A 15 -1.65 -8.60 3.58
N TRP A 16 -1.74 -8.35 2.30
CA TRP A 16 -2.53 -7.17 1.82
C TRP A 16 -4.01 -7.35 2.18
N VAL A 17 -4.61 -6.34 2.73
CA VAL A 17 -6.06 -6.44 3.10
C VAL A 17 -6.81 -5.19 2.64
N ALA A 18 -8.07 -5.30 2.40
CA ALA A 18 -8.86 -4.10 1.96
C ALA A 18 -10.22 -4.11 2.66
N TYR A 19 -10.68 -2.96 3.09
CA TYR A 19 -11.99 -2.91 3.81
C TYR A 19 -12.98 -1.98 3.08
N GLY A 20 -14.24 -2.34 3.09
CA GLY A 20 -15.27 -1.50 2.41
C GLY A 20 -15.89 -2.29 1.26
N THR A 21 -16.85 -3.12 1.56
CA THR A 21 -17.51 -3.94 0.49
C THR A 21 -16.46 -4.69 -0.34
N ASP A 22 -15.26 -4.83 0.17
CA ASP A 22 -14.22 -5.56 -0.58
C ASP A 22 -13.83 -6.84 0.17
N GLY A 23 -14.45 -7.94 -0.15
CA GLY A 23 -14.12 -9.22 0.55
C GLY A 23 -12.65 -9.57 0.32
N PRO A 24 -12.43 -10.72 -0.25
CA PRO A 24 -11.04 -11.17 -0.52
C PRO A 24 -10.44 -10.38 -1.68
N LEU A 25 -9.15 -10.13 -1.63
CA LEU A 25 -8.50 -9.37 -2.74
C LEU A 25 -8.31 -10.27 -3.96
N ASP A 26 -9.14 -10.13 -4.96
CA ASP A 26 -9.00 -10.98 -6.17
C ASP A 26 -7.53 -11.08 -6.57
N THR A 27 -6.93 -12.23 -6.41
CA THR A 27 -5.50 -12.38 -6.77
C THR A 27 -5.33 -13.44 -7.86
N SER A 28 -5.71 -14.66 -7.59
CA SER A 28 -5.54 -15.72 -8.61
C SER A 28 -4.18 -15.61 -9.28
N THR A 29 -3.16 -15.29 -8.53
CA THR A 29 -1.80 -15.16 -9.12
C THR A 29 -1.84 -14.29 -10.38
N GLY A 30 -1.88 -13.00 -10.21
CA GLY A 30 -1.92 -12.09 -11.40
C GLY A 30 -2.05 -10.65 -10.93
N ALA A 31 -3.16 -10.32 -10.32
CA ALA A 31 -3.36 -8.93 -9.83
C ALA A 31 -4.26 -8.91 -8.59
N LEU A 32 -4.10 -7.96 -7.73
CA LEU A 32 -4.95 -7.90 -6.50
C LEU A 32 -6.01 -6.82 -6.64
N CYS A 33 -7.19 -7.17 -7.08
CA CYS A 33 -8.27 -6.15 -7.22
C CYS A 33 -9.17 -6.12 -5.99
N VAL A 34 -9.17 -5.03 -5.29
CA VAL A 34 -10.04 -4.90 -4.09
C VAL A 34 -11.39 -4.36 -4.53
N ALA A 35 -12.46 -4.72 -3.87
CA ALA A 35 -13.80 -4.24 -4.29
C ALA A 35 -14.14 -2.91 -3.62
N VAL A 36 -13.84 -1.83 -4.28
CA VAL A 36 -14.16 -0.49 -3.70
C VAL A 36 -15.56 -0.07 -4.15
N PRO A 37 -16.40 0.20 -3.18
CA PRO A 37 -17.81 0.61 -3.47
C PRO A 37 -17.89 1.96 -4.18
N ALA A 38 -19.09 2.41 -4.49
CA ALA A 38 -19.26 3.71 -5.21
C ALA A 38 -18.75 4.88 -4.36
N GLY A 39 -17.86 5.65 -4.92
CA GLY A 39 -17.30 6.83 -4.19
C GLY A 39 -17.10 6.49 -2.71
N SER A 40 -16.87 5.23 -2.40
CA SER A 40 -16.67 4.82 -0.98
C SER A 40 -17.43 5.75 -0.04
N ALA A 41 -18.71 5.91 -0.27
CA ALA A 41 -19.50 6.82 0.59
C ALA A 41 -20.05 6.06 1.80
N GLN A 42 -19.59 6.43 2.97
CA GLN A 42 -20.03 5.77 4.24
C GLN A 42 -19.19 4.52 4.48
N TYR A 43 -17.98 4.51 4.01
CA TYR A 43 -17.16 3.30 4.18
C TYR A 43 -15.68 3.60 4.32
N GLY A 44 -15.19 4.62 3.67
CA GLY A 44 -13.72 4.86 3.75
C GLY A 44 -13.06 3.55 3.36
N VAL A 45 -12.98 3.27 2.09
CA VAL A 45 -12.39 1.99 1.65
C VAL A 45 -10.90 2.15 1.51
N GLY A 46 -10.14 1.27 2.09
CA GLY A 46 -8.66 1.42 1.98
C GLY A 46 -7.99 0.06 2.18
N VAL A 47 -6.80 -0.09 1.66
CA VAL A 47 -6.07 -1.39 1.81
C VAL A 47 -4.85 -1.19 2.71
N VAL A 48 -4.71 -2.01 3.72
CA VAL A 48 -3.53 -1.86 4.64
C VAL A 48 -2.68 -3.13 4.63
N LEU A 49 -1.38 -2.99 4.58
CA LEU A 49 -0.49 -4.19 4.58
C LEU A 49 0.61 -4.03 5.62
N ASN A 50 0.44 -4.60 6.78
CA ASN A 50 1.48 -4.48 7.84
C ASN A 50 2.67 -5.39 7.52
N GLY A 51 3.86 -4.98 7.89
CA GLY A 51 5.06 -5.83 7.61
C GLY A 51 6.08 -5.02 6.81
N VAL A 52 6.61 -3.97 7.39
CA VAL A 52 7.62 -3.15 6.66
C VAL A 52 8.94 -3.13 7.44
N ALA A 53 10.03 -2.85 6.77
CA ALA A 53 11.34 -2.82 7.49
C ALA A 53 12.07 -1.51 7.21
N ILE A 54 11.72 -0.46 7.91
CA ILE A 54 12.40 0.85 7.70
C ILE A 54 13.12 1.27 8.99
N GLU A 55 13.89 2.32 8.95
CA GLU A 55 14.60 2.76 10.18
C GLU A 55 15.18 4.18 10.00
N GLU A 56 14.94 5.04 10.95
CA GLU A 56 15.47 6.42 10.86
C GLU A 56 15.39 6.96 9.43
N GLY A 57 16.24 7.88 9.09
CA GLY A 57 16.23 8.44 7.71
C GLY A 57 17.11 7.59 6.80
N THR A 58 16.56 6.56 6.22
CA THR A 58 17.37 5.69 5.32
C THR A 58 16.85 5.80 3.89
N THR A 59 17.52 5.20 2.94
CA THR A 59 17.06 5.27 1.53
C THR A 59 16.11 4.12 1.22
N TYR A 60 15.22 4.31 0.27
CA TYR A 60 14.26 3.23 -0.09
C TYR A 60 13.68 3.46 -1.48
N THR A 61 12.84 2.58 -1.93
CA THR A 61 12.24 2.76 -3.29
C THR A 61 10.84 2.13 -3.32
N LEU A 62 9.82 2.91 -3.50
CA LEU A 62 8.44 2.35 -3.53
C LEU A 62 8.08 1.95 -4.96
N ARG A 63 7.79 0.70 -5.18
CA ARG A 63 7.42 0.25 -6.55
C ARG A 63 6.08 -0.50 -6.49
N TYR A 64 5.21 -0.25 -7.43
CA TYR A 64 3.89 -0.95 -7.44
C TYR A 64 3.08 -0.51 -8.66
N THR A 65 2.34 -1.42 -9.23
CA THR A 65 1.53 -1.05 -10.44
C THR A 65 0.04 -1.27 -10.15
N ALA A 66 -0.66 -0.21 -9.84
CA ALA A 66 -2.11 -0.35 -9.54
C ALA A 66 -2.94 0.06 -10.76
N THR A 67 -4.15 -0.43 -10.84
CA THR A 67 -5.01 -0.06 -12.00
C THR A 67 -6.49 -0.08 -11.60
N ALA A 68 -7.16 1.02 -11.76
CA ALA A 68 -8.60 1.07 -11.38
C ALA A 68 -9.47 1.17 -12.65
N SER A 69 -10.52 0.41 -12.72
CA SER A 69 -11.40 0.47 -13.92
C SER A 69 -12.07 1.84 -14.01
N THR A 70 -11.95 2.64 -12.98
CA THR A 70 -12.58 3.99 -12.99
C THR A 70 -11.51 5.07 -12.89
N ASP A 71 -10.29 4.75 -13.19
CA ASP A 71 -9.20 5.76 -13.09
C ASP A 71 -9.37 6.57 -11.80
N VAL A 72 -9.31 5.92 -10.67
CA VAL A 72 -9.48 6.64 -9.39
C VAL A 72 -8.14 7.14 -8.84
N THR A 73 -8.11 8.32 -8.31
CA THR A 73 -6.85 8.87 -7.75
C THR A 73 -7.04 9.18 -6.26
N VAL A 74 -6.86 8.20 -5.42
CA VAL A 74 -7.05 8.44 -3.96
C VAL A 74 -5.73 8.90 -3.31
N ARG A 75 -5.46 8.46 -2.12
CA ARG A 75 -4.20 8.87 -1.44
C ARG A 75 -3.47 7.67 -0.85
N ALA A 76 -2.27 7.41 -1.28
CA ALA A 76 -1.50 6.24 -0.75
C ALA A 76 -0.18 6.74 -0.16
N LEU A 77 0.47 5.92 0.64
CA LEU A 77 1.75 6.35 1.24
C LEU A 77 2.26 5.29 2.24
N VAL A 78 3.09 5.68 3.16
CA VAL A 78 3.62 4.71 4.15
C VAL A 78 3.78 5.41 5.50
N GLY A 79 4.03 4.69 6.56
CA GLY A 79 4.18 5.36 7.88
C GLY A 79 4.28 4.33 9.00
N GLN A 80 4.43 4.79 10.22
CA GLN A 80 4.53 3.84 11.36
C GLN A 80 3.17 3.72 12.06
N ASN A 81 2.83 2.54 12.51
CA ASN A 81 1.52 2.35 13.20
C ASN A 81 1.72 2.45 14.71
N GLY A 82 1.69 3.64 15.24
CA GLY A 82 1.87 3.81 16.71
C GLY A 82 3.02 4.78 16.97
N ALA A 83 2.90 5.60 17.97
CA ALA A 83 4.00 6.58 18.28
C ALA A 83 5.36 5.89 18.15
N PRO A 84 6.37 6.68 17.87
CA PRO A 84 6.19 8.14 17.68
C PRO A 84 5.64 8.45 16.27
N TYR A 85 5.19 7.45 15.57
CA TYR A 85 4.64 7.69 14.20
C TYR A 85 5.73 8.26 13.29
N GLY A 86 5.65 7.99 12.02
CA GLY A 86 6.68 8.52 11.07
C GLY A 86 6.26 8.23 9.63
N THR A 87 5.84 9.22 8.91
CA THR A 87 5.41 9.00 7.50
C THR A 87 6.56 9.32 6.54
N VAL A 88 6.71 8.53 5.51
CA VAL A 88 7.81 8.80 4.54
C VAL A 88 7.24 9.00 3.14
N LEU A 89 6.01 8.61 2.93
CA LEU A 89 5.38 8.78 1.58
C LEU A 89 4.17 9.70 1.66
N ASP A 90 3.97 10.52 0.67
CA ASP A 90 2.80 11.45 0.68
C ASP A 90 2.36 11.75 -0.76
N THR A 91 1.53 10.92 -1.33
CA THR A 91 1.08 11.16 -2.73
C THR A 91 -0.22 10.39 -3.01
N SER A 92 -0.67 10.39 -4.25
CA SER A 92 -1.92 9.65 -4.58
C SER A 92 -1.63 8.60 -5.66
N PRO A 93 -2.23 7.45 -5.48
CA PRO A 93 -2.04 6.34 -6.44
C PRO A 93 -2.87 6.57 -7.71
N ALA A 94 -2.46 7.48 -8.55
CA ALA A 94 -3.23 7.74 -9.80
C ALA A 94 -3.52 6.40 -10.50
N LEU A 95 -4.76 6.15 -10.81
CA LEU A 95 -5.10 4.86 -11.50
C LEU A 95 -5.84 5.11 -12.80
N THR A 96 -5.95 4.11 -13.64
CA THR A 96 -6.67 4.27 -14.93
C THR A 96 -7.12 2.91 -15.45
N SER A 97 -7.74 2.88 -16.59
CA SER A 97 -8.21 1.57 -17.16
C SER A 97 -7.01 0.70 -17.52
N GLU A 98 -5.91 1.29 -17.89
CA GLU A 98 -4.71 0.49 -18.27
C GLU A 98 -3.83 0.24 -17.04
N PRO A 99 -2.76 -0.46 -17.25
CA PRO A 99 -1.81 -0.76 -16.15
C PRO A 99 -1.02 0.48 -15.76
N ARG A 100 -0.96 0.80 -14.51
CA ARG A 100 -0.20 2.01 -14.09
C ARG A 100 0.93 1.63 -13.12
N GLN A 101 2.10 1.39 -13.65
CA GLN A 101 3.25 1.02 -12.77
C GLN A 101 3.74 2.25 -11.99
N VAL A 102 4.38 2.04 -10.88
CA VAL A 102 4.87 3.20 -10.08
C VAL A 102 6.29 2.93 -9.57
N THR A 103 7.17 3.89 -9.70
CA THR A 103 8.57 3.68 -9.23
C THR A 103 9.18 5.02 -8.78
N GLU A 104 9.58 5.11 -7.55
CA GLU A 104 10.19 6.38 -7.05
C GLU A 104 11.01 6.12 -5.79
N THR A 105 12.21 6.66 -5.73
CA THR A 105 13.06 6.44 -4.53
C THR A 105 12.83 7.56 -3.51
N PHE A 106 12.89 7.24 -2.24
CA PHE A 106 12.68 8.29 -1.21
C PHE A 106 13.48 7.95 0.06
N THR A 107 13.85 8.94 0.83
CA THR A 107 14.61 8.68 2.07
C THR A 107 13.65 8.48 3.25
N ALA A 108 13.27 7.26 3.52
CA ALA A 108 12.33 7.00 4.64
C ALA A 108 12.79 7.73 5.91
N SER A 109 12.25 8.89 6.15
CA SER A 109 12.65 9.65 7.37
C SER A 109 11.84 9.19 8.57
N ALA A 110 11.76 7.92 8.80
CA ALA A 110 10.98 7.40 9.97
C ALA A 110 11.53 6.04 10.41
N THR A 111 10.71 5.24 11.02
CA THR A 111 11.17 3.90 11.48
C THR A 111 10.01 2.90 11.49
N TYR A 112 10.05 1.92 10.63
CA TYR A 112 8.95 0.91 10.59
C TYR A 112 9.45 -0.44 11.10
N PRO A 113 9.12 -0.73 12.33
CA PRO A 113 9.55 -2.02 12.94
C PRO A 113 8.76 -3.17 12.32
N ALA A 114 9.42 -4.25 12.01
CA ALA A 114 8.72 -5.41 11.39
C ALA A 114 7.38 -5.69 12.08
N THR A 115 7.41 -6.42 13.16
CA THR A 115 6.13 -6.74 13.87
C THR A 115 6.07 -6.01 15.21
N PRO A 116 4.87 -5.77 15.66
CA PRO A 116 4.65 -5.06 16.95
C PRO A 116 4.95 -6.01 18.11
N ALA A 117 4.83 -5.53 19.32
CA ALA A 117 5.09 -6.39 20.51
C ALA A 117 4.22 -5.95 21.69
N ALA A 118 4.59 -6.34 22.88
CA ALA A 118 3.79 -5.93 24.08
C ALA A 118 3.47 -4.44 23.99
N ASP A 119 4.27 -3.68 23.30
CA ASP A 119 4.01 -2.22 23.18
C ASP A 119 4.79 -1.65 21.99
N ASP A 120 5.13 -2.47 21.03
CA ASP A 120 5.88 -1.97 19.84
C ASP A 120 4.94 -1.90 18.63
N PRO A 121 4.94 -0.76 18.00
CA PRO A 121 4.08 -0.55 16.80
C PRO A 121 4.69 -1.23 15.59
N GLU A 122 4.16 -0.96 14.42
CA GLU A 122 4.71 -1.59 13.18
C GLU A 122 4.43 -0.69 11.97
N GLY A 123 5.42 -0.45 11.15
CA GLY A 123 5.21 0.41 9.95
C GLY A 123 4.60 -0.42 8.82
N GLN A 124 3.77 0.17 8.02
CA GLN A 124 3.15 -0.59 6.90
C GLN A 124 2.83 0.34 5.72
N ILE A 125 1.89 -0.05 4.90
CA ILE A 125 1.50 0.79 3.74
C ILE A 125 0.04 1.21 3.89
N ALA A 126 -0.27 2.43 3.60
CA ALA A 126 -1.68 2.89 3.76
C ALA A 126 -2.29 3.25 2.41
N PHE A 127 -3.41 2.65 2.09
CA PHE A 127 -4.10 2.97 0.82
C PHE A 127 -5.48 3.53 1.17
N GLN A 128 -5.60 4.83 1.22
CA GLN A 128 -6.88 5.45 1.62
C GLN A 128 -7.81 5.68 0.43
N LEU A 129 -8.65 4.71 0.14
CA LEU A 129 -9.63 4.87 -0.97
C LEU A 129 -11.00 5.21 -0.37
N GLY A 130 -11.03 6.13 0.55
CA GLY A 130 -12.32 6.50 1.20
C GLY A 130 -12.91 7.74 0.53
N GLY A 131 -14.20 7.72 0.27
CA GLY A 131 -14.87 8.89 -0.37
C GLY A 131 -13.95 9.49 -1.44
N PHE A 132 -13.78 8.83 -2.56
CA PHE A 132 -12.89 9.37 -3.63
C PHE A 132 -13.61 9.40 -4.99
N SER A 133 -13.67 8.28 -5.66
CA SER A 133 -14.34 8.25 -7.00
C SER A 133 -15.83 7.96 -6.83
N ALA A 134 -16.66 8.98 -6.89
CA ALA A 134 -18.14 8.79 -6.73
C ALA A 134 -18.60 7.42 -7.25
N ASP A 135 -18.22 7.05 -8.44
CA ASP A 135 -18.64 5.73 -8.98
C ASP A 135 -17.88 4.60 -8.27
N ALA A 136 -18.40 3.40 -8.30
CA ALA A 136 -17.70 2.26 -7.64
C ALA A 136 -16.57 1.74 -8.52
N TRP A 137 -15.51 1.27 -7.92
CA TRP A 137 -14.37 0.75 -8.73
C TRP A 137 -13.55 -0.25 -7.93
N THR A 138 -12.39 -0.59 -8.43
CA THR A 138 -11.54 -1.58 -7.73
C THR A 138 -10.06 -1.25 -8.01
N LEU A 139 -9.15 -1.88 -7.31
CA LEU A 139 -7.70 -1.57 -7.56
C LEU A 139 -6.87 -2.84 -7.70
N CYS A 140 -6.29 -3.04 -8.85
CA CYS A 140 -5.43 -4.25 -9.07
C CYS A 140 -3.94 -3.89 -8.99
N LEU A 141 -3.28 -4.32 -7.95
CA LEU A 141 -1.83 -4.02 -7.85
C LEU A 141 -1.04 -5.27 -8.27
N ASP A 142 0.26 -5.22 -8.22
CA ASP A 142 1.07 -6.42 -8.63
C ASP A 142 2.54 -6.04 -8.80
N ASP A 143 3.14 -5.52 -7.77
CA ASP A 143 4.58 -5.13 -7.87
C ASP A 143 4.97 -4.27 -6.67
N VAL A 144 4.56 -4.67 -5.50
CA VAL A 144 4.90 -3.87 -4.28
C VAL A 144 6.23 -4.33 -3.69
N ALA A 145 7.22 -3.50 -3.71
CA ALA A 145 8.54 -3.90 -3.15
C ALA A 145 9.24 -2.68 -2.52
N LEU A 146 10.12 -2.91 -1.59
CA LEU A 146 10.82 -1.77 -0.94
C LEU A 146 12.18 -2.23 -0.40
N ASP A 147 13.24 -1.59 -0.81
CA ASP A 147 14.59 -1.99 -0.32
C ASP A 147 15.41 -0.75 0.04
N SER A 148 16.27 -0.86 1.02
CA SER A 148 17.09 0.31 1.42
C SER A 148 18.55 0.10 0.97
N GLU A 149 19.01 0.90 0.05
CA GLU A 149 20.41 0.76 -0.43
C GLU A 149 21.38 1.29 0.62
N VAL A 150 21.79 0.46 1.54
CA VAL A 150 22.74 0.92 2.59
C VAL A 150 23.45 -0.27 3.23
N GLU A 151 24.45 -0.02 4.02
CA GLU A 151 25.19 -1.14 4.68
C GLU A 151 24.50 -1.53 6.00
N LEU A 152 23.39 -2.20 5.92
CA LEU A 152 22.66 -2.62 7.16
C LEU A 152 23.57 -3.52 8.01
N ALA A 1 13.32 -4.05 10.20
CA ALA A 1 13.62 -5.50 10.38
C ALA A 1 13.36 -6.25 9.07
N SER A 2 12.14 -6.61 8.82
CA SER A 2 11.82 -7.35 7.56
C SER A 2 10.67 -6.66 6.81
N PRO A 3 10.84 -6.54 5.52
CA PRO A 3 9.81 -5.89 4.69
C PRO A 3 8.63 -6.84 4.47
N ILE A 4 7.88 -6.66 3.42
CA ILE A 4 6.71 -7.55 3.16
C ILE A 4 7.15 -8.73 2.27
N GLY A 5 8.38 -8.75 1.87
CA GLY A 5 8.85 -9.87 0.99
C GLY A 5 8.34 -9.67 -0.43
N GLU A 6 8.39 -8.46 -0.93
CA GLU A 6 7.91 -8.21 -2.32
C GLU A 6 6.59 -8.94 -2.56
N GLY A 7 5.55 -8.55 -1.87
CA GLY A 7 4.23 -9.22 -2.06
C GLY A 7 3.70 -8.92 -3.46
N THR A 8 4.03 -9.73 -4.43
CA THR A 8 3.53 -9.49 -5.80
C THR A 8 2.06 -9.90 -5.91
N PHE A 9 1.50 -10.41 -4.85
CA PHE A 9 0.07 -10.84 -4.89
C PHE A 9 -0.14 -11.93 -5.94
N ASP A 10 0.17 -13.15 -5.61
CA ASP A 10 -0.01 -14.26 -6.59
C ASP A 10 -0.51 -15.52 -5.88
N ASP A 11 -0.93 -15.38 -4.63
CA ASP A 11 -1.44 -16.55 -3.86
C ASP A 11 -1.43 -16.23 -2.36
N GLY A 12 -0.59 -15.31 -1.97
CA GLY A 12 -0.52 -14.93 -0.52
C GLY A 12 0.15 -13.57 -0.39
N PRO A 13 -0.66 -12.54 -0.50
CA PRO A 13 -0.14 -11.14 -0.40
C PRO A 13 0.16 -10.78 1.05
N GLU A 14 1.21 -11.30 1.61
CA GLU A 14 1.57 -10.98 3.02
C GLU A 14 0.30 -10.86 3.89
N GLY A 15 -0.24 -9.67 4.01
CA GLY A 15 -1.46 -9.50 4.84
C GLY A 15 -2.26 -8.29 4.33
N TRP A 16 -1.98 -7.85 3.13
CA TRP A 16 -2.71 -6.67 2.57
C TRP A 16 -4.21 -6.78 2.90
N VAL A 17 -4.75 -5.79 3.57
CA VAL A 17 -6.21 -5.84 3.90
C VAL A 17 -6.93 -4.65 3.26
N ALA A 18 -8.19 -4.78 2.99
CA ALA A 18 -8.93 -3.65 2.38
C ALA A 18 -10.31 -3.51 3.03
N TYR A 19 -10.60 -2.36 3.58
CA TYR A 19 -11.91 -2.15 4.25
C TYR A 19 -12.73 -1.10 3.51
N GLY A 20 -14.04 -1.15 3.63
CA GLY A 20 -14.90 -0.16 2.94
C GLY A 20 -15.27 -0.67 1.55
N THR A 21 -15.35 -1.96 1.39
CA THR A 21 -15.72 -2.53 0.07
C THR A 21 -16.55 -3.81 0.24
N ASP A 22 -16.61 -4.62 -0.78
CA ASP A 22 -17.39 -5.89 -0.68
C ASP A 22 -16.50 -7.02 -0.16
N GLY A 23 -16.89 -7.65 0.92
CA GLY A 23 -16.07 -8.76 1.47
C GLY A 23 -14.59 -8.37 1.45
N PRO A 24 -13.75 -9.34 1.63
CA PRO A 24 -12.29 -9.10 1.64
C PRO A 24 -11.78 -8.84 0.21
N LEU A 25 -10.61 -8.27 0.08
CA LEU A 25 -10.07 -7.98 -1.28
C LEU A 25 -9.96 -9.28 -2.09
N ASP A 26 -9.07 -9.32 -3.04
CA ASP A 26 -8.89 -10.55 -3.86
C ASP A 26 -7.47 -10.63 -4.40
N THR A 27 -7.06 -11.80 -4.81
CA THR A 27 -5.67 -11.95 -5.34
C THR A 27 -5.70 -12.57 -6.74
N SER A 28 -6.70 -13.36 -7.03
CA SER A 28 -6.79 -13.99 -8.38
C SER A 28 -5.45 -14.64 -8.74
N THR A 29 -4.65 -14.96 -7.76
CA THR A 29 -3.33 -15.59 -8.06
C THR A 29 -2.61 -14.81 -9.16
N GLY A 30 -2.23 -13.59 -8.90
CA GLY A 30 -1.52 -12.78 -9.92
C GLY A 30 -1.43 -11.33 -9.46
N ALA A 31 -2.51 -10.76 -9.04
CA ALA A 31 -2.48 -9.34 -8.58
C ALA A 31 -3.55 -9.10 -7.51
N LEU A 32 -3.25 -8.32 -6.51
CA LEU A 32 -4.25 -8.05 -5.45
C LEU A 32 -5.24 -6.98 -5.91
N CYS A 33 -6.46 -7.35 -6.16
CA CYS A 33 -7.46 -6.34 -6.62
C CYS A 33 -8.60 -6.21 -5.63
N VAL A 34 -8.91 -5.00 -5.24
CA VAL A 34 -10.03 -4.79 -4.26
C VAL A 34 -11.30 -4.39 -5.02
N ALA A 35 -12.44 -4.67 -4.47
CA ALA A 35 -13.71 -4.31 -5.17
C ALA A 35 -14.35 -3.08 -4.54
N VAL A 36 -13.97 -1.91 -4.99
CA VAL A 36 -14.57 -0.66 -4.43
C VAL A 36 -15.99 -0.48 -4.99
N PRO A 37 -16.91 -0.20 -4.11
CA PRO A 37 -18.32 -0.03 -4.52
C PRO A 37 -18.55 1.36 -5.12
N ALA A 38 -19.59 1.52 -5.90
CA ALA A 38 -19.86 2.85 -6.52
C ALA A 38 -19.67 3.95 -5.48
N GLY A 39 -18.87 4.93 -5.79
CA GLY A 39 -18.64 6.01 -4.80
C GLY A 39 -18.31 5.38 -3.44
N SER A 40 -17.08 5.06 -3.21
CA SER A 40 -16.70 4.42 -1.92
C SER A 40 -16.53 5.48 -0.82
N ALA A 41 -17.38 6.47 -0.81
CA ALA A 41 -17.27 7.53 0.24
C ALA A 41 -18.38 7.35 1.27
N GLN A 42 -18.93 6.17 1.31
CA GLN A 42 -20.01 5.89 2.30
C GLN A 42 -19.41 5.31 3.57
N TYR A 43 -18.18 5.65 3.84
CA TYR A 43 -17.47 5.17 5.06
C TYR A 43 -15.94 5.27 4.92
N GLY A 44 -15.44 5.86 3.85
CA GLY A 44 -13.97 5.97 3.69
C GLY A 44 -13.36 4.58 3.48
N VAL A 45 -13.06 4.23 2.25
CA VAL A 45 -12.45 2.90 2.00
C VAL A 45 -10.93 3.03 2.10
N GLY A 46 -10.20 1.95 2.10
CA GLY A 46 -8.72 2.07 2.20
C GLY A 46 -8.08 0.71 2.49
N VAL A 47 -6.96 0.45 1.88
CA VAL A 47 -6.27 -0.85 2.13
C VAL A 47 -5.03 -0.61 2.99
N VAL A 48 -4.84 -1.39 4.02
CA VAL A 48 -3.65 -1.19 4.90
C VAL A 48 -2.86 -2.49 5.05
N LEU A 49 -1.56 -2.42 5.05
CA LEU A 49 -0.73 -3.64 5.20
C LEU A 49 0.35 -3.43 6.27
N ASN A 50 0.15 -3.96 7.44
CA ASN A 50 1.17 -3.78 8.52
C ASN A 50 2.32 -4.77 8.33
N GLY A 51 3.53 -4.29 8.22
CA GLY A 51 4.69 -5.20 8.04
C GLY A 51 5.74 -4.55 7.15
N VAL A 52 6.46 -3.59 7.67
CA VAL A 52 7.52 -2.92 6.84
C VAL A 52 8.90 -3.11 7.49
N ALA A 53 9.92 -2.60 6.87
CA ALA A 53 11.29 -2.76 7.44
C ALA A 53 12.03 -1.41 7.42
N ILE A 54 11.81 -0.60 8.42
CA ILE A 54 12.51 0.72 8.47
C ILE A 54 12.86 1.06 9.92
N GLU A 55 13.75 2.00 10.12
CA GLU A 55 14.13 2.37 11.52
C GLU A 55 15.16 3.50 11.50
N GLU A 56 15.08 4.36 10.53
CA GLU A 56 16.05 5.50 10.46
C GLU A 56 15.74 6.37 9.22
N GLY A 57 16.55 7.36 8.98
CA GLY A 57 16.32 8.23 7.79
C GLY A 57 17.15 7.69 6.63
N THR A 58 16.79 6.52 6.15
CA THR A 58 17.55 5.90 5.03
C THR A 58 16.76 6.00 3.72
N THR A 59 17.32 5.55 2.64
CA THR A 59 16.61 5.62 1.34
C THR A 59 15.74 4.37 1.13
N TYR A 60 14.71 4.47 0.36
CA TYR A 60 13.82 3.30 0.13
C TYR A 60 13.08 3.46 -1.20
N THR A 61 13.20 2.50 -2.09
CA THR A 61 12.50 2.60 -3.39
C THR A 61 11.15 1.89 -3.32
N LEU A 62 10.07 2.61 -3.45
CA LEU A 62 8.73 1.97 -3.40
C LEU A 62 8.31 1.54 -4.80
N ARG A 63 8.03 0.27 -4.97
CA ARG A 63 7.61 -0.21 -6.33
C ARG A 63 6.25 -0.91 -6.24
N TYR A 64 5.41 -0.70 -7.22
CA TYR A 64 4.07 -1.35 -7.20
C TYR A 64 3.30 -0.96 -8.47
N THR A 65 2.48 -1.84 -8.97
CA THR A 65 1.72 -1.53 -10.22
C THR A 65 0.22 -1.57 -9.95
N ALA A 66 -0.36 -0.45 -9.59
CA ALA A 66 -1.82 -0.42 -9.32
C ALA A 66 -2.59 -0.10 -10.59
N THR A 67 -3.77 -0.63 -10.74
CA THR A 67 -4.57 -0.34 -11.98
C THR A 67 -6.07 -0.31 -11.65
N ALA A 68 -6.75 0.69 -12.10
CA ALA A 68 -8.22 0.78 -11.82
C ALA A 68 -8.99 0.89 -13.15
N SER A 69 -10.08 0.16 -13.27
CA SER A 69 -10.87 0.23 -14.53
C SER A 69 -11.47 1.63 -14.71
N THR A 70 -11.37 2.46 -13.71
CA THR A 70 -11.93 3.84 -13.82
C THR A 70 -10.83 4.88 -13.63
N ASP A 71 -9.60 4.49 -13.82
CA ASP A 71 -8.49 5.46 -13.66
C ASP A 71 -8.72 6.30 -12.40
N VAL A 72 -9.00 5.67 -11.30
CA VAL A 72 -9.25 6.42 -10.04
C VAL A 72 -7.94 6.95 -9.45
N THR A 73 -7.97 8.09 -8.84
CA THR A 73 -6.74 8.65 -8.23
C THR A 73 -6.95 8.84 -6.73
N VAL A 74 -6.72 7.82 -5.95
CA VAL A 74 -6.93 7.93 -4.48
C VAL A 74 -5.64 8.42 -3.80
N ARG A 75 -5.33 7.90 -2.65
CA ARG A 75 -4.10 8.35 -1.94
C ARG A 75 -3.28 7.15 -1.45
N ALA A 76 -1.99 7.28 -1.42
CA ALA A 76 -1.12 6.16 -0.95
C ALA A 76 0.13 6.71 -0.27
N LEU A 77 0.73 5.94 0.61
CA LEU A 77 1.95 6.42 1.32
C LEU A 77 2.40 5.40 2.36
N VAL A 78 3.19 5.82 3.31
CA VAL A 78 3.68 4.87 4.36
C VAL A 78 3.86 5.63 5.68
N GLY A 79 4.05 4.93 6.77
CA GLY A 79 4.22 5.62 8.07
C GLY A 79 4.27 4.62 9.22
N GLN A 80 4.34 5.10 10.43
CA GLN A 80 4.40 4.18 11.61
C GLN A 80 3.00 3.95 12.16
N ASN A 81 2.88 3.13 13.18
CA ASN A 81 1.54 2.88 13.77
C ASN A 81 1.66 2.65 15.27
N GLY A 82 1.62 3.70 16.04
CA GLY A 82 1.73 3.56 17.53
C GLY A 82 2.65 4.64 18.09
N ALA A 83 2.65 5.81 17.51
CA ALA A 83 3.53 6.90 18.02
C ALA A 83 5.00 6.47 17.97
N PRO A 84 5.87 7.43 17.76
CA PRO A 84 5.46 8.84 17.57
C PRO A 84 4.96 9.08 16.14
N TYR A 85 4.57 8.07 15.43
CA TYR A 85 4.09 8.25 14.04
C TYR A 85 5.20 8.85 13.17
N GLY A 86 5.45 8.28 12.03
CA GLY A 86 6.52 8.82 11.15
C GLY A 86 6.19 8.50 9.69
N THR A 87 5.64 9.45 8.97
CA THR A 87 5.29 9.20 7.54
C THR A 87 6.45 9.59 6.64
N VAL A 88 6.79 8.76 5.70
CA VAL A 88 7.92 9.08 4.78
C VAL A 88 7.42 9.13 3.33
N LEU A 89 6.21 8.71 3.09
CA LEU A 89 5.67 8.74 1.70
C LEU A 89 4.45 9.65 1.61
N ASP A 90 4.36 10.42 0.57
CA ASP A 90 3.19 11.33 0.40
C ASP A 90 2.92 11.57 -1.09
N THR A 91 2.19 10.69 -1.72
CA THR A 91 1.90 10.88 -3.17
C THR A 91 0.48 10.41 -3.52
N SER A 92 0.14 10.42 -4.78
CA SER A 92 -1.23 9.99 -5.18
C SER A 92 -1.12 8.78 -6.11
N PRO A 93 -1.67 7.67 -5.67
CA PRO A 93 -1.63 6.42 -6.47
C PRO A 93 -2.60 6.53 -7.66
N ALA A 94 -2.19 7.19 -8.71
CA ALA A 94 -3.09 7.32 -9.90
C ALA A 94 -3.27 5.95 -10.56
N LEU A 95 -4.41 5.71 -11.14
CA LEU A 95 -4.64 4.39 -11.79
C LEU A 95 -5.27 4.58 -13.18
N THR A 96 -5.47 3.51 -13.89
CA THR A 96 -6.07 3.62 -15.25
C THR A 96 -6.43 2.23 -15.79
N SER A 97 -6.95 2.16 -16.98
CA SER A 97 -7.31 0.84 -17.56
C SER A 97 -6.06 -0.01 -17.76
N GLU A 98 -4.94 0.62 -18.01
CA GLU A 98 -3.68 -0.15 -18.23
C GLU A 98 -2.92 -0.27 -16.90
N PRO A 99 -1.80 -0.94 -16.96
CA PRO A 99 -0.96 -1.14 -15.76
C PRO A 99 -0.28 0.18 -15.36
N ARG A 100 -0.30 0.51 -14.09
CA ARG A 100 0.34 1.79 -13.65
C ARG A 100 1.45 1.49 -12.64
N GLN A 101 2.64 1.21 -13.13
CA GLN A 101 3.77 0.92 -12.20
C GLN A 101 4.22 2.20 -11.49
N VAL A 102 4.83 2.08 -10.35
CA VAL A 102 5.30 3.28 -9.61
C VAL A 102 6.68 3.04 -9.01
N THR A 103 7.54 4.01 -9.07
CA THR A 103 8.91 3.82 -8.49
C THR A 103 9.44 5.16 -7.96
N GLU A 104 9.67 5.25 -6.67
CA GLU A 104 10.18 6.52 -6.10
C GLU A 104 11.22 6.23 -5.00
N THR A 105 12.34 6.89 -5.05
CA THR A 105 13.39 6.64 -4.01
C THR A 105 13.19 7.58 -2.82
N PHE A 106 12.10 7.44 -2.12
CA PHE A 106 11.84 8.33 -0.94
C PHE A 106 12.80 7.97 0.19
N THR A 107 13.23 8.95 0.95
CA THR A 107 14.16 8.67 2.07
C THR A 107 13.36 8.38 3.34
N ALA A 108 13.07 7.12 3.60
CA ALA A 108 12.28 6.78 4.81
C ALA A 108 12.82 7.54 6.02
N SER A 109 12.27 8.69 6.30
CA SER A 109 12.74 9.48 7.48
C SER A 109 11.96 9.07 8.72
N ALA A 110 11.94 7.80 9.03
CA ALA A 110 11.19 7.35 10.24
C ALA A 110 11.63 5.95 10.67
N THR A 111 10.77 5.22 11.34
CA THR A 111 11.15 3.85 11.78
C THR A 111 9.91 2.94 11.82
N TYR A 112 9.92 1.90 11.03
CA TYR A 112 8.76 0.96 11.01
C TYR A 112 9.20 -0.39 11.59
N PRO A 113 9.13 -0.50 12.89
CA PRO A 113 9.53 -1.75 13.57
C PRO A 113 8.52 -2.86 13.28
N ALA A 114 8.98 -4.00 12.82
CA ALA A 114 8.04 -5.12 12.52
C ALA A 114 7.75 -5.93 13.79
N THR A 115 7.29 -5.29 14.83
CA THR A 115 6.99 -6.02 16.08
C THR A 115 5.64 -5.55 16.65
N PRO A 116 4.59 -5.99 16.03
CA PRO A 116 3.23 -5.61 16.47
C PRO A 116 2.87 -6.33 17.77
N ALA A 117 3.33 -5.81 18.88
CA ALA A 117 3.02 -6.46 20.18
C ALA A 117 2.32 -5.46 21.12
N ALA A 118 2.13 -5.83 22.35
CA ALA A 118 1.45 -4.91 23.31
C ALA A 118 2.17 -3.55 23.32
N ASP A 119 3.44 -3.55 23.60
CA ASP A 119 4.19 -2.25 23.63
C ASP A 119 5.17 -2.19 22.45
N ASP A 120 4.77 -2.65 21.30
CA ASP A 120 5.69 -2.61 20.13
C ASP A 120 4.92 -2.21 18.86
N PRO A 121 5.02 -0.96 18.52
CA PRO A 121 4.32 -0.44 17.32
C PRO A 121 5.02 -0.91 16.05
N GLU A 122 4.56 -0.47 14.91
CA GLU A 122 5.22 -0.90 13.63
C GLU A 122 4.82 0.04 12.48
N GLY A 123 5.47 -0.08 11.36
CA GLY A 123 5.13 0.79 10.19
C GLY A 123 4.39 -0.04 9.14
N GLN A 124 3.59 0.60 8.32
CA GLN A 124 2.84 -0.17 7.29
C GLN A 124 2.59 0.70 6.05
N ILE A 125 1.64 0.32 5.25
CA ILE A 125 1.32 1.12 4.02
C ILE A 125 -0.11 1.65 4.12
N ALA A 126 -0.35 2.84 3.66
CA ALA A 126 -1.72 3.40 3.76
C ALA A 126 -2.31 3.68 2.37
N PHE A 127 -3.42 3.06 2.07
CA PHE A 127 -4.09 3.30 0.76
C PHE A 127 -5.48 3.88 1.06
N GLN A 128 -5.64 5.16 0.93
CA GLN A 128 -6.95 5.77 1.26
C GLN A 128 -7.89 5.83 0.06
N LEU A 129 -8.86 4.94 0.03
CA LEU A 129 -9.84 4.95 -1.09
C LEU A 129 -11.13 5.62 -0.59
N GLY A 130 -11.00 6.68 0.16
CA GLY A 130 -12.20 7.38 0.70
C GLY A 130 -12.99 8.03 -0.44
N GLY A 131 -13.85 7.28 -1.07
CA GLY A 131 -14.66 7.85 -2.19
C GLY A 131 -13.79 8.76 -3.06
N PHE A 132 -13.00 8.19 -3.93
CA PHE A 132 -12.13 9.02 -4.80
C PHE A 132 -12.66 9.01 -6.24
N SER A 133 -13.06 7.87 -6.73
CA SER A 133 -13.60 7.80 -8.13
C SER A 133 -15.11 8.05 -8.12
N ALA A 134 -15.74 7.94 -9.26
CA ALA A 134 -17.22 8.19 -9.32
C ALA A 134 -17.99 6.86 -9.26
N ASP A 135 -18.29 6.28 -10.40
CA ASP A 135 -19.05 4.99 -10.40
C ASP A 135 -18.22 3.88 -9.73
N ALA A 136 -18.83 2.75 -9.50
CA ALA A 136 -18.10 1.63 -8.86
C ALA A 136 -16.80 1.33 -9.61
N TRP A 137 -15.73 1.11 -8.90
CA TRP A 137 -14.44 0.82 -9.58
C TRP A 137 -13.62 -0.17 -8.76
N THR A 138 -12.38 -0.34 -9.09
CA THR A 138 -11.55 -1.31 -8.33
C THR A 138 -10.05 -1.02 -8.54
N LEU A 139 -9.21 -1.60 -7.73
CA LEU A 139 -7.74 -1.37 -7.87
C LEU A 139 -7.05 -2.70 -8.15
N CYS A 140 -5.85 -2.68 -8.67
CA CYS A 140 -5.16 -3.97 -8.96
C CYS A 140 -3.64 -3.80 -8.85
N LEU A 141 -3.08 -4.11 -7.71
CA LEU A 141 -1.61 -4.00 -7.57
C LEU A 141 -0.97 -5.38 -7.83
N ASP A 142 0.31 -5.50 -7.66
CA ASP A 142 0.96 -6.83 -7.91
C ASP A 142 2.48 -6.69 -7.90
N ASP A 143 3.01 -5.86 -7.04
CA ASP A 143 4.49 -5.69 -6.97
C ASP A 143 4.86 -4.67 -5.91
N VAL A 144 4.31 -4.80 -4.74
CA VAL A 144 4.63 -3.82 -3.65
C VAL A 144 5.85 -4.30 -2.86
N ALA A 145 6.94 -3.58 -2.93
CA ALA A 145 8.16 -3.99 -2.18
C ALA A 145 8.91 -2.75 -1.70
N LEU A 146 9.80 -2.93 -0.76
CA LEU A 146 10.57 -1.76 -0.23
C LEU A 146 11.99 -2.18 0.14
N ASP A 147 12.98 -1.48 -0.34
CA ASP A 147 14.39 -1.84 0.00
C ASP A 147 15.19 -0.59 0.34
N SER A 148 16.48 -0.63 0.16
CA SER A 148 17.32 0.57 0.48
C SER A 148 18.40 0.75 -0.58
N GLU A 149 19.08 1.86 -0.56
CA GLU A 149 20.15 2.09 -1.58
C GLU A 149 20.99 0.84 -1.76
N VAL A 150 21.05 0.31 -2.96
CA VAL A 150 21.86 -0.92 -3.20
C VAL A 150 23.18 -0.56 -3.89
N GLU A 151 24.02 -1.54 -4.12
CA GLU A 151 25.32 -1.26 -4.79
C GLU A 151 25.08 -0.76 -6.22
N LEU A 152 26.12 -0.72 -7.02
CA LEU A 152 25.94 -0.24 -8.41
C LEU A 152 25.05 1.00 -8.45
N ALA A 1 7.59 -9.45 11.54
CA ALA A 1 7.61 -8.22 10.69
C ALA A 1 8.15 -8.55 9.30
N SER A 2 9.44 -8.46 9.10
CA SER A 2 10.01 -8.76 7.77
C SER A 2 9.34 -7.90 6.69
N PRO A 3 9.94 -7.89 5.54
CA PRO A 3 9.40 -7.10 4.41
C PRO A 3 8.20 -7.82 3.79
N ILE A 4 7.89 -7.54 2.56
CA ILE A 4 6.73 -8.21 1.91
C ILE A 4 7.19 -8.99 0.67
N GLY A 5 8.45 -8.90 0.34
CA GLY A 5 8.97 -9.64 -0.84
C GLY A 5 9.03 -8.69 -2.04
N GLU A 6 10.07 -8.77 -2.83
CA GLU A 6 10.18 -7.89 -4.02
C GLU A 6 8.83 -7.79 -4.73
N GLY A 7 8.54 -8.72 -5.61
CA GLY A 7 7.24 -8.67 -6.34
C GLY A 7 6.15 -9.25 -5.44
N THR A 8 5.07 -8.54 -5.25
CA THR A 8 3.97 -9.06 -4.39
C THR A 8 2.78 -9.49 -5.23
N PHE A 9 1.89 -10.26 -4.66
CA PHE A 9 0.69 -10.72 -5.42
C PHE A 9 1.12 -11.65 -6.56
N ASP A 10 2.36 -12.06 -6.58
CA ASP A 10 2.83 -12.97 -7.66
C ASP A 10 2.54 -14.43 -7.27
N ASP A 11 1.38 -14.67 -6.71
CA ASP A 11 1.01 -16.07 -6.28
C ASP A 11 -0.14 -15.99 -5.27
N GLY A 12 -0.26 -14.87 -4.59
CA GLY A 12 -1.34 -14.73 -3.58
C GLY A 12 -1.16 -13.42 -2.81
N PRO A 13 -2.20 -13.02 -2.14
CA PRO A 13 -2.16 -11.76 -1.34
C PRO A 13 -1.28 -11.94 -0.11
N GLU A 14 0.01 -11.82 -0.27
CA GLU A 14 0.95 -11.98 0.88
C GLU A 14 0.31 -11.53 2.20
N GLY A 15 0.07 -10.26 2.34
CA GLY A 15 -0.56 -9.77 3.59
C GLY A 15 -1.36 -8.48 3.32
N TRP A 16 -1.62 -8.18 2.08
CA TRP A 16 -2.38 -6.94 1.76
C TRP A 16 -3.87 -7.17 2.03
N VAL A 17 -4.41 -6.55 3.05
CA VAL A 17 -5.86 -6.73 3.34
C VAL A 17 -6.66 -5.53 2.82
N ALA A 18 -7.66 -5.77 2.02
CA ALA A 18 -8.46 -4.64 1.48
C ALA A 18 -9.81 -4.57 2.21
N TYR A 19 -10.07 -3.47 2.88
CA TYR A 19 -11.36 -3.34 3.61
C TYR A 19 -12.25 -2.28 2.96
N GLY A 20 -13.54 -2.45 3.02
CA GLY A 20 -14.46 -1.46 2.40
C GLY A 20 -14.87 -1.93 1.00
N THR A 21 -15.02 -3.21 0.82
CA THR A 21 -15.42 -3.71 -0.53
C THR A 21 -16.22 -5.01 -0.39
N ASP A 22 -16.09 -5.90 -1.35
CA ASP A 22 -16.85 -7.18 -1.28
C ASP A 22 -16.03 -8.25 -0.55
N GLY A 23 -16.49 -8.69 0.59
CA GLY A 23 -15.73 -9.72 1.35
C GLY A 23 -14.24 -9.40 1.33
N PRO A 24 -13.44 -10.41 1.51
CA PRO A 24 -11.97 -10.24 1.52
C PRO A 24 -11.45 -9.97 0.10
N LEU A 25 -10.30 -9.35 -0.02
CA LEU A 25 -9.75 -9.07 -1.37
C LEU A 25 -9.69 -10.36 -2.20
N ASP A 26 -9.23 -10.26 -3.42
CA ASP A 26 -9.14 -11.47 -4.27
C ASP A 26 -8.01 -11.32 -5.31
N THR A 27 -7.32 -12.38 -5.60
CA THR A 27 -6.21 -12.29 -6.58
C THR A 27 -6.48 -13.24 -7.76
N SER A 28 -6.20 -14.50 -7.59
CA SER A 28 -6.44 -15.48 -8.69
C SER A 28 -6.04 -14.88 -10.04
N THR A 29 -5.11 -13.97 -10.04
CA THR A 29 -4.67 -13.36 -11.33
C THR A 29 -3.19 -12.97 -11.27
N GLY A 30 -2.49 -13.46 -10.29
CA GLY A 30 -1.04 -13.11 -10.16
C GLY A 30 -0.90 -11.69 -9.64
N ALA A 31 -1.99 -11.08 -9.24
CA ALA A 31 -1.92 -9.69 -8.72
C ALA A 31 -3.03 -9.46 -7.70
N LEU A 32 -2.81 -8.58 -6.75
CA LEU A 32 -3.87 -8.32 -5.73
C LEU A 32 -4.93 -7.38 -6.31
N CYS A 33 -6.13 -7.86 -6.47
CA CYS A 33 -7.20 -6.99 -7.04
C CYS A 33 -8.37 -6.85 -6.06
N VAL A 34 -8.64 -5.66 -5.61
CA VAL A 34 -9.77 -5.46 -4.66
C VAL A 34 -11.00 -4.95 -5.44
N ALA A 35 -12.15 -5.48 -5.16
CA ALA A 35 -13.38 -5.05 -5.89
C ALA A 35 -14.06 -3.87 -5.17
N VAL A 36 -13.67 -2.67 -5.50
CA VAL A 36 -14.32 -1.49 -4.85
C VAL A 36 -15.77 -1.37 -5.33
N PRO A 37 -16.65 -1.13 -4.40
CA PRO A 37 -18.09 -1.02 -4.73
C PRO A 37 -18.41 0.34 -5.34
N ALA A 38 -19.43 0.40 -6.15
CA ALA A 38 -19.81 1.71 -6.79
C ALA A 38 -19.75 2.83 -5.76
N GLY A 39 -19.10 3.91 -6.09
CA GLY A 39 -18.99 5.03 -5.11
C GLY A 39 -18.64 4.46 -3.75
N SER A 40 -17.40 4.13 -3.54
CA SER A 40 -16.99 3.55 -2.23
C SER A 40 -16.74 4.67 -1.20
N ALA A 41 -17.56 5.68 -1.21
CA ALA A 41 -17.39 6.80 -0.24
C ALA A 41 -18.50 6.75 0.80
N GLN A 42 -19.04 5.59 1.02
CA GLN A 42 -20.14 5.45 2.02
C GLN A 42 -19.56 5.42 3.43
N TYR A 43 -18.28 5.57 3.54
CA TYR A 43 -17.61 5.57 4.86
C TYR A 43 -16.09 5.70 4.66
N GLY A 44 -15.59 5.16 3.56
CA GLY A 44 -14.13 5.26 3.28
C GLY A 44 -13.53 3.87 3.11
N VAL A 45 -13.25 3.46 1.89
CA VAL A 45 -12.64 2.13 1.68
C VAL A 45 -11.12 2.28 1.72
N GLY A 46 -10.37 1.21 1.61
CA GLY A 46 -8.89 1.37 1.65
C GLY A 46 -8.19 0.04 1.98
N VAL A 47 -7.09 -0.21 1.33
CA VAL A 47 -6.31 -1.45 1.60
C VAL A 47 -5.13 -1.10 2.50
N VAL A 48 -4.54 -2.07 3.14
CA VAL A 48 -3.38 -1.76 4.05
C VAL A 48 -2.50 -2.99 4.24
N LEU A 49 -1.26 -2.79 4.61
CA LEU A 49 -0.35 -3.95 4.82
C LEU A 49 0.71 -3.60 5.86
N ASN A 50 0.77 -4.33 6.93
CA ASN A 50 1.80 -4.04 7.98
C ASN A 50 3.02 -4.95 7.79
N GLY A 51 4.15 -4.55 8.31
CA GLY A 51 5.38 -5.39 8.16
C GLY A 51 6.40 -4.66 7.29
N VAL A 52 7.03 -3.66 7.84
CA VAL A 52 8.06 -2.90 7.05
C VAL A 52 9.28 -2.58 7.92
N ALA A 53 10.32 -2.06 7.33
CA ALA A 53 11.54 -1.74 8.12
C ALA A 53 12.14 -0.40 7.67
N ILE A 54 11.89 0.64 8.41
CA ILE A 54 12.44 1.97 8.03
C ILE A 54 13.23 2.57 9.20
N GLU A 55 13.89 3.68 8.99
CA GLU A 55 14.66 4.30 10.10
C GLU A 55 15.04 5.74 9.75
N GLU A 56 14.75 6.66 10.64
CA GLU A 56 15.08 8.10 10.39
C GLU A 56 14.88 8.46 8.92
N GLY A 57 15.60 9.45 8.44
CA GLY A 57 15.44 9.86 7.03
C GLY A 57 16.36 9.01 6.14
N THR A 58 15.99 7.79 5.90
CA THR A 58 16.84 6.92 5.04
C THR A 58 16.25 6.84 3.63
N THR A 59 16.94 6.21 2.72
CA THR A 59 16.42 6.10 1.32
C THR A 59 15.57 4.84 1.16
N TYR A 60 14.64 4.86 0.24
CA TYR A 60 13.78 3.66 0.03
C TYR A 60 13.13 3.73 -1.36
N THR A 61 13.35 2.72 -2.17
CA THR A 61 12.75 2.73 -3.53
C THR A 61 11.36 2.07 -3.50
N LEU A 62 10.34 2.83 -3.78
CA LEU A 62 8.97 2.25 -3.76
C LEU A 62 8.62 1.71 -5.15
N ARG A 63 8.22 0.46 -5.22
CA ARG A 63 7.88 -0.13 -6.54
C ARG A 63 6.52 -0.84 -6.46
N TYR A 64 5.68 -0.66 -7.44
CA TYR A 64 4.34 -1.33 -7.42
C TYR A 64 3.58 -0.98 -8.71
N THR A 65 2.84 -1.90 -9.24
CA THR A 65 2.09 -1.62 -10.49
C THR A 65 0.59 -1.78 -10.27
N ALA A 66 -0.10 -0.71 -9.94
CA ALA A 66 -1.56 -0.80 -9.70
C ALA A 66 -2.32 -0.45 -10.97
N THR A 67 -3.52 -0.94 -11.12
CA THR A 67 -4.31 -0.63 -12.35
C THR A 67 -5.81 -0.65 -12.03
N ALA A 68 -6.54 0.32 -12.50
CA ALA A 68 -8.00 0.36 -12.24
C ALA A 68 -8.77 0.46 -13.56
N SER A 69 -9.87 -0.24 -13.68
CA SER A 69 -10.67 -0.17 -14.94
C SER A 69 -11.36 1.19 -15.06
N THR A 70 -11.22 2.02 -14.06
CA THR A 70 -11.87 3.36 -14.11
C THR A 70 -10.82 4.46 -13.89
N ASP A 71 -9.57 4.14 -14.09
CA ASP A 71 -8.51 5.17 -13.88
C ASP A 71 -8.80 5.94 -12.59
N VAL A 72 -8.81 5.25 -11.48
CA VAL A 72 -9.10 5.92 -10.18
C VAL A 72 -7.81 6.48 -9.56
N THR A 73 -7.88 7.63 -8.97
CA THR A 73 -6.68 8.22 -8.33
C THR A 73 -6.96 8.43 -6.84
N VAL A 74 -6.71 7.44 -6.04
CA VAL A 74 -6.97 7.58 -4.57
C VAL A 74 -5.74 8.14 -3.86
N ARG A 75 -5.52 7.72 -2.64
CA ARG A 75 -4.34 8.24 -1.89
C ARG A 75 -3.50 7.07 -1.34
N ALA A 76 -2.24 7.04 -1.69
CA ALA A 76 -1.36 5.93 -1.19
C ALA A 76 -0.13 6.52 -0.50
N LEU A 77 0.52 5.77 0.35
CA LEU A 77 1.73 6.30 1.03
C LEU A 77 2.28 5.27 2.02
N VAL A 78 3.03 5.71 3.00
CA VAL A 78 3.60 4.76 3.98
C VAL A 78 3.60 5.40 5.38
N GLY A 79 4.10 4.73 6.38
CA GLY A 79 4.12 5.34 7.74
C GLY A 79 4.31 4.25 8.79
N GLN A 80 3.86 4.50 9.99
CA GLN A 80 4.02 3.50 11.08
C GLN A 80 2.71 3.35 11.86
N ASN A 81 2.54 2.25 12.53
CA ASN A 81 1.29 2.06 13.32
C ASN A 81 1.59 2.17 14.82
N GLY A 82 1.36 3.33 15.39
CA GLY A 82 1.63 3.50 16.85
C GLY A 82 2.29 4.87 17.07
N ALA A 83 1.96 5.53 18.15
CA ALA A 83 2.55 6.87 18.42
C ALA A 83 4.06 6.73 18.67
N PRO A 84 4.77 7.81 18.44
CA PRO A 84 4.16 9.08 17.96
C PRO A 84 3.83 8.99 16.46
N TYR A 85 3.95 7.83 15.88
CA TYR A 85 3.65 7.68 14.42
C TYR A 85 4.70 8.41 13.58
N GLY A 86 4.49 8.53 12.30
CA GLY A 86 5.47 9.22 11.42
C GLY A 86 5.36 8.68 10.00
N THR A 87 4.82 9.45 9.11
CA THR A 87 4.68 8.97 7.70
C THR A 87 5.85 9.48 6.85
N VAL A 88 6.01 8.94 5.66
CA VAL A 88 7.12 9.40 4.78
C VAL A 88 6.62 9.61 3.36
N LEU A 89 5.66 8.83 2.93
CA LEU A 89 5.12 8.99 1.55
C LEU A 89 3.83 9.82 1.55
N ASP A 90 3.64 10.62 0.54
CA ASP A 90 2.41 11.45 0.48
C ASP A 90 2.02 11.72 -0.98
N THR A 91 1.30 10.83 -1.60
CA THR A 91 0.90 11.06 -3.02
C THR A 91 -0.34 10.25 -3.37
N SER A 92 -0.75 10.26 -4.62
CA SER A 92 -1.96 9.49 -5.03
C SER A 92 -1.59 8.49 -6.12
N PRO A 93 -2.01 7.26 -5.92
CA PRO A 93 -1.73 6.18 -6.89
C PRO A 93 -2.63 6.32 -8.12
N ALA A 94 -2.29 7.18 -9.03
CA ALA A 94 -3.13 7.33 -10.26
C ALA A 94 -3.26 5.97 -10.96
N LEU A 95 -4.43 5.62 -11.39
CA LEU A 95 -4.60 4.30 -12.07
C LEU A 95 -5.25 4.48 -13.44
N THR A 96 -5.39 3.42 -14.18
CA THR A 96 -6.01 3.51 -15.53
C THR A 96 -6.33 2.11 -16.07
N SER A 97 -6.86 2.02 -17.26
CA SER A 97 -7.20 0.69 -17.83
C SER A 97 -5.92 -0.12 -18.08
N GLU A 98 -4.84 0.56 -18.37
CA GLU A 98 -3.57 -0.18 -18.63
C GLU A 98 -2.79 -0.36 -17.33
N PRO A 99 -1.69 -1.05 -17.43
CA PRO A 99 -0.82 -1.30 -16.24
C PRO A 99 -0.11 -0.01 -15.82
N ARG A 100 -0.11 0.29 -14.55
CA ARG A 100 0.58 1.53 -14.08
C ARG A 100 1.69 1.19 -13.09
N GLN A 101 2.90 1.02 -13.59
CA GLN A 101 4.04 0.69 -12.68
C GLN A 101 4.48 1.94 -11.92
N VAL A 102 5.08 1.77 -10.76
CA VAL A 102 5.53 2.95 -9.98
C VAL A 102 6.98 2.75 -9.52
N THR A 103 7.80 3.75 -9.67
CA THR A 103 9.23 3.62 -9.24
C THR A 103 9.78 4.99 -8.81
N GLU A 104 10.12 5.12 -7.56
CA GLU A 104 10.66 6.44 -7.08
C GLU A 104 11.46 6.25 -5.79
N THR A 105 12.64 6.79 -5.72
CA THR A 105 13.45 6.64 -4.48
C THR A 105 13.16 7.80 -3.52
N PHE A 106 12.42 7.54 -2.48
CA PHE A 106 12.10 8.63 -1.50
C PHE A 106 12.89 8.44 -0.21
N THR A 107 13.13 9.51 0.51
CA THR A 107 13.89 9.40 1.79
C THR A 107 12.91 9.19 2.94
N ALA A 108 12.59 7.96 3.26
CA ALA A 108 11.64 7.70 4.37
C ALA A 108 11.94 8.61 5.56
N SER A 109 11.17 9.65 5.72
CA SER A 109 11.40 10.58 6.86
C SER A 109 10.68 10.07 8.11
N ALA A 110 10.96 8.86 8.51
CA ALA A 110 10.30 8.30 9.72
C ALA A 110 11.11 7.13 10.28
N THR A 111 10.48 6.23 10.99
CA THR A 111 11.23 5.07 11.55
C THR A 111 10.27 3.93 11.89
N TYR A 112 10.34 2.85 11.17
CA TYR A 112 9.45 1.69 11.47
C TYR A 112 10.28 0.51 11.98
N PRO A 113 10.19 0.25 13.25
CA PRO A 113 10.94 -0.87 13.86
C PRO A 113 10.32 -2.21 13.44
N ALA A 114 10.56 -3.25 14.18
CA ALA A 114 9.98 -4.57 13.82
C ALA A 114 9.19 -5.15 15.01
N THR A 115 8.68 -4.30 15.85
CA THR A 115 7.90 -4.79 17.03
C THR A 115 6.83 -3.77 17.42
N PRO A 116 5.62 -4.06 17.04
CA PRO A 116 4.49 -3.16 17.35
C PRO A 116 4.10 -3.25 18.84
N ALA A 117 4.87 -2.63 19.69
CA ALA A 117 4.55 -2.68 21.15
C ALA A 117 3.76 -1.44 21.55
N ALA A 118 3.44 -1.31 22.81
CA ALA A 118 2.66 -0.12 23.28
C ALA A 118 3.33 1.17 22.76
N ASP A 119 4.56 1.39 23.11
CA ASP A 119 5.26 2.62 22.64
C ASP A 119 6.18 2.30 21.47
N ASP A 120 5.87 1.28 20.72
CA ASP A 120 6.74 0.92 19.56
C ASP A 120 5.87 0.65 18.32
N PRO A 121 5.74 1.65 17.50
CA PRO A 121 4.94 1.53 16.26
C PRO A 121 5.69 0.69 15.22
N GLU A 122 5.00 0.22 14.21
CA GLU A 122 5.68 -0.59 13.17
C GLU A 122 5.70 0.16 11.83
N GLY A 123 5.85 -0.55 10.74
CA GLY A 123 5.88 0.13 9.40
C GLY A 123 4.90 -0.56 8.46
N GLN A 124 4.08 0.21 7.78
CA GLN A 124 3.10 -0.41 6.85
C GLN A 124 2.78 0.54 5.68
N ILE A 125 1.85 0.15 4.86
CA ILE A 125 1.47 1.02 3.70
C ILE A 125 -0.01 1.41 3.84
N ALA A 126 -0.35 2.61 3.46
CA ALA A 126 -1.77 3.05 3.59
C ALA A 126 -2.41 3.29 2.21
N PHE A 127 -3.44 2.56 1.90
CA PHE A 127 -4.15 2.76 0.61
C PHE A 127 -5.57 3.21 0.90
N GLN A 128 -5.82 4.49 0.92
CA GLN A 128 -7.18 4.99 1.25
C GLN A 128 -8.04 5.10 -0.01
N LEU A 129 -8.96 4.20 -0.19
CA LEU A 129 -9.88 4.26 -1.36
C LEU A 129 -11.22 4.85 -0.91
N GLY A 130 -11.17 5.96 -0.23
CA GLY A 130 -12.43 6.60 0.26
C GLY A 130 -13.23 7.16 -0.91
N GLY A 131 -14.01 6.33 -1.56
CA GLY A 131 -14.83 6.79 -2.71
C GLY A 131 -14.03 7.79 -3.56
N PHE A 132 -13.06 7.32 -4.29
CA PHE A 132 -12.25 8.25 -5.13
C PHE A 132 -12.76 8.22 -6.57
N SER A 133 -13.11 7.07 -7.07
CA SER A 133 -13.63 6.99 -8.47
C SER A 133 -15.16 7.18 -8.48
N ALA A 134 -15.78 7.04 -9.62
CA ALA A 134 -17.26 7.23 -9.68
C ALA A 134 -17.99 5.89 -9.54
N ASP A 135 -18.42 5.32 -10.64
CA ASP A 135 -19.14 4.02 -10.56
C ASP A 135 -18.26 2.93 -9.95
N ALA A 136 -18.80 1.75 -9.78
CA ALA A 136 -18.00 0.64 -9.19
C ALA A 136 -16.70 0.45 -9.97
N TRP A 137 -15.61 0.26 -9.27
CA TRP A 137 -14.31 0.08 -9.96
C TRP A 137 -13.44 -0.90 -9.18
N THR A 138 -12.20 -1.02 -9.55
CA THR A 138 -11.32 -1.98 -8.83
C THR A 138 -9.84 -1.65 -9.06
N LEU A 139 -8.98 -2.12 -8.20
CA LEU A 139 -7.53 -1.86 -8.37
C LEU A 139 -6.78 -3.18 -8.53
N CYS A 140 -5.60 -3.15 -9.07
CA CYS A 140 -4.84 -4.43 -9.25
C CYS A 140 -3.33 -4.17 -9.18
N LEU A 141 -2.73 -4.46 -8.06
CA LEU A 141 -1.26 -4.24 -7.94
C LEU A 141 -0.53 -5.56 -8.20
N ASP A 142 0.77 -5.58 -8.07
CA ASP A 142 1.54 -6.83 -8.31
C ASP A 142 3.03 -6.52 -8.42
N ASP A 143 3.61 -6.00 -7.37
CA ASP A 143 5.07 -5.65 -7.39
C ASP A 143 5.35 -4.63 -6.29
N VAL A 144 4.85 -4.86 -5.11
CA VAL A 144 5.07 -3.89 -3.99
C VAL A 144 6.36 -4.25 -3.23
N ALA A 145 7.36 -3.42 -3.33
CA ALA A 145 8.64 -3.71 -2.62
C ALA A 145 9.15 -2.44 -1.93
N LEU A 146 9.88 -2.59 -0.86
CA LEU A 146 10.41 -1.39 -0.15
C LEU A 146 11.72 -1.75 0.58
N ASP A 147 12.77 -1.03 0.31
CA ASP A 147 14.07 -1.33 0.98
C ASP A 147 15.01 -0.12 0.88
N SER A 148 15.95 -0.02 1.79
CA SER A 148 16.89 1.14 1.75
C SER A 148 18.21 0.72 1.09
N GLU A 149 19.20 1.58 1.12
CA GLU A 149 20.50 1.23 0.49
C GLU A 149 21.62 1.30 1.53
N VAL A 150 22.19 0.19 1.89
CA VAL A 150 23.28 0.19 2.90
C VAL A 150 23.76 -1.24 3.17
N GLU A 151 24.98 -1.40 3.60
CA GLU A 151 25.49 -2.76 3.89
C GLU A 151 25.58 -2.99 5.40
N LEU A 152 26.53 -3.77 5.85
CA LEU A 152 26.66 -4.03 7.31
C LEU A 152 28.07 -4.52 7.64
N ALA A 1 15.75 -6.72 6.90
CA ALA A 1 15.82 -8.16 7.28
C ALA A 1 14.44 -8.79 7.24
N SER A 2 13.45 -8.04 6.82
CA SER A 2 12.06 -8.60 6.76
C SER A 2 11.14 -7.64 6.01
N PRO A 3 11.19 -7.72 4.71
CA PRO A 3 10.35 -6.85 3.85
C PRO A 3 8.92 -7.36 3.85
N ILE A 4 8.16 -7.03 2.83
CA ILE A 4 6.75 -7.49 2.77
C ILE A 4 6.66 -8.84 2.06
N GLY A 5 7.77 -9.37 1.63
CA GLY A 5 7.76 -10.70 0.94
C GLY A 5 8.32 -10.53 -0.48
N GLU A 6 8.25 -9.35 -1.01
CA GLU A 6 8.78 -9.13 -2.40
C GLU A 6 8.37 -10.28 -3.31
N GLY A 7 7.11 -10.64 -3.30
CA GLY A 7 6.65 -11.75 -4.17
C GLY A 7 5.35 -11.36 -4.87
N THR A 8 5.04 -12.01 -5.95
CA THR A 8 3.77 -11.67 -6.69
C THR A 8 2.59 -11.66 -5.73
N PHE A 9 1.41 -11.40 -6.23
CA PHE A 9 0.20 -11.37 -5.35
C PHE A 9 -0.70 -12.56 -5.67
N ASP A 10 -0.16 -13.61 -6.20
CA ASP A 10 -1.00 -14.80 -6.53
C ASP A 10 -0.67 -15.96 -5.59
N ASP A 11 -0.66 -15.73 -4.30
CA ASP A 11 -0.33 -16.81 -3.32
C ASP A 11 0.05 -16.18 -1.98
N GLY A 12 -0.88 -15.54 -1.32
CA GLY A 12 -0.56 -14.92 0.00
C GLY A 12 0.06 -13.53 -0.23
N PRO A 13 -0.78 -12.54 -0.20
CA PRO A 13 -0.34 -11.15 -0.40
C PRO A 13 0.24 -10.57 0.90
N GLU A 14 1.07 -11.31 1.58
CA GLU A 14 1.67 -10.79 2.85
C GLU A 14 0.55 -10.41 3.83
N GLY A 15 0.11 -9.18 3.81
CA GLY A 15 -0.97 -8.76 4.75
C GLY A 15 -1.73 -7.57 4.15
N TRP A 16 -1.84 -7.52 2.85
CA TRP A 16 -2.56 -6.39 2.21
C TRP A 16 -4.06 -6.49 2.50
N VAL A 17 -4.50 -5.99 3.63
CA VAL A 17 -5.96 -6.07 3.95
C VAL A 17 -6.67 -4.83 3.43
N ALA A 18 -7.91 -4.96 3.02
CA ALA A 18 -8.65 -3.77 2.52
C ALA A 18 -9.93 -3.58 3.31
N TYR A 19 -10.23 -2.37 3.68
CA TYR A 19 -11.46 -2.10 4.48
C TYR A 19 -12.34 -1.05 3.80
N GLY A 20 -13.54 -0.89 4.26
CA GLY A 20 -14.45 0.12 3.65
C GLY A 20 -14.85 -0.33 2.24
N THR A 21 -15.16 -1.58 2.06
CA THR A 21 -15.56 -2.05 0.70
C THR A 21 -16.51 -3.25 0.82
N ASP A 22 -16.45 -4.17 -0.11
CA ASP A 22 -17.35 -5.36 -0.05
C ASP A 22 -16.53 -6.61 0.29
N GLY A 23 -16.82 -7.23 1.40
CA GLY A 23 -16.06 -8.45 1.78
C GLY A 23 -14.56 -8.16 1.75
N PRO A 24 -13.79 -9.15 2.12
CA PRO A 24 -12.32 -9.01 2.13
C PRO A 24 -11.77 -9.01 0.70
N LEU A 25 -10.66 -8.35 0.48
CA LEU A 25 -10.07 -8.32 -0.89
C LEU A 25 -9.99 -9.73 -1.47
N ASP A 26 -9.85 -9.86 -2.76
CA ASP A 26 -9.76 -11.21 -3.38
C ASP A 26 -8.44 -11.35 -4.14
N THR A 27 -7.74 -12.43 -3.94
CA THR A 27 -6.44 -12.62 -4.65
C THR A 27 -6.48 -13.89 -5.51
N SER A 28 -7.30 -14.83 -5.17
CA SER A 28 -7.39 -16.08 -5.97
C SER A 28 -7.38 -15.76 -7.46
N THR A 29 -7.84 -14.58 -7.82
CA THR A 29 -7.87 -14.20 -9.27
C THR A 29 -6.45 -14.16 -9.85
N GLY A 30 -5.53 -13.53 -9.18
CA GLY A 30 -4.14 -13.47 -9.70
C GLY A 30 -3.38 -12.31 -9.02
N ALA A 31 -4.09 -11.37 -8.47
CA ALA A 31 -3.40 -10.23 -7.80
C ALA A 31 -4.28 -9.69 -6.66
N LEU A 32 -3.87 -8.63 -6.01
CA LEU A 32 -4.69 -8.08 -4.90
C LEU A 32 -5.71 -7.09 -5.45
N CYS A 33 -6.90 -7.53 -5.71
CA CYS A 33 -7.93 -6.60 -6.26
C CYS A 33 -9.02 -6.33 -5.23
N VAL A 34 -9.03 -5.16 -4.65
CA VAL A 34 -10.08 -4.82 -3.64
C VAL A 34 -11.28 -4.21 -4.36
N ALA A 35 -12.48 -4.58 -3.97
CA ALA A 35 -13.68 -4.02 -4.65
C ALA A 35 -14.14 -2.72 -3.99
N VAL A 36 -13.69 -1.60 -4.51
CA VAL A 36 -14.12 -0.29 -3.94
C VAL A 36 -15.59 -0.04 -4.28
N PRO A 37 -16.34 0.40 -3.31
CA PRO A 37 -17.78 0.67 -3.51
C PRO A 37 -18.02 1.86 -4.44
N ALA A 38 -19.25 2.09 -4.83
CA ALA A 38 -19.56 3.22 -5.75
C ALA A 38 -19.38 4.55 -5.02
N GLY A 39 -18.44 5.35 -5.44
CA GLY A 39 -18.21 6.66 -4.78
C GLY A 39 -17.32 6.46 -3.55
N SER A 40 -17.55 5.41 -2.81
CA SER A 40 -16.73 5.14 -1.59
C SER A 40 -16.42 6.45 -0.87
N ALA A 41 -17.29 7.40 -0.97
CA ALA A 41 -17.08 8.71 -0.29
C ALA A 41 -17.64 8.69 1.12
N GLN A 42 -17.77 7.52 1.64
CA GLN A 42 -18.31 7.36 3.03
C GLN A 42 -17.17 6.94 3.97
N TYR A 43 -16.97 7.66 5.04
CA TYR A 43 -15.86 7.33 5.98
C TYR A 43 -14.62 6.90 5.19
N GLY A 44 -14.48 7.40 3.99
CA GLY A 44 -13.30 7.04 3.16
C GLY A 44 -13.14 5.52 3.10
N VAL A 45 -12.21 5.05 2.30
CA VAL A 45 -11.99 3.58 2.19
C VAL A 45 -10.49 3.37 2.06
N GLY A 46 -10.01 2.16 1.93
CA GLY A 46 -8.54 2.02 1.78
C GLY A 46 -8.06 0.59 2.03
N VAL A 47 -6.78 0.45 2.24
CA VAL A 47 -6.17 -0.88 2.48
C VAL A 47 -4.94 -0.71 3.38
N VAL A 48 -4.82 -1.50 4.41
CA VAL A 48 -3.63 -1.36 5.30
C VAL A 48 -2.80 -2.64 5.33
N LEU A 49 -1.50 -2.50 5.31
CA LEU A 49 -0.63 -3.71 5.34
C LEU A 49 0.50 -3.54 6.36
N ASN A 50 0.33 -4.07 7.54
CA ASN A 50 1.39 -3.94 8.59
C ASN A 50 2.49 -4.97 8.35
N GLY A 51 3.68 -4.52 8.01
CA GLY A 51 4.80 -5.49 7.77
C GLY A 51 5.82 -4.86 6.82
N VAL A 52 6.46 -3.81 7.25
CA VAL A 52 7.48 -3.16 6.37
C VAL A 52 8.84 -3.17 7.06
N ALA A 53 9.84 -2.57 6.46
CA ALA A 53 11.19 -2.55 7.09
C ALA A 53 11.88 -1.21 6.86
N ILE A 54 11.48 -0.19 7.56
CA ILE A 54 12.13 1.14 7.37
C ILE A 54 12.87 1.54 8.65
N GLU A 55 13.77 2.49 8.57
CA GLU A 55 14.53 2.90 9.78
C GLU A 55 15.19 4.26 9.56
N GLU A 56 15.04 5.16 10.50
CA GLU A 56 15.65 6.50 10.38
C GLU A 56 15.57 7.01 8.94
N GLY A 57 16.39 7.97 8.58
CA GLY A 57 16.35 8.50 7.19
C GLY A 57 17.13 7.57 6.27
N THR A 58 16.56 6.45 5.93
CA THR A 58 17.27 5.50 5.02
C THR A 58 16.65 5.57 3.62
N THR A 59 17.29 4.99 2.65
CA THR A 59 16.75 5.02 1.27
C THR A 59 15.82 3.82 1.03
N TYR A 60 14.94 3.92 0.07
CA TYR A 60 14.01 2.78 -0.21
C TYR A 60 13.46 2.89 -1.63
N THR A 61 12.73 1.89 -2.06
CA THR A 61 12.16 1.93 -3.44
C THR A 61 10.84 1.15 -3.48
N LEU A 62 9.75 1.83 -3.70
CA LEU A 62 8.43 1.12 -3.76
C LEU A 62 8.14 0.66 -5.18
N ARG A 63 7.94 -0.62 -5.37
CA ARG A 63 7.66 -1.13 -6.75
C ARG A 63 6.39 -1.98 -6.74
N TYR A 64 5.32 -1.47 -7.29
CA TYR A 64 4.05 -2.26 -7.32
C TYR A 64 3.31 -1.99 -8.64
N THR A 65 2.26 -2.71 -8.90
CA THR A 65 1.50 -2.49 -10.17
C THR A 65 0.00 -2.37 -9.88
N ALA A 66 -0.49 -1.17 -9.73
CA ALA A 66 -1.94 -0.99 -9.44
C ALA A 66 -2.70 -0.63 -10.73
N THR A 67 -3.88 -1.14 -10.88
CA THR A 67 -4.69 -0.83 -12.10
C THR A 67 -6.18 -0.88 -11.77
N ALA A 68 -6.80 0.26 -11.61
CA ALA A 68 -8.26 0.27 -11.29
C ALA A 68 -9.08 0.31 -12.58
N SER A 69 -10.20 -0.35 -12.61
CA SER A 69 -11.04 -0.34 -13.84
C SER A 69 -11.45 1.10 -14.14
N THR A 70 -11.30 1.97 -13.18
CA THR A 70 -11.69 3.40 -13.37
C THR A 70 -10.47 4.30 -13.14
N ASP A 71 -10.49 5.50 -13.64
CA ASP A 71 -9.34 6.42 -13.42
C ASP A 71 -9.43 6.99 -12.01
N VAL A 72 -9.02 6.24 -11.01
CA VAL A 72 -9.11 6.72 -9.61
C VAL A 72 -7.77 7.27 -9.11
N THR A 73 -7.80 8.39 -8.47
CA THR A 73 -6.55 8.98 -7.91
C THR A 73 -6.74 9.15 -6.40
N VAL A 74 -6.44 8.13 -5.65
CA VAL A 74 -6.64 8.22 -4.17
C VAL A 74 -5.39 8.75 -3.48
N ARG A 75 -5.16 8.33 -2.26
CA ARG A 75 -3.96 8.81 -1.52
C ARG A 75 -3.21 7.63 -0.90
N ALA A 76 -2.07 7.29 -1.46
CA ALA A 76 -1.28 6.16 -0.91
C ALA A 76 0.01 6.70 -0.28
N LEU A 77 0.60 5.95 0.62
CA LEU A 77 1.84 6.43 1.27
C LEU A 77 2.33 5.41 2.31
N VAL A 78 3.11 5.85 3.26
CA VAL A 78 3.62 4.92 4.31
C VAL A 78 3.78 5.68 5.63
N GLY A 79 4.05 4.99 6.70
CA GLY A 79 4.20 5.71 8.01
C GLY A 79 4.41 4.70 9.13
N GLN A 80 4.39 5.17 10.36
CA GLN A 80 4.58 4.26 11.52
C GLN A 80 3.22 3.80 12.06
N ASN A 81 3.21 3.16 13.19
CA ASN A 81 1.92 2.68 13.78
C ASN A 81 2.08 2.49 15.29
N GLY A 82 2.10 3.57 16.02
CA GLY A 82 2.25 3.46 17.50
C GLY A 82 3.09 4.63 18.02
N ALA A 83 2.90 5.80 17.47
CA ALA A 83 3.69 6.98 17.94
C ALA A 83 5.20 6.71 17.77
N PRO A 84 5.95 7.77 17.56
CA PRO A 84 5.37 9.14 17.50
C PRO A 84 4.75 9.41 16.12
N TYR A 85 4.40 8.39 15.38
CA TYR A 85 3.80 8.62 14.03
C TYR A 85 4.78 9.38 13.14
N GLY A 86 5.10 8.82 12.00
CA GLY A 86 6.05 9.52 11.08
C GLY A 86 5.80 9.04 9.65
N THR A 87 5.28 9.88 8.81
CA THR A 87 5.01 9.47 7.40
C THR A 87 6.22 9.76 6.53
N VAL A 88 6.50 8.89 5.59
CA VAL A 88 7.68 9.11 4.69
C VAL A 88 7.21 9.20 3.24
N LEU A 89 6.05 8.70 2.95
CA LEU A 89 5.54 8.76 1.55
C LEU A 89 4.34 9.69 1.46
N ASP A 90 4.23 10.43 0.39
CA ASP A 90 3.08 11.36 0.24
C ASP A 90 2.74 11.56 -1.24
N THR A 91 1.92 10.71 -1.81
CA THR A 91 1.58 10.88 -3.25
C THR A 91 0.24 10.22 -3.57
N SER A 92 -0.19 10.31 -4.81
CA SER A 92 -1.49 9.68 -5.19
C SER A 92 -1.26 8.64 -6.28
N PRO A 93 -1.76 7.46 -6.04
CA PRO A 93 -1.61 6.35 -7.02
C PRO A 93 -2.53 6.54 -8.22
N ALA A 94 -2.20 7.43 -9.11
CA ALA A 94 -3.07 7.62 -10.31
C ALA A 94 -3.29 6.26 -10.99
N LEU A 95 -4.52 5.87 -11.18
CA LEU A 95 -4.77 4.55 -11.83
C LEU A 95 -5.56 4.71 -13.12
N THR A 96 -5.77 3.64 -13.83
CA THR A 96 -6.53 3.71 -15.11
C THR A 96 -6.87 2.28 -15.59
N SER A 97 -7.52 2.17 -16.72
CA SER A 97 -7.88 0.82 -17.23
C SER A 97 -6.62 0.07 -17.69
N GLU A 98 -5.50 0.74 -17.72
CA GLU A 98 -4.24 0.07 -18.15
C GLU A 98 -3.38 -0.29 -16.93
N PRO A 99 -2.34 -1.02 -17.18
CA PRO A 99 -1.42 -1.44 -16.09
C PRO A 99 -0.59 -0.24 -15.60
N ARG A 100 -0.57 -0.01 -14.32
CA ARG A 100 0.22 1.15 -13.79
C ARG A 100 1.29 0.65 -12.82
N GLN A 101 2.48 0.40 -13.32
CA GLN A 101 3.57 -0.08 -12.43
C GLN A 101 4.34 1.12 -11.84
N VAL A 102 4.14 1.40 -10.59
CA VAL A 102 4.85 2.55 -9.97
C VAL A 102 6.18 2.10 -9.37
N THR A 103 7.23 2.83 -9.63
CA THR A 103 8.56 2.43 -9.08
C THR A 103 9.42 3.68 -8.86
N GLU A 104 9.70 4.01 -7.62
CA GLU A 104 10.52 5.22 -7.33
C GLU A 104 11.31 5.03 -6.03
N THR A 105 12.40 5.73 -5.88
CA THR A 105 13.21 5.60 -4.63
C THR A 105 13.02 6.84 -3.75
N PHE A 106 12.81 6.65 -2.48
CA PHE A 106 12.63 7.82 -1.57
C PHE A 106 13.41 7.62 -0.28
N THR A 107 13.73 8.68 0.41
CA THR A 107 14.49 8.57 1.68
C THR A 107 13.53 8.41 2.86
N ALA A 108 13.20 7.19 3.21
CA ALA A 108 12.26 6.97 4.35
C ALA A 108 12.81 7.63 5.62
N SER A 109 12.11 8.60 6.15
CA SER A 109 12.59 9.26 7.39
C SER A 109 11.84 8.71 8.62
N ALA A 110 11.87 7.42 8.80
CA ALA A 110 11.17 6.82 9.97
C ALA A 110 11.60 5.37 10.18
N THR A 111 10.84 4.61 10.92
CA THR A 111 11.21 3.19 11.16
C THR A 111 9.96 2.31 11.20
N TYR A 112 9.82 1.40 10.27
CA TYR A 112 8.62 0.51 10.25
C TYR A 112 9.05 -0.93 10.49
N PRO A 113 9.24 -1.26 11.73
CA PRO A 113 9.66 -2.63 12.11
C PRO A 113 8.48 -3.60 11.96
N ALA A 114 8.57 -4.75 12.58
CA ALA A 114 7.46 -5.74 12.47
C ALA A 114 7.27 -6.47 13.80
N THR A 115 7.66 -5.86 14.88
CA THR A 115 7.50 -6.52 16.21
C THR A 115 6.40 -5.82 17.02
N PRO A 116 5.19 -6.20 16.75
CA PRO A 116 4.02 -5.61 17.46
C PRO A 116 3.95 -6.13 18.91
N ALA A 117 4.77 -5.59 19.78
CA ALA A 117 4.74 -6.05 21.19
C ALA A 117 3.96 -5.05 22.05
N ALA A 118 4.05 -5.18 23.35
CA ALA A 118 3.32 -4.24 24.25
C ALA A 118 3.83 -2.82 24.05
N ASP A 119 5.12 -2.62 24.15
CA ASP A 119 5.67 -1.25 23.96
C ASP A 119 6.56 -1.20 22.72
N ASP A 120 6.14 -1.84 21.66
CA ASP A 120 6.96 -1.83 20.41
C ASP A 120 6.06 -1.91 19.19
N PRO A 121 5.61 -0.78 18.74
CA PRO A 121 4.72 -0.71 17.55
C PRO A 121 5.51 -0.99 16.27
N GLU A 122 5.01 -0.57 15.14
CA GLU A 122 5.74 -0.83 13.86
C GLU A 122 5.26 0.12 12.77
N GLY A 123 5.66 -0.11 11.55
CA GLY A 123 5.22 0.78 10.44
C GLY A 123 4.53 -0.06 9.36
N GLN A 124 3.73 0.55 8.53
CA GLN A 124 3.04 -0.22 7.47
C GLN A 124 2.77 0.66 6.24
N ILE A 125 1.83 0.28 5.42
CA ILE A 125 1.51 1.08 4.20
C ILE A 125 0.06 1.55 4.28
N ALA A 126 -0.22 2.71 3.76
CA ALA A 126 -1.62 3.23 3.81
C ALA A 126 -2.19 3.46 2.41
N PHE A 127 -3.24 2.78 2.08
CA PHE A 127 -3.88 2.95 0.75
C PHE A 127 -5.33 3.42 0.97
N GLN A 128 -5.51 4.65 1.37
CA GLN A 128 -6.90 5.13 1.65
C GLN A 128 -7.56 5.69 0.41
N LEU A 129 -8.47 4.93 -0.10
CA LEU A 129 -9.24 5.35 -1.27
C LEU A 129 -10.54 6.03 -0.77
N GLY A 130 -11.65 5.41 -0.98
CA GLY A 130 -12.94 6.01 -0.50
C GLY A 130 -13.08 7.47 -0.94
N GLY A 131 -14.00 7.74 -1.83
CA GLY A 131 -14.21 9.14 -2.27
C GLY A 131 -13.05 9.58 -3.18
N PHE A 132 -12.95 9.00 -4.34
CA PHE A 132 -11.86 9.39 -5.28
C PHE A 132 -12.32 9.24 -6.73
N SER A 133 -12.85 8.09 -7.08
CA SER A 133 -13.31 7.90 -8.48
C SER A 133 -14.78 8.33 -8.61
N ALA A 134 -15.50 7.74 -9.53
CA ALA A 134 -16.94 8.11 -9.70
C ALA A 134 -17.84 6.95 -9.28
N ASP A 135 -18.16 6.07 -10.20
CA ASP A 135 -19.04 4.93 -9.86
C ASP A 135 -18.22 3.79 -9.25
N ALA A 136 -18.86 2.76 -8.77
CA ALA A 136 -18.13 1.62 -8.16
C ALA A 136 -16.91 1.27 -9.01
N TRP A 137 -15.76 1.15 -8.40
CA TRP A 137 -14.54 0.79 -9.16
C TRP A 137 -13.66 -0.13 -8.34
N THR A 138 -12.43 -0.31 -8.71
CA THR A 138 -11.57 -1.24 -7.93
C THR A 138 -10.08 -0.98 -8.18
N LEU A 139 -9.23 -1.64 -7.44
CA LEU A 139 -7.76 -1.45 -7.64
C LEU A 139 -7.08 -2.81 -7.66
N CYS A 140 -6.31 -3.10 -8.67
CA CYS A 140 -5.63 -4.43 -8.73
C CYS A 140 -4.12 -4.27 -8.62
N LEU A 141 -3.59 -4.42 -7.44
CA LEU A 141 -2.11 -4.29 -7.26
C LEU A 141 -1.45 -5.66 -7.45
N ASP A 142 -0.22 -5.81 -7.08
CA ASP A 142 0.46 -7.13 -7.25
C ASP A 142 1.78 -7.17 -6.48
N ASP A 143 2.72 -7.95 -6.95
CA ASP A 143 4.04 -8.05 -6.27
C ASP A 143 4.48 -6.67 -5.75
N VAL A 144 5.24 -6.65 -4.69
CA VAL A 144 5.71 -5.34 -4.13
C VAL A 144 7.07 -5.53 -3.46
N ALA A 145 8.01 -4.66 -3.74
CA ALA A 145 9.35 -4.80 -3.10
C ALA A 145 9.77 -3.47 -2.47
N LEU A 146 10.48 -3.53 -1.37
CA LEU A 146 10.92 -2.28 -0.69
C LEU A 146 12.21 -2.53 0.10
N ASP A 147 13.34 -2.34 -0.51
CA ASP A 147 14.63 -2.57 0.21
C ASP A 147 15.30 -1.24 0.54
N SER A 148 16.54 -1.27 0.94
CA SER A 148 17.25 0.00 1.27
C SER A 148 18.68 -0.03 0.73
N GLU A 149 18.94 0.70 -0.32
CA GLU A 149 20.32 0.71 -0.90
C GLU A 149 20.93 2.10 -0.75
N VAL A 150 22.24 2.18 -0.74
CA VAL A 150 22.90 3.51 -0.60
C VAL A 150 23.51 3.94 -1.94
N GLU A 151 22.75 3.86 -3.00
CA GLU A 151 23.28 4.27 -4.33
C GLU A 151 23.69 5.74 -4.30
N LEU A 152 24.40 6.20 -5.30
CA LEU A 152 24.82 7.62 -5.34
C LEU A 152 23.65 8.51 -5.78
N ALA A 1 12.98 -8.37 10.24
CA ALA A 1 14.27 -8.60 9.53
C ALA A 1 14.03 -8.76 8.03
N SER A 2 12.81 -9.03 7.64
CA SER A 2 12.50 -9.19 6.20
C SER A 2 11.30 -8.33 5.80
N PRO A 3 11.26 -7.96 4.55
CA PRO A 3 10.16 -7.13 4.04
C PRO A 3 8.89 -7.98 3.87
N ILE A 4 8.00 -7.56 3.01
CA ILE A 4 6.75 -8.34 2.79
C ILE A 4 6.96 -9.37 1.67
N GLY A 5 8.07 -10.05 1.68
CA GLY A 5 8.34 -11.06 0.62
C GLY A 5 8.24 -10.40 -0.76
N GLU A 6 9.08 -9.44 -1.01
CA GLU A 6 9.04 -8.74 -2.33
C GLU A 6 7.66 -8.14 -2.58
N GLY A 7 6.77 -8.91 -3.16
CA GLY A 7 5.40 -8.39 -3.42
C GLY A 7 4.74 -9.23 -4.52
N THR A 8 4.46 -8.63 -5.66
CA THR A 8 3.82 -9.37 -6.76
C THR A 8 2.67 -10.23 -6.24
N PHE A 9 1.48 -9.73 -6.34
CA PHE A 9 0.31 -10.50 -5.86
C PHE A 9 -0.05 -11.59 -6.88
N ASP A 10 0.78 -11.77 -7.87
CA ASP A 10 0.50 -12.82 -8.89
C ASP A 10 1.00 -14.18 -8.40
N ASP A 11 0.73 -14.52 -7.16
CA ASP A 11 1.19 -15.82 -6.59
C ASP A 11 1.15 -15.77 -5.06
N GLY A 12 0.19 -15.10 -4.50
CA GLY A 12 0.10 -15.01 -3.01
C GLY A 12 0.21 -13.55 -2.57
N PRO A 13 -0.86 -13.03 -2.06
CA PRO A 13 -0.88 -11.61 -1.59
C PRO A 13 -0.16 -11.48 -0.23
N GLU A 14 0.48 -12.51 0.22
CA GLU A 14 1.19 -12.45 1.54
C GLU A 14 0.19 -12.18 2.67
N GLY A 15 -0.06 -10.93 2.98
CA GLY A 15 -1.03 -10.62 4.07
C GLY A 15 -1.74 -9.30 3.78
N TRP A 16 -1.73 -8.87 2.55
CA TRP A 16 -2.42 -7.59 2.22
C TRP A 16 -3.92 -7.69 2.49
N VAL A 17 -4.45 -6.80 3.27
CA VAL A 17 -5.91 -6.84 3.58
C VAL A 17 -6.58 -5.59 3.00
N ALA A 18 -7.87 -5.62 2.86
CA ALA A 18 -8.59 -4.43 2.30
C ALA A 18 -9.98 -4.31 2.93
N TYR A 19 -10.50 -3.13 3.01
CA TYR A 19 -11.86 -2.93 3.60
C TYR A 19 -12.66 -1.93 2.79
N GLY A 20 -13.72 -2.37 2.16
CA GLY A 20 -14.55 -1.43 1.35
C GLY A 20 -15.80 -2.16 0.86
N THR A 21 -16.50 -2.80 1.76
CA THR A 21 -17.74 -3.54 1.37
C THR A 21 -17.46 -4.46 0.17
N ASP A 22 -16.22 -4.78 -0.06
CA ASP A 22 -15.88 -5.68 -1.20
C ASP A 22 -15.57 -7.09 -0.69
N GLY A 23 -16.30 -7.54 0.30
CA GLY A 23 -16.04 -8.91 0.84
C GLY A 23 -14.54 -9.11 1.00
N PRO A 24 -14.14 -10.35 0.93
CA PRO A 24 -12.70 -10.68 1.07
C PRO A 24 -11.94 -10.29 -0.20
N LEU A 25 -10.89 -9.52 -0.06
CA LEU A 25 -10.10 -9.10 -1.25
C LEU A 25 -9.91 -10.29 -2.20
N ASP A 26 -9.49 -10.03 -3.41
CA ASP A 26 -9.29 -11.14 -4.37
C ASP A 26 -7.87 -11.11 -4.94
N THR A 27 -7.33 -12.24 -5.29
CA THR A 27 -5.94 -12.26 -5.85
C THR A 27 -5.91 -13.07 -7.16
N SER A 28 -6.56 -14.21 -7.17
CA SER A 28 -6.57 -15.03 -8.41
C SER A 28 -5.13 -15.37 -8.84
N THR A 29 -4.26 -15.58 -7.90
CA THR A 29 -2.85 -15.90 -8.25
C THR A 29 -2.37 -15.00 -9.40
N GLY A 30 -2.84 -13.79 -9.45
CA GLY A 30 -2.41 -12.86 -10.53
C GLY A 30 -2.22 -11.46 -9.97
N ALA A 31 -3.27 -10.86 -9.48
CA ALA A 31 -3.14 -9.49 -8.91
C ALA A 31 -4.18 -9.28 -7.81
N LEU A 32 -3.88 -8.49 -6.82
CA LEU A 32 -4.85 -8.25 -5.72
C LEU A 32 -5.77 -7.08 -6.08
N CYS A 33 -7.04 -7.34 -6.24
CA CYS A 33 -7.97 -6.24 -6.61
C CYS A 33 -9.08 -6.09 -5.56
N VAL A 34 -9.40 -4.88 -5.19
CA VAL A 34 -10.49 -4.66 -4.19
C VAL A 34 -11.69 -4.03 -4.89
N ALA A 35 -12.88 -4.39 -4.49
CA ALA A 35 -14.10 -3.83 -5.15
C ALA A 35 -14.56 -2.54 -4.46
N VAL A 36 -14.07 -1.42 -4.90
CA VAL A 36 -14.51 -0.13 -4.29
C VAL A 36 -15.95 0.17 -4.72
N PRO A 37 -16.82 0.25 -3.76
CA PRO A 37 -18.26 0.51 -4.05
C PRO A 37 -18.47 1.94 -4.59
N ALA A 38 -19.48 2.13 -5.39
CA ALA A 38 -19.75 3.49 -5.96
C ALA A 38 -19.60 4.54 -4.86
N GLY A 39 -19.11 5.70 -5.21
CA GLY A 39 -18.92 6.76 -4.18
C GLY A 39 -18.32 6.14 -2.93
N SER A 40 -17.04 5.89 -2.94
CA SER A 40 -16.39 5.28 -1.74
C SER A 40 -15.95 6.36 -0.76
N ALA A 41 -16.61 7.48 -0.80
CA ALA A 41 -16.26 8.59 0.14
C ALA A 41 -17.12 8.50 1.39
N GLN A 42 -17.66 7.35 1.63
CA GLN A 42 -18.51 7.13 2.82
C GLN A 42 -17.63 6.66 3.99
N TYR A 43 -18.04 5.62 4.66
CA TYR A 43 -17.22 5.11 5.81
C TYR A 43 -15.73 5.24 5.50
N GLY A 44 -15.35 5.19 4.24
CA GLY A 44 -13.92 5.33 3.88
C GLY A 44 -13.34 3.97 3.50
N VAL A 45 -13.00 3.79 2.24
CA VAL A 45 -12.41 2.49 1.82
C VAL A 45 -10.88 2.60 1.95
N GLY A 46 -10.17 1.52 1.79
CA GLY A 46 -8.69 1.60 1.92
C GLY A 46 -8.09 0.22 2.17
N VAL A 47 -6.85 0.04 1.83
CA VAL A 47 -6.19 -1.28 2.06
C VAL A 47 -4.97 -1.09 2.98
N VAL A 48 -4.82 -1.92 3.97
CA VAL A 48 -3.66 -1.77 4.89
C VAL A 48 -2.79 -3.03 4.87
N LEU A 49 -1.53 -2.90 5.16
CA LEU A 49 -0.63 -4.10 5.17
C LEU A 49 0.35 -4.02 6.34
N ASN A 50 -0.04 -4.51 7.48
CA ASN A 50 0.87 -4.47 8.66
C ASN A 50 2.07 -5.39 8.44
N GLY A 51 3.21 -4.85 8.14
CA GLY A 51 4.41 -5.70 7.91
C GLY A 51 5.40 -4.99 6.99
N VAL A 52 6.08 -3.99 7.49
CA VAL A 52 7.06 -3.25 6.64
C VAL A 52 8.46 -3.35 7.25
N ALA A 53 9.47 -2.89 6.56
CA ALA A 53 10.85 -2.97 7.11
C ALA A 53 11.60 -1.64 6.92
N ILE A 54 11.30 -0.67 7.75
CA ILE A 54 12.01 0.64 7.63
C ILE A 54 12.78 0.93 8.93
N GLU A 55 13.68 1.87 8.90
CA GLU A 55 14.46 2.18 10.13
C GLU A 55 15.05 3.59 10.06
N GLU A 56 14.80 4.39 11.07
CA GLU A 56 15.34 5.78 11.09
C GLU A 56 15.34 6.40 9.69
N GLY A 57 16.20 7.35 9.46
CA GLY A 57 16.25 7.99 8.12
C GLY A 57 17.07 7.12 7.16
N THR A 58 16.45 6.12 6.60
CA THR A 58 17.18 5.22 5.65
C THR A 58 16.63 5.39 4.23
N THR A 59 17.27 4.79 3.27
CA THR A 59 16.78 4.92 1.86
C THR A 59 15.78 3.80 1.54
N TYR A 60 14.89 4.02 0.62
CA TYR A 60 13.90 2.97 0.26
C TYR A 60 13.33 3.23 -1.13
N THR A 61 12.54 2.33 -1.64
CA THR A 61 11.94 2.53 -3.00
C THR A 61 10.58 1.82 -3.07
N LEU A 62 9.52 2.57 -3.22
CA LEU A 62 8.18 1.94 -3.32
C LEU A 62 7.85 1.61 -4.78
N ARG A 63 7.61 0.37 -5.08
CA ARG A 63 7.28 -0.01 -6.49
C ARG A 63 6.05 -0.89 -6.53
N TYR A 64 5.08 -0.54 -7.33
CA TYR A 64 3.84 -1.38 -7.43
C TYR A 64 3.05 -0.99 -8.68
N THR A 65 2.23 -1.87 -9.18
CA THR A 65 1.43 -1.55 -10.39
C THR A 65 -0.06 -1.66 -10.07
N ALA A 66 -0.71 -0.55 -9.83
CA ALA A 66 -2.16 -0.58 -9.50
C ALA A 66 -2.99 -0.21 -10.73
N THR A 67 -4.21 -0.67 -10.78
CA THR A 67 -5.08 -0.34 -11.95
C THR A 67 -6.54 -0.31 -11.52
N ALA A 68 -7.29 0.66 -11.97
CA ALA A 68 -8.74 0.74 -11.59
C ALA A 68 -9.60 0.91 -12.84
N SER A 69 -10.59 0.08 -13.00
CA SER A 69 -11.47 0.20 -14.21
C SER A 69 -11.80 1.67 -14.44
N THR A 70 -11.79 2.46 -13.40
CA THR A 70 -12.10 3.91 -13.56
C THR A 70 -10.83 4.74 -13.32
N ASP A 71 -10.84 5.98 -13.73
CA ASP A 71 -9.65 6.84 -13.50
C ASP A 71 -9.69 7.39 -12.07
N VAL A 72 -9.44 6.55 -11.10
CA VAL A 72 -9.49 7.02 -9.69
C VAL A 72 -8.11 7.44 -9.19
N THR A 73 -8.04 8.55 -8.50
CA THR A 73 -6.74 9.01 -7.95
C THR A 73 -6.84 9.09 -6.43
N VAL A 74 -6.57 8.03 -5.74
CA VAL A 74 -6.68 8.03 -4.26
C VAL A 74 -5.35 8.47 -3.63
N ARG A 75 -5.11 8.04 -2.42
CA ARG A 75 -3.84 8.44 -1.74
C ARG A 75 -3.10 7.21 -1.21
N ALA A 76 -1.82 7.15 -1.41
CA ALA A 76 -1.04 5.97 -0.92
C ALA A 76 0.28 6.44 -0.28
N LEU A 77 0.81 5.67 0.61
CA LEU A 77 2.09 6.08 1.27
C LEU A 77 2.51 5.02 2.29
N VAL A 78 3.18 5.42 3.34
CA VAL A 78 3.62 4.44 4.38
C VAL A 78 3.61 5.11 5.75
N GLY A 79 3.93 4.39 6.80
CA GLY A 79 3.93 5.02 8.14
C GLY A 79 4.38 4.01 9.19
N GLN A 80 4.37 4.41 10.44
CA GLN A 80 4.79 3.48 11.52
C GLN A 80 3.57 2.83 12.17
N ASN A 81 3.68 2.47 13.42
CA ASN A 81 2.53 1.83 14.12
C ASN A 81 2.74 1.94 15.64
N GLY A 82 2.80 3.13 16.15
CA GLY A 82 3.01 3.31 17.61
C GLY A 82 3.53 4.73 17.87
N ALA A 83 2.91 5.45 18.77
CA ALA A 83 3.37 6.83 19.06
C ALA A 83 4.91 6.88 19.14
N PRO A 84 5.47 8.02 18.80
CA PRO A 84 4.65 9.20 18.39
C PRO A 84 4.20 9.06 16.93
N TYR A 85 4.39 7.91 16.34
CA TYR A 85 3.98 7.72 14.92
C TYR A 85 4.87 8.57 13.99
N GLY A 86 4.97 8.20 12.75
CA GLY A 86 5.81 8.99 11.80
C GLY A 86 5.61 8.46 10.38
N THR A 87 5.25 9.33 9.46
CA THR A 87 5.04 8.88 8.06
C THR A 87 6.28 9.19 7.21
N VAL A 88 6.51 8.41 6.18
CA VAL A 88 7.70 8.66 5.32
C VAL A 88 7.26 8.87 3.87
N LEU A 89 6.12 8.35 3.49
CA LEU A 89 5.65 8.53 2.09
C LEU A 89 4.45 9.48 2.04
N ASP A 90 4.36 10.25 1.00
CA ASP A 90 3.22 11.20 0.88
C ASP A 90 2.90 11.48 -0.59
N THR A 91 2.18 10.59 -1.24
CA THR A 91 1.87 10.82 -2.67
C THR A 91 0.46 10.31 -3.01
N SER A 92 -0.02 10.58 -4.19
CA SER A 92 -1.38 10.12 -4.58
C SER A 92 -1.29 9.21 -5.81
N PRO A 93 -1.66 7.97 -5.61
CA PRO A 93 -1.61 6.97 -6.71
C PRO A 93 -2.69 7.26 -7.74
N ALA A 94 -2.49 6.83 -8.96
CA ALA A 94 -3.51 7.06 -10.03
C ALA A 94 -3.81 5.74 -10.74
N LEU A 95 -5.03 5.54 -11.16
CA LEU A 95 -5.37 4.26 -11.85
C LEU A 95 -6.20 4.54 -13.11
N THR A 96 -6.45 3.52 -13.89
CA THR A 96 -7.25 3.71 -15.14
C THR A 96 -7.58 2.35 -15.76
N SER A 97 -7.80 2.32 -17.04
CA SER A 97 -8.12 1.02 -17.70
C SER A 97 -6.83 0.35 -18.20
N GLU A 98 -5.74 0.61 -17.54
CA GLU A 98 -4.44 0.00 -17.97
C GLU A 98 -3.53 -0.19 -16.75
N PRO A 99 -2.43 -0.84 -16.99
CA PRO A 99 -1.45 -1.09 -15.90
C PRO A 99 -0.72 0.20 -15.53
N ARG A 100 -0.66 0.52 -14.27
CA ARG A 100 0.03 1.77 -13.84
C ARG A 100 1.20 1.44 -12.91
N GLN A 101 2.35 1.17 -13.47
CA GLN A 101 3.53 0.84 -12.62
C GLN A 101 3.97 2.06 -11.83
N VAL A 102 4.56 1.85 -10.68
CA VAL A 102 5.03 3.01 -9.86
C VAL A 102 6.47 2.78 -9.40
N THR A 103 7.29 3.78 -9.48
CA THR A 103 8.71 3.63 -9.06
C THR A 103 9.26 4.96 -8.53
N GLU A 104 9.38 5.10 -7.23
CA GLU A 104 9.91 6.37 -6.67
C GLU A 104 10.74 6.08 -5.41
N THR A 105 11.90 6.66 -5.31
CA THR A 105 12.76 6.43 -4.11
C THR A 105 12.43 7.46 -3.03
N PHE A 106 12.95 7.26 -1.84
CA PHE A 106 12.67 8.23 -0.74
C PHE A 106 13.44 7.83 0.52
N THR A 107 13.79 8.79 1.34
CA THR A 107 14.53 8.46 2.59
C THR A 107 13.55 8.26 3.74
N ALA A 108 13.13 7.04 3.96
CA ALA A 108 12.16 6.77 5.07
C ALA A 108 12.67 7.40 6.37
N SER A 109 11.97 8.39 6.87
CA SER A 109 12.41 9.04 8.14
C SER A 109 11.66 8.44 9.34
N ALA A 110 11.66 7.13 9.45
CA ALA A 110 10.94 6.49 10.59
C ALA A 110 11.42 5.05 10.77
N THR A 111 10.71 4.27 11.53
CA THR A 111 11.13 2.85 11.74
C THR A 111 9.92 1.92 11.61
N TYR A 112 9.89 1.11 10.59
CA TYR A 112 8.74 0.18 10.41
C TYR A 112 9.22 -1.27 10.58
N PRO A 113 9.51 -1.62 11.81
CA PRO A 113 9.98 -2.99 12.12
C PRO A 113 8.83 -3.99 12.01
N ALA A 114 9.02 -5.19 12.49
CA ALA A 114 7.93 -6.21 12.41
C ALA A 114 7.80 -6.95 13.73
N THR A 115 7.44 -6.26 14.78
CA THR A 115 7.30 -6.92 16.10
C THR A 115 6.23 -6.20 16.94
N PRO A 116 5.01 -6.59 16.73
CA PRO A 116 3.88 -5.98 17.47
C PRO A 116 3.87 -6.45 18.93
N ALA A 117 4.69 -5.86 19.76
CA ALA A 117 4.73 -6.27 21.19
C ALA A 117 4.34 -5.11 22.10
N ALA A 118 3.28 -4.42 21.76
CA ALA A 118 2.84 -3.27 22.60
C ALA A 118 3.96 -2.23 22.70
N ASP A 119 4.83 -2.37 23.65
CA ASP A 119 5.94 -1.38 23.80
C ASP A 119 6.77 -1.33 22.51
N ASP A 120 6.66 -2.33 21.68
CA ASP A 120 7.44 -2.33 20.42
C ASP A 120 6.48 -2.29 19.21
N PRO A 121 6.23 -1.10 18.75
CA PRO A 121 5.33 -0.91 17.59
C PRO A 121 6.03 -1.33 16.29
N GLU A 122 5.46 -0.99 15.17
CA GLU A 122 6.10 -1.37 13.87
C GLU A 122 5.70 -0.39 12.77
N GLY A 123 5.65 -0.85 11.55
CA GLY A 123 5.27 0.06 10.42
C GLY A 123 4.55 -0.74 9.35
N GLN A 124 3.73 -0.09 8.55
CA GLN A 124 2.99 -0.83 7.49
C GLN A 124 2.72 0.08 6.28
N ILE A 125 1.75 -0.26 5.48
CA ILE A 125 1.41 0.58 4.30
C ILE A 125 -0.02 1.10 4.44
N ALA A 126 -0.29 2.25 3.89
CA ALA A 126 -1.67 2.80 4.02
C ALA A 126 -2.23 3.18 2.64
N PHE A 127 -3.35 2.62 2.29
CA PHE A 127 -3.99 2.95 0.99
C PHE A 127 -5.36 3.55 1.28
N GLN A 128 -5.48 4.85 1.21
CA GLN A 128 -6.78 5.50 1.55
C GLN A 128 -7.69 5.61 0.33
N LEU A 129 -8.65 4.74 0.23
CA LEU A 129 -9.61 4.80 -0.91
C LEU A 129 -10.94 5.37 -0.40
N GLY A 130 -10.88 6.38 0.42
CA GLY A 130 -12.13 6.97 0.97
C GLY A 130 -12.55 8.20 0.16
N GLY A 131 -13.30 8.00 -0.88
CA GLY A 131 -13.74 9.16 -1.71
C GLY A 131 -12.66 9.53 -2.73
N PHE A 132 -12.88 9.24 -3.98
CA PHE A 132 -11.88 9.57 -5.01
C PHE A 132 -12.49 9.44 -6.41
N SER A 133 -12.90 8.26 -6.78
CA SER A 133 -13.52 8.08 -8.13
C SER A 133 -15.02 8.32 -8.05
N ALA A 134 -15.71 8.18 -9.15
CA ALA A 134 -17.20 8.41 -9.13
C ALA A 134 -17.95 7.08 -9.07
N ASP A 135 -18.37 6.57 -10.20
CA ASP A 135 -19.12 5.28 -10.20
C ASP A 135 -18.31 4.19 -9.50
N ALA A 136 -18.97 3.20 -8.95
CA ALA A 136 -18.25 2.09 -8.26
C ALA A 136 -17.10 1.60 -9.12
N TRP A 137 -15.90 1.65 -8.63
CA TRP A 137 -14.74 1.18 -9.42
C TRP A 137 -13.96 0.13 -8.63
N THR A 138 -12.71 -0.06 -8.96
CA THR A 138 -11.92 -1.08 -8.23
C THR A 138 -10.42 -0.83 -8.40
N LEU A 139 -9.60 -1.52 -7.65
CA LEU A 139 -8.13 -1.34 -7.77
C LEU A 139 -7.48 -2.68 -8.12
N CYS A 140 -6.30 -2.67 -8.65
CA CYS A 140 -5.64 -3.96 -9.00
C CYS A 140 -4.12 -3.83 -8.92
N LEU A 141 -3.55 -4.16 -7.79
CA LEU A 141 -2.06 -4.08 -7.66
C LEU A 141 -1.45 -5.43 -8.06
N ASP A 142 -0.16 -5.55 -7.98
CA ASP A 142 0.50 -6.84 -8.35
C ASP A 142 2.01 -6.65 -8.47
N ASP A 143 2.63 -6.03 -7.50
CA ASP A 143 4.10 -5.81 -7.56
C ASP A 143 4.52 -4.79 -6.51
N VAL A 144 3.94 -4.85 -5.33
CA VAL A 144 4.30 -3.89 -4.27
C VAL A 144 5.47 -4.41 -3.44
N ALA A 145 6.61 -3.78 -3.54
CA ALA A 145 7.80 -4.25 -2.77
C ALA A 145 8.54 -3.04 -2.19
N LEU A 146 9.42 -3.28 -1.25
CA LEU A 146 10.19 -2.16 -0.64
C LEU A 146 11.55 -2.65 -0.14
N ASP A 147 12.58 -1.87 -0.34
CA ASP A 147 13.93 -2.30 0.12
C ASP A 147 14.82 -1.08 0.37
N SER A 148 15.78 -1.20 1.25
CA SER A 148 16.68 -0.04 1.53
C SER A 148 18.01 -0.22 0.81
N GLU A 149 18.36 0.70 -0.05
CA GLU A 149 19.65 0.58 -0.80
C GLU A 149 20.69 1.53 -0.20
N VAL A 150 21.76 1.78 -0.91
CA VAL A 150 22.81 2.70 -0.38
C VAL A 150 22.99 3.89 -1.32
N GLU A 151 23.10 5.07 -0.78
CA GLU A 151 23.28 6.27 -1.66
C GLU A 151 24.14 7.32 -0.94
N LEU A 152 25.06 7.92 -1.65
CA LEU A 152 25.92 8.96 -1.00
C LEU A 152 26.44 8.45 0.36
N ALA A 1 14.52 -6.68 5.03
CA ALA A 1 13.95 -5.32 4.83
C ALA A 1 12.47 -5.43 4.46
N SER A 2 11.59 -5.24 5.42
CA SER A 2 10.13 -5.33 5.12
C SER A 2 9.84 -6.58 4.30
N PRO A 3 9.85 -7.71 4.96
CA PRO A 3 9.58 -9.00 4.29
C PRO A 3 8.10 -9.14 3.97
N ILE A 4 7.64 -8.49 2.93
CA ILE A 4 6.20 -8.60 2.56
C ILE A 4 6.05 -9.31 1.22
N GLY A 5 6.92 -10.24 0.93
CA GLY A 5 6.84 -10.98 -0.35
C GLY A 5 7.75 -10.32 -1.38
N GLU A 6 7.93 -9.02 -1.28
CA GLU A 6 8.81 -8.30 -2.24
C GLU A 6 8.65 -8.88 -3.66
N GLY A 7 7.47 -9.27 -4.02
CA GLY A 7 7.24 -9.84 -5.37
C GLY A 7 5.97 -9.26 -5.97
N THR A 8 5.42 -9.92 -6.97
CA THR A 8 4.17 -9.40 -7.60
C THR A 8 2.97 -10.25 -7.17
N PHE A 9 2.80 -10.45 -5.89
CA PHE A 9 1.65 -11.26 -5.42
C PHE A 9 1.48 -12.51 -6.30
N ASP A 10 2.55 -12.99 -6.87
CA ASP A 10 2.46 -14.20 -7.74
C ASP A 10 2.55 -15.46 -6.89
N ASP A 11 1.75 -15.57 -5.86
CA ASP A 11 1.77 -16.77 -4.98
C ASP A 11 1.09 -16.45 -3.63
N GLY A 12 0.04 -15.67 -3.67
CA GLY A 12 -0.67 -15.32 -2.40
C GLY A 12 -0.42 -13.85 -2.07
N PRO A 13 -1.41 -13.25 -1.45
CA PRO A 13 -1.32 -11.82 -1.06
C PRO A 13 -0.42 -11.65 0.17
N GLU A 14 0.23 -12.69 0.60
CA GLU A 14 1.12 -12.57 1.80
C GLU A 14 0.33 -12.10 3.01
N GLY A 15 0.22 -10.82 3.22
CA GLY A 15 -0.54 -10.31 4.39
C GLY A 15 -1.27 -9.01 4.02
N TRP A 16 -1.66 -8.88 2.79
CA TRP A 16 -2.38 -7.64 2.38
C TRP A 16 -3.89 -7.77 2.65
N VAL A 17 -4.45 -6.85 3.38
CA VAL A 17 -5.90 -6.91 3.68
C VAL A 17 -6.59 -5.71 3.02
N ALA A 18 -7.88 -5.78 2.83
CA ALA A 18 -8.59 -4.62 2.20
C ALA A 18 -10.01 -4.49 2.77
N TYR A 19 -10.34 -3.34 3.25
CA TYR A 19 -11.70 -3.12 3.83
C TYR A 19 -12.57 -2.31 2.86
N GLY A 20 -13.83 -2.20 3.14
CA GLY A 20 -14.75 -1.44 2.23
C GLY A 20 -15.77 -2.41 1.62
N THR A 21 -16.18 -3.38 2.38
CA THR A 21 -17.17 -4.38 1.88
C THR A 21 -16.72 -4.96 0.53
N ASP A 22 -15.47 -4.83 0.18
CA ASP A 22 -14.99 -5.39 -1.10
C ASP A 22 -13.50 -5.71 -0.98
N GLY A 23 -13.16 -6.80 -0.34
CA GLY A 23 -11.72 -7.13 -0.18
C GLY A 23 -11.41 -8.48 -0.85
N PRO A 24 -11.92 -8.66 -2.04
CA PRO A 24 -11.65 -9.91 -2.79
C PRO A 24 -10.23 -9.87 -3.36
N LEU A 25 -9.25 -10.10 -2.54
CA LEU A 25 -7.84 -10.07 -3.04
C LEU A 25 -7.59 -11.25 -3.98
N ASP A 26 -7.92 -11.09 -5.23
CA ASP A 26 -7.67 -12.20 -6.21
C ASP A 26 -6.18 -12.27 -6.53
N THR A 27 -5.51 -13.30 -6.13
CA THR A 27 -4.05 -13.40 -6.40
C THR A 27 -3.73 -14.62 -7.26
N SER A 28 -4.49 -15.66 -7.16
CA SER A 28 -4.20 -16.86 -8.00
C SER A 28 -3.89 -16.40 -9.42
N THR A 29 -4.45 -15.28 -9.80
CA THR A 29 -4.21 -14.73 -11.16
C THR A 29 -2.78 -14.22 -11.30
N GLY A 30 -2.30 -13.47 -10.33
CA GLY A 30 -0.91 -12.94 -10.40
C GLY A 30 -0.87 -11.49 -9.92
N ALA A 31 -1.98 -10.96 -9.47
CA ALA A 31 -2.02 -9.55 -8.99
C ALA A 31 -3.07 -9.38 -7.90
N LEU A 32 -2.73 -8.78 -6.79
CA LEU A 32 -3.74 -8.59 -5.72
C LEU A 32 -4.82 -7.62 -6.18
N CYS A 33 -6.01 -8.10 -6.42
CA CYS A 33 -7.09 -7.19 -6.89
C CYS A 33 -8.15 -6.96 -5.80
N VAL A 34 -8.15 -5.80 -5.20
CA VAL A 34 -9.17 -5.50 -4.17
C VAL A 34 -10.40 -4.89 -4.84
N ALA A 35 -11.47 -4.67 -4.11
CA ALA A 35 -12.67 -4.10 -4.78
C ALA A 35 -13.11 -2.79 -4.13
N VAL A 36 -13.75 -1.94 -4.88
CA VAL A 36 -14.24 -0.65 -4.33
C VAL A 36 -15.65 -0.40 -4.89
N PRO A 37 -16.62 -0.48 -4.02
CA PRO A 37 -18.03 -0.28 -4.43
C PRO A 37 -18.33 1.18 -4.72
N ALA A 38 -19.13 1.45 -5.71
CA ALA A 38 -19.47 2.86 -6.06
C ALA A 38 -19.73 3.65 -4.78
N GLY A 39 -19.74 4.94 -4.86
CA GLY A 39 -19.99 5.76 -3.65
C GLY A 39 -19.06 5.29 -2.52
N SER A 40 -17.78 5.19 -2.80
CA SER A 40 -16.82 4.73 -1.75
C SER A 40 -16.34 5.95 -0.94
N ALA A 41 -17.22 6.89 -0.72
CA ALA A 41 -16.86 8.10 0.07
C ALA A 41 -17.08 7.83 1.55
N GLN A 42 -17.59 8.78 2.27
CA GLN A 42 -17.82 8.57 3.73
C GLN A 42 -16.63 7.84 4.36
N TYR A 43 -16.87 6.95 5.29
CA TYR A 43 -15.76 6.21 5.95
C TYR A 43 -14.59 6.02 4.97
N GLY A 44 -14.89 5.74 3.73
CA GLY A 44 -13.82 5.60 2.71
C GLY A 44 -13.32 4.15 2.64
N VAL A 45 -13.12 3.65 1.46
CA VAL A 45 -12.60 2.28 1.29
C VAL A 45 -11.07 2.34 1.26
N GLY A 46 -10.39 1.23 1.38
CA GLY A 46 -8.90 1.31 1.35
C GLY A 46 -8.27 -0.02 1.78
N VAL A 47 -7.02 -0.21 1.46
CA VAL A 47 -6.31 -1.46 1.84
C VAL A 47 -5.20 -1.15 2.85
N VAL A 48 -4.78 -2.13 3.61
CA VAL A 48 -3.70 -1.87 4.61
C VAL A 48 -2.79 -3.09 4.71
N LEU A 49 -1.54 -2.89 5.04
CA LEU A 49 -0.61 -4.05 5.15
C LEU A 49 0.30 -3.89 6.36
N ASN A 50 -0.11 -4.38 7.50
CA ASN A 50 0.74 -4.26 8.72
C ASN A 50 1.93 -5.21 8.64
N GLY A 51 3.11 -4.72 8.92
CA GLY A 51 4.31 -5.59 8.85
C GLY A 51 5.34 -4.97 7.91
N VAL A 52 5.80 -3.79 8.22
CA VAL A 52 6.80 -3.12 7.35
C VAL A 52 8.09 -2.84 8.12
N ALA A 53 9.12 -2.41 7.45
CA ALA A 53 10.40 -2.13 8.17
C ALA A 53 11.03 -0.83 7.66
N ILE A 54 10.89 0.23 8.39
CA ILE A 54 11.48 1.54 7.96
C ILE A 54 12.25 2.17 9.11
N GLU A 55 13.12 1.43 9.74
CA GLU A 55 13.91 1.97 10.87
C GLU A 55 14.98 2.96 10.38
N GLU A 56 15.16 4.04 11.10
CA GLU A 56 16.21 5.05 10.71
C GLU A 56 15.79 5.86 9.49
N GLY A 57 16.62 6.79 9.09
CA GLY A 57 16.32 7.63 7.90
C GLY A 57 17.17 7.11 6.74
N THR A 58 16.66 6.17 6.00
CA THR A 58 17.46 5.61 4.89
C THR A 58 16.74 5.82 3.54
N THR A 59 17.17 5.13 2.52
CA THR A 59 16.52 5.28 1.19
C THR A 59 15.61 4.10 0.90
N TYR A 60 14.38 4.14 1.34
CA TYR A 60 13.46 3.01 1.08
C TYR A 60 12.78 3.20 -0.28
N THR A 61 13.03 2.30 -1.20
CA THR A 61 12.41 2.43 -2.55
C THR A 61 11.06 1.72 -2.58
N LEU A 62 10.00 2.44 -2.75
CA LEU A 62 8.65 1.78 -2.79
C LEU A 62 8.30 1.39 -4.23
N ARG A 63 8.07 0.13 -4.46
CA ARG A 63 7.72 -0.31 -5.84
C ARG A 63 6.36 -1.03 -5.85
N TYR A 64 5.42 -0.54 -6.61
CA TYR A 64 4.08 -1.19 -6.66
C TYR A 64 3.35 -0.77 -7.94
N THR A 65 2.64 -1.69 -8.54
CA THR A 65 1.90 -1.35 -9.80
C THR A 65 0.41 -1.56 -9.58
N ALA A 66 -0.30 -0.51 -9.29
CA ALA A 66 -1.77 -0.64 -9.05
C ALA A 66 -2.55 -0.28 -10.32
N THR A 67 -3.73 -0.82 -10.45
CA THR A 67 -4.55 -0.51 -11.66
C THR A 67 -6.04 -0.58 -11.32
N ALA A 68 -6.76 0.48 -11.52
CA ALA A 68 -8.22 0.46 -11.21
C ALA A 68 -9.04 0.46 -12.51
N SER A 69 -10.13 -0.26 -12.55
CA SER A 69 -10.95 -0.27 -13.78
C SER A 69 -11.23 1.17 -14.22
N THR A 70 -11.13 2.09 -13.30
CA THR A 70 -11.38 3.52 -13.64
C THR A 70 -10.12 4.34 -13.37
N ASP A 71 -10.06 5.56 -13.85
CA ASP A 71 -8.87 6.41 -13.58
C ASP A 71 -9.00 7.04 -12.19
N VAL A 72 -8.82 6.27 -11.16
CA VAL A 72 -8.97 6.83 -9.78
C VAL A 72 -7.61 7.18 -9.19
N THR A 73 -7.56 8.23 -8.41
CA THR A 73 -6.28 8.63 -7.75
C THR A 73 -6.54 8.81 -6.26
N VAL A 74 -6.36 7.78 -5.48
CA VAL A 74 -6.61 7.90 -4.02
C VAL A 74 -5.35 8.36 -3.28
N ARG A 75 -5.18 7.93 -2.06
CA ARG A 75 -3.98 8.36 -1.29
C ARG A 75 -3.17 7.14 -0.83
N ALA A 76 -1.95 7.02 -1.27
CA ALA A 76 -1.11 5.86 -0.85
C ALA A 76 0.18 6.38 -0.20
N LEU A 77 0.70 5.65 0.76
CA LEU A 77 1.95 6.10 1.43
C LEU A 77 2.34 5.09 2.52
N VAL A 78 2.95 5.56 3.58
CA VAL A 78 3.36 4.64 4.69
C VAL A 78 3.28 5.40 6.01
N GLY A 79 3.43 4.71 7.12
CA GLY A 79 3.34 5.43 8.42
C GLY A 79 3.73 4.49 9.56
N GLN A 80 3.68 4.98 10.77
CA GLN A 80 4.05 4.12 11.94
C GLN A 80 2.80 3.43 12.50
N ASN A 81 2.79 3.18 13.77
CA ASN A 81 1.61 2.51 14.40
C ASN A 81 1.66 2.69 15.91
N GLY A 82 1.56 3.91 16.37
CA GLY A 82 1.62 4.16 17.84
C GLY A 82 2.54 5.35 18.11
N ALA A 83 2.25 6.13 19.12
CA ALA A 83 3.11 7.31 19.43
C ALA A 83 4.60 6.94 19.27
N PRO A 84 5.40 7.93 18.94
CA PRO A 84 4.89 9.31 18.73
C PRO A 84 4.26 9.46 17.34
N TYR A 85 4.03 8.38 16.66
CA TYR A 85 3.42 8.46 15.30
C TYR A 85 4.36 9.21 14.34
N GLY A 86 4.31 8.90 13.08
CA GLY A 86 5.21 9.59 12.11
C GLY A 86 5.03 8.98 10.72
N THR A 87 4.85 9.79 9.72
CA THR A 87 4.68 9.26 8.33
C THR A 87 5.91 9.57 7.48
N VAL A 88 6.16 8.80 6.47
CA VAL A 88 7.35 9.07 5.61
C VAL A 88 6.93 9.20 4.14
N LEU A 89 5.79 8.65 3.78
CA LEU A 89 5.34 8.76 2.36
C LEU A 89 4.10 9.64 2.25
N ASP A 90 4.00 10.40 1.18
CA ASP A 90 2.82 11.29 1.01
C ASP A 90 2.53 11.49 -0.49
N THR A 91 1.78 10.60 -1.09
CA THR A 91 1.47 10.76 -2.55
C THR A 91 0.18 10.04 -2.90
N SER A 92 -0.20 10.04 -4.15
CA SER A 92 -1.46 9.36 -4.57
C SER A 92 -1.16 8.32 -5.65
N PRO A 93 -1.72 7.16 -5.48
CA PRO A 93 -1.52 6.06 -6.45
C PRO A 93 -2.37 6.27 -7.70
N ALA A 94 -1.95 7.10 -8.61
CA ALA A 94 -2.76 7.31 -9.84
C ALA A 94 -3.11 5.94 -10.45
N LEU A 95 -4.34 5.75 -10.84
CA LEU A 95 -4.72 4.43 -11.42
C LEU A 95 -5.49 4.62 -12.74
N THR A 96 -5.72 3.55 -13.44
CA THR A 96 -6.47 3.65 -14.73
C THR A 96 -6.80 2.24 -15.25
N SER A 97 -7.43 2.16 -16.39
CA SER A 97 -7.79 0.82 -16.94
C SER A 97 -6.53 0.07 -17.37
N GLU A 98 -5.39 0.72 -17.32
CA GLU A 98 -4.12 0.05 -17.73
C GLU A 98 -3.24 -0.18 -16.50
N PRO A 99 -2.15 -0.87 -16.72
CA PRO A 99 -1.19 -1.15 -15.62
C PRO A 99 -0.44 0.11 -15.23
N ARG A 100 -0.43 0.44 -13.95
CA ARG A 100 0.29 1.66 -13.52
C ARG A 100 1.39 1.31 -12.52
N GLN A 101 2.58 1.09 -13.00
CA GLN A 101 3.70 0.74 -12.08
C GLN A 101 4.18 1.99 -11.34
N VAL A 102 4.75 1.82 -10.18
CA VAL A 102 5.23 3.01 -9.41
C VAL A 102 6.58 2.71 -8.76
N THR A 103 7.51 3.61 -8.87
CA THR A 103 8.86 3.38 -8.25
C THR A 103 9.48 4.72 -7.85
N GLU A 104 9.75 4.91 -6.60
CA GLU A 104 10.37 6.19 -6.14
C GLU A 104 11.42 5.93 -5.06
N THR A 105 12.39 6.80 -4.94
CA THR A 105 13.45 6.60 -3.92
C THR A 105 13.30 7.64 -2.80
N PHE A 106 12.28 7.52 -2.01
CA PHE A 106 12.08 8.51 -0.89
C PHE A 106 12.89 8.09 0.33
N THR A 107 13.38 9.05 1.08
CA THR A 107 14.18 8.71 2.29
C THR A 107 13.26 8.58 3.51
N ALA A 108 12.96 7.37 3.90
CA ALA A 108 12.06 7.20 5.08
C ALA A 108 12.77 7.62 6.37
N SER A 109 12.56 8.83 6.80
CA SER A 109 13.21 9.31 8.04
C SER A 109 12.35 8.92 9.25
N ALA A 110 12.12 7.65 9.43
CA ALA A 110 11.28 7.23 10.60
C ALA A 110 11.60 5.79 11.01
N THR A 111 10.68 5.12 11.65
CA THR A 111 10.94 3.72 12.09
C THR A 111 9.66 2.89 12.06
N TYR A 112 9.55 2.00 11.11
CA TYR A 112 8.34 1.13 11.03
C TYR A 112 8.69 -0.30 11.41
N PRO A 113 8.89 -0.51 12.68
CA PRO A 113 9.25 -1.86 13.18
C PRO A 113 8.05 -2.80 13.10
N ALA A 114 8.05 -3.86 13.86
CA ALA A 114 6.90 -4.81 13.82
C ALA A 114 6.66 -5.41 15.20
N THR A 115 6.84 -4.64 16.24
CA THR A 115 6.62 -5.16 17.62
C THR A 115 5.34 -4.58 18.20
N PRO A 116 4.25 -5.25 17.95
CA PRO A 116 2.93 -4.78 18.45
C PRO A 116 2.83 -5.03 19.96
N ALA A 117 2.83 -3.98 20.75
CA ALA A 117 2.74 -4.16 22.22
C ALA A 117 2.03 -2.96 22.85
N ALA A 118 2.04 -2.87 24.15
CA ALA A 118 1.36 -1.72 24.83
C ALA A 118 2.20 -0.45 24.68
N ASP A 119 3.40 -0.58 24.17
CA ASP A 119 4.27 0.61 24.00
C ASP A 119 5.24 0.40 22.83
N ASP A 120 4.96 -0.55 21.99
CA ASP A 120 5.87 -0.82 20.83
C ASP A 120 5.15 -0.52 19.52
N PRO A 121 5.27 0.70 19.08
CA PRO A 121 4.61 1.13 17.82
C PRO A 121 5.35 0.56 16.61
N GLU A 122 4.65 0.24 15.56
CA GLU A 122 5.33 -0.31 14.35
C GLU A 122 5.01 0.55 13.12
N GLY A 123 5.07 -0.02 11.95
CA GLY A 123 4.78 0.78 10.73
C GLY A 123 4.23 -0.14 9.63
N GLN A 124 3.41 0.39 8.76
CA GLN A 124 2.83 -0.47 7.68
C GLN A 124 2.54 0.38 6.44
N ILE A 125 1.59 -0.04 5.64
CA ILE A 125 1.25 0.74 4.41
C ILE A 125 -0.20 1.20 4.50
N ALA A 126 -0.50 2.37 3.99
CA ALA A 126 -1.89 2.88 4.07
C ALA A 126 -2.44 3.17 2.67
N PHE A 127 -3.52 2.53 2.31
CA PHE A 127 -4.14 2.77 0.98
C PHE A 127 -5.56 3.29 1.20
N GLN A 128 -5.75 4.58 1.16
CA GLN A 128 -7.10 5.14 1.40
C GLN A 128 -7.91 5.24 0.10
N LEU A 129 -8.61 4.20 -0.24
CA LEU A 129 -9.44 4.23 -1.48
C LEU A 129 -10.82 4.81 -1.16
N GLY A 130 -10.85 5.95 -0.53
CA GLY A 130 -12.17 6.56 -0.18
C GLY A 130 -12.23 8.01 -0.67
N GLY A 131 -13.40 8.48 -0.98
CA GLY A 131 -13.54 9.88 -1.48
C GLY A 131 -12.57 10.11 -2.64
N PHE A 132 -12.75 9.41 -3.72
CA PHE A 132 -11.84 9.58 -4.89
C PHE A 132 -12.60 9.35 -6.20
N SER A 133 -12.83 8.11 -6.56
CA SER A 133 -13.57 7.84 -7.82
C SER A 133 -15.07 7.76 -7.54
N ALA A 134 -15.88 8.22 -8.46
CA ALA A 134 -17.35 8.17 -8.25
C ALA A 134 -17.90 6.79 -8.59
N ASP A 135 -18.18 6.55 -9.84
CA ASP A 135 -18.72 5.21 -10.24
C ASP A 135 -17.97 4.10 -9.51
N ALA A 136 -18.59 2.97 -9.34
CA ALA A 136 -17.91 1.84 -8.63
C ALA A 136 -16.61 1.47 -9.36
N TRP A 137 -15.51 1.48 -8.66
CA TRP A 137 -14.21 1.13 -9.30
C TRP A 137 -13.45 0.12 -8.45
N THR A 138 -12.21 -0.11 -8.75
CA THR A 138 -11.46 -1.12 -7.96
C THR A 138 -9.94 -0.89 -8.13
N LEU A 139 -9.15 -1.71 -7.47
CA LEU A 139 -7.66 -1.56 -7.58
C LEU A 139 -7.02 -2.92 -7.82
N CYS A 140 -5.86 -2.95 -8.40
CA CYS A 140 -5.17 -4.25 -8.65
C CYS A 140 -3.65 -4.09 -8.63
N LEU A 141 -3.03 -4.38 -7.52
CA LEU A 141 -1.54 -4.26 -7.45
C LEU A 141 -0.90 -5.58 -7.88
N ASP A 142 0.41 -5.67 -7.82
CA ASP A 142 1.08 -6.95 -8.23
C ASP A 142 2.61 -6.77 -8.26
N ASP A 143 3.16 -6.14 -7.27
CA ASP A 143 4.65 -5.95 -7.24
C ASP A 143 5.02 -5.02 -6.10
N VAL A 144 4.89 -5.46 -4.88
CA VAL A 144 5.23 -4.58 -3.72
C VAL A 144 6.54 -5.04 -3.08
N ALA A 145 7.51 -4.17 -3.00
CA ALA A 145 8.81 -4.54 -2.39
C ALA A 145 9.48 -3.30 -1.79
N LEU A 146 10.27 -3.48 -0.76
CA LEU A 146 10.95 -2.31 -0.13
C LEU A 146 12.40 -2.67 0.22
N ASP A 147 13.24 -1.69 0.37
CA ASP A 147 14.67 -1.97 0.72
C ASP A 147 15.34 -0.70 1.25
N SER A 148 16.65 -0.64 1.17
CA SER A 148 17.37 0.57 1.67
C SER A 148 18.66 0.77 0.87
N GLU A 149 18.73 1.83 0.11
CA GLU A 149 19.97 2.09 -0.69
C GLU A 149 20.46 0.79 -1.34
N VAL A 150 19.76 0.31 -2.33
CA VAL A 150 20.20 -0.96 -2.99
C VAL A 150 20.53 -0.70 -4.46
N GLU A 151 21.17 0.40 -4.75
CA GLU A 151 21.53 0.71 -6.16
C GLU A 151 23.05 0.84 -6.31
N LEU A 152 23.51 1.26 -7.46
CA LEU A 152 24.97 1.40 -7.67
C LEU A 152 25.71 0.19 -7.09
N ALA A 1 15.41 -6.79 7.28
CA ALA A 1 14.94 -7.06 8.67
C ALA A 1 13.65 -7.90 8.64
N SER A 2 12.63 -7.41 8.00
CA SER A 2 11.35 -8.17 7.94
C SER A 2 10.31 -7.39 7.12
N PRO A 3 10.65 -7.12 5.89
CA PRO A 3 9.74 -6.37 5.00
C PRO A 3 8.62 -7.29 4.51
N ILE A 4 8.03 -6.98 3.39
CA ILE A 4 6.93 -7.84 2.86
C ILE A 4 7.49 -8.85 1.85
N GLY A 5 8.72 -8.71 1.49
CA GLY A 5 9.33 -9.66 0.51
C GLY A 5 8.71 -9.45 -0.86
N GLU A 6 9.40 -9.81 -1.90
CA GLU A 6 8.85 -9.63 -3.28
C GLU A 6 7.71 -10.63 -3.53
N GLY A 7 6.52 -10.30 -3.09
CA GLY A 7 5.38 -11.24 -3.31
C GLY A 7 4.74 -10.96 -4.67
N THR A 8 4.59 -11.97 -5.48
CA THR A 8 3.98 -11.77 -6.82
C THR A 8 2.46 -11.62 -6.69
N PHE A 9 1.95 -11.64 -5.50
CA PHE A 9 0.47 -11.51 -5.31
C PHE A 9 -0.26 -12.59 -6.10
N ASP A 10 0.43 -13.62 -6.50
CA ASP A 10 -0.22 -14.71 -7.27
C ASP A 10 -0.57 -15.89 -6.35
N ASP A 11 -0.52 -15.67 -5.06
CA ASP A 11 -0.85 -16.75 -4.08
C ASP A 11 -0.28 -16.39 -2.70
N GLY A 12 -0.97 -15.56 -1.98
CA GLY A 12 -0.48 -15.16 -0.63
C GLY A 12 0.15 -13.77 -0.70
N PRO A 13 -0.70 -12.77 -0.63
CA PRO A 13 -0.23 -11.37 -0.69
C PRO A 13 0.27 -10.91 0.68
N GLU A 14 1.01 -11.72 1.36
CA GLU A 14 1.53 -11.32 2.70
C GLU A 14 0.37 -10.95 3.63
N GLY A 15 -0.01 -9.70 3.67
CA GLY A 15 -1.14 -9.29 4.55
C GLY A 15 -1.83 -8.06 3.96
N TRP A 16 -1.86 -7.95 2.67
CA TRP A 16 -2.52 -6.77 2.03
C TRP A 16 -4.04 -6.86 2.20
N VAL A 17 -4.55 -6.37 3.29
CA VAL A 17 -6.02 -6.42 3.50
C VAL A 17 -6.70 -5.26 2.77
N ALA A 18 -7.90 -5.45 2.29
CA ALA A 18 -8.60 -4.34 1.58
C ALA A 18 -10.04 -4.23 2.07
N TYR A 19 -10.39 -3.11 2.63
CA TYR A 19 -11.78 -2.93 3.14
C TYR A 19 -12.56 -1.97 2.24
N GLY A 20 -13.80 -2.28 1.96
CA GLY A 20 -14.61 -1.39 1.09
C GLY A 20 -15.81 -2.18 0.53
N THR A 21 -16.48 -2.92 1.37
CA THR A 21 -17.65 -3.72 0.91
C THR A 21 -17.29 -4.55 -0.32
N ASP A 22 -16.02 -4.77 -0.57
CA ASP A 22 -15.62 -5.58 -1.74
C ASP A 22 -15.33 -7.02 -1.33
N GLY A 23 -16.12 -7.55 -0.42
CA GLY A 23 -15.89 -8.95 0.03
C GLY A 23 -14.39 -9.15 0.31
N PRO A 24 -13.98 -10.38 0.25
CA PRO A 24 -12.55 -10.71 0.50
C PRO A 24 -11.69 -10.27 -0.69
N LEU A 25 -10.67 -9.49 -0.44
CA LEU A 25 -9.79 -9.04 -1.56
C LEU A 25 -9.51 -10.21 -2.51
N ASP A 26 -9.64 -9.98 -3.80
CA ASP A 26 -9.39 -11.08 -4.77
C ASP A 26 -7.92 -11.06 -5.20
N THR A 27 -7.18 -12.10 -4.90
CA THR A 27 -5.75 -12.13 -5.29
C THR A 27 -5.48 -13.32 -6.21
N SER A 28 -6.23 -14.38 -6.06
CA SER A 28 -6.04 -15.61 -6.91
C SER A 28 -5.95 -15.24 -8.39
N THR A 29 -4.80 -14.85 -8.86
CA THR A 29 -4.65 -14.47 -10.30
C THR A 29 -3.25 -13.95 -10.58
N GLY A 30 -2.61 -13.38 -9.60
CA GLY A 30 -1.22 -12.85 -9.82
C GLY A 30 -1.12 -11.44 -9.25
N ALA A 31 -2.22 -10.87 -8.81
CA ALA A 31 -2.16 -9.49 -8.23
C ALA A 31 -3.25 -9.32 -7.18
N LEU A 32 -3.24 -8.21 -6.49
CA LEU A 32 -4.29 -7.98 -5.44
C LEU A 32 -5.33 -6.98 -5.97
N CYS A 33 -6.40 -7.46 -6.52
CA CYS A 33 -7.44 -6.55 -7.06
C CYS A 33 -8.61 -6.39 -6.07
N VAL A 34 -8.81 -5.21 -5.56
CA VAL A 34 -9.94 -4.99 -4.61
C VAL A 34 -11.14 -4.44 -5.39
N ALA A 35 -12.32 -4.60 -4.87
CA ALA A 35 -13.53 -4.10 -5.60
C ALA A 35 -14.04 -2.79 -5.00
N VAL A 36 -13.57 -1.67 -5.46
CA VAL A 36 -14.07 -0.38 -4.92
C VAL A 36 -15.47 -0.10 -5.49
N PRO A 37 -16.42 0.00 -4.60
CA PRO A 37 -17.82 0.24 -5.02
C PRO A 37 -18.00 1.66 -5.59
N ALA A 38 -18.84 1.80 -6.57
CA ALA A 38 -19.08 3.15 -7.18
C ALA A 38 -19.15 4.21 -6.08
N GLY A 39 -18.71 5.40 -6.37
CA GLY A 39 -18.76 6.48 -5.34
C GLY A 39 -18.27 5.91 -4.01
N SER A 40 -17.00 5.63 -3.90
CA SER A 40 -16.46 5.06 -2.63
C SER A 40 -16.09 6.19 -1.66
N ALA A 41 -16.76 7.28 -1.74
CA ALA A 41 -16.47 8.43 -0.83
C ALA A 41 -17.35 8.32 0.42
N GLN A 42 -17.85 7.15 0.67
CA GLN A 42 -18.71 6.93 1.86
C GLN A 42 -17.83 6.65 3.08
N TYR A 43 -18.18 5.68 3.87
CA TYR A 43 -17.36 5.37 5.08
C TYR A 43 -15.87 5.53 4.77
N GLY A 44 -15.49 5.33 3.53
CA GLY A 44 -14.04 5.49 3.17
C GLY A 44 -13.46 4.13 2.81
N VAL A 45 -13.21 3.89 1.55
CA VAL A 45 -12.62 2.58 1.14
C VAL A 45 -11.09 2.70 1.16
N GLY A 46 -10.39 1.63 1.35
CA GLY A 46 -8.90 1.74 1.38
C GLY A 46 -8.28 0.38 1.70
N VAL A 47 -6.99 0.26 1.55
CA VAL A 47 -6.30 -1.04 1.84
C VAL A 47 -5.14 -0.80 2.80
N VAL A 48 -4.89 -1.73 3.69
CA VAL A 48 -3.76 -1.55 4.65
C VAL A 48 -2.96 -2.85 4.78
N LEU A 49 -1.68 -2.75 5.01
CA LEU A 49 -0.85 -3.98 5.15
C LEU A 49 0.11 -3.84 6.33
N ASN A 50 -0.12 -4.59 7.39
CA ASN A 50 0.78 -4.50 8.57
C ASN A 50 1.99 -5.40 8.38
N GLY A 51 3.17 -4.85 8.42
CA GLY A 51 4.39 -5.68 8.25
C GLY A 51 5.41 -4.92 7.39
N VAL A 52 6.13 -4.00 7.98
CA VAL A 52 7.14 -3.24 7.18
C VAL A 52 8.48 -3.20 7.93
N ALA A 53 9.57 -3.13 7.21
CA ALA A 53 10.90 -3.10 7.88
C ALA A 53 11.61 -1.77 7.58
N ILE A 54 11.45 -0.80 8.43
CA ILE A 54 12.12 0.52 8.20
C ILE A 54 12.72 1.04 9.50
N GLU A 55 13.52 2.06 9.44
CA GLU A 55 14.14 2.62 10.67
C GLU A 55 15.06 3.79 10.33
N GLU A 56 15.03 4.82 11.14
CA GLU A 56 15.90 6.01 10.88
C GLU A 56 15.51 6.70 9.56
N GLY A 57 16.20 7.74 9.21
CA GLY A 57 15.88 8.45 7.94
C GLY A 57 16.76 7.88 6.83
N THR A 58 16.48 6.67 6.42
CA THR A 58 17.29 6.03 5.35
C THR A 58 16.50 6.00 4.04
N THR A 59 17.11 5.53 2.98
CA THR A 59 16.40 5.47 1.67
C THR A 59 15.65 4.15 1.52
N TYR A 60 14.64 4.13 0.70
CA TYR A 60 13.86 2.88 0.49
C TYR A 60 13.16 2.93 -0.88
N THR A 61 13.48 2.02 -1.75
CA THR A 61 12.83 2.03 -3.09
C THR A 61 11.57 1.18 -3.09
N LEU A 62 10.42 1.82 -3.23
CA LEU A 62 9.15 1.05 -3.24
C LEU A 62 8.80 0.65 -4.68
N ARG A 63 8.30 -0.53 -4.87
CA ARG A 63 7.95 -0.98 -6.26
C ARG A 63 6.60 -1.70 -6.27
N TYR A 64 5.58 -1.05 -6.77
CA TYR A 64 4.25 -1.70 -6.83
C TYR A 64 3.56 -1.34 -8.15
N THR A 65 2.70 -2.19 -8.64
CA THR A 65 2.01 -1.88 -9.92
C THR A 65 0.49 -1.84 -9.70
N ALA A 66 -0.04 -0.68 -9.43
CA ALA A 66 -1.51 -0.57 -9.19
C ALA A 66 -2.23 -0.29 -10.52
N THR A 67 -3.41 -0.82 -10.68
CA THR A 67 -4.16 -0.59 -11.95
C THR A 67 -5.67 -0.62 -11.69
N ALA A 68 -6.31 0.52 -11.68
CA ALA A 68 -7.78 0.54 -11.45
C ALA A 68 -8.51 0.58 -12.79
N SER A 69 -9.51 -0.25 -12.96
CA SER A 69 -10.26 -0.24 -14.25
C SER A 69 -10.54 1.21 -14.66
N THR A 70 -10.61 2.09 -13.71
CA THR A 70 -10.86 3.53 -14.03
C THR A 70 -9.62 4.37 -13.70
N ASP A 71 -9.58 5.59 -14.15
CA ASP A 71 -8.41 6.45 -13.84
C ASP A 71 -8.60 7.09 -12.46
N VAL A 72 -8.54 6.30 -11.42
CA VAL A 72 -8.74 6.85 -10.05
C VAL A 72 -7.41 7.26 -9.42
N THR A 73 -7.41 8.38 -8.72
CA THR A 73 -6.17 8.84 -8.04
C THR A 73 -6.48 9.09 -6.57
N VAL A 74 -6.28 8.10 -5.74
CA VAL A 74 -6.60 8.29 -4.29
C VAL A 74 -5.37 8.82 -3.53
N ARG A 75 -5.34 8.64 -2.25
CA ARG A 75 -4.18 9.15 -1.46
C ARG A 75 -3.47 7.98 -0.75
N ALA A 76 -2.31 7.61 -1.22
CA ALA A 76 -1.57 6.48 -0.58
C ALA A 76 -0.29 7.01 0.07
N LEU A 77 0.32 6.22 0.92
CA LEU A 77 1.57 6.67 1.59
C LEU A 77 2.04 5.61 2.60
N VAL A 78 2.86 5.98 3.54
CA VAL A 78 3.34 5.00 4.54
C VAL A 78 3.61 5.72 5.87
N GLY A 79 3.57 5.01 6.97
CA GLY A 79 3.81 5.67 8.28
C GLY A 79 3.90 4.62 9.39
N GLN A 80 4.08 5.06 10.61
CA GLN A 80 4.18 4.10 11.74
C GLN A 80 2.82 3.88 12.39
N ASN A 81 2.41 2.66 12.55
CA ASN A 81 1.10 2.38 13.20
C ASN A 81 1.31 2.09 14.69
N GLY A 82 1.57 3.09 15.46
CA GLY A 82 1.79 2.88 16.93
C GLY A 82 1.73 4.22 17.65
N ALA A 83 2.85 4.88 17.80
CA ALA A 83 2.86 6.19 18.50
C ALA A 83 4.31 6.71 18.63
N PRO A 84 4.51 7.98 18.37
CA PRO A 84 3.39 8.88 17.98
C PRO A 84 3.11 8.78 16.47
N TYR A 85 3.30 7.62 15.90
CA TYR A 85 3.05 7.46 14.43
C TYR A 85 4.04 8.31 13.63
N GLY A 86 4.14 8.06 12.35
CA GLY A 86 5.07 8.84 11.50
C GLY A 86 4.69 8.66 10.03
N THR A 87 5.29 9.40 9.14
CA THR A 87 4.95 9.25 7.70
C THR A 87 6.18 9.48 6.83
N VAL A 88 6.40 8.62 5.87
CA VAL A 88 7.58 8.79 4.98
C VAL A 88 7.12 8.95 3.53
N LEU A 89 5.86 8.70 3.28
CA LEU A 89 5.34 8.84 1.89
C LEU A 89 4.16 9.82 1.84
N ASP A 90 4.06 10.59 0.79
CA ASP A 90 2.94 11.56 0.68
C ASP A 90 2.58 11.80 -0.78
N THR A 91 1.78 10.94 -1.37
CA THR A 91 1.40 11.13 -2.80
C THR A 91 0.12 10.36 -3.12
N SER A 92 -0.29 10.38 -4.36
CA SER A 92 -1.52 9.65 -4.75
C SER A 92 -1.21 8.59 -5.80
N PRO A 93 -1.69 7.40 -5.56
CA PRO A 93 -1.45 6.27 -6.50
C PRO A 93 -2.27 6.44 -7.78
N ALA A 94 -1.86 7.29 -8.67
CA ALA A 94 -2.64 7.45 -9.93
C ALA A 94 -2.94 6.08 -10.53
N LEU A 95 -4.14 5.85 -10.97
CA LEU A 95 -4.47 4.52 -11.54
C LEU A 95 -5.19 4.66 -12.89
N THR A 96 -5.47 3.56 -13.53
CA THR A 96 -6.16 3.62 -14.85
C THR A 96 -6.43 2.20 -15.36
N SER A 97 -7.00 2.08 -16.53
CA SER A 97 -7.29 0.71 -17.07
C SER A 97 -5.98 0.01 -17.45
N GLU A 98 -4.94 0.76 -17.69
CA GLU A 98 -3.65 0.13 -18.07
C GLU A 98 -2.82 -0.16 -16.82
N PRO A 99 -1.76 -0.90 -17.01
CA PRO A 99 -0.87 -1.24 -15.87
C PRO A 99 -0.06 -0.03 -15.43
N ARG A 100 -0.04 0.25 -14.16
CA ARG A 100 0.72 1.44 -13.67
C ARG A 100 1.81 1.00 -12.68
N GLN A 101 3.00 0.75 -13.16
CA GLN A 101 4.10 0.31 -12.26
C GLN A 101 4.79 1.54 -11.65
N VAL A 102 4.45 1.90 -10.45
CA VAL A 102 5.09 3.08 -9.81
C VAL A 102 6.35 2.65 -9.05
N THR A 103 7.43 3.37 -9.22
CA THR A 103 8.69 3.02 -8.51
C THR A 103 9.49 4.28 -8.19
N GLU A 104 10.01 4.37 -7.00
CA GLU A 104 10.80 5.58 -6.62
C GLU A 104 11.69 5.27 -5.42
N THR A 105 12.41 6.25 -4.93
CA THR A 105 13.29 6.02 -3.76
C THR A 105 13.13 7.14 -2.73
N PHE A 106 12.23 6.96 -1.80
CA PHE A 106 12.01 8.02 -0.77
C PHE A 106 12.89 7.76 0.46
N THR A 107 13.20 8.77 1.21
CA THR A 107 14.05 8.58 2.42
C THR A 107 13.17 8.27 3.63
N ALA A 108 12.94 7.02 3.90
CA ALA A 108 12.08 6.65 5.06
C ALA A 108 12.49 7.44 6.30
N SER A 109 11.89 8.57 6.53
CA SER A 109 12.26 9.37 7.73
C SER A 109 11.44 8.90 8.93
N ALA A 110 11.54 7.64 9.27
CA ALA A 110 10.75 7.13 10.43
C ALA A 110 11.24 5.73 10.85
N THR A 111 10.40 4.98 11.49
CA THR A 111 10.80 3.62 11.94
C THR A 111 9.59 2.68 11.93
N TYR A 112 9.58 1.73 11.03
CA TYR A 112 8.43 0.78 10.95
C TYR A 112 8.83 -0.57 11.55
N PRO A 113 8.56 -0.72 12.82
CA PRO A 113 8.89 -2.00 13.51
C PRO A 113 7.95 -3.12 13.06
N ALA A 114 8.33 -4.35 13.27
CA ALA A 114 7.46 -5.47 12.85
C ALA A 114 6.95 -6.24 14.07
N THR A 115 6.10 -5.63 14.84
CA THR A 115 5.57 -6.32 16.05
C THR A 115 4.14 -5.84 16.36
N PRO A 116 3.20 -6.73 16.21
CA PRO A 116 1.78 -6.39 16.47
C PRO A 116 1.52 -6.32 17.98
N ALA A 117 1.94 -5.26 18.62
CA ALA A 117 1.72 -5.14 20.09
C ALA A 117 1.52 -3.68 20.48
N ALA A 118 0.90 -3.43 21.60
CA ALA A 118 0.68 -2.02 22.04
C ALA A 118 2.02 -1.32 22.26
N ASP A 119 2.75 -1.72 23.26
CA ASP A 119 4.07 -1.08 23.52
C ASP A 119 4.95 -1.16 22.28
N ASP A 120 4.86 -2.24 21.55
CA ASP A 120 5.69 -2.39 20.32
C ASP A 120 4.79 -2.50 19.09
N PRO A 121 4.45 -1.36 18.55
CA PRO A 121 3.58 -1.31 17.35
C PRO A 121 4.35 -1.75 16.10
N GLU A 122 3.87 -1.38 14.94
CA GLU A 122 4.59 -1.78 13.69
C GLU A 122 4.29 -0.79 12.56
N GLY A 123 5.20 -0.64 11.64
CA GLY A 123 4.96 0.31 10.50
C GLY A 123 4.26 -0.43 9.36
N GLN A 124 3.44 0.25 8.60
CA GLN A 124 2.73 -0.43 7.49
C GLN A 124 2.44 0.54 6.35
N ILE A 125 1.56 0.17 5.46
CA ILE A 125 1.21 1.07 4.32
C ILE A 125 -0.27 1.43 4.40
N ALA A 126 -0.62 2.64 4.03
CA ALA A 126 -2.03 3.04 4.09
C ALA A 126 -2.54 3.46 2.71
N PHE A 127 -3.66 2.91 2.30
CA PHE A 127 -4.23 3.29 0.97
C PHE A 127 -5.61 3.89 1.21
N GLN A 128 -5.71 5.19 1.10
CA GLN A 128 -7.02 5.85 1.37
C GLN A 128 -7.89 5.94 0.10
N LEU A 129 -8.63 4.91 -0.17
CA LEU A 129 -9.54 4.93 -1.36
C LEU A 129 -10.92 5.45 -0.91
N GLY A 130 -10.93 6.50 -0.14
CA GLY A 130 -12.22 7.06 0.34
C GLY A 130 -12.65 8.24 -0.52
N GLY A 131 -13.38 7.98 -1.57
CA GLY A 131 -13.84 9.09 -2.46
C GLY A 131 -12.73 9.49 -3.41
N PHE A 132 -12.87 9.17 -4.67
CA PHE A 132 -11.83 9.54 -5.67
C PHE A 132 -12.36 9.31 -7.09
N SER A 133 -12.60 8.09 -7.46
CA SER A 133 -13.13 7.81 -8.83
C SER A 133 -14.65 7.83 -8.81
N ALA A 134 -15.28 7.99 -9.94
CA ALA A 134 -16.77 8.03 -9.97
C ALA A 134 -17.33 6.60 -10.14
N ASP A 135 -17.61 6.19 -11.35
CA ASP A 135 -18.17 4.82 -11.56
C ASP A 135 -17.41 3.80 -10.71
N ALA A 136 -18.06 2.72 -10.36
CA ALA A 136 -17.39 1.68 -9.54
C ALA A 136 -16.07 1.27 -10.18
N TRP A 137 -15.00 1.33 -9.45
CA TRP A 137 -13.68 0.93 -10.02
C TRP A 137 -12.97 -0.04 -9.07
N THR A 138 -11.69 -0.17 -9.23
CA THR A 138 -10.96 -1.14 -8.36
C THR A 138 -9.46 -0.83 -8.35
N LEU A 139 -8.70 -1.56 -7.59
CA LEU A 139 -7.22 -1.31 -7.55
C LEU A 139 -6.46 -2.64 -7.66
N CYS A 140 -5.56 -2.75 -8.59
CA CYS A 140 -4.81 -4.03 -8.74
C CYS A 140 -3.30 -3.81 -8.56
N LEU A 141 -2.77 -4.18 -7.44
CA LEU A 141 -1.31 -4.00 -7.20
C LEU A 141 -0.59 -5.34 -7.39
N ASP A 142 0.70 -5.36 -7.20
CA ASP A 142 1.47 -6.63 -7.36
C ASP A 142 2.97 -6.36 -7.24
N ASP A 143 3.75 -7.41 -7.11
CA ASP A 143 5.22 -7.22 -6.99
C ASP A 143 5.55 -6.04 -6.07
N VAL A 144 5.19 -6.13 -4.81
CA VAL A 144 5.48 -5.01 -3.88
C VAL A 144 6.74 -5.31 -3.07
N ALA A 145 7.80 -4.56 -3.28
CA ALA A 145 9.06 -4.81 -2.52
C ALA A 145 9.57 -3.51 -1.90
N LEU A 146 10.56 -3.60 -1.07
CA LEU A 146 11.12 -2.37 -0.42
C LEU A 146 12.51 -2.65 0.14
N ASP A 147 13.50 -1.92 -0.31
CA ASP A 147 14.87 -2.15 0.21
C ASP A 147 15.47 -0.84 0.74
N SER A 148 16.77 -0.71 0.71
CA SER A 148 17.40 0.53 1.22
C SER A 148 18.69 0.82 0.45
N GLU A 149 18.63 1.63 -0.56
CA GLU A 149 19.86 1.95 -1.35
C GLU A 149 20.79 2.85 -0.54
N VAL A 150 21.86 3.30 -1.13
CA VAL A 150 22.81 4.18 -0.40
C VAL A 150 23.13 5.43 -1.23
N GLU A 151 23.81 6.38 -0.65
CA GLU A 151 24.15 7.61 -1.40
C GLU A 151 25.61 7.58 -1.84
N LEU A 152 25.87 7.53 -3.12
CA LEU A 152 27.27 7.50 -3.60
C LEU A 152 28.04 8.71 -3.08
N ALA A 1 14.26 -6.03 3.67
CA ALA A 1 13.75 -5.31 4.87
C ALA A 1 12.24 -5.53 5.02
N SER A 2 11.49 -5.21 3.99
CA SER A 2 10.01 -5.39 4.07
C SER A 2 9.58 -6.59 3.22
N PRO A 3 9.56 -7.74 3.86
CA PRO A 3 9.16 -8.99 3.16
C PRO A 3 7.65 -8.99 2.90
N ILE A 4 7.20 -8.31 1.90
CA ILE A 4 5.74 -8.28 1.60
C ILE A 4 5.48 -8.87 0.22
N GLY A 5 6.26 -9.84 -0.19
CA GLY A 5 6.06 -10.46 -1.53
C GLY A 5 6.70 -9.57 -2.60
N GLU A 6 7.89 -9.10 -2.35
CA GLU A 6 8.57 -8.23 -3.36
C GLU A 6 8.36 -8.78 -4.77
N GLY A 7 7.37 -8.31 -5.46
CA GLY A 7 7.11 -8.80 -6.84
C GLY A 7 5.62 -8.66 -7.17
N THR A 8 5.11 -9.53 -8.00
CA THR A 8 3.67 -9.45 -8.37
C THR A 8 2.83 -10.34 -7.44
N PHE A 9 1.55 -10.13 -7.41
CA PHE A 9 0.68 -10.96 -6.52
C PHE A 9 0.24 -12.23 -7.26
N ASP A 10 1.10 -12.78 -8.07
CA ASP A 10 0.73 -14.02 -8.81
C ASP A 10 1.03 -15.25 -7.96
N ASP A 11 0.46 -15.33 -6.79
CA ASP A 11 0.70 -16.50 -5.88
C ASP A 11 0.31 -16.15 -4.44
N GLY A 12 -0.73 -15.38 -4.27
CA GLY A 12 -1.15 -15.00 -2.89
C GLY A 12 -0.84 -13.52 -2.63
N PRO A 13 -1.75 -12.87 -1.97
CA PRO A 13 -1.58 -11.43 -1.65
C PRO A 13 -0.60 -11.25 -0.48
N GLU A 14 0.02 -12.31 -0.03
CA GLU A 14 0.98 -12.20 1.09
C GLU A 14 0.25 -11.80 2.38
N GLY A 15 0.07 -10.53 2.59
CA GLY A 15 -0.64 -10.09 3.83
C GLY A 15 -1.43 -8.80 3.55
N TRP A 16 -1.62 -8.46 2.31
CA TRP A 16 -2.38 -7.23 1.97
C TRP A 16 -3.85 -7.39 2.38
N VAL A 17 -4.40 -6.39 3.00
CA VAL A 17 -5.83 -6.47 3.42
C VAL A 17 -6.60 -5.24 2.97
N ALA A 18 -7.89 -5.35 2.82
CA ALA A 18 -8.70 -4.17 2.39
C ALA A 18 -10.00 -4.14 3.19
N TYR A 19 -10.34 -3.01 3.75
CA TYR A 19 -11.59 -2.95 4.59
C TYR A 19 -12.57 -1.91 4.05
N GLY A 20 -13.83 -2.05 4.40
CA GLY A 20 -14.86 -1.08 3.94
C GLY A 20 -15.20 -1.33 2.47
N THR A 21 -15.22 -2.57 2.06
CA THR A 21 -15.54 -2.88 0.63
C THR A 21 -16.65 -3.93 0.55
N ASP A 22 -16.78 -4.58 -0.57
CA ASP A 22 -17.85 -5.61 -0.73
C ASP A 22 -17.26 -7.01 -0.51
N GLY A 23 -16.37 -7.15 0.43
CA GLY A 23 -15.76 -8.48 0.69
C GLY A 23 -14.24 -8.34 0.83
N PRO A 24 -13.61 -9.43 1.15
CA PRO A 24 -12.13 -9.44 1.32
C PRO A 24 -11.44 -9.34 -0.04
N LEU A 25 -10.39 -8.55 -0.13
CA LEU A 25 -9.66 -8.42 -1.42
C LEU A 25 -9.51 -9.78 -2.08
N ASP A 26 -9.16 -9.81 -3.34
CA ASP A 26 -9.00 -11.11 -4.05
C ASP A 26 -7.96 -10.99 -5.17
N THR A 27 -7.27 -12.06 -5.47
CA THR A 27 -6.24 -12.00 -6.55
C THR A 27 -6.59 -12.99 -7.66
N SER A 28 -6.36 -14.26 -7.45
CA SER A 28 -6.68 -15.27 -8.50
C SER A 28 -6.00 -14.92 -9.82
N THR A 29 -6.63 -14.13 -10.63
CA THR A 29 -6.02 -13.76 -11.95
C THR A 29 -4.53 -13.48 -11.78
N GLY A 30 -4.11 -13.07 -10.63
CA GLY A 30 -2.67 -12.78 -10.41
C GLY A 30 -2.51 -11.41 -9.73
N ALA A 31 -3.26 -10.44 -10.16
CA ALA A 31 -3.16 -9.09 -9.54
C ALA A 31 -4.14 -8.98 -8.37
N LEU A 32 -3.77 -8.27 -7.33
CA LEU A 32 -4.68 -8.14 -6.17
C LEU A 32 -5.76 -7.10 -6.45
N CYS A 33 -6.91 -7.51 -6.90
CA CYS A 33 -7.99 -6.53 -7.18
C CYS A 33 -8.93 -6.39 -5.98
N VAL A 34 -8.97 -5.22 -5.40
CA VAL A 34 -9.88 -5.00 -4.25
C VAL A 34 -11.23 -4.54 -4.79
N ALA A 35 -12.31 -4.97 -4.21
CA ALA A 35 -13.65 -4.56 -4.73
C ALA A 35 -14.10 -3.25 -4.08
N VAL A 36 -13.55 -2.15 -4.50
CA VAL A 36 -13.96 -0.85 -3.92
C VAL A 36 -15.40 -0.54 -4.35
N PRO A 37 -16.24 -0.29 -3.38
CA PRO A 37 -17.68 -0.01 -3.65
C PRO A 37 -17.87 1.32 -4.41
N ALA A 38 -19.10 1.61 -4.77
CA ALA A 38 -19.39 2.86 -5.53
C ALA A 38 -18.83 4.10 -4.81
N GLY A 39 -17.97 4.82 -5.48
CA GLY A 39 -17.37 6.05 -4.88
C GLY A 39 -17.10 5.83 -3.39
N SER A 40 -16.86 4.61 -2.99
CA SER A 40 -16.58 4.33 -1.54
C SER A 40 -17.38 5.28 -0.66
N ALA A 41 -18.68 5.24 -0.75
CA ALA A 41 -19.51 6.16 0.07
C ALA A 41 -19.82 5.54 1.43
N GLN A 42 -19.67 6.31 2.47
CA GLN A 42 -19.93 5.81 3.86
C GLN A 42 -19.01 4.62 4.16
N TYR A 43 -17.87 4.60 3.57
CA TYR A 43 -16.97 3.44 3.81
C TYR A 43 -15.53 3.75 3.43
N GLY A 44 -14.79 4.38 4.29
CA GLY A 44 -13.38 4.66 3.95
C GLY A 44 -12.77 3.34 3.49
N VAL A 45 -12.66 3.13 2.22
CA VAL A 45 -12.09 1.83 1.74
C VAL A 45 -10.58 1.97 1.67
N GLY A 46 -9.88 1.28 2.51
CA GLY A 46 -8.40 1.41 2.48
C GLY A 46 -7.74 0.04 2.62
N VAL A 47 -6.66 -0.17 1.91
CA VAL A 47 -5.96 -1.48 1.99
C VAL A 47 -4.66 -1.31 2.79
N VAL A 48 -4.48 -2.10 3.82
CA VAL A 48 -3.23 -1.94 4.63
C VAL A 48 -2.43 -3.24 4.63
N LEU A 49 -1.12 -3.14 4.65
CA LEU A 49 -0.27 -4.36 4.65
C LEU A 49 0.85 -4.21 5.68
N ASN A 50 0.68 -4.75 6.85
CA ASN A 50 1.73 -4.63 7.89
C ASN A 50 2.91 -5.56 7.57
N GLY A 51 4.11 -5.04 7.59
CA GLY A 51 5.29 -5.89 7.28
C GLY A 51 6.37 -5.06 6.57
N VAL A 52 6.82 -4.00 7.20
CA VAL A 52 7.87 -3.16 6.55
C VAL A 52 9.10 -3.06 7.47
N ALA A 53 10.17 -2.51 6.97
CA ALA A 53 11.40 -2.39 7.82
C ALA A 53 12.18 -1.13 7.47
N ILE A 54 11.92 -0.04 8.15
CA ILE A 54 12.64 1.22 7.86
C ILE A 54 13.31 1.74 9.15
N GLU A 55 14.33 2.54 9.02
CA GLU A 55 15.02 3.06 10.24
C GLU A 55 15.52 4.48 10.00
N GLU A 56 15.22 5.38 10.91
CA GLU A 56 15.69 6.80 10.76
C GLU A 56 15.61 7.24 9.30
N GLY A 57 16.41 8.20 8.92
CA GLY A 57 16.39 8.68 7.52
C GLY A 57 17.26 7.78 6.65
N THR A 58 16.71 6.70 6.15
CA THR A 58 17.51 5.79 5.30
C THR A 58 17.01 5.86 3.85
N THR A 59 17.68 5.20 2.95
CA THR A 59 17.24 5.23 1.52
C THR A 59 16.27 4.09 1.23
N TYR A 60 15.38 4.28 0.30
CA TYR A 60 14.40 3.20 -0.03
C TYR A 60 13.82 3.42 -1.43
N THR A 61 12.97 2.53 -1.86
CA THR A 61 12.35 2.68 -3.21
C THR A 61 10.95 2.05 -3.21
N LEU A 62 9.94 2.81 -3.48
CA LEU A 62 8.56 2.23 -3.50
C LEU A 62 8.22 1.72 -4.89
N ARG A 63 7.94 0.45 -5.02
CA ARG A 63 7.60 -0.11 -6.34
C ARG A 63 6.24 -0.81 -6.27
N TYR A 64 5.41 -0.63 -7.27
CA TYR A 64 4.08 -1.29 -7.26
C TYR A 64 3.33 -0.95 -8.56
N THR A 65 2.61 -1.89 -9.10
CA THR A 65 1.86 -1.61 -10.37
C THR A 65 0.37 -1.78 -10.15
N ALA A 66 -0.32 -0.71 -9.86
CA ALA A 66 -1.79 -0.80 -9.62
C ALA A 66 -2.57 -0.44 -10.89
N THR A 67 -3.77 -0.90 -11.00
CA THR A 67 -4.58 -0.58 -12.23
C THR A 67 -6.06 -0.55 -11.87
N ALA A 68 -6.72 0.57 -12.07
CA ALA A 68 -8.16 0.66 -11.74
C ALA A 68 -8.98 0.72 -13.03
N SER A 69 -10.00 -0.08 -13.14
CA SER A 69 -10.84 -0.07 -14.37
C SER A 69 -11.56 1.27 -14.50
N THR A 70 -11.51 2.09 -13.48
CA THR A 70 -12.20 3.41 -13.54
C THR A 70 -11.17 4.54 -13.47
N ASP A 71 -9.92 4.25 -13.76
CA ASP A 71 -8.88 5.31 -13.69
C ASP A 71 -9.08 6.16 -12.45
N VAL A 72 -8.89 5.57 -11.29
CA VAL A 72 -9.09 6.33 -10.02
C VAL A 72 -7.74 6.84 -9.48
N THR A 73 -7.73 8.02 -8.94
CA THR A 73 -6.47 8.58 -8.38
C THR A 73 -6.66 8.86 -6.89
N VAL A 74 -6.52 7.86 -6.07
CA VAL A 74 -6.72 8.06 -4.60
C VAL A 74 -5.40 8.45 -3.93
N ARG A 75 -5.16 7.93 -2.75
CA ARG A 75 -3.89 8.29 -2.04
C ARG A 75 -3.18 7.02 -1.55
N ALA A 76 -1.87 7.03 -1.57
CA ALA A 76 -1.10 5.85 -1.10
C ALA A 76 0.25 6.31 -0.53
N LEU A 77 0.82 5.56 0.37
CA LEU A 77 2.12 5.96 0.96
C LEU A 77 2.60 4.93 2.00
N VAL A 78 3.28 5.37 3.01
CA VAL A 78 3.78 4.43 4.06
C VAL A 78 3.85 5.16 5.40
N GLY A 79 3.96 4.46 6.50
CA GLY A 79 4.03 5.16 7.80
C GLY A 79 4.37 4.17 8.92
N GLN A 80 4.37 4.66 10.15
CA GLN A 80 4.69 3.77 11.30
C GLN A 80 3.41 3.14 11.86
N ASN A 81 3.40 2.84 13.12
CA ASN A 81 2.19 2.22 13.75
C ASN A 81 2.26 2.38 15.26
N GLY A 82 1.84 3.52 15.76
CA GLY A 82 1.88 3.76 17.23
C GLY A 82 2.72 5.00 17.51
N ALA A 83 2.27 5.86 18.39
CA ALA A 83 3.03 7.10 18.70
C ALA A 83 4.54 6.80 18.76
N PRO A 84 5.33 7.79 18.43
CA PRO A 84 4.80 9.11 18.02
C PRO A 84 4.34 9.10 16.56
N TYR A 85 4.25 7.94 15.96
CA TYR A 85 3.81 7.86 14.54
C TYR A 85 4.84 8.56 13.63
N GLY A 86 4.78 8.31 12.35
CA GLY A 86 5.74 8.95 11.42
C GLY A 86 5.51 8.42 10.01
N THR A 87 5.43 9.30 9.04
CA THR A 87 5.21 8.84 7.63
C THR A 87 6.40 9.24 6.75
N VAL A 88 6.65 8.50 5.70
CA VAL A 88 7.79 8.84 4.80
C VAL A 88 7.29 9.00 3.36
N LEU A 89 6.20 8.39 3.02
CA LEU A 89 5.67 8.51 1.63
C LEU A 89 4.46 9.44 1.59
N ASP A 90 4.33 10.20 0.53
CA ASP A 90 3.17 11.11 0.41
C ASP A 90 2.82 11.34 -1.06
N THR A 91 2.17 10.39 -1.68
CA THR A 91 1.82 10.56 -3.13
C THR A 91 0.45 9.96 -3.42
N SER A 92 0.02 10.02 -4.66
CA SER A 92 -1.30 9.45 -5.04
C SER A 92 -1.13 8.35 -6.07
N PRO A 93 -1.71 7.21 -5.79
CA PRO A 93 -1.62 6.05 -6.72
C PRO A 93 -2.49 6.27 -7.96
N ALA A 94 -2.03 7.05 -8.89
CA ALA A 94 -2.83 7.28 -10.13
C ALA A 94 -3.14 5.94 -10.78
N LEU A 95 -4.33 5.76 -11.28
CA LEU A 95 -4.67 4.45 -11.92
C LEU A 95 -5.41 4.66 -13.23
N THR A 96 -5.43 3.67 -14.08
CA THR A 96 -6.13 3.80 -15.39
C THR A 96 -6.46 2.40 -15.94
N SER A 97 -7.06 2.34 -17.09
CA SER A 97 -7.41 1.02 -17.69
C SER A 97 -6.13 0.23 -17.99
N GLU A 98 -5.04 0.91 -18.25
CA GLU A 98 -3.76 0.21 -18.54
C GLU A 98 -2.98 -0.03 -17.25
N PRO A 99 -1.87 -0.70 -17.38
CA PRO A 99 -1.02 -1.00 -16.21
C PRO A 99 -0.31 0.27 -15.73
N ARG A 100 -0.29 0.49 -14.44
CA ARG A 100 0.39 1.71 -13.91
C ARG A 100 1.53 1.32 -12.97
N GLN A 101 2.72 1.22 -13.48
CA GLN A 101 3.87 0.83 -12.62
C GLN A 101 4.50 2.08 -11.99
N VAL A 102 4.13 2.38 -10.76
CA VAL A 102 4.70 3.58 -10.09
C VAL A 102 5.97 3.20 -9.33
N THR A 103 7.01 3.99 -9.47
CA THR A 103 8.28 3.68 -8.76
C THR A 103 9.04 4.98 -8.45
N GLU A 104 9.53 5.10 -7.24
CA GLU A 104 10.27 6.35 -6.88
C GLU A 104 11.15 6.09 -5.64
N THR A 105 12.37 6.55 -5.67
CA THR A 105 13.27 6.34 -4.50
C THR A 105 13.13 7.50 -3.51
N PHE A 106 12.84 7.21 -2.27
CA PHE A 106 12.69 8.31 -1.27
C PHE A 106 13.49 7.98 0.00
N THR A 107 13.87 8.98 0.75
CA THR A 107 14.63 8.72 2.00
C THR A 107 13.67 8.53 3.17
N ALA A 108 13.33 7.31 3.49
CA ALA A 108 12.40 7.07 4.62
C ALA A 108 12.89 7.78 5.89
N SER A 109 12.24 8.83 6.29
CA SER A 109 12.68 9.56 7.51
C SER A 109 11.89 9.06 8.73
N ALA A 110 11.89 7.77 8.95
CA ALA A 110 11.14 7.22 10.11
C ALA A 110 11.63 5.81 10.43
N THR A 111 10.78 4.99 11.02
CA THR A 111 11.19 3.60 11.36
C THR A 111 9.99 2.66 11.26
N TYR A 112 10.06 1.69 10.39
CA TYR A 112 8.92 0.74 10.23
C TYR A 112 9.35 -0.66 10.69
N PRO A 113 9.54 -0.80 11.97
CA PRO A 113 9.96 -2.09 12.55
C PRO A 113 8.80 -3.10 12.52
N ALA A 114 8.85 -4.11 13.34
CA ALA A 114 7.75 -5.11 13.35
C ALA A 114 7.56 -5.67 14.76
N THR A 115 7.89 -4.90 15.77
CA THR A 115 7.73 -5.39 17.17
C THR A 115 7.10 -4.30 18.03
N PRO A 116 5.82 -4.45 18.26
CA PRO A 116 5.08 -3.48 19.09
C PRO A 116 5.42 -3.65 20.56
N ALA A 117 5.99 -2.64 21.18
CA ALA A 117 6.35 -2.74 22.62
C ALA A 117 5.68 -1.62 23.42
N ALA A 118 6.19 -1.33 24.58
CA ALA A 118 5.58 -0.25 25.41
C ALA A 118 5.54 1.06 24.62
N ASP A 119 6.29 1.15 23.56
CA ASP A 119 6.29 2.39 22.74
C ASP A 119 7.05 2.17 21.43
N ASP A 120 7.08 0.95 20.95
CA ASP A 120 7.81 0.67 19.68
C ASP A 120 6.81 0.36 18.56
N PRO A 121 6.38 1.39 17.90
CA PRO A 121 5.41 1.23 16.79
C PRO A 121 6.10 0.64 15.56
N GLU A 122 5.36 0.00 14.69
CA GLU A 122 5.98 -0.60 13.48
C GLU A 122 5.65 0.24 12.24
N GLY A 123 5.82 -0.30 11.07
CA GLY A 123 5.50 0.48 9.85
C GLY A 123 4.93 -0.44 8.77
N GLN A 124 4.07 0.08 7.94
CA GLN A 124 3.45 -0.75 6.87
C GLN A 124 3.11 0.12 5.66
N ILE A 125 2.13 -0.30 4.89
CA ILE A 125 1.73 0.51 3.69
C ILE A 125 0.29 0.96 3.86
N ALA A 126 0.00 2.18 3.49
CA ALA A 126 -1.39 2.69 3.63
C ALA A 126 -2.00 3.02 2.27
N PHE A 127 -3.12 2.43 1.96
CA PHE A 127 -3.80 2.71 0.67
C PHE A 127 -5.18 3.30 0.97
N GLN A 128 -5.33 4.59 0.84
CA GLN A 128 -6.64 5.21 1.17
C GLN A 128 -7.57 5.24 -0.04
N LEU A 129 -8.78 4.79 0.14
CA LEU A 129 -9.79 4.80 -0.96
C LEU A 129 -11.15 5.16 -0.37
N GLY A 130 -11.15 5.99 0.63
CA GLY A 130 -12.44 6.41 1.27
C GLY A 130 -13.09 7.52 0.45
N GLY A 131 -14.26 7.29 -0.06
CA GLY A 131 -14.95 8.33 -0.88
C GLY A 131 -13.94 9.00 -1.82
N PHE A 132 -13.48 8.29 -2.82
CA PHE A 132 -12.48 8.89 -3.75
C PHE A 132 -13.05 8.97 -5.18
N SER A 133 -13.36 7.84 -5.77
CA SER A 133 -13.91 7.86 -7.16
C SER A 133 -15.44 8.02 -7.15
N ALA A 134 -16.05 7.98 -8.30
CA ALA A 134 -17.53 8.13 -8.35
C ALA A 134 -18.21 6.75 -8.32
N ASP A 135 -18.29 6.08 -9.44
CA ASP A 135 -18.93 4.73 -9.45
C ASP A 135 -18.04 3.72 -8.73
N ALA A 136 -18.48 2.51 -8.62
CA ALA A 136 -17.64 1.48 -7.90
C ALA A 136 -16.47 1.04 -8.77
N TRP A 137 -15.31 0.88 -8.20
CA TRP A 137 -14.15 0.43 -9.00
C TRP A 137 -13.29 -0.56 -8.21
N THR A 138 -12.15 -0.89 -8.72
CA THR A 138 -11.28 -1.89 -8.02
C THR A 138 -9.81 -1.58 -8.31
N LEU A 139 -8.90 -2.24 -7.65
CA LEU A 139 -7.46 -1.96 -7.90
C LEU A 139 -6.61 -3.23 -7.93
N CYS A 140 -6.00 -3.52 -9.05
CA CYS A 140 -5.12 -4.72 -9.14
C CYS A 140 -3.65 -4.32 -9.09
N LEU A 141 -2.97 -4.65 -8.02
CA LEU A 141 -1.53 -4.31 -7.93
C LEU A 141 -0.70 -5.53 -8.33
N ASP A 142 0.59 -5.43 -8.29
CA ASP A 142 1.44 -6.60 -8.66
C ASP A 142 2.91 -6.18 -8.80
N ASP A 143 3.49 -5.71 -7.73
CA ASP A 143 4.92 -5.27 -7.77
C ASP A 143 5.24 -4.46 -6.51
N VAL A 144 4.78 -4.90 -5.38
CA VAL A 144 5.04 -4.14 -4.13
C VAL A 144 6.35 -4.60 -3.49
N ALA A 145 7.33 -3.74 -3.44
CA ALA A 145 8.64 -4.12 -2.84
C ALA A 145 9.34 -2.89 -2.27
N LEU A 146 10.09 -3.06 -1.21
CA LEU A 146 10.79 -1.90 -0.60
C LEU A 146 12.14 -2.34 -0.03
N ASP A 147 13.21 -1.72 -0.46
CA ASP A 147 14.55 -2.11 0.06
C ASP A 147 15.42 -0.86 0.28
N SER A 148 16.41 -0.96 1.12
CA SER A 148 17.30 0.21 1.36
C SER A 148 18.58 0.10 0.54
N GLU A 149 18.79 0.99 -0.39
CA GLU A 149 20.02 0.91 -1.23
C GLU A 149 21.24 1.42 -0.44
N VAL A 150 22.42 1.11 -0.87
CA VAL A 150 23.63 1.57 -0.14
C VAL A 150 24.07 2.94 -0.68
N GLU A 151 23.14 3.74 -1.12
CA GLU A 151 23.52 5.09 -1.64
C GLU A 151 23.33 6.15 -0.55
N LEU A 152 24.41 6.74 -0.09
CA LEU A 152 24.28 7.78 0.97
C LEU A 152 24.21 9.18 0.34
N ALA A 1 14.44 -5.90 8.09
CA ALA A 1 14.46 -7.08 9.00
C ALA A 1 13.26 -8.00 8.72
N SER A 2 12.28 -7.50 8.02
CA SER A 2 11.09 -8.34 7.71
C SER A 2 10.08 -7.53 6.89
N PRO A 3 10.46 -7.20 5.69
CA PRO A 3 9.58 -6.42 4.80
C PRO A 3 8.48 -7.32 4.23
N ILE A 4 7.93 -6.96 3.10
CA ILE A 4 6.84 -7.78 2.50
C ILE A 4 7.43 -8.72 1.44
N GLY A 5 8.50 -8.33 0.81
CA GLY A 5 9.11 -9.20 -0.23
C GLY A 5 8.68 -8.71 -1.62
N GLU A 6 9.57 -8.09 -2.34
CA GLU A 6 9.21 -7.60 -3.71
C GLU A 6 8.44 -8.68 -4.47
N GLY A 7 7.14 -8.65 -4.41
CA GLY A 7 6.33 -9.68 -5.13
C GLY A 7 5.11 -9.03 -5.78
N THR A 8 4.33 -9.80 -6.49
CA THR A 8 3.12 -9.24 -7.14
C THR A 8 1.90 -10.09 -6.81
N PHE A 9 1.98 -10.86 -5.75
CA PHE A 9 0.84 -11.72 -5.35
C PHE A 9 0.67 -12.89 -6.33
N ASP A 10 0.07 -12.66 -7.47
CA ASP A 10 -0.13 -13.75 -8.45
C ASP A 10 -0.50 -15.06 -7.75
N ASP A 11 -1.14 -14.95 -6.60
CA ASP A 11 -1.55 -16.17 -5.83
C ASP A 11 -1.82 -15.78 -4.37
N GLY A 12 -0.84 -15.22 -3.73
CA GLY A 12 -1.01 -14.80 -2.31
C GLY A 12 -0.46 -13.38 -2.13
N PRO A 13 -1.27 -12.52 -1.59
CA PRO A 13 -0.86 -11.11 -1.36
C PRO A 13 -0.04 -10.97 -0.07
N GLU A 14 0.68 -12.00 0.31
CA GLU A 14 1.49 -11.91 1.56
C GLU A 14 0.59 -11.69 2.77
N GLY A 15 0.31 -10.46 3.10
CA GLY A 15 -0.56 -10.19 4.28
C GLY A 15 -1.34 -8.88 4.06
N TRP A 16 -1.48 -8.48 2.83
CA TRP A 16 -2.23 -7.21 2.55
C TRP A 16 -3.68 -7.33 3.03
N VAL A 17 -4.23 -6.27 3.55
CA VAL A 17 -5.64 -6.31 4.02
C VAL A 17 -6.38 -5.08 3.50
N ALA A 18 -7.61 -5.23 3.10
CA ALA A 18 -8.36 -4.05 2.59
C ALA A 18 -9.67 -3.89 3.36
N TYR A 19 -9.78 -2.81 4.09
CA TYR A 19 -11.01 -2.56 4.88
C TYR A 19 -11.91 -1.56 4.15
N GLY A 20 -13.19 -1.66 4.35
CA GLY A 20 -14.10 -0.71 3.66
C GLY A 20 -14.93 -1.47 2.64
N THR A 21 -16.05 -2.02 3.07
CA THR A 21 -16.94 -2.80 2.15
C THR A 21 -16.34 -4.17 1.85
N ASP A 22 -16.42 -4.64 0.63
CA ASP A 22 -15.85 -5.97 0.31
C ASP A 22 -14.39 -5.84 -0.09
N GLY A 23 -13.50 -6.42 0.67
CA GLY A 23 -12.06 -6.33 0.34
C GLY A 23 -11.50 -7.73 0.12
N PRO A 24 -12.20 -8.49 -0.70
CA PRO A 24 -11.76 -9.88 -1.01
C PRO A 24 -10.50 -9.83 -1.86
N LEU A 25 -9.36 -9.67 -1.24
CA LEU A 25 -8.09 -9.61 -2.02
C LEU A 25 -7.98 -10.80 -2.97
N ASP A 26 -8.51 -10.67 -4.16
CA ASP A 26 -8.43 -11.79 -5.14
C ASP A 26 -7.16 -11.64 -5.98
N THR A 27 -6.30 -12.63 -5.96
CA THR A 27 -5.05 -12.52 -6.75
C THR A 27 -4.96 -13.65 -7.78
N SER A 28 -5.57 -14.76 -7.52
CA SER A 28 -5.52 -15.88 -8.50
C SER A 28 -5.73 -15.33 -9.91
N THR A 29 -6.44 -14.24 -10.01
CA THR A 29 -6.69 -13.62 -11.34
C THR A 29 -5.39 -13.05 -11.93
N GLY A 30 -4.64 -12.32 -11.15
CA GLY A 30 -3.37 -11.74 -11.65
C GLY A 30 -2.89 -10.64 -10.70
N ALA A 31 -3.80 -10.04 -9.99
CA ALA A 31 -3.41 -8.95 -9.04
C ALA A 31 -4.39 -8.90 -7.86
N LEU A 32 -3.99 -8.32 -6.77
CA LEU A 32 -4.89 -8.24 -5.58
C LEU A 32 -6.00 -7.21 -5.84
N CYS A 33 -7.19 -7.67 -6.16
CA CYS A 33 -8.30 -6.71 -6.42
C CYS A 33 -9.22 -6.55 -5.21
N VAL A 34 -9.32 -5.36 -4.69
CA VAL A 34 -10.23 -5.11 -3.54
C VAL A 34 -11.54 -4.56 -4.09
N ALA A 35 -12.64 -4.81 -3.43
CA ALA A 35 -13.94 -4.33 -3.97
C ALA A 35 -14.29 -2.92 -3.46
N VAL A 36 -14.47 -2.00 -4.35
CA VAL A 36 -14.84 -0.62 -3.96
C VAL A 36 -16.19 -0.27 -4.58
N PRO A 37 -17.11 0.14 -3.75
CA PRO A 37 -18.47 0.48 -4.24
C PRO A 37 -18.45 1.78 -5.03
N ALA A 38 -19.31 1.89 -6.02
CA ALA A 38 -19.36 3.14 -6.84
C ALA A 38 -19.25 4.35 -5.91
N GLY A 39 -18.29 5.19 -6.13
CA GLY A 39 -18.14 6.37 -5.24
C GLY A 39 -17.88 5.86 -3.82
N SER A 40 -16.66 5.46 -3.56
CA SER A 40 -16.32 4.93 -2.20
C SER A 40 -15.98 6.09 -1.26
N ALA A 41 -16.86 7.03 -1.16
CA ALA A 41 -16.62 8.20 -0.26
C ALA A 41 -17.14 7.90 1.14
N GLN A 42 -17.62 8.90 1.84
CA GLN A 42 -18.15 8.70 3.23
C GLN A 42 -17.27 7.70 4.00
N TYR A 43 -16.43 8.17 4.87
CA TYR A 43 -15.53 7.26 5.65
C TYR A 43 -14.34 6.81 4.76
N GLY A 44 -14.48 6.89 3.46
CA GLY A 44 -13.36 6.51 2.56
C GLY A 44 -12.91 5.07 2.80
N VAL A 45 -12.58 4.37 1.75
CA VAL A 45 -12.11 2.96 1.90
C VAL A 45 -10.58 2.95 1.99
N GLY A 46 -9.95 1.81 1.99
CA GLY A 46 -8.46 1.80 2.08
C GLY A 46 -7.92 0.38 2.25
N VAL A 47 -6.63 0.28 2.43
CA VAL A 47 -5.97 -1.04 2.62
C VAL A 47 -4.73 -0.86 3.50
N VAL A 48 -4.54 -1.68 4.49
CA VAL A 48 -3.34 -1.52 5.36
C VAL A 48 -2.50 -2.79 5.38
N LEU A 49 -1.19 -2.64 5.33
CA LEU A 49 -0.31 -3.85 5.36
C LEU A 49 0.81 -3.65 6.38
N ASN A 50 0.67 -4.19 7.56
CA ASN A 50 1.73 -4.04 8.59
C ASN A 50 2.95 -4.91 8.23
N GLY A 51 3.95 -4.33 7.65
CA GLY A 51 5.16 -5.12 7.28
C GLY A 51 6.11 -4.25 6.46
N VAL A 52 6.84 -3.39 7.10
CA VAL A 52 7.79 -2.51 6.35
C VAL A 52 9.14 -2.47 7.07
N ALA A 53 10.15 -1.93 6.45
CA ALA A 53 11.49 -1.86 7.11
C ALA A 53 12.13 -0.49 6.91
N ILE A 54 11.73 0.49 7.66
CA ILE A 54 12.33 1.85 7.52
C ILE A 54 13.08 2.23 8.79
N GLU A 55 14.00 3.16 8.70
CA GLU A 55 14.76 3.57 9.91
C GLU A 55 15.23 5.03 9.78
N GLU A 56 14.87 5.85 10.74
CA GLU A 56 15.29 7.28 10.70
C GLU A 56 15.25 7.81 9.26
N GLY A 57 16.05 8.80 8.97
CA GLY A 57 16.05 9.36 7.58
C GLY A 57 16.92 8.50 6.67
N THR A 58 16.31 7.65 5.90
CA THR A 58 17.10 6.77 4.98
C THR A 58 16.49 6.79 3.58
N THR A 59 17.13 6.16 2.63
CA THR A 59 16.59 6.16 1.24
C THR A 59 15.66 4.95 1.05
N TYR A 60 14.71 5.07 0.15
CA TYR A 60 13.77 3.94 -0.08
C TYR A 60 13.14 4.05 -1.46
N THR A 61 12.64 2.97 -2.00
CA THR A 61 12.00 3.01 -3.34
C THR A 61 10.65 2.29 -3.31
N LEU A 62 9.59 2.99 -3.55
CA LEU A 62 8.24 2.33 -3.53
C LEU A 62 7.90 1.80 -4.92
N ARG A 63 7.66 0.52 -5.03
CA ARG A 63 7.32 -0.06 -6.36
C ARG A 63 6.01 -0.84 -6.27
N TYR A 64 5.10 -0.61 -7.18
CA TYR A 64 3.80 -1.33 -7.16
C TYR A 64 3.03 -1.08 -8.46
N THR A 65 2.28 -2.05 -8.91
CA THR A 65 1.50 -1.86 -10.17
C THR A 65 0.00 -2.02 -9.88
N ALA A 66 -0.70 -0.92 -9.78
CA ALA A 66 -2.16 -1.00 -9.49
C ALA A 66 -2.97 -0.70 -10.75
N THR A 67 -4.14 -1.27 -10.87
CA THR A 67 -4.99 -1.03 -12.06
C THR A 67 -6.47 -1.13 -11.70
N ALA A 68 -7.15 -0.03 -11.62
CA ALA A 68 -8.60 -0.06 -11.28
C ALA A 68 -9.45 -0.05 -12.55
N SER A 69 -10.34 -0.99 -12.70
CA SER A 69 -11.19 -1.02 -13.92
C SER A 69 -11.66 0.40 -14.27
N THR A 70 -11.75 1.25 -13.30
CA THR A 70 -12.19 2.65 -13.54
C THR A 70 -11.01 3.61 -13.40
N ASP A 71 -11.10 4.77 -13.96
CA ASP A 71 -9.99 5.76 -13.82
C ASP A 71 -10.06 6.42 -12.44
N VAL A 72 -9.61 5.73 -11.43
CA VAL A 72 -9.67 6.31 -10.05
C VAL A 72 -8.28 6.74 -9.57
N THR A 73 -8.23 7.80 -8.81
CA THR A 73 -6.93 8.28 -8.28
C THR A 73 -7.04 8.40 -6.75
N VAL A 74 -6.70 7.36 -6.04
CA VAL A 74 -6.82 7.43 -4.55
C VAL A 74 -5.52 7.94 -3.93
N ARG A 75 -5.24 7.56 -2.71
CA ARG A 75 -4.00 8.04 -2.05
C ARG A 75 -3.20 6.88 -1.47
N ALA A 76 -1.90 6.89 -1.66
CA ALA A 76 -1.06 5.79 -1.12
C ALA A 76 0.20 6.38 -0.46
N LEU A 77 0.76 5.68 0.49
CA LEU A 77 1.98 6.21 1.17
C LEU A 77 2.46 5.22 2.24
N VAL A 78 3.07 5.71 3.28
CA VAL A 78 3.57 4.80 4.36
C VAL A 78 3.57 5.55 5.70
N GLY A 79 3.79 4.86 6.78
CA GLY A 79 3.79 5.54 8.10
C GLY A 79 4.20 4.58 9.21
N GLN A 80 3.92 4.92 10.43
CA GLN A 80 4.30 4.02 11.56
C GLN A 80 3.06 3.59 12.36
N ASN A 81 2.89 2.31 12.57
CA ASN A 81 1.71 1.84 13.35
C ASN A 81 2.00 1.93 14.84
N GLY A 82 2.13 3.12 15.35
CA GLY A 82 2.42 3.28 16.81
C GLY A 82 2.84 4.72 17.09
N ALA A 83 2.42 5.27 18.20
CA ALA A 83 2.80 6.68 18.52
C ALA A 83 4.33 6.80 18.66
N PRO A 84 4.83 7.99 18.46
CA PRO A 84 3.97 9.15 18.12
C PRO A 84 3.54 9.10 16.65
N TYR A 85 3.82 8.03 15.97
CA TYR A 85 3.44 7.92 14.52
C TYR A 85 4.30 8.86 13.68
N GLY A 86 4.41 8.59 12.42
CA GLY A 86 5.23 9.47 11.53
C GLY A 86 5.14 8.96 10.09
N THR A 87 4.56 9.73 9.21
CA THR A 87 4.44 9.28 7.79
C THR A 87 5.66 9.75 6.99
N VAL A 88 6.07 8.98 6.02
CA VAL A 88 7.25 9.38 5.19
C VAL A 88 6.84 9.52 3.72
N LEU A 89 5.79 8.84 3.33
CA LEU A 89 5.33 8.93 1.91
C LEU A 89 4.08 9.80 1.80
N ASP A 90 3.95 10.53 0.73
CA ASP A 90 2.74 11.39 0.56
C ASP A 90 2.43 11.56 -0.93
N THR A 91 1.84 10.58 -1.56
CA THR A 91 1.54 10.70 -3.02
C THR A 91 0.16 10.10 -3.33
N SER A 92 -0.32 10.31 -4.53
CA SER A 92 -1.65 9.75 -4.91
C SER A 92 -1.50 8.80 -6.10
N PRO A 93 -1.80 7.56 -5.86
CA PRO A 93 -1.69 6.53 -6.93
C PRO A 93 -2.80 6.72 -7.99
N ALA A 94 -2.43 6.76 -9.24
CA ALA A 94 -3.44 6.92 -10.30
C ALA A 94 -3.84 5.55 -10.84
N LEU A 95 -5.06 5.38 -11.26
CA LEU A 95 -5.50 4.06 -11.78
C LEU A 95 -6.42 4.21 -13.00
N THR A 96 -6.50 3.19 -13.82
CA THR A 96 -7.37 3.27 -15.02
C THR A 96 -7.61 1.86 -15.58
N SER A 97 -7.94 1.77 -16.84
CA SER A 97 -8.18 0.42 -17.45
C SER A 97 -6.87 -0.14 -17.99
N GLU A 98 -5.78 0.13 -17.34
CA GLU A 98 -4.47 -0.40 -17.82
C GLU A 98 -3.52 -0.60 -16.64
N PRO A 99 -2.44 -1.28 -16.90
CA PRO A 99 -1.43 -1.55 -15.85
C PRO A 99 -0.66 -0.27 -15.52
N ARG A 100 -0.59 0.08 -14.26
CA ARG A 100 0.15 1.32 -13.89
C ARG A 100 1.30 0.97 -12.94
N GLN A 101 2.47 0.74 -13.48
CA GLN A 101 3.63 0.39 -12.61
C GLN A 101 4.13 1.65 -11.89
N VAL A 102 4.63 1.50 -10.70
CA VAL A 102 5.13 2.68 -9.94
C VAL A 102 6.60 2.48 -9.53
N THR A 103 7.41 3.48 -9.71
CA THR A 103 8.84 3.33 -9.33
C THR A 103 9.41 4.70 -8.92
N GLU A 104 9.45 4.98 -7.65
CA GLU A 104 10.00 6.29 -7.18
C GLU A 104 10.80 6.11 -5.89
N THR A 105 11.64 7.04 -5.57
CA THR A 105 12.45 6.92 -4.32
C THR A 105 12.07 8.04 -3.35
N PHE A 106 12.56 7.97 -2.13
CA PHE A 106 12.22 9.02 -1.13
C PHE A 106 13.03 8.81 0.15
N THR A 107 13.27 9.87 0.89
CA THR A 107 14.04 9.72 2.15
C THR A 107 13.09 9.45 3.31
N ALA A 108 12.84 8.19 3.59
CA ALA A 108 11.92 7.86 4.71
C ALA A 108 12.39 8.52 6.01
N SER A 109 11.63 9.45 6.52
CA SER A 109 12.04 10.14 7.78
C SER A 109 11.33 9.50 8.97
N ALA A 110 11.46 8.21 9.13
CA ALA A 110 10.80 7.53 10.28
C ALA A 110 11.39 6.12 10.47
N THR A 111 10.66 5.24 11.12
CA THR A 111 11.19 3.86 11.33
C THR A 111 10.03 2.86 11.35
N TYR A 112 10.03 1.94 10.43
CA TYR A 112 8.94 0.91 10.40
C TYR A 112 9.53 -0.47 10.64
N PRO A 113 9.74 -0.77 11.90
CA PRO A 113 10.32 -2.09 12.28
C PRO A 113 9.26 -3.19 12.10
N ALA A 114 9.50 -4.34 12.67
CA ALA A 114 8.52 -5.46 12.54
C ALA A 114 8.41 -6.23 13.86
N THR A 115 8.27 -5.53 14.96
CA THR A 115 8.16 -6.22 16.27
C THR A 115 6.92 -5.72 17.03
N PRO A 116 5.77 -6.13 16.55
CA PRO A 116 4.50 -5.72 17.18
C PRO A 116 4.30 -6.45 18.51
N ALA A 117 4.16 -5.72 19.58
CA ALA A 117 3.97 -6.38 20.91
C ALA A 117 3.02 -5.54 21.78
N ALA A 118 3.05 -5.74 23.06
CA ALA A 118 2.15 -4.96 23.96
C ALA A 118 2.67 -3.53 24.11
N ASP A 119 3.85 -3.26 23.63
CA ASP A 119 4.41 -1.88 23.75
C ASP A 119 5.45 -1.64 22.65
N ASP A 120 5.41 -2.43 21.61
CA ASP A 120 6.39 -2.24 20.50
C ASP A 120 5.67 -2.27 19.15
N PRO A 121 5.27 -1.10 18.72
CA PRO A 121 4.56 -0.98 17.43
C PRO A 121 5.54 -1.16 16.25
N GLU A 122 5.19 -0.69 15.09
CA GLU A 122 6.10 -0.83 13.93
C GLU A 122 5.71 0.13 12.80
N GLY A 123 5.73 -0.32 11.57
CA GLY A 123 5.35 0.57 10.44
C GLY A 123 4.65 -0.25 9.36
N GLN A 124 3.87 0.38 8.52
CA GLN A 124 3.15 -0.38 7.46
C GLN A 124 2.94 0.49 6.22
N ILE A 125 2.02 0.10 5.37
CA ILE A 125 1.74 0.90 4.14
C ILE A 125 0.29 1.40 4.17
N ALA A 126 0.03 2.54 3.59
CA ALA A 126 -1.36 3.07 3.61
C ALA A 126 -1.93 3.19 2.19
N PHE A 127 -3.01 2.52 1.93
CA PHE A 127 -3.66 2.59 0.59
C PHE A 127 -5.12 2.98 0.78
N GLN A 128 -5.38 4.24 1.03
CA GLN A 128 -6.79 4.67 1.26
C GLN A 128 -7.51 5.01 -0.04
N LEU A 129 -8.58 4.32 -0.31
CA LEU A 129 -9.37 4.60 -1.55
C LEU A 129 -10.64 5.35 -1.16
N GLY A 130 -10.51 6.39 -0.38
CA GLY A 130 -11.72 7.15 0.04
C GLY A 130 -12.00 8.30 -0.94
N GLY A 131 -13.24 8.50 -1.27
CA GLY A 131 -13.61 9.59 -2.21
C GLY A 131 -12.60 9.64 -3.36
N PHE A 132 -12.88 8.99 -4.45
CA PHE A 132 -11.94 9.00 -5.60
C PHE A 132 -12.68 8.73 -6.91
N SER A 133 -13.06 7.50 -7.15
CA SER A 133 -13.80 7.18 -8.41
C SER A 133 -15.29 7.34 -8.20
N ALA A 134 -16.06 7.36 -9.26
CA ALA A 134 -17.53 7.52 -9.13
C ALA A 134 -18.24 6.17 -9.30
N ASP A 135 -18.07 5.54 -10.43
CA ASP A 135 -18.73 4.23 -10.66
C ASP A 135 -18.04 3.14 -9.85
N ALA A 136 -18.75 2.11 -9.49
CA ALA A 136 -18.12 1.01 -8.68
C ALA A 136 -16.81 0.58 -9.33
N TRP A 137 -15.77 0.43 -8.57
CA TRP A 137 -14.46 0.01 -9.15
C TRP A 137 -13.67 -0.84 -8.17
N THR A 138 -12.46 -1.18 -8.52
CA THR A 138 -11.63 -2.03 -7.63
C THR A 138 -10.14 -1.75 -7.89
N LEU A 139 -9.26 -2.40 -7.19
CA LEU A 139 -7.80 -2.13 -7.43
C LEU A 139 -6.97 -3.41 -7.42
N CYS A 140 -6.38 -3.74 -8.53
CA CYS A 140 -5.52 -4.96 -8.61
C CYS A 140 -4.03 -4.59 -8.60
N LEU A 141 -3.36 -4.84 -7.51
CA LEU A 141 -1.91 -4.53 -7.45
C LEU A 141 -1.10 -5.78 -7.82
N ASP A 142 0.20 -5.70 -7.83
CA ASP A 142 1.01 -6.91 -8.18
C ASP A 142 2.47 -6.51 -8.41
N ASP A 143 3.11 -5.99 -7.40
CA ASP A 143 4.55 -5.59 -7.53
C ASP A 143 4.93 -4.67 -6.37
N VAL A 144 4.55 -5.05 -5.17
CA VAL A 144 4.88 -4.20 -3.99
C VAL A 144 6.25 -4.59 -3.42
N ALA A 145 7.20 -3.70 -3.46
CA ALA A 145 8.55 -4.01 -2.92
C ALA A 145 9.16 -2.77 -2.28
N LEU A 146 10.07 -2.94 -1.36
CA LEU A 146 10.71 -1.76 -0.70
C LEU A 146 12.15 -2.10 -0.29
N ASP A 147 13.04 -1.17 -0.43
CA ASP A 147 14.47 -1.43 -0.05
C ASP A 147 15.15 -0.13 0.38
N SER A 148 16.38 -0.21 0.81
CA SER A 148 17.11 1.01 1.25
C SER A 148 18.52 1.04 0.66
N GLU A 149 19.26 2.08 0.92
CA GLU A 149 20.65 2.16 0.38
C GLU A 149 21.66 1.93 1.51
N VAL A 150 22.74 1.26 1.22
CA VAL A 150 23.77 1.00 2.27
C VAL A 150 25.15 1.49 1.80
N GLU A 151 25.17 2.49 0.96
CA GLU A 151 26.48 3.00 0.47
C GLU A 151 27.22 1.90 -0.30
N LEU A 152 28.50 2.06 -0.51
CA LEU A 152 29.28 1.02 -1.25
C LEU A 152 29.30 -0.28 -0.46
N ALA A 1 13.48 -7.46 10.37
CA ALA A 1 12.70 -8.73 10.46
C ALA A 1 12.31 -9.22 9.06
N SER A 2 11.31 -8.62 8.47
CA SER A 2 10.89 -9.04 7.10
C SER A 2 9.97 -7.98 6.48
N PRO A 3 10.20 -7.71 5.22
CA PRO A 3 9.38 -6.71 4.49
C PRO A 3 8.01 -7.30 4.16
N ILE A 4 7.37 -6.78 3.15
CA ILE A 4 6.03 -7.30 2.77
C ILE A 4 6.18 -8.44 1.76
N GLY A 5 7.16 -8.37 0.90
CA GLY A 5 7.36 -9.44 -0.11
C GLY A 5 8.67 -9.21 -0.86
N GLU A 6 8.61 -9.04 -2.15
CA GLU A 6 9.86 -8.80 -2.93
C GLU A 6 9.53 -8.67 -4.42
N GLY A 7 8.37 -8.15 -4.75
CA GLY A 7 8.00 -8.00 -6.19
C GLY A 7 6.47 -7.96 -6.32
N THR A 8 5.90 -8.93 -6.98
CA THR A 8 4.42 -8.93 -7.15
C THR A 8 3.80 -10.04 -6.29
N PHE A 9 2.51 -10.04 -6.14
CA PHE A 9 1.85 -11.10 -5.33
C PHE A 9 1.93 -12.43 -6.09
N ASP A 10 1.87 -12.38 -7.39
CA ASP A 10 1.96 -13.61 -8.22
C ASP A 10 1.24 -14.79 -7.53
N ASP A 11 0.25 -14.52 -6.72
CA ASP A 11 -0.50 -15.62 -6.04
C ASP A 11 -1.27 -15.06 -4.83
N GLY A 12 -0.56 -14.60 -3.84
CA GLY A 12 -1.24 -14.04 -2.63
C GLY A 12 -0.79 -12.60 -2.41
N PRO A 13 -1.70 -11.81 -1.93
CA PRO A 13 -1.40 -10.38 -1.66
C PRO A 13 -0.57 -10.23 -0.39
N GLU A 14 -0.16 -11.31 0.20
CA GLU A 14 0.66 -11.23 1.45
C GLU A 14 -0.18 -10.66 2.61
N GLY A 15 -0.27 -9.36 2.72
CA GLY A 15 -1.07 -8.77 3.82
C GLY A 15 -1.89 -7.59 3.29
N TRP A 16 -1.85 -7.34 2.01
CA TRP A 16 -2.63 -6.21 1.45
C TRP A 16 -4.13 -6.43 1.69
N VAL A 17 -4.62 -6.00 2.82
CA VAL A 17 -6.08 -6.18 3.11
C VAL A 17 -6.87 -4.95 2.66
N ALA A 18 -8.16 -5.08 2.53
CA ALA A 18 -8.99 -3.91 2.12
C ALA A 18 -10.32 -3.94 2.86
N TYR A 19 -10.70 -2.86 3.47
CA TYR A 19 -11.98 -2.84 4.24
C TYR A 19 -12.98 -1.84 3.66
N GLY A 20 -14.25 -2.04 3.92
CA GLY A 20 -15.29 -1.11 3.40
C GLY A 20 -15.50 -1.36 1.90
N THR A 21 -15.53 -2.59 1.49
CA THR A 21 -15.73 -2.89 0.04
C THR A 21 -16.87 -3.89 -0.15
N ASP A 22 -16.85 -4.63 -1.22
CA ASP A 22 -17.92 -5.62 -1.47
C ASP A 22 -17.44 -7.03 -1.11
N GLY A 23 -16.67 -7.15 -0.05
CA GLY A 23 -16.17 -8.48 0.36
C GLY A 23 -14.64 -8.43 0.46
N PRO A 24 -14.07 -9.58 0.72
CA PRO A 24 -12.60 -9.69 0.85
C PRO A 24 -11.92 -9.56 -0.52
N LEU A 25 -10.87 -8.79 -0.62
CA LEU A 25 -10.17 -8.64 -1.92
C LEU A 25 -9.89 -10.01 -2.54
N ASP A 26 -9.28 -10.04 -3.69
CA ASP A 26 -8.98 -11.35 -4.34
C ASP A 26 -7.80 -11.22 -5.30
N THR A 27 -7.13 -12.30 -5.60
CA THR A 27 -5.97 -12.23 -6.53
C THR A 27 -6.23 -13.10 -7.76
N SER A 28 -6.14 -14.40 -7.61
CA SER A 28 -6.38 -15.32 -8.77
C SER A 28 -5.76 -14.74 -10.04
N THR A 29 -4.73 -13.96 -9.92
CA THR A 29 -4.08 -13.37 -11.13
C THR A 29 -2.70 -12.82 -10.79
N GLY A 30 -2.08 -13.32 -9.74
CA GLY A 30 -0.73 -12.83 -9.36
C GLY A 30 -0.81 -11.33 -9.06
N ALA A 31 -1.99 -10.82 -8.83
CA ALA A 31 -2.14 -9.37 -8.52
C ALA A 31 -3.22 -9.16 -7.46
N LEU A 32 -3.13 -8.09 -6.71
CA LEU A 32 -4.16 -7.83 -5.66
C LEU A 32 -5.29 -6.97 -6.22
N CYS A 33 -6.35 -7.60 -6.67
CA CYS A 33 -7.48 -6.83 -7.24
C CYS A 33 -8.61 -6.70 -6.21
N VAL A 34 -8.70 -5.59 -5.53
CA VAL A 34 -9.78 -5.41 -4.52
C VAL A 34 -11.01 -4.80 -5.20
N ALA A 35 -12.18 -5.16 -4.77
CA ALA A 35 -13.41 -4.60 -5.41
C ALA A 35 -13.87 -3.34 -4.67
N VAL A 36 -13.55 -2.20 -5.19
CA VAL A 36 -13.98 -0.93 -4.53
C VAL A 36 -15.40 -0.58 -4.98
N PRO A 37 -16.25 -0.32 -4.03
CA PRO A 37 -17.68 0.01 -4.30
C PRO A 37 -17.84 1.34 -5.05
N ALA A 38 -19.07 1.69 -5.37
CA ALA A 38 -19.34 2.96 -6.13
C ALA A 38 -18.86 4.18 -5.36
N GLY A 39 -17.92 4.89 -5.90
CA GLY A 39 -17.38 6.12 -5.23
C GLY A 39 -17.31 5.92 -3.73
N SER A 40 -17.16 4.70 -3.26
CA SER A 40 -17.10 4.46 -1.79
C SER A 40 -18.05 5.41 -1.06
N ALA A 41 -19.32 5.15 -1.14
CA ALA A 41 -20.29 6.06 -0.47
C ALA A 41 -20.51 5.61 0.97
N GLN A 42 -20.11 6.42 1.91
CA GLN A 42 -20.24 6.09 3.37
C GLN A 42 -19.34 4.95 3.73
N TYR A 43 -18.48 4.58 2.84
CA TYR A 43 -17.58 3.43 3.12
C TYR A 43 -16.13 3.77 2.79
N GLY A 44 -15.47 4.52 3.62
CA GLY A 44 -14.05 4.81 3.34
C GLY A 44 -13.35 3.49 3.03
N VAL A 45 -13.18 3.18 1.76
CA VAL A 45 -12.54 1.90 1.41
C VAL A 45 -11.04 2.09 1.38
N GLY A 46 -10.35 1.46 2.27
CA GLY A 46 -8.87 1.64 2.31
C GLY A 46 -8.16 0.28 2.43
N VAL A 47 -7.07 0.14 1.75
CA VAL A 47 -6.31 -1.14 1.82
C VAL A 47 -5.05 -0.95 2.67
N VAL A 48 -4.89 -1.73 3.71
CA VAL A 48 -3.68 -1.56 4.57
C VAL A 48 -2.85 -2.85 4.58
N LEU A 49 -1.55 -2.72 4.56
CA LEU A 49 -0.67 -3.93 4.58
C LEU A 49 0.42 -3.77 5.64
N ASN A 50 0.23 -4.35 6.79
CA ASN A 50 1.26 -4.23 7.86
C ASN A 50 2.44 -5.17 7.57
N GLY A 51 3.64 -4.72 7.77
CA GLY A 51 4.83 -5.58 7.51
C GLY A 51 5.88 -4.79 6.73
N VAL A 52 6.59 -3.93 7.39
CA VAL A 52 7.63 -3.13 6.69
C VAL A 52 8.92 -3.08 7.53
N ALA A 53 9.99 -2.56 6.97
CA ALA A 53 11.27 -2.50 7.74
C ALA A 53 11.97 -1.17 7.49
N ILE A 54 11.59 -0.14 8.18
CA ILE A 54 12.25 1.18 8.00
C ILE A 54 12.88 1.64 9.32
N GLU A 55 13.82 2.55 9.27
CA GLU A 55 14.46 3.01 10.53
C GLU A 55 14.99 4.44 10.37
N GLU A 56 14.68 5.30 11.31
CA GLU A 56 15.17 6.71 11.24
C GLU A 56 15.14 7.23 9.80
N GLY A 57 15.96 8.19 9.50
CA GLY A 57 15.99 8.75 8.11
C GLY A 57 16.89 7.89 7.22
N THR A 58 16.36 6.82 6.69
CA THR A 58 17.18 5.94 5.81
C THR A 58 16.67 6.02 4.37
N THR A 59 17.38 5.46 3.44
CA THR A 59 16.93 5.50 2.02
C THR A 59 16.05 4.28 1.71
N TYR A 60 15.18 4.41 0.75
CA TYR A 60 14.31 3.26 0.38
C TYR A 60 13.77 3.43 -1.04
N THR A 61 12.97 2.50 -1.49
CA THR A 61 12.41 2.61 -2.87
C THR A 61 11.04 1.93 -2.93
N LEU A 62 10.00 2.69 -3.11
CA LEU A 62 8.64 2.09 -3.17
C LEU A 62 8.29 1.74 -4.62
N ARG A 63 8.02 0.48 -4.88
CA ARG A 63 7.66 0.07 -6.27
C ARG A 63 6.36 -0.70 -6.27
N TYR A 64 5.49 -0.44 -7.22
CA TYR A 64 4.19 -1.17 -7.27
C TYR A 64 3.43 -0.78 -8.54
N THR A 65 2.61 -1.65 -9.05
CA THR A 65 1.85 -1.32 -10.30
C THR A 65 0.34 -1.38 -10.01
N ALA A 66 -0.23 -0.27 -9.64
CA ALA A 66 -1.70 -0.26 -9.34
C ALA A 66 -2.49 0.06 -10.61
N THR A 67 -3.63 -0.56 -10.79
CA THR A 67 -4.45 -0.28 -11.99
C THR A 67 -5.94 -0.32 -11.64
N ALA A 68 -6.62 0.79 -11.77
CA ALA A 68 -8.07 0.81 -11.45
C ALA A 68 -8.89 0.95 -12.74
N SER A 69 -9.83 0.07 -12.96
CA SER A 69 -10.65 0.16 -14.19
C SER A 69 -11.06 1.61 -14.42
N THR A 70 -11.14 2.38 -13.37
CA THR A 70 -11.53 3.82 -13.50
C THR A 70 -10.33 4.72 -13.22
N ASP A 71 -10.45 5.99 -13.50
CA ASP A 71 -9.31 6.91 -13.21
C ASP A 71 -9.44 7.41 -11.76
N VAL A 72 -9.56 6.50 -10.84
CA VAL A 72 -9.70 6.91 -9.40
C VAL A 72 -8.43 7.55 -8.88
N THR A 73 -8.56 8.63 -8.16
CA THR A 73 -7.38 9.32 -7.59
C THR A 73 -7.52 9.35 -6.07
N VAL A 74 -7.21 8.26 -5.42
CA VAL A 74 -7.35 8.22 -3.94
C VAL A 74 -6.06 8.67 -3.27
N ARG A 75 -5.69 8.05 -2.18
CA ARG A 75 -4.45 8.48 -1.48
C ARG A 75 -3.56 7.26 -1.17
N ALA A 76 -2.26 7.42 -1.23
CA ALA A 76 -1.34 6.29 -0.92
C ALA A 76 -0.08 6.82 -0.24
N LEU A 77 0.53 6.02 0.60
CA LEU A 77 1.75 6.49 1.30
C LEU A 77 2.24 5.43 2.30
N VAL A 78 3.01 5.84 3.27
CA VAL A 78 3.53 4.87 4.29
C VAL A 78 3.61 5.56 5.65
N GLY A 79 3.81 4.82 6.71
CA GLY A 79 3.90 5.48 8.04
C GLY A 79 4.17 4.45 9.13
N GLN A 80 4.11 4.85 10.37
CA GLN A 80 4.36 3.90 11.49
C GLN A 80 3.07 3.70 12.31
N ASN A 81 2.40 2.60 12.11
CA ASN A 81 1.15 2.35 12.88
C ASN A 81 1.46 2.25 14.38
N GLY A 82 1.31 3.32 15.10
CA GLY A 82 1.60 3.28 16.56
C GLY A 82 2.71 4.28 16.89
N ALA A 83 2.50 5.11 17.88
CA ALA A 83 3.55 6.09 18.25
C ALA A 83 4.93 5.44 18.24
N PRO A 84 5.95 6.24 18.01
CA PRO A 84 5.75 7.70 17.78
C PRO A 84 5.26 7.97 16.35
N TYR A 85 4.85 6.95 15.64
CA TYR A 85 4.38 7.17 14.24
C TYR A 85 5.50 7.75 13.38
N GLY A 86 5.15 8.37 12.28
CA GLY A 86 6.19 8.97 11.40
C GLY A 86 5.86 8.64 9.94
N THR A 87 5.32 9.58 9.22
CA THR A 87 4.97 9.32 7.80
C THR A 87 6.15 9.68 6.89
N VAL A 88 6.41 8.88 5.90
CA VAL A 88 7.55 9.18 4.97
C VAL A 88 7.03 9.36 3.54
N LEU A 89 5.84 8.91 3.27
CA LEU A 89 5.28 9.06 1.89
C LEU A 89 4.00 9.91 1.91
N ASP A 90 3.85 10.75 0.93
CA ASP A 90 2.64 11.62 0.87
C ASP A 90 2.31 11.96 -0.59
N THR A 91 1.60 11.11 -1.28
CA THR A 91 1.28 11.41 -2.70
C THR A 91 -0.14 10.94 -3.06
N SER A 92 -0.52 11.08 -4.30
CA SER A 92 -1.89 10.64 -4.71
C SER A 92 -1.78 9.53 -5.77
N PRO A 93 -2.18 8.36 -5.39
CA PRO A 93 -2.13 7.19 -6.32
C PRO A 93 -3.19 7.33 -7.43
N ALA A 94 -2.81 7.89 -8.55
CA ALA A 94 -3.78 8.03 -9.67
C ALA A 94 -3.80 6.73 -10.48
N LEU A 95 -4.96 6.19 -10.74
CA LEU A 95 -5.02 4.92 -11.52
C LEU A 95 -5.82 5.10 -12.81
N THR A 96 -5.97 4.05 -13.56
CA THR A 96 -6.75 4.15 -14.83
C THR A 96 -6.77 2.78 -15.53
N SER A 97 -7.39 2.69 -16.67
CA SER A 97 -7.44 1.39 -17.39
C SER A 97 -6.03 0.91 -17.75
N GLU A 98 -5.06 1.78 -17.61
CA GLU A 98 -3.66 1.39 -17.94
C GLU A 98 -2.89 1.06 -16.67
N PRO A 99 -1.84 0.30 -16.83
CA PRO A 99 -1.00 -0.09 -15.67
C PRO A 99 -0.19 1.09 -15.17
N ARG A 100 -0.06 1.25 -13.87
CA ARG A 100 0.72 2.39 -13.33
C ARG A 100 1.90 1.88 -12.49
N GLN A 101 3.06 1.75 -13.10
CA GLN A 101 4.25 1.28 -12.34
C GLN A 101 4.91 2.46 -11.63
N VAL A 102 4.55 2.71 -10.40
CA VAL A 102 5.15 3.85 -9.67
C VAL A 102 6.43 3.41 -8.94
N THR A 103 7.47 4.17 -9.05
CA THR A 103 8.75 3.80 -8.37
C THR A 103 9.54 5.07 -8.01
N GLU A 104 9.98 5.17 -6.78
CA GLU A 104 10.75 6.39 -6.38
C GLU A 104 11.59 6.09 -5.13
N THR A 105 12.80 6.58 -5.10
CA THR A 105 13.66 6.34 -3.90
C THR A 105 13.55 7.51 -2.92
N PHE A 106 12.88 7.31 -1.82
CA PHE A 106 12.74 8.42 -0.83
C PHE A 106 13.48 8.07 0.46
N THR A 107 13.84 9.05 1.23
CA THR A 107 14.57 8.78 2.51
C THR A 107 13.56 8.60 3.65
N ALA A 108 13.13 7.40 3.89
CA ALA A 108 12.15 7.15 4.99
C ALA A 108 12.58 7.88 6.25
N SER A 109 11.92 8.97 6.57
CA SER A 109 12.29 9.73 7.81
C SER A 109 11.47 9.24 9.00
N ALA A 110 11.46 7.95 9.23
CA ALA A 110 10.68 7.41 10.39
C ALA A 110 11.19 6.01 10.77
N THR A 111 10.36 5.22 11.37
CA THR A 111 10.81 3.84 11.77
C THR A 111 9.65 2.86 11.64
N TYR A 112 9.75 1.93 10.72
CA TYR A 112 8.66 0.94 10.54
C TYR A 112 9.12 -0.45 10.98
N PRO A 113 8.99 -0.72 12.25
CA PRO A 113 9.41 -2.02 12.81
C PRO A 113 8.44 -3.12 12.37
N ALA A 114 8.94 -4.28 12.06
CA ALA A 114 8.05 -5.39 11.62
C ALA A 114 7.52 -6.15 12.85
N THR A 115 6.89 -5.47 13.75
CA THR A 115 6.36 -6.16 14.97
C THR A 115 4.92 -5.68 15.25
N PRO A 116 3.99 -6.52 14.90
CA PRO A 116 2.55 -6.19 15.11
C PRO A 116 2.14 -6.49 16.56
N ALA A 117 2.96 -6.14 17.51
CA ALA A 117 2.61 -6.41 18.93
C ALA A 117 2.08 -5.13 19.60
N ALA A 118 1.31 -5.27 20.66
CA ALA A 118 0.77 -4.07 21.34
C ALA A 118 1.92 -3.17 21.83
N ASP A 119 2.82 -3.72 22.58
CA ASP A 119 3.96 -2.90 23.09
C ASP A 119 4.94 -2.59 21.95
N ASP A 120 4.70 -3.14 20.79
CA ASP A 120 5.61 -2.87 19.65
C ASP A 120 4.80 -2.62 18.36
N PRO A 121 4.76 -1.38 17.97
CA PRO A 121 4.01 -1.00 16.75
C PRO A 121 4.77 -1.45 15.49
N GLU A 122 4.36 -0.98 14.34
CA GLU A 122 5.05 -1.38 13.08
C GLU A 122 4.63 -0.47 11.93
N GLY A 123 5.51 -0.26 10.98
CA GLY A 123 5.16 0.63 9.83
C GLY A 123 4.51 -0.20 8.72
N GLN A 124 3.65 0.40 7.95
CA GLN A 124 2.99 -0.36 6.85
C GLN A 124 2.64 0.58 5.70
N ILE A 125 1.69 0.19 4.88
CA ILE A 125 1.29 1.06 3.73
C ILE A 125 -0.18 1.46 3.89
N ALA A 126 -0.50 2.67 3.55
CA ALA A 126 -1.91 3.13 3.70
C ALA A 126 -2.52 3.49 2.34
N PHE A 127 -3.61 2.86 2.00
CA PHE A 127 -4.29 3.17 0.71
C PHE A 127 -5.69 3.67 1.02
N GLN A 128 -5.90 4.96 0.98
CA GLN A 128 -7.24 5.51 1.32
C GLN A 128 -8.17 5.58 0.11
N LEU A 129 -8.85 4.51 -0.19
CA LEU A 129 -9.80 4.54 -1.35
C LEU A 129 -11.20 4.88 -0.82
N GLY A 130 -11.31 5.90 -0.01
CA GLY A 130 -12.65 6.26 0.55
C GLY A 130 -13.17 7.55 -0.09
N GLY A 131 -14.43 7.56 -0.46
CA GLY A 131 -15.03 8.78 -1.08
C GLY A 131 -14.04 9.44 -2.04
N PHE A 132 -13.52 8.70 -2.99
CA PHE A 132 -12.55 9.30 -3.95
C PHE A 132 -13.11 9.25 -5.38
N SER A 133 -13.42 8.08 -5.88
CA SER A 133 -13.95 7.98 -7.27
C SER A 133 -15.47 8.13 -7.25
N ALA A 134 -16.09 8.07 -8.41
CA ALA A 134 -17.58 8.20 -8.47
C ALA A 134 -18.23 6.83 -8.61
N ASP A 135 -18.15 6.23 -9.77
CA ASP A 135 -18.77 4.89 -9.96
C ASP A 135 -17.94 3.82 -9.23
N ALA A 136 -18.41 2.61 -9.21
CA ALA A 136 -17.65 1.53 -8.52
C ALA A 136 -16.39 1.19 -9.30
N TRP A 137 -15.25 1.19 -8.65
CA TRP A 137 -13.99 0.85 -9.36
C TRP A 137 -13.19 -0.16 -8.55
N THR A 138 -11.93 -0.30 -8.83
CA THR A 138 -11.13 -1.31 -8.09
C THR A 138 -9.63 -0.98 -8.19
N LEU A 139 -8.84 -1.62 -7.38
CA LEU A 139 -7.36 -1.38 -7.42
C LEU A 139 -6.64 -2.71 -7.64
N CYS A 140 -5.78 -2.78 -8.61
CA CYS A 140 -5.07 -4.07 -8.87
C CYS A 140 -3.56 -3.86 -8.87
N LEU A 141 -2.92 -4.09 -7.76
CA LEU A 141 -1.43 -3.92 -7.72
C LEU A 141 -0.77 -5.24 -8.09
N ASP A 142 0.53 -5.30 -8.06
CA ASP A 142 1.25 -6.56 -8.42
C ASP A 142 2.74 -6.31 -8.57
N ASP A 143 3.33 -5.65 -7.62
CA ASP A 143 4.79 -5.35 -7.69
C ASP A 143 5.18 -4.50 -6.49
N VAL A 144 4.74 -4.87 -5.32
CA VAL A 144 5.07 -4.08 -4.10
C VAL A 144 6.37 -4.57 -3.48
N ALA A 145 7.32 -3.69 -3.30
CA ALA A 145 8.63 -4.09 -2.70
C ALA A 145 9.33 -2.88 -2.11
N LEU A 146 10.16 -3.08 -1.11
CA LEU A 146 10.87 -1.92 -0.49
C LEU A 146 12.23 -2.39 0.06
N ASP A 147 13.18 -1.50 0.14
CA ASP A 147 14.51 -1.88 0.67
C ASP A 147 15.44 -0.66 0.75
N SER A 148 16.39 -0.68 1.65
CA SER A 148 17.30 0.49 1.78
C SER A 148 18.55 0.28 0.91
N GLU A 149 18.91 1.27 0.12
CA GLU A 149 20.10 1.12 -0.75
C GLU A 149 21.35 0.89 0.10
N VAL A 150 22.24 0.03 -0.34
CA VAL A 150 23.48 -0.24 0.44
C VAL A 150 24.70 0.32 -0.30
N GLU A 151 24.80 1.61 -0.40
CA GLU A 151 25.97 2.23 -1.10
C GLU A 151 26.13 1.59 -2.49
N LEU A 152 27.26 1.79 -3.11
CA LEU A 152 27.48 1.21 -4.47
C LEU A 152 28.10 -0.19 -4.35
N ALA A 1 12.24 -9.16 8.87
CA ALA A 1 12.23 -7.84 8.18
C ALA A 1 10.81 -7.50 7.70
N SER A 2 10.69 -6.97 6.52
CA SER A 2 9.33 -6.62 6.00
C SER A 2 8.94 -7.57 4.86
N PRO A 3 8.59 -8.77 5.24
CA PRO A 3 8.18 -9.79 4.24
C PRO A 3 6.79 -9.48 3.68
N ILE A 4 6.70 -8.55 2.77
CA ILE A 4 5.36 -8.20 2.20
C ILE A 4 5.26 -8.72 0.76
N GLY A 5 5.92 -9.81 0.47
CA GLY A 5 5.87 -10.35 -0.91
C GLY A 5 6.85 -9.59 -1.79
N GLU A 6 6.80 -9.78 -3.09
CA GLU A 6 7.75 -9.05 -3.99
C GLU A 6 7.56 -9.51 -5.43
N GLY A 7 6.42 -9.24 -6.00
CA GLY A 7 6.19 -9.66 -7.42
C GLY A 7 4.70 -9.59 -7.74
N THR A 8 3.89 -10.39 -7.11
CA THR A 8 2.43 -10.36 -7.39
C THR A 8 1.64 -10.90 -6.20
N PHE A 9 0.47 -11.42 -6.44
CA PHE A 9 -0.35 -11.97 -5.31
C PHE A 9 -0.95 -13.31 -5.69
N ASP A 10 -0.18 -14.16 -6.33
CA ASP A 10 -0.71 -15.50 -6.73
C ASP A 10 -0.51 -16.51 -5.60
N ASP A 11 -0.90 -16.15 -4.40
CA ASP A 11 -0.74 -17.08 -3.22
C ASP A 11 -0.83 -16.28 -1.92
N GLY A 12 -2.02 -15.97 -1.49
CA GLY A 12 -2.17 -15.19 -0.23
C GLY A 12 -1.52 -13.81 -0.40
N PRO A 13 -2.28 -12.79 -0.10
CA PRO A 13 -1.77 -11.40 -0.22
C PRO A 13 -0.92 -11.02 1.00
N GLU A 14 -0.09 -11.90 1.46
CA GLU A 14 0.75 -11.56 2.65
C GLU A 14 -0.10 -10.92 3.75
N GLY A 15 -0.19 -9.62 3.76
CA GLY A 15 -1.01 -8.94 4.81
C GLY A 15 -1.77 -7.75 4.21
N TRP A 16 -1.61 -7.50 2.95
CA TRP A 16 -2.33 -6.35 2.32
C TRP A 16 -3.83 -6.44 2.60
N VAL A 17 -4.28 -5.88 3.70
CA VAL A 17 -5.74 -5.94 4.00
C VAL A 17 -6.46 -4.75 3.35
N ALA A 18 -7.69 -4.90 3.00
CA ALA A 18 -8.44 -3.77 2.37
C ALA A 18 -9.78 -3.58 3.07
N TYR A 19 -10.35 -2.43 2.95
CA TYR A 19 -11.66 -2.17 3.62
C TYR A 19 -12.47 -1.14 2.84
N GLY A 20 -13.73 -1.01 3.14
CA GLY A 20 -14.58 -0.04 2.42
C GLY A 20 -16.05 -0.42 2.62
N THR A 21 -16.63 -1.12 1.68
CA THR A 21 -18.07 -1.52 1.83
C THR A 21 -18.38 -2.80 1.04
N ASP A 22 -17.38 -3.55 0.66
CA ASP A 22 -17.67 -4.80 -0.10
C ASP A 22 -16.81 -5.96 0.42
N GLY A 23 -16.96 -7.13 -0.17
CA GLY A 23 -16.16 -8.29 0.28
C GLY A 23 -14.72 -7.87 0.54
N PRO A 24 -14.00 -8.72 1.23
CA PRO A 24 -12.59 -8.44 1.56
C PRO A 24 -11.72 -8.58 0.31
N LEU A 25 -10.54 -8.00 0.34
CA LEU A 25 -9.64 -8.09 -0.85
C LEU A 25 -9.67 -9.51 -1.43
N ASP A 26 -9.44 -9.63 -2.71
CA ASP A 26 -9.45 -10.98 -3.34
C ASP A 26 -8.12 -11.23 -4.06
N THR A 27 -7.57 -12.40 -3.94
CA THR A 27 -6.27 -12.68 -4.61
C THR A 27 -6.42 -13.84 -5.59
N SER A 28 -7.35 -14.72 -5.34
CA SER A 28 -7.57 -15.90 -6.24
C SER A 28 -7.67 -15.47 -7.71
N THR A 29 -6.56 -15.29 -8.36
CA THR A 29 -6.58 -14.86 -9.80
C THR A 29 -5.19 -14.40 -10.24
N GLY A 30 -4.44 -13.84 -9.33
CA GLY A 30 -3.08 -13.36 -9.69
C GLY A 30 -2.90 -11.90 -9.25
N ALA A 31 -3.92 -11.33 -8.66
CA ALA A 31 -3.81 -9.91 -8.19
C ALA A 31 -4.70 -9.68 -6.97
N LEU A 32 -4.45 -8.64 -6.23
CA LEU A 32 -5.29 -8.35 -5.03
C LEU A 32 -6.27 -7.22 -5.31
N CYS A 33 -7.50 -7.53 -5.61
CA CYS A 33 -8.49 -6.46 -5.91
C CYS A 33 -9.31 -6.10 -4.68
N VAL A 34 -9.20 -4.88 -4.21
CA VAL A 34 -10.01 -4.45 -3.04
C VAL A 34 -11.33 -3.90 -3.56
N ALA A 35 -12.39 -4.00 -2.81
CA ALA A 35 -13.70 -3.50 -3.31
C ALA A 35 -13.92 -2.04 -2.94
N VAL A 36 -14.20 -1.22 -3.91
CA VAL A 36 -14.45 0.22 -3.64
C VAL A 36 -15.79 0.62 -4.26
N PRO A 37 -16.68 1.07 -3.42
CA PRO A 37 -18.05 1.46 -3.89
C PRO A 37 -17.98 2.69 -4.81
N ALA A 38 -19.11 3.17 -5.25
CA ALA A 38 -19.14 4.35 -6.16
C ALA A 38 -18.41 5.54 -5.53
N GLY A 39 -17.48 6.10 -6.24
CA GLY A 39 -16.72 7.28 -5.71
C GLY A 39 -16.42 7.08 -4.22
N SER A 40 -16.31 5.85 -3.79
CA SER A 40 -16.03 5.56 -2.35
C SER A 40 -16.64 6.65 -1.46
N ALA A 41 -17.93 6.81 -1.51
CA ALA A 41 -18.57 7.84 -0.66
C ALA A 41 -18.94 7.26 0.69
N GLN A 42 -18.07 7.44 1.63
CA GLN A 42 -18.32 6.91 3.01
C GLN A 42 -17.15 7.27 3.93
N TYR A 43 -16.89 6.45 4.90
CA TYR A 43 -15.75 6.74 5.82
C TYR A 43 -14.43 6.77 5.04
N GLY A 44 -14.45 6.31 3.82
CA GLY A 44 -13.21 6.32 3.00
C GLY A 44 -12.71 4.88 2.80
N VAL A 45 -12.45 4.50 1.58
CA VAL A 45 -11.94 3.11 1.34
C VAL A 45 -10.41 3.14 1.42
N GLY A 46 -9.78 2.00 1.42
CA GLY A 46 -8.30 2.01 1.50
C GLY A 46 -7.77 0.58 1.75
N VAL A 47 -6.49 0.47 1.96
CA VAL A 47 -5.87 -0.86 2.21
C VAL A 47 -4.65 -0.68 3.10
N VAL A 48 -4.55 -1.41 4.17
CA VAL A 48 -3.38 -1.25 5.07
C VAL A 48 -2.58 -2.54 5.19
N LEU A 49 -1.28 -2.46 5.12
CA LEU A 49 -0.44 -3.69 5.22
C LEU A 49 0.65 -3.49 6.28
N ASN A 50 0.42 -3.96 7.47
CA ASN A 50 1.45 -3.80 8.54
C ASN A 50 2.59 -4.79 8.32
N GLY A 51 3.82 -4.34 8.44
CA GLY A 51 4.97 -5.26 8.24
C GLY A 51 6.04 -4.57 7.39
N VAL A 52 6.79 -3.68 7.98
CA VAL A 52 7.85 -2.97 7.22
C VAL A 52 9.13 -2.83 8.07
N ALA A 53 10.22 -2.47 7.47
CA ALA A 53 11.48 -2.33 8.25
C ALA A 53 12.24 -1.07 7.82
N ILE A 54 11.89 0.07 8.37
CA ILE A 54 12.60 1.32 8.00
C ILE A 54 13.31 1.89 9.23
N GLU A 55 14.30 2.71 9.01
CA GLU A 55 15.04 3.31 10.17
C GLU A 55 15.61 4.68 9.80
N GLU A 56 15.46 5.64 10.67
CA GLU A 56 15.99 7.01 10.39
C GLU A 56 15.84 7.37 8.91
N GLY A 57 16.63 8.28 8.42
CA GLY A 57 16.53 8.67 6.98
C GLY A 57 17.35 7.69 6.13
N THR A 58 16.73 6.64 5.67
CA THR A 58 17.46 5.65 4.83
C THR A 58 16.82 5.58 3.43
N THR A 59 17.41 4.85 2.53
CA THR A 59 16.84 4.74 1.16
C THR A 59 15.87 3.56 1.08
N TYR A 60 14.91 3.63 0.19
CA TYR A 60 13.93 2.51 0.05
C TYR A 60 13.26 2.56 -1.32
N THR A 61 13.37 1.51 -2.08
CA THR A 61 12.74 1.49 -3.43
C THR A 61 11.31 0.92 -3.33
N LEU A 62 10.33 1.73 -3.61
CA LEU A 62 8.93 1.23 -3.53
C LEU A 62 8.50 0.66 -4.88
N ARG A 63 8.13 -0.59 -4.91
CA ARG A 63 7.70 -1.21 -6.19
C ARG A 63 6.32 -1.84 -6.05
N TYR A 64 5.43 -1.54 -6.94
CA TYR A 64 4.06 -2.12 -6.86
C TYR A 64 3.28 -1.81 -8.15
N THR A 65 2.47 -2.73 -8.61
CA THR A 65 1.70 -2.49 -9.85
C THR A 65 0.20 -2.54 -9.56
N ALA A 66 -0.42 -1.42 -9.38
CA ALA A 66 -1.88 -1.40 -9.09
C ALA A 66 -2.67 -1.10 -10.36
N THR A 67 -3.87 -1.62 -10.46
CA THR A 67 -4.69 -1.35 -11.68
C THR A 67 -6.19 -1.40 -11.32
N ALA A 68 -6.80 -0.25 -11.19
CA ALA A 68 -8.25 -0.24 -10.85
C ALA A 68 -9.09 -0.25 -12.12
N SER A 69 -10.07 -1.12 -12.19
CA SER A 69 -10.92 -1.17 -13.41
C SER A 69 -11.26 0.25 -13.87
N THR A 70 -11.27 1.18 -12.95
CA THR A 70 -11.58 2.59 -13.31
C THR A 70 -10.32 3.45 -13.17
N ASP A 71 -10.31 4.59 -13.79
CA ASP A 71 -9.11 5.48 -13.67
C ASP A 71 -9.16 6.23 -12.34
N VAL A 72 -8.84 5.57 -11.25
CA VAL A 72 -8.89 6.24 -9.93
C VAL A 72 -7.51 6.69 -9.46
N THR A 73 -7.41 7.88 -8.96
CA THR A 73 -6.10 8.39 -8.47
C THR A 73 -6.25 8.74 -6.99
N VAL A 74 -6.06 7.80 -6.11
CA VAL A 74 -6.23 8.08 -4.66
C VAL A 74 -4.90 8.55 -4.05
N ARG A 75 -4.67 8.26 -2.79
CA ARG A 75 -3.41 8.70 -2.15
C ARG A 75 -2.72 7.52 -1.46
N ALA A 76 -1.50 7.22 -1.84
CA ALA A 76 -0.77 6.09 -1.19
C ALA A 76 0.49 6.62 -0.53
N LEU A 77 1.06 5.87 0.38
CA LEU A 77 2.31 6.34 1.06
C LEU A 77 2.75 5.33 2.13
N VAL A 78 3.52 5.77 3.08
CA VAL A 78 3.99 4.86 4.15
C VAL A 78 4.20 5.66 5.45
N GLY A 79 4.33 5.00 6.57
CA GLY A 79 4.52 5.77 7.83
C GLY A 79 4.82 4.82 8.99
N GLN A 80 4.75 5.32 10.19
CA GLN A 80 5.03 4.46 11.38
C GLN A 80 3.77 4.28 12.22
N ASN A 81 2.94 3.33 11.90
CA ASN A 81 1.71 3.11 12.71
C ASN A 81 2.10 2.65 14.11
N GLY A 82 2.09 3.55 15.06
CA GLY A 82 2.47 3.19 16.45
C GLY A 82 3.04 4.42 17.17
N ALA A 83 4.32 4.65 17.05
CA ALA A 83 4.94 5.83 17.71
C ALA A 83 6.46 5.79 17.56
N PRO A 84 7.07 6.94 17.44
CA PRO A 84 6.31 8.23 17.44
C PRO A 84 5.79 8.54 16.02
N TYR A 85 5.45 7.53 15.26
CA TYR A 85 4.94 7.77 13.88
C TYR A 85 6.02 8.42 13.02
N GLY A 86 5.67 8.83 11.83
CA GLY A 86 6.68 9.46 10.93
C GLY A 86 6.46 8.97 9.49
N THR A 87 5.79 9.76 8.68
CA THR A 87 5.55 9.32 7.28
C THR A 87 6.68 9.79 6.37
N VAL A 88 7.04 8.98 5.40
CA VAL A 88 8.15 9.37 4.48
C VAL A 88 7.66 9.35 3.03
N LEU A 89 6.56 8.70 2.77
CA LEU A 89 6.03 8.64 1.37
C LEU A 89 4.82 9.57 1.20
N ASP A 90 4.74 10.25 0.10
CA ASP A 90 3.59 11.16 -0.14
C ASP A 90 3.29 11.27 -1.63
N THR A 91 2.39 10.47 -2.13
CA THR A 91 2.06 10.54 -3.59
C THR A 91 0.69 9.91 -3.86
N SER A 92 0.31 9.81 -5.10
CA SER A 92 -1.02 9.20 -5.43
C SER A 92 -0.84 8.05 -6.43
N PRO A 93 -1.41 6.93 -6.09
CA PRO A 93 -1.31 5.73 -6.95
C PRO A 93 -2.20 5.87 -8.19
N ALA A 94 -1.78 6.63 -9.16
CA ALA A 94 -2.62 6.78 -10.39
C ALA A 94 -3.01 5.39 -10.91
N LEU A 95 -4.24 5.21 -11.30
CA LEU A 95 -4.66 3.87 -11.79
C LEU A 95 -5.51 4.00 -13.07
N THR A 96 -5.75 2.92 -13.74
CA THR A 96 -6.57 2.96 -14.99
C THR A 96 -6.99 1.54 -15.39
N SER A 97 -7.23 1.31 -16.64
CA SER A 97 -7.65 -0.05 -17.08
C SER A 97 -6.42 -0.93 -17.33
N GLU A 98 -5.32 -0.34 -17.70
CA GLU A 98 -4.09 -1.14 -17.96
C GLU A 98 -3.28 -1.30 -16.67
N PRO A 99 -2.22 -2.05 -16.76
CA PRO A 99 -1.35 -2.28 -15.58
C PRO A 99 -0.55 -1.02 -15.25
N ARG A 100 -0.50 -0.64 -14.00
CA ARG A 100 0.25 0.58 -13.62
C ARG A 100 1.38 0.23 -12.65
N GLN A 101 2.51 -0.19 -13.16
CA GLN A 101 3.65 -0.56 -12.28
C GLN A 101 4.21 0.71 -11.61
N VAL A 102 4.85 0.55 -10.48
CA VAL A 102 5.43 1.74 -9.79
C VAL A 102 6.86 1.46 -9.35
N THR A 103 7.77 2.37 -9.60
CA THR A 103 9.18 2.13 -9.20
C THR A 103 9.86 3.48 -8.89
N GLU A 104 10.18 3.72 -7.65
CA GLU A 104 10.85 5.01 -7.29
C GLU A 104 11.70 4.84 -6.03
N THR A 105 12.74 5.62 -5.90
CA THR A 105 13.61 5.50 -4.69
C THR A 105 13.41 6.72 -3.79
N PHE A 106 13.02 6.49 -2.56
CA PHE A 106 12.81 7.64 -1.62
C PHE A 106 13.58 7.43 -0.33
N THR A 107 13.94 8.49 0.34
CA THR A 107 14.70 8.34 1.62
C THR A 107 13.72 8.26 2.80
N ALA A 108 13.37 7.06 3.20
CA ALA A 108 12.43 6.92 4.34
C ALA A 108 12.93 7.70 5.56
N SER A 109 12.41 8.87 5.78
CA SER A 109 12.85 9.67 6.95
C SER A 109 12.06 9.27 8.19
N ALA A 110 12.06 8.02 8.54
CA ALA A 110 11.30 7.57 9.74
C ALA A 110 11.84 6.21 10.22
N THR A 111 10.99 5.43 10.83
CA THR A 111 11.44 4.09 11.33
C THR A 111 10.25 3.16 11.51
N TYR A 112 10.21 2.09 10.76
CA TYR A 112 9.07 1.13 10.89
C TYR A 112 9.58 -0.20 11.48
N PRO A 113 9.18 -0.45 12.70
CA PRO A 113 9.61 -1.69 13.39
C PRO A 113 8.84 -2.90 12.85
N ALA A 114 9.39 -3.61 11.91
CA ALA A 114 8.68 -4.81 11.35
C ALA A 114 8.11 -5.65 12.49
N THR A 115 8.67 -5.56 13.66
CA THR A 115 8.15 -6.36 14.80
C THR A 115 7.23 -5.51 15.67
N PRO A 116 5.99 -5.92 15.75
CA PRO A 116 5.00 -5.18 16.57
C PRO A 116 5.26 -5.40 18.06
N ALA A 117 4.28 -5.15 18.89
CA ALA A 117 4.48 -5.33 20.36
C ALA A 117 3.16 -5.75 21.01
N ALA A 118 3.13 -5.81 22.32
CA ALA A 118 1.87 -6.21 23.02
C ALA A 118 0.94 -5.00 23.15
N ASP A 119 1.42 -3.83 22.82
CA ASP A 119 0.55 -2.62 22.93
C ASP A 119 1.05 -1.53 21.97
N ASP A 120 1.83 -1.90 20.99
CA ASP A 120 2.35 -0.90 20.03
C ASP A 120 2.51 -1.53 18.64
N PRO A 121 2.03 -0.84 17.65
CA PRO A 121 2.11 -1.32 16.26
C PRO A 121 3.46 -0.92 15.64
N GLU A 122 3.54 -0.82 14.34
CA GLU A 122 4.82 -0.43 13.69
C GLU A 122 4.57 0.35 12.40
N GLY A 123 5.50 0.35 11.50
CA GLY A 123 5.30 1.09 10.23
C GLY A 123 4.67 0.17 9.19
N GLN A 124 3.87 0.73 8.30
CA GLN A 124 3.22 -0.12 7.27
C GLN A 124 2.97 0.69 6.00
N ILE A 125 2.01 0.28 5.21
CA ILE A 125 1.69 1.03 3.95
C ILE A 125 0.27 1.57 4.02
N ALA A 126 0.04 2.75 3.53
CA ALA A 126 -1.33 3.32 3.60
C ALA A 126 -1.89 3.57 2.20
N PHE A 127 -3.01 2.97 1.90
CA PHE A 127 -3.66 3.18 0.57
C PHE A 127 -5.04 3.78 0.82
N GLN A 128 -5.13 5.09 0.84
CA GLN A 128 -6.45 5.72 1.14
C GLN A 128 -7.29 5.93 -0.12
N LEU A 129 -8.16 5.01 -0.42
CA LEU A 129 -9.05 5.17 -1.60
C LEU A 129 -10.34 5.85 -1.13
N GLY A 130 -10.22 6.86 -0.32
CA GLY A 130 -11.42 7.57 0.20
C GLY A 130 -11.92 8.59 -0.83
N GLY A 131 -13.11 8.38 -1.34
CA GLY A 131 -13.67 9.33 -2.35
C GLY A 131 -12.57 9.79 -3.30
N PHE A 132 -12.43 9.12 -4.42
CA PHE A 132 -11.37 9.53 -5.40
C PHE A 132 -11.86 9.33 -6.83
N SER A 133 -12.34 8.17 -7.17
CA SER A 133 -12.83 7.94 -8.57
C SER A 133 -14.31 8.32 -8.68
N ALA A 134 -14.86 8.25 -9.87
CA ALA A 134 -16.30 8.60 -10.05
C ALA A 134 -17.18 7.41 -9.66
N ASP A 135 -17.45 6.53 -10.60
CA ASP A 135 -18.29 5.35 -10.27
C ASP A 135 -17.55 4.42 -9.30
N ALA A 136 -18.09 3.27 -9.03
CA ALA A 136 -17.41 2.33 -8.10
C ALA A 136 -16.27 1.59 -8.81
N TRP A 137 -15.24 1.23 -8.11
CA TRP A 137 -14.11 0.52 -8.76
C TRP A 137 -13.38 -0.39 -7.78
N THR A 138 -12.17 -0.75 -8.09
CA THR A 138 -11.39 -1.65 -7.20
C THR A 138 -9.90 -1.51 -7.52
N LEU A 139 -9.04 -2.20 -6.83
CA LEU A 139 -7.58 -2.07 -7.13
C LEU A 139 -6.85 -3.41 -7.06
N CYS A 140 -6.34 -3.86 -8.18
CA CYS A 140 -5.58 -5.15 -8.20
C CYS A 140 -4.08 -4.89 -8.26
N LEU A 141 -3.39 -5.06 -7.17
CA LEU A 141 -1.92 -4.85 -7.18
C LEU A 141 -1.22 -6.16 -7.53
N ASP A 142 0.09 -6.16 -7.56
CA ASP A 142 0.83 -7.41 -7.90
C ASP A 142 2.30 -7.10 -8.19
N ASP A 143 3.03 -6.69 -7.19
CA ASP A 143 4.48 -6.36 -7.37
C ASP A 143 4.95 -5.51 -6.18
N VAL A 144 4.56 -5.88 -5.00
CA VAL A 144 4.95 -5.09 -3.80
C VAL A 144 6.27 -5.58 -3.23
N ALA A 145 7.28 -4.76 -3.26
CA ALA A 145 8.61 -5.19 -2.72
C ALA A 145 9.34 -3.97 -2.14
N LEU A 146 9.99 -4.14 -1.02
CA LEU A 146 10.72 -3.00 -0.40
C LEU A 146 12.16 -3.40 -0.07
N ASP A 147 13.06 -2.45 -0.04
CA ASP A 147 14.48 -2.78 0.27
C ASP A 147 15.24 -1.51 0.68
N SER A 148 16.52 -1.62 0.91
CA SER A 148 17.31 -0.41 1.31
C SER A 148 18.54 -0.28 0.42
N GLU A 149 18.54 0.69 -0.46
CA GLU A 149 19.72 0.89 -1.36
C GLU A 149 20.70 1.89 -0.74
N VAL A 150 21.90 1.95 -1.26
CA VAL A 150 22.90 2.91 -0.69
C VAL A 150 23.46 3.79 -1.81
N GLU A 151 22.74 4.82 -2.17
CA GLU A 151 23.24 5.73 -3.26
C GLU A 151 23.58 7.10 -2.67
N LEU A 152 24.70 7.65 -3.06
CA LEU A 152 25.09 8.99 -2.52
C LEU A 152 25.18 10.01 -3.67
N ALA A 1 14.54 -7.26 4.81
CA ALA A 1 13.86 -6.87 6.08
C ALA A 1 12.36 -6.74 5.86
N SER A 2 11.95 -6.27 4.72
CA SER A 2 10.50 -6.12 4.45
C SER A 2 10.05 -7.11 3.37
N PRO A 3 9.97 -8.35 3.77
CA PRO A 3 9.55 -9.42 2.83
C PRO A 3 8.04 -9.34 2.55
N ILE A 4 7.63 -8.43 1.71
CA ILE A 4 6.18 -8.30 1.40
C ILE A 4 5.91 -8.81 -0.01
N GLY A 5 6.54 -9.90 -0.39
CA GLY A 5 6.32 -10.45 -1.76
C GLY A 5 7.52 -10.10 -2.65
N GLU A 6 7.97 -8.87 -2.59
CA GLU A 6 9.14 -8.47 -3.41
C GLU A 6 9.03 -9.06 -4.82
N GLY A 7 7.83 -9.30 -5.28
CA GLY A 7 7.66 -9.88 -6.64
C GLY A 7 6.25 -9.60 -7.16
N THR A 8 5.85 -10.26 -8.20
CA THR A 8 4.48 -10.02 -8.76
C THR A 8 3.42 -10.61 -7.84
N PHE A 9 2.18 -10.24 -8.03
CA PHE A 9 1.09 -10.78 -7.18
C PHE A 9 0.46 -12.02 -7.82
N ASP A 10 1.25 -13.01 -8.13
CA ASP A 10 0.70 -14.23 -8.77
C ASP A 10 0.83 -15.43 -7.83
N ASP A 11 0.37 -15.30 -6.61
CA ASP A 11 0.46 -16.42 -5.61
C ASP A 11 0.27 -15.86 -4.20
N GLY A 12 -0.96 -15.58 -3.82
CA GLY A 12 -1.21 -15.04 -2.45
C GLY A 12 -0.79 -13.57 -2.39
N PRO A 13 -1.66 -12.77 -1.83
CA PRO A 13 -1.38 -11.31 -1.70
C PRO A 13 -0.39 -11.05 -0.56
N GLU A 14 0.13 -12.08 0.03
CA GLU A 14 1.09 -11.89 1.16
C GLU A 14 0.38 -11.26 2.36
N GLY A 15 0.29 -9.97 2.41
CA GLY A 15 -0.40 -9.30 3.56
C GLY A 15 -1.20 -8.10 3.07
N TRP A 16 -1.32 -7.93 1.78
CA TRP A 16 -2.09 -6.76 1.25
C TRP A 16 -3.59 -6.99 1.46
N VAL A 17 -4.13 -6.50 2.55
CA VAL A 17 -5.59 -6.68 2.80
C VAL A 17 -6.36 -5.45 2.32
N ALA A 18 -7.59 -5.61 1.95
CA ALA A 18 -8.39 -4.43 1.49
C ALA A 18 -9.73 -4.40 2.22
N TYR A 19 -10.06 -3.29 2.82
CA TYR A 19 -11.34 -3.19 3.57
C TYR A 19 -12.22 -2.08 3.00
N GLY A 20 -13.51 -2.15 3.24
CA GLY A 20 -14.41 -1.09 2.73
C GLY A 20 -14.94 -1.46 1.34
N THR A 21 -15.16 -2.71 1.09
CA THR A 21 -15.66 -3.13 -0.26
C THR A 21 -16.51 -4.40 -0.14
N ASP A 22 -16.60 -5.15 -1.21
CA ASP A 22 -17.41 -6.40 -1.18
C ASP A 22 -16.52 -7.61 -0.86
N GLY A 23 -16.93 -8.43 0.06
CA GLY A 23 -16.10 -9.62 0.41
C GLY A 23 -14.63 -9.21 0.52
N PRO A 24 -13.78 -10.21 0.59
CA PRO A 24 -12.32 -9.95 0.70
C PRO A 24 -11.75 -9.46 -0.63
N LEU A 25 -10.48 -9.58 -0.82
CA LEU A 25 -9.85 -9.11 -2.10
C LEU A 25 -9.59 -10.31 -3.02
N ASP A 26 -9.40 -10.06 -4.29
CA ASP A 26 -9.13 -11.18 -5.24
C ASP A 26 -7.74 -11.02 -5.85
N THR A 27 -7.02 -12.10 -6.01
CA THR A 27 -5.66 -12.00 -6.60
C THR A 27 -5.47 -12.97 -7.77
N SER A 28 -6.26 -14.01 -7.81
CA SER A 28 -6.12 -15.00 -8.92
C SER A 28 -6.09 -14.30 -10.29
N THR A 29 -6.53 -13.08 -10.37
CA THR A 29 -6.53 -12.34 -11.67
C THR A 29 -5.10 -11.97 -12.11
N GLY A 30 -4.10 -12.42 -11.40
CA GLY A 30 -2.70 -12.07 -11.78
C GLY A 30 -2.26 -10.85 -10.96
N ALA A 31 -3.18 -10.21 -10.30
CA ALA A 31 -2.84 -9.02 -9.48
C ALA A 31 -3.82 -8.90 -8.32
N LEU A 32 -3.54 -8.06 -7.36
CA LEU A 32 -4.48 -7.91 -6.22
C LEU A 32 -5.55 -6.87 -6.55
N CYS A 33 -6.65 -7.29 -7.10
CA CYS A 33 -7.74 -6.32 -7.45
C CYS A 33 -8.84 -6.32 -6.40
N VAL A 34 -8.97 -5.25 -5.67
CA VAL A 34 -10.05 -5.17 -4.65
C VAL A 34 -11.29 -4.57 -5.32
N ALA A 35 -12.46 -5.00 -4.93
CA ALA A 35 -13.70 -4.48 -5.57
C ALA A 35 -14.19 -3.20 -4.86
N VAL A 36 -13.50 -2.12 -5.04
CA VAL A 36 -13.93 -0.85 -4.39
C VAL A 36 -15.36 -0.51 -4.85
N PRO A 37 -16.17 -0.14 -3.89
CA PRO A 37 -17.59 0.21 -4.18
C PRO A 37 -17.69 1.50 -5.01
N ALA A 38 -18.89 1.87 -5.39
CA ALA A 38 -19.09 3.10 -6.20
C ALA A 38 -18.60 4.35 -5.47
N GLY A 39 -17.74 5.11 -6.10
CA GLY A 39 -17.21 6.35 -5.47
C GLY A 39 -16.96 6.12 -3.97
N SER A 40 -16.70 4.90 -3.57
CA SER A 40 -16.44 4.60 -2.12
C SER A 40 -17.15 5.60 -1.22
N ALA A 41 -18.45 5.70 -1.33
CA ALA A 41 -19.19 6.67 -0.48
C ALA A 41 -19.57 6.04 0.85
N GLN A 42 -18.81 6.34 1.87
CA GLN A 42 -19.10 5.76 3.22
C GLN A 42 -17.97 6.17 4.18
N TYR A 43 -17.81 5.45 5.26
CA TYR A 43 -16.73 5.81 6.23
C TYR A 43 -15.40 5.99 5.48
N GLY A 44 -15.27 5.38 4.33
CA GLY A 44 -14.01 5.50 3.55
C GLY A 44 -13.37 4.13 3.35
N VAL A 45 -13.03 3.79 2.14
CA VAL A 45 -12.40 2.48 1.88
C VAL A 45 -10.88 2.62 2.00
N GLY A 46 -10.14 1.55 1.87
CA GLY A 46 -8.67 1.67 1.98
C GLY A 46 -8.02 0.30 2.13
N VAL A 47 -6.82 0.14 1.64
CA VAL A 47 -6.11 -1.17 1.76
C VAL A 47 -4.86 -0.99 2.63
N VAL A 48 -4.52 -1.98 3.41
CA VAL A 48 -3.30 -1.83 4.28
C VAL A 48 -2.49 -3.13 4.30
N LEU A 49 -1.21 -3.03 4.55
CA LEU A 49 -0.35 -4.25 4.59
C LEU A 49 0.67 -4.11 5.72
N ASN A 50 0.42 -4.72 6.84
CA ASN A 50 1.38 -4.63 7.98
C ASN A 50 2.58 -5.57 7.75
N GLY A 51 3.77 -5.09 7.96
CA GLY A 51 4.97 -5.96 7.75
C GLY A 51 6.08 -5.16 7.08
N VAL A 52 6.47 -4.05 7.64
CA VAL A 52 7.55 -3.23 7.01
C VAL A 52 8.73 -3.09 7.97
N ALA A 53 9.89 -2.75 7.46
CA ALA A 53 11.08 -2.61 8.36
C ALA A 53 11.79 -1.27 8.08
N ILE A 54 11.50 -0.27 8.87
CA ILE A 54 12.17 1.05 8.66
C ILE A 54 12.70 1.58 10.00
N GLU A 55 13.63 2.50 9.97
CA GLU A 55 14.18 3.04 11.24
C GLU A 55 14.61 4.50 11.06
N GLU A 56 14.18 5.36 11.95
CA GLU A 56 14.55 6.80 11.86
C GLU A 56 14.56 7.26 10.39
N GLY A 57 15.34 8.26 10.08
CA GLY A 57 15.40 8.76 8.69
C GLY A 57 16.40 7.92 7.87
N THR A 58 15.90 7.11 6.98
CA THR A 58 16.81 6.27 6.16
C THR A 58 16.35 6.28 4.69
N THR A 59 17.10 5.68 3.81
CA THR A 59 16.70 5.66 2.37
C THR A 59 15.83 4.44 2.09
N TYR A 60 14.88 4.57 1.21
CA TYR A 60 14.01 3.40 0.88
C TYR A 60 13.43 3.55 -0.54
N THR A 61 13.08 2.46 -1.16
CA THR A 61 12.52 2.54 -2.53
C THR A 61 11.15 1.85 -2.58
N LEU A 62 10.10 2.60 -2.80
CA LEU A 62 8.75 1.98 -2.85
C LEU A 62 8.42 1.54 -4.28
N ARG A 63 8.15 0.28 -4.48
CA ARG A 63 7.83 -0.21 -5.84
C ARG A 63 6.50 -0.98 -5.84
N TYR A 64 5.67 -0.76 -6.83
CA TYR A 64 4.37 -1.48 -6.89
C TYR A 64 3.62 -1.09 -8.17
N THR A 65 2.79 -1.96 -8.67
CA THR A 65 2.04 -1.63 -9.92
C THR A 65 0.53 -1.64 -9.64
N ALA A 66 -0.06 -0.49 -9.52
CA ALA A 66 -1.52 -0.43 -9.25
C ALA A 66 -2.28 -0.08 -10.53
N THR A 67 -3.42 -0.68 -10.74
CA THR A 67 -4.20 -0.38 -11.98
C THR A 67 -5.70 -0.56 -11.70
N ALA A 68 -6.42 0.53 -11.63
CA ALA A 68 -7.89 0.42 -11.37
C ALA A 68 -8.66 0.53 -12.68
N SER A 69 -9.59 -0.36 -12.91
CA SER A 69 -10.38 -0.29 -14.18
C SER A 69 -10.80 1.15 -14.44
N THR A 70 -10.91 1.94 -13.39
CA THR A 70 -11.31 3.35 -13.57
C THR A 70 -10.12 4.28 -13.26
N ASP A 71 -10.20 5.52 -13.64
CA ASP A 71 -9.09 6.46 -13.35
C ASP A 71 -9.24 7.01 -11.92
N VAL A 72 -9.06 6.17 -10.94
CA VAL A 72 -9.23 6.64 -9.53
C VAL A 72 -7.92 7.23 -9.00
N THR A 73 -8.01 8.36 -8.35
CA THR A 73 -6.79 8.99 -7.77
C THR A 73 -7.00 9.14 -6.25
N VAL A 74 -6.69 8.12 -5.51
CA VAL A 74 -6.89 8.18 -4.03
C VAL A 74 -5.64 8.72 -3.34
N ARG A 75 -5.48 8.44 -2.08
CA ARG A 75 -4.29 8.95 -1.34
C ARG A 75 -3.48 7.78 -0.78
N ALA A 76 -2.38 7.46 -1.40
CA ALA A 76 -1.54 6.33 -0.90
C ALA A 76 -0.36 6.87 -0.09
N LEU A 77 0.27 6.04 0.68
CA LEU A 77 1.42 6.51 1.50
C LEU A 77 1.90 5.40 2.44
N VAL A 78 2.63 5.74 3.47
CA VAL A 78 3.12 4.71 4.42
C VAL A 78 3.17 5.30 5.83
N GLY A 79 3.36 4.48 6.83
CA GLY A 79 3.41 5.02 8.22
C GLY A 79 3.53 3.86 9.21
N GLN A 80 3.19 4.12 10.46
CA GLN A 80 3.29 3.03 11.48
C GLN A 80 1.95 2.85 12.19
N ASN A 81 1.55 1.63 12.40
CA ASN A 81 0.26 1.38 13.09
C ASN A 81 0.47 1.37 14.61
N GLY A 82 0.28 2.48 15.25
CA GLY A 82 0.47 2.55 16.73
C GLY A 82 0.96 3.95 17.11
N ALA A 83 1.23 4.17 18.38
CA ALA A 83 1.72 5.51 18.80
C ALA A 83 3.24 5.50 18.96
N PRO A 84 3.85 6.65 18.77
CA PRO A 84 3.10 7.88 18.42
C PRO A 84 2.82 7.95 16.91
N TYR A 85 2.68 6.82 16.27
CA TYR A 85 2.40 6.82 14.80
C TYR A 85 3.55 7.51 14.05
N GLY A 86 3.41 7.67 12.76
CA GLY A 86 4.49 8.33 11.98
C GLY A 86 4.32 8.00 10.49
N THR A 87 4.27 9.00 9.66
CA THR A 87 4.10 8.74 8.19
C THR A 87 5.30 9.32 7.42
N VAL A 88 5.69 8.67 6.35
CA VAL A 88 6.85 9.17 5.56
C VAL A 88 6.46 9.36 4.09
N LEU A 89 5.37 8.76 3.67
CA LEU A 89 4.94 8.91 2.25
C LEU A 89 3.68 9.76 2.13
N ASP A 90 3.60 10.60 1.13
CA ASP A 90 2.40 11.45 0.95
C ASP A 90 2.19 11.77 -0.54
N THR A 91 1.39 10.99 -1.22
CA THR A 91 1.17 11.25 -2.68
C THR A 91 -0.13 10.59 -3.15
N SER A 92 -0.41 10.67 -4.43
CA SER A 92 -1.65 10.04 -4.96
C SER A 92 -1.30 8.99 -6.02
N PRO A 93 -1.95 7.86 -5.92
CA PRO A 93 -1.70 6.76 -6.87
C PRO A 93 -2.59 6.89 -8.11
N ALA A 94 -2.36 7.87 -8.92
CA ALA A 94 -3.20 8.03 -10.15
C ALA A 94 -3.35 6.66 -10.83
N LEU A 95 -4.55 6.19 -11.00
CA LEU A 95 -4.73 4.86 -11.66
C LEU A 95 -5.55 4.98 -12.94
N THR A 96 -5.70 3.89 -13.65
CA THR A 96 -6.50 3.93 -14.91
C THR A 96 -6.50 2.54 -15.57
N SER A 97 -7.13 2.41 -16.69
CA SER A 97 -7.18 1.08 -17.37
C SER A 97 -5.76 0.62 -17.72
N GLU A 98 -4.81 1.50 -17.66
CA GLU A 98 -3.41 1.11 -17.98
C GLU A 98 -2.64 0.80 -16.70
N PRO A 99 -1.60 0.02 -16.85
CA PRO A 99 -0.76 -0.37 -15.69
C PRO A 99 0.07 0.82 -15.20
N ARG A 100 0.16 1.01 -13.91
CA ARG A 100 0.96 2.15 -13.38
C ARG A 100 2.10 1.65 -12.49
N GLN A 101 3.26 1.44 -13.06
CA GLN A 101 4.41 0.95 -12.24
C GLN A 101 4.93 2.09 -11.36
N VAL A 102 5.36 1.79 -10.16
CA VAL A 102 5.87 2.86 -9.27
C VAL A 102 7.31 2.56 -8.86
N THR A 103 8.18 3.52 -8.95
CA THR A 103 9.60 3.30 -8.56
C THR A 103 10.22 4.61 -8.07
N GLU A 104 10.21 4.84 -6.79
CA GLU A 104 10.80 6.10 -6.25
C GLU A 104 11.58 5.82 -4.97
N THR A 105 12.49 6.69 -4.61
CA THR A 105 13.28 6.49 -3.37
C THR A 105 12.97 7.60 -2.36
N PHE A 106 12.08 7.35 -1.44
CA PHE A 106 11.73 8.39 -0.43
C PHE A 106 12.54 8.18 0.86
N THR A 107 12.72 9.21 1.62
CA THR A 107 13.49 9.07 2.90
C THR A 107 12.54 8.74 4.04
N ALA A 108 12.49 7.50 4.45
CA ALA A 108 11.57 7.12 5.56
C ALA A 108 12.01 7.79 6.87
N SER A 109 11.34 8.83 7.26
CA SER A 109 11.71 9.52 8.52
C SER A 109 10.89 8.98 9.69
N ALA A 110 10.88 7.68 9.86
CA ALA A 110 10.09 7.10 10.99
C ALA A 110 10.65 5.72 11.36
N THR A 111 9.84 4.90 11.99
CA THR A 111 10.33 3.54 12.39
C THR A 111 9.25 2.50 12.11
N TYR A 112 9.47 1.63 11.16
CA TYR A 112 8.46 0.59 10.84
C TYR A 112 8.95 -0.78 11.33
N PRO A 113 8.82 -0.99 12.61
CA PRO A 113 9.25 -2.28 13.21
C PRO A 113 8.30 -3.41 12.81
N ALA A 114 8.83 -4.46 12.23
CA ALA A 114 7.96 -5.59 11.80
C ALA A 114 7.29 -6.24 13.02
N THR A 115 7.72 -5.88 14.20
CA THR A 115 7.11 -6.48 15.42
C THR A 115 5.98 -5.57 15.95
N PRO A 116 4.77 -6.02 15.75
CA PRO A 116 3.59 -5.25 16.20
C PRO A 116 3.45 -5.33 17.72
N ALA A 117 4.18 -4.50 18.43
CA ALA A 117 4.08 -4.53 19.92
C ALA A 117 3.10 -3.46 20.41
N ALA A 118 2.30 -3.78 21.38
CA ALA A 118 1.31 -2.78 21.89
C ALA A 118 2.03 -1.46 22.22
N ASP A 119 3.18 -1.53 22.83
CA ASP A 119 3.93 -0.28 23.18
C ASP A 119 4.74 0.19 21.98
N ASP A 120 4.99 -0.67 21.03
CA ASP A 120 5.78 -0.27 19.83
C ASP A 120 4.92 -0.38 18.57
N PRO A 121 4.76 0.74 17.90
CA PRO A 121 3.95 0.77 16.66
C PRO A 121 4.70 0.09 15.51
N GLU A 122 4.02 -0.67 14.70
CA GLU A 122 4.72 -1.35 13.56
C GLU A 122 4.66 -0.45 12.32
N GLY A 123 5.14 -0.92 11.20
CA GLY A 123 5.10 -0.09 9.96
C GLY A 123 4.38 -0.85 8.85
N GLN A 124 3.56 -0.17 8.09
CA GLN A 124 2.84 -0.86 6.99
C GLN A 124 2.56 0.11 5.84
N ILE A 125 1.62 -0.22 5.01
CA ILE A 125 1.27 0.68 3.87
C ILE A 125 -0.19 1.13 4.01
N ALA A 126 -0.45 2.39 3.81
CA ALA A 126 -1.84 2.88 3.96
C ALA A 126 -2.40 3.33 2.61
N PHE A 127 -3.51 2.76 2.22
CA PHE A 127 -4.15 3.15 0.93
C PHE A 127 -5.55 3.70 1.24
N GLN A 128 -5.74 4.98 1.14
CA GLN A 128 -7.07 5.56 1.47
C GLN A 128 -7.98 5.61 0.25
N LEU A 129 -8.84 4.63 0.11
CA LEU A 129 -9.78 4.62 -1.04
C LEU A 129 -11.12 5.20 -0.61
N GLY A 130 -11.10 6.26 0.16
CA GLY A 130 -12.37 6.88 0.65
C GLY A 130 -12.86 7.91 -0.37
N GLY A 131 -14.01 7.68 -0.94
CA GLY A 131 -14.57 8.64 -1.93
C GLY A 131 -13.45 9.19 -2.82
N PHE A 132 -13.21 8.57 -3.95
CA PHE A 132 -12.13 9.07 -4.85
C PHE A 132 -12.53 8.89 -6.32
N SER A 133 -12.89 7.70 -6.72
CA SER A 133 -13.30 7.48 -8.14
C SER A 133 -14.80 7.73 -8.31
N ALA A 134 -15.29 7.68 -9.51
CA ALA A 134 -16.74 7.92 -9.74
C ALA A 134 -17.54 6.63 -9.52
N ASP A 135 -17.76 5.86 -10.55
CA ASP A 135 -18.52 4.59 -10.39
C ASP A 135 -17.68 3.56 -9.64
N ALA A 136 -18.27 2.46 -9.24
CA ALA A 136 -17.50 1.42 -8.51
C ALA A 136 -16.27 1.00 -9.32
N TRP A 137 -15.13 0.93 -8.70
CA TRP A 137 -13.91 0.51 -9.45
C TRP A 137 -13.09 -0.48 -8.63
N THR A 138 -11.85 -0.65 -8.98
CA THR A 138 -11.02 -1.63 -8.26
C THR A 138 -9.53 -1.28 -8.40
N LEU A 139 -8.66 -2.01 -7.77
CA LEU A 139 -7.20 -1.69 -7.89
C LEU A 139 -6.33 -2.96 -7.87
N CYS A 140 -5.59 -3.18 -8.92
CA CYS A 140 -4.68 -4.37 -8.96
C CYS A 140 -3.25 -3.96 -8.63
N LEU A 141 -2.75 -4.39 -7.52
CA LEU A 141 -1.35 -4.04 -7.15
C LEU A 141 -0.43 -5.24 -7.37
N ASP A 142 0.84 -5.06 -7.22
CA ASP A 142 1.79 -6.20 -7.42
C ASP A 142 3.25 -5.69 -7.37
N ASP A 143 4.19 -6.56 -7.58
CA ASP A 143 5.62 -6.13 -7.54
C ASP A 143 5.84 -5.17 -6.38
N VAL A 144 5.58 -5.61 -5.18
CA VAL A 144 5.77 -4.70 -4.00
C VAL A 144 7.09 -5.02 -3.30
N ALA A 145 8.02 -4.11 -3.32
CA ALA A 145 9.33 -4.37 -2.65
C ALA A 145 9.87 -3.08 -2.02
N LEU A 146 10.72 -3.21 -1.03
CA LEU A 146 11.29 -2.00 -0.37
C LEU A 146 12.64 -2.33 0.27
N ASP A 147 13.66 -1.60 -0.07
CA ASP A 147 15.00 -1.87 0.51
C ASP A 147 15.57 -0.61 1.18
N SER A 148 16.74 -0.70 1.75
CA SER A 148 17.34 0.49 2.41
C SER A 148 18.85 0.53 2.16
N GLU A 149 19.29 1.36 1.25
CA GLU A 149 20.75 1.44 0.95
C GLU A 149 21.36 0.04 0.90
N VAL A 150 21.38 -0.56 -0.26
CA VAL A 150 21.96 -1.93 -0.37
C VAL A 150 23.47 -1.85 -0.62
N GLU A 151 24.17 -1.07 0.16
CA GLU A 151 25.64 -0.95 -0.02
C GLU A 151 25.96 -0.48 -1.44
N LEU A 152 26.47 0.71 -1.58
CA LEU A 152 26.80 1.23 -2.94
C LEU A 152 28.26 0.92 -3.28
N ALA A 1 16.56 -6.92 8.55
CA ALA A 1 15.50 -6.22 7.78
C ALA A 1 14.64 -7.22 7.00
N SER A 2 13.60 -6.76 6.36
CA SER A 2 12.73 -7.69 5.59
C SER A 2 11.56 -6.92 4.96
N PRO A 3 11.64 -6.77 3.67
CA PRO A 3 10.58 -6.05 2.93
C PRO A 3 9.34 -6.94 2.79
N ILE A 4 8.52 -6.68 1.80
CA ILE A 4 7.30 -7.50 1.61
C ILE A 4 7.61 -8.68 0.68
N GLY A 5 8.33 -8.45 -0.37
CA GLY A 5 8.66 -9.55 -1.32
C GLY A 5 8.51 -9.07 -2.76
N GLU A 6 9.44 -8.28 -3.22
CA GLU A 6 9.35 -7.76 -4.62
C GLU A 6 8.92 -8.88 -5.57
N GLY A 7 7.65 -8.99 -5.85
CA GLY A 7 7.18 -10.06 -6.76
C GLY A 7 5.70 -9.85 -7.08
N THR A 8 5.29 -10.15 -8.28
CA THR A 8 3.86 -9.98 -8.65
C THR A 8 2.97 -10.75 -7.68
N PHE A 9 1.69 -10.49 -7.71
CA PHE A 9 0.77 -11.20 -6.78
C PHE A 9 0.23 -12.48 -7.44
N ASP A 10 1.11 -13.35 -7.89
CA ASP A 10 0.64 -14.60 -8.55
C ASP A 10 0.75 -15.78 -7.58
N ASP A 11 0.44 -15.56 -6.33
CA ASP A 11 0.53 -16.65 -5.31
C ASP A 11 0.57 -16.05 -3.91
N GLY A 12 -0.56 -15.64 -3.38
CA GLY A 12 -0.57 -15.05 -2.02
C GLY A 12 0.24 -13.75 -2.03
N PRO A 13 -0.46 -12.66 -2.22
CA PRO A 13 0.21 -11.33 -2.26
C PRO A 13 0.65 -10.91 -0.86
N GLU A 14 1.75 -11.44 -0.39
CA GLU A 14 2.25 -11.07 0.97
C GLU A 14 1.09 -11.00 1.96
N GLY A 15 0.50 -9.85 2.13
CA GLY A 15 -0.64 -9.72 3.09
C GLY A 15 -1.47 -8.49 2.74
N TRP A 16 -1.43 -8.06 1.51
CA TRP A 16 -2.23 -6.87 1.09
C TRP A 16 -3.71 -7.08 1.44
N VAL A 17 -4.12 -6.73 2.62
CA VAL A 17 -5.56 -6.91 2.98
C VAL A 17 -6.34 -5.64 2.64
N ALA A 18 -7.57 -5.77 2.26
CA ALA A 18 -8.37 -4.56 1.92
C ALA A 18 -9.72 -4.62 2.66
N TYR A 19 -10.12 -3.53 3.24
CA TYR A 19 -11.40 -3.51 3.99
C TYR A 19 -12.34 -2.41 3.45
N GLY A 20 -13.58 -2.45 3.84
CA GLY A 20 -14.54 -1.40 3.37
C GLY A 20 -14.93 -1.68 1.91
N THR A 21 -15.20 -2.91 1.58
CA THR A 21 -15.58 -3.24 0.19
C THR A 21 -16.52 -4.45 0.16
N ASP A 22 -16.58 -5.13 -0.95
CA ASP A 22 -17.47 -6.33 -1.05
C ASP A 22 -16.69 -7.60 -0.72
N GLY A 23 -16.40 -7.84 0.53
CA GLY A 23 -15.65 -9.06 0.90
C GLY A 23 -14.15 -8.77 0.83
N PRO A 24 -13.38 -9.82 0.97
CA PRO A 24 -11.90 -9.68 0.92
C PRO A 24 -11.43 -9.45 -0.53
N LEU A 25 -10.23 -8.99 -0.70
CA LEU A 25 -9.72 -8.75 -2.08
C LEU A 25 -9.54 -10.07 -2.83
N ASP A 26 -8.91 -10.04 -3.97
CA ASP A 26 -8.70 -11.30 -4.74
C ASP A 26 -7.60 -11.12 -5.78
N THR A 27 -6.91 -12.17 -6.12
CA THR A 27 -5.82 -12.05 -7.13
C THR A 27 -6.12 -12.97 -8.33
N SER A 28 -5.89 -14.23 -8.19
CA SER A 28 -6.17 -15.18 -9.30
C SER A 28 -5.73 -14.57 -10.64
N THR A 29 -4.76 -13.70 -10.62
CA THR A 29 -4.29 -13.07 -11.89
C THR A 29 -2.93 -12.41 -11.68
N GLY A 30 -2.13 -12.93 -10.80
CA GLY A 30 -0.79 -12.32 -10.55
C GLY A 30 -0.96 -10.83 -10.24
N ALA A 31 -2.08 -10.46 -9.69
CA ALA A 31 -2.31 -9.02 -9.39
C ALA A 31 -3.22 -8.88 -8.17
N LEU A 32 -3.22 -7.73 -7.54
CA LEU A 32 -4.10 -7.52 -6.36
C LEU A 32 -5.29 -6.64 -6.74
N CYS A 33 -6.41 -7.23 -7.02
CA CYS A 33 -7.60 -6.42 -7.43
C CYS A 33 -8.65 -6.39 -6.31
N VAL A 34 -8.91 -5.24 -5.77
CA VAL A 34 -9.93 -5.13 -4.69
C VAL A 34 -11.22 -4.52 -5.27
N ALA A 35 -12.36 -4.99 -4.86
CA ALA A 35 -13.63 -4.44 -5.41
C ALA A 35 -14.10 -3.25 -4.59
N VAL A 36 -13.68 -2.06 -4.93
CA VAL A 36 -14.12 -0.86 -4.17
C VAL A 36 -15.59 -0.56 -4.47
N PRO A 37 -16.32 -0.28 -3.42
CA PRO A 37 -17.77 0.02 -3.56
C PRO A 37 -18.02 1.33 -4.31
N ALA A 38 -19.26 1.74 -4.38
CA ALA A 38 -19.60 3.00 -5.12
C ALA A 38 -19.14 4.24 -4.36
N GLY A 39 -18.26 5.01 -4.97
CA GLY A 39 -17.77 6.27 -4.32
C GLY A 39 -17.24 5.99 -2.91
N SER A 40 -17.00 4.75 -2.56
CA SER A 40 -16.47 4.42 -1.20
C SER A 40 -16.87 5.50 -0.18
N ALA A 41 -18.10 5.90 -0.20
CA ALA A 41 -18.56 6.97 0.74
C ALA A 41 -19.03 6.38 2.06
N GLN A 42 -18.52 5.26 2.41
CA GLN A 42 -18.92 4.62 3.71
C GLN A 42 -17.94 5.06 4.81
N TYR A 43 -17.78 4.26 5.83
CA TYR A 43 -16.83 4.65 6.91
C TYR A 43 -15.45 4.93 6.33
N GLY A 44 -15.19 4.48 5.13
CA GLY A 44 -13.86 4.71 4.51
C GLY A 44 -13.23 3.38 4.10
N VAL A 45 -12.91 3.24 2.84
CA VAL A 45 -12.28 1.96 2.39
C VAL A 45 -10.76 2.07 2.51
N GLY A 46 -10.03 1.04 2.17
CA GLY A 46 -8.55 1.13 2.28
C GLY A 46 -7.92 -0.26 2.22
N VAL A 47 -6.63 -0.32 2.40
CA VAL A 47 -5.91 -1.63 2.38
C VAL A 47 -4.68 -1.53 3.28
N VAL A 48 -4.47 -2.48 4.14
CA VAL A 48 -3.28 -2.40 5.05
C VAL A 48 -2.36 -3.60 4.84
N LEU A 49 -1.08 -3.36 4.68
CA LEU A 49 -0.13 -4.49 4.47
C LEU A 49 1.08 -4.35 5.40
N ASN A 50 1.13 -5.11 6.45
CA ASN A 50 2.29 -5.02 7.39
C ASN A 50 3.50 -5.76 6.82
N GLY A 51 4.68 -5.35 7.18
CA GLY A 51 5.90 -6.03 6.65
C GLY A 51 6.82 -5.00 6.00
N VAL A 52 7.34 -4.08 6.75
CA VAL A 52 8.25 -3.06 6.18
C VAL A 52 9.53 -2.94 7.01
N ALA A 53 10.49 -2.19 6.55
CA ALA A 53 11.75 -2.04 7.33
C ALA A 53 12.39 -0.67 7.08
N ILE A 54 11.98 0.32 7.81
CA ILE A 54 12.57 1.68 7.61
C ILE A 54 13.42 2.07 8.83
N GLU A 55 14.31 3.00 8.67
CA GLU A 55 15.16 3.42 9.82
C GLU A 55 15.55 4.89 9.72
N GLU A 56 15.18 5.68 10.69
CA GLU A 56 15.52 7.13 10.66
C GLU A 56 15.41 7.69 9.24
N GLY A 57 16.17 8.71 8.93
CA GLY A 57 16.12 9.29 7.57
C GLY A 57 16.93 8.43 6.60
N THR A 58 16.29 7.81 5.65
CA THR A 58 17.04 6.96 4.68
C THR A 58 16.40 7.07 3.29
N THR A 59 17.02 6.51 2.29
CA THR A 59 16.44 6.59 0.92
C THR A 59 15.52 5.39 0.67
N TYR A 60 14.62 5.51 -0.27
CA TYR A 60 13.69 4.37 -0.55
C TYR A 60 13.11 4.51 -1.96
N THR A 61 12.42 3.51 -2.42
CA THR A 61 11.82 3.59 -3.78
C THR A 61 10.54 2.75 -3.84
N LEU A 62 9.41 3.38 -4.09
CA LEU A 62 8.14 2.62 -4.16
C LEU A 62 7.89 2.15 -5.60
N ARG A 63 7.74 0.87 -5.80
CA ARG A 63 7.51 0.35 -7.18
C ARG A 63 6.22 -0.49 -7.21
N TYR A 64 5.16 0.05 -7.74
CA TYR A 64 3.88 -0.71 -7.81
C TYR A 64 3.07 -0.26 -9.03
N THR A 65 2.26 -1.14 -9.57
CA THR A 65 1.44 -0.76 -10.76
C THR A 65 -0.05 -0.90 -10.44
N ALA A 66 -0.70 0.19 -10.08
CA ALA A 66 -2.15 0.11 -9.77
C ALA A 66 -2.99 0.57 -10.96
N THR A 67 -4.14 -0.01 -11.14
CA THR A 67 -5.01 0.39 -12.28
C THR A 67 -6.48 0.18 -11.93
N ALA A 68 -7.25 1.23 -11.90
CA ALA A 68 -8.70 1.08 -11.56
C ALA A 68 -9.55 1.28 -12.82
N SER A 69 -10.50 0.41 -13.05
CA SER A 69 -11.37 0.58 -14.25
C SER A 69 -11.81 2.04 -14.36
N THR A 70 -11.86 2.73 -13.25
CA THR A 70 -12.28 4.16 -13.27
C THR A 70 -11.07 5.06 -12.97
N ASP A 71 -11.21 6.34 -13.15
CA ASP A 71 -10.08 7.26 -12.85
C ASP A 71 -10.12 7.65 -11.37
N VAL A 72 -9.97 6.67 -10.51
CA VAL A 72 -10.02 6.98 -9.04
C VAL A 72 -8.65 7.39 -8.52
N THR A 73 -8.62 8.40 -7.70
CA THR A 73 -7.32 8.86 -7.12
C THR A 73 -7.43 8.83 -5.60
N VAL A 74 -7.04 7.74 -4.98
CA VAL A 74 -7.15 7.66 -3.51
C VAL A 74 -5.86 8.15 -2.85
N ARG A 75 -5.57 7.67 -1.66
CA ARG A 75 -4.33 8.13 -0.96
C ARG A 75 -3.48 6.94 -0.53
N ALA A 76 -2.22 6.95 -0.87
CA ALA A 76 -1.33 5.82 -0.46
C ALA A 76 -0.05 6.37 0.16
N LEU A 77 0.59 5.59 1.00
CA LEU A 77 1.84 6.07 1.64
C LEU A 77 2.40 5.01 2.60
N VAL A 78 3.14 5.41 3.59
CA VAL A 78 3.70 4.42 4.55
C VAL A 78 3.78 5.06 5.94
N GLY A 79 4.10 4.30 6.95
CA GLY A 79 4.19 4.88 8.31
C GLY A 79 4.55 3.80 9.33
N GLN A 80 4.59 4.16 10.60
CA GLN A 80 4.93 3.16 11.64
C GLN A 80 3.72 2.87 12.52
N ASN A 81 2.89 1.95 12.13
CA ASN A 81 1.70 1.63 12.96
C ASN A 81 2.14 1.05 14.29
N GLY A 82 2.21 1.86 15.33
CA GLY A 82 2.64 1.36 16.66
C GLY A 82 3.35 2.47 17.43
N ALA A 83 4.63 2.59 17.25
CA ALA A 83 5.39 3.66 17.97
C ALA A 83 6.88 3.59 17.64
N PRO A 84 7.53 4.72 17.59
CA PRO A 84 6.86 6.02 17.86
C PRO A 84 6.20 6.56 16.58
N TYR A 85 5.68 5.70 15.75
CA TYR A 85 5.03 6.16 14.49
C TYR A 85 6.04 6.93 13.63
N GLY A 86 5.57 7.58 12.60
CA GLY A 86 6.48 8.35 11.71
C GLY A 86 6.11 8.07 10.25
N THR A 87 5.58 9.06 9.58
CA THR A 87 5.19 8.85 8.15
C THR A 87 6.37 9.18 7.22
N VAL A 88 6.54 8.41 6.19
CA VAL A 88 7.66 8.67 5.24
C VAL A 88 7.09 8.93 3.84
N LEU A 89 5.87 8.54 3.61
CA LEU A 89 5.26 8.76 2.27
C LEU A 89 3.99 9.60 2.38
N ASP A 90 3.75 10.46 1.43
CA ASP A 90 2.52 11.31 1.47
C ASP A 90 2.09 11.66 0.06
N THR A 91 1.43 10.76 -0.63
CA THR A 91 0.99 11.07 -2.02
C THR A 91 -0.33 10.36 -2.34
N SER A 92 -0.89 10.65 -3.48
CA SER A 92 -2.17 9.99 -3.86
C SER A 92 -2.00 9.19 -5.16
N PRO A 93 -2.24 7.91 -5.06
CA PRO A 93 -2.10 7.02 -6.24
C PRO A 93 -3.19 7.29 -7.28
N ALA A 94 -2.82 7.71 -8.45
CA ALA A 94 -3.84 7.96 -9.51
C ALA A 94 -4.13 6.66 -10.26
N LEU A 95 -5.37 6.41 -10.57
CA LEU A 95 -5.70 5.14 -11.29
C LEU A 95 -6.59 5.42 -12.50
N THR A 96 -6.78 4.44 -13.34
CA THR A 96 -7.64 4.63 -14.55
C THR A 96 -7.73 3.32 -15.34
N SER A 97 -8.42 3.33 -16.44
CA SER A 97 -8.55 2.09 -17.25
C SER A 97 -7.17 1.64 -17.75
N GLU A 98 -6.24 2.56 -17.85
CA GLU A 98 -4.88 2.19 -18.33
C GLU A 98 -4.00 1.78 -17.15
N PRO A 99 -2.90 1.16 -17.46
CA PRO A 99 -1.95 0.71 -16.42
C PRO A 99 -1.21 1.92 -15.83
N ARG A 100 -1.12 1.99 -14.53
CA ARG A 100 -0.41 3.13 -13.89
C ARG A 100 0.76 2.64 -13.05
N GLN A 101 1.87 2.36 -13.69
CA GLN A 101 3.06 1.88 -12.93
C GLN A 101 3.61 2.99 -12.04
N VAL A 102 4.34 2.65 -11.01
CA VAL A 102 4.90 3.70 -10.12
C VAL A 102 6.37 3.43 -9.83
N THR A 103 7.21 4.43 -9.96
CA THR A 103 8.66 4.24 -9.70
C THR A 103 9.28 5.54 -9.18
N GLU A 104 9.27 5.76 -7.90
CA GLU A 104 9.85 7.01 -7.35
C GLU A 104 10.60 6.72 -6.05
N THR A 105 11.35 7.68 -5.56
CA THR A 105 12.11 7.46 -4.28
C THR A 105 11.71 8.51 -3.25
N PHE A 106 12.29 8.46 -2.08
CA PHE A 106 11.95 9.46 -1.04
C PHE A 106 12.79 9.23 0.22
N THR A 107 12.98 10.25 1.01
CA THR A 107 13.80 10.08 2.26
C THR A 107 12.89 9.71 3.42
N ALA A 108 12.77 8.44 3.72
CA ALA A 108 11.89 8.02 4.86
C ALA A 108 12.45 8.51 6.18
N SER A 109 11.76 9.41 6.84
CA SER A 109 12.27 9.93 8.13
C SER A 109 11.57 9.20 9.29
N ALA A 110 11.66 7.90 9.31
CA ALA A 110 10.99 7.12 10.41
C ALA A 110 11.64 5.75 10.56
N THR A 111 10.95 4.83 11.19
CA THR A 111 11.52 3.46 11.37
C THR A 111 10.41 2.43 11.47
N TYR A 112 10.35 1.49 10.55
CA TYR A 112 9.29 0.45 10.61
C TYR A 112 9.92 -0.92 10.91
N PRO A 113 9.94 -1.26 12.16
CA PRO A 113 10.52 -2.56 12.58
C PRO A 113 9.59 -3.71 12.19
N ALA A 114 10.15 -4.80 11.73
CA ALA A 114 9.29 -5.96 11.33
C ALA A 114 8.82 -6.71 12.58
N THR A 115 9.20 -6.26 13.74
CA THR A 115 8.76 -6.94 14.99
C THR A 115 7.99 -5.97 15.89
N PRO A 116 6.90 -6.47 16.43
CA PRO A 116 6.07 -5.63 17.33
C PRO A 116 6.75 -5.43 18.67
N ALA A 117 6.21 -4.58 19.51
CA ALA A 117 6.84 -4.35 20.85
C ALA A 117 6.25 -5.31 21.88
N ALA A 118 6.19 -6.58 21.57
CA ALA A 118 5.64 -7.56 22.54
C ALA A 118 4.17 -7.22 22.84
N ASP A 119 3.58 -6.36 22.05
CA ASP A 119 2.15 -5.99 22.29
C ASP A 119 1.72 -4.91 21.29
N ASP A 120 2.63 -4.09 20.84
CA ASP A 120 2.26 -3.02 19.86
C ASP A 120 2.39 -3.54 18.44
N PRO A 121 1.98 -2.72 17.50
CA PRO A 121 2.04 -3.08 16.08
C PRO A 121 3.39 -2.68 15.49
N GLU A 122 3.46 -2.45 14.20
CA GLU A 122 4.76 -2.08 13.57
C GLU A 122 4.53 -1.11 12.41
N GLY A 123 5.45 -1.05 11.48
CA GLY A 123 5.28 -0.13 10.32
C GLY A 123 4.78 -0.91 9.11
N GLN A 124 3.95 -0.31 8.31
CA GLN A 124 3.41 -1.02 7.11
C GLN A 124 3.10 -0.03 5.99
N ILE A 125 2.19 -0.39 5.12
CA ILE A 125 1.82 0.53 4.00
C ILE A 125 0.35 0.91 4.12
N ALA A 126 0.01 2.13 3.80
CA ALA A 126 -1.41 2.56 3.93
C ALA A 126 -2.03 2.87 2.57
N PHE A 127 -3.01 2.12 2.19
CA PHE A 127 -3.73 2.35 0.89
C PHE A 127 -5.19 2.64 1.21
N GLN A 128 -5.48 3.80 1.72
CA GLN A 128 -6.90 4.11 2.10
C GLN A 128 -7.70 4.67 0.92
N LEU A 129 -8.82 4.06 0.65
CA LEU A 129 -9.70 4.53 -0.45
C LEU A 129 -10.99 5.07 0.18
N GLY A 130 -10.86 6.00 1.09
CA GLY A 130 -12.07 6.57 1.75
C GLY A 130 -12.81 7.49 0.77
N GLY A 131 -13.67 6.93 -0.05
CA GLY A 131 -14.42 7.77 -1.01
C GLY A 131 -13.43 8.52 -1.92
N PHE A 132 -13.44 8.21 -3.19
CA PHE A 132 -12.50 8.91 -4.12
C PHE A 132 -13.14 9.05 -5.51
N SER A 133 -13.52 7.96 -6.11
CA SER A 133 -14.15 8.03 -7.46
C SER A 133 -15.67 8.19 -7.32
N ALA A 134 -16.35 8.39 -8.42
CA ALA A 134 -17.83 8.56 -8.36
C ALA A 134 -18.50 7.20 -8.11
N ASP A 135 -18.91 6.53 -9.16
CA ASP A 135 -19.57 5.20 -8.99
C ASP A 135 -18.57 4.21 -8.38
N ALA A 136 -18.90 2.95 -8.38
CA ALA A 136 -17.98 1.94 -7.79
C ALA A 136 -16.84 1.64 -8.77
N TRP A 137 -15.69 1.28 -8.26
CA TRP A 137 -14.54 0.97 -9.15
C TRP A 137 -13.64 -0.08 -8.52
N THR A 138 -12.40 -0.12 -8.87
CA THR A 138 -11.52 -1.16 -8.29
C THR A 138 -10.04 -0.79 -8.42
N LEU A 139 -9.18 -1.43 -7.67
CA LEU A 139 -7.73 -1.14 -7.76
C LEU A 139 -6.95 -2.42 -8.01
N CYS A 140 -6.15 -2.46 -9.04
CA CYS A 140 -5.38 -3.70 -9.32
C CYS A 140 -3.88 -3.42 -9.30
N LEU A 141 -3.22 -3.73 -8.22
CA LEU A 141 -1.75 -3.51 -8.15
C LEU A 141 -1.01 -4.73 -8.66
N ASP A 142 0.21 -4.94 -8.22
CA ASP A 142 0.97 -6.13 -8.68
C ASP A 142 2.33 -6.17 -7.99
N ASP A 143 3.31 -6.75 -8.63
CA ASP A 143 4.68 -6.83 -8.02
C ASP A 143 5.00 -5.51 -7.32
N VAL A 144 5.14 -5.54 -6.02
CA VAL A 144 5.44 -4.29 -5.29
C VAL A 144 6.66 -4.49 -4.38
N ALA A 145 7.66 -3.67 -4.51
CA ALA A 145 8.87 -3.81 -3.66
C ALA A 145 9.35 -2.45 -3.15
N LEU A 146 10.39 -2.44 -2.36
CA LEU A 146 10.92 -1.15 -1.83
C LEU A 146 12.38 -1.32 -1.40
N ASP A 147 13.27 -0.59 -2.01
CA ASP A 147 14.72 -0.71 -1.64
C ASP A 147 15.21 0.57 -0.98
N SER A 148 16.03 0.46 0.02
CA SER A 148 16.56 1.68 0.71
C SER A 148 18.07 1.79 0.50
N GLU A 149 18.73 2.56 1.33
CA GLU A 149 20.21 2.71 1.18
C GLU A 149 20.93 2.11 2.38
N VAL A 150 21.47 0.92 2.24
CA VAL A 150 22.19 0.28 3.38
C VAL A 150 23.61 -0.09 2.97
N GLU A 151 24.59 0.35 3.71
CA GLU A 151 26.00 0.02 3.36
C GLU A 151 26.54 -1.07 4.29
N LEU A 152 25.68 -1.94 4.76
CA LEU A 152 26.15 -3.01 5.67
C LEU A 152 25.03 -4.04 5.89
N ALA A 1 13.61 -8.16 9.43
CA ALA A 1 14.34 -9.31 8.83
C ALA A 1 13.79 -9.61 7.43
N SER A 2 12.58 -9.19 7.15
CA SER A 2 11.99 -9.45 5.81
C SER A 2 11.10 -8.28 5.39
N PRO A 3 11.18 -7.95 4.13
CA PRO A 3 10.37 -6.84 3.59
C PRO A 3 8.92 -7.27 3.41
N ILE A 4 8.19 -6.63 2.53
CA ILE A 4 6.77 -7.01 2.32
C ILE A 4 6.67 -8.08 1.22
N GLY A 5 7.64 -8.95 1.15
CA GLY A 5 7.60 -10.01 0.09
C GLY A 5 8.29 -9.50 -1.17
N GLU A 6 8.18 -8.23 -1.44
CA GLU A 6 8.84 -7.67 -2.67
C GLU A 6 8.63 -8.62 -3.85
N GLY A 7 7.46 -9.16 -3.99
CA GLY A 7 7.19 -10.10 -5.13
C GLY A 7 5.97 -9.62 -5.91
N THR A 8 5.72 -10.20 -7.05
CA THR A 8 4.54 -9.78 -7.85
C THR A 8 3.27 -10.49 -7.37
N PHE A 9 3.09 -10.59 -6.07
CA PHE A 9 1.88 -11.27 -5.53
C PHE A 9 1.57 -12.54 -6.35
N ASP A 10 2.57 -13.19 -6.86
CA ASP A 10 2.32 -14.42 -7.67
C ASP A 10 2.30 -15.66 -6.76
N ASP A 11 1.60 -15.58 -5.66
CA ASP A 11 1.53 -16.74 -4.70
C ASP A 11 1.05 -16.25 -3.33
N GLY A 12 1.23 -14.98 -3.05
CA GLY A 12 0.80 -14.45 -1.72
C GLY A 12 1.39 -13.05 -1.52
N PRO A 13 0.53 -12.07 -1.55
CA PRO A 13 0.97 -10.66 -1.37
C PRO A 13 1.27 -10.37 0.11
N GLU A 14 2.35 -10.89 0.62
CA GLU A 14 2.69 -10.63 2.06
C GLU A 14 1.43 -10.71 2.93
N GLY A 15 0.78 -9.60 3.15
CA GLY A 15 -0.46 -9.62 3.99
C GLY A 15 -1.32 -8.40 3.66
N TRP A 16 -1.46 -8.09 2.39
CA TRP A 16 -2.29 -6.91 2.01
C TRP A 16 -3.75 -7.15 2.35
N VAL A 17 -4.37 -6.24 3.05
CA VAL A 17 -5.81 -6.42 3.42
C VAL A 17 -6.63 -5.24 2.88
N ALA A 18 -7.90 -5.44 2.64
CA ALA A 18 -8.74 -4.33 2.14
C ALA A 18 -10.08 -4.33 2.87
N TYR A 19 -10.74 -3.21 2.95
CA TYR A 19 -12.04 -3.15 3.68
C TYR A 19 -13.06 -2.28 2.94
N GLY A 20 -14.30 -2.72 2.88
CA GLY A 20 -15.35 -1.93 2.18
C GLY A 20 -15.96 -2.79 1.06
N THR A 21 -16.91 -3.62 1.39
CA THR A 21 -17.56 -4.48 0.36
C THR A 21 -16.52 -5.29 -0.41
N ASP A 22 -15.33 -5.40 0.10
CA ASP A 22 -14.29 -6.19 -0.62
C ASP A 22 -14.12 -7.56 0.03
N GLY A 23 -14.52 -8.60 -0.65
CA GLY A 23 -14.38 -9.97 -0.07
C GLY A 23 -12.90 -10.23 0.21
N PRO A 24 -12.55 -11.49 0.18
CA PRO A 24 -11.14 -11.89 0.45
C PRO A 24 -10.27 -11.55 -0.77
N LEU A 25 -9.62 -10.41 -0.75
CA LEU A 25 -8.74 -10.03 -1.90
C LEU A 25 -7.96 -11.25 -2.39
N ASP A 26 -7.64 -11.32 -3.65
CA ASP A 26 -6.89 -12.49 -4.17
C ASP A 26 -5.92 -12.09 -5.29
N THR A 27 -4.94 -12.90 -5.55
CA THR A 27 -3.96 -12.56 -6.62
C THR A 27 -3.98 -13.64 -7.71
N SER A 28 -3.77 -14.87 -7.34
CA SER A 28 -3.77 -15.97 -8.35
C SER A 28 -2.86 -15.61 -9.54
N THR A 29 -3.40 -14.95 -10.53
CA THR A 29 -2.57 -14.57 -11.71
C THR A 29 -1.36 -13.75 -11.25
N GLY A 30 -1.40 -13.23 -10.05
CA GLY A 30 -0.25 -12.42 -9.56
C GLY A 30 -0.67 -10.96 -9.44
N ALA A 31 -1.91 -10.71 -9.12
CA ALA A 31 -2.39 -9.30 -8.99
C ALA A 31 -3.35 -9.18 -7.80
N LEU A 32 -2.93 -8.53 -6.75
CA LEU A 32 -3.82 -8.36 -5.56
C LEU A 32 -5.01 -7.47 -5.92
N CYS A 33 -6.11 -8.06 -6.31
CA CYS A 33 -7.30 -7.25 -6.67
C CYS A 33 -8.29 -7.20 -5.51
N VAL A 34 -8.78 -6.03 -5.19
CA VAL A 34 -9.76 -5.89 -4.09
C VAL A 34 -11.06 -5.27 -4.62
N ALA A 35 -12.11 -5.31 -3.86
CA ALA A 35 -13.40 -4.75 -4.35
C ALA A 35 -13.71 -3.37 -3.74
N VAL A 36 -13.99 -2.40 -4.55
CA VAL A 36 -14.32 -1.05 -4.03
C VAL A 36 -15.76 -0.69 -4.42
N PRO A 37 -16.57 -0.44 -3.42
CA PRO A 37 -18.00 -0.12 -3.66
C PRO A 37 -18.18 1.20 -4.44
N ALA A 38 -19.41 1.51 -4.80
CA ALA A 38 -19.68 2.75 -5.58
C ALA A 38 -19.09 3.99 -4.89
N GLY A 39 -18.25 4.69 -5.59
CA GLY A 39 -17.62 5.92 -5.02
C GLY A 39 -17.31 5.72 -3.53
N SER A 40 -17.09 4.51 -3.10
CA SER A 40 -16.78 4.25 -1.66
C SER A 40 -17.53 5.24 -0.77
N ALA A 41 -18.78 5.45 -1.04
CA ALA A 41 -19.58 6.42 -0.25
C ALA A 41 -20.21 5.71 0.96
N GLN A 42 -19.87 6.15 2.14
CA GLN A 42 -20.41 5.55 3.41
C GLN A 42 -19.57 4.33 3.77
N TYR A 43 -18.33 4.33 3.39
CA TYR A 43 -17.50 3.15 3.68
C TYR A 43 -16.05 3.51 3.95
N GLY A 44 -15.54 4.52 3.31
CA GLY A 44 -14.10 4.83 3.53
C GLY A 44 -13.35 3.52 3.27
N VAL A 45 -13.22 3.15 2.02
CA VAL A 45 -12.55 1.87 1.70
C VAL A 45 -11.05 2.09 1.64
N GLY A 46 -10.28 1.04 1.75
CA GLY A 46 -8.81 1.21 1.71
C GLY A 46 -8.12 -0.14 1.93
N VAL A 47 -6.85 -0.21 1.62
CA VAL A 47 -6.12 -1.49 1.82
C VAL A 47 -4.89 -1.24 2.70
N VAL A 48 -4.76 -1.97 3.77
CA VAL A 48 -3.59 -1.76 4.67
C VAL A 48 -2.74 -3.03 4.78
N LEU A 49 -1.44 -2.89 4.79
CA LEU A 49 -0.55 -4.09 4.89
C LEU A 49 0.52 -3.85 5.96
N ASN A 50 0.32 -4.37 7.14
CA ASN A 50 1.33 -4.18 8.22
C ASN A 50 2.58 -5.04 7.95
N GLY A 51 3.72 -4.43 7.84
CA GLY A 51 4.96 -5.21 7.59
C GLY A 51 5.96 -4.36 6.81
N VAL A 52 6.46 -3.31 7.39
CA VAL A 52 7.45 -2.45 6.69
C VAL A 52 8.75 -2.37 7.49
N ALA A 53 9.79 -1.83 6.91
CA ALA A 53 11.08 -1.72 7.64
C ALA A 53 11.78 -0.38 7.33
N ILE A 54 11.48 0.64 8.09
CA ILE A 54 12.12 1.96 7.84
C ILE A 54 12.86 2.42 9.11
N GLU A 55 13.74 3.36 9.00
CA GLU A 55 14.49 3.84 10.20
C GLU A 55 14.87 5.31 10.06
N GLU A 56 14.53 6.12 11.03
CA GLU A 56 14.87 7.56 10.99
C GLU A 56 14.75 8.11 9.56
N GLY A 57 15.43 9.19 9.28
CA GLY A 57 15.35 9.79 7.91
C GLY A 57 16.25 9.00 6.96
N THR A 58 15.78 7.91 6.44
CA THR A 58 16.60 7.10 5.50
C THR A 58 16.04 7.20 4.08
N THR A 59 16.75 6.72 3.10
CA THR A 59 16.24 6.78 1.71
C THR A 59 15.41 5.55 1.38
N TYR A 60 14.51 5.65 0.44
CA TYR A 60 13.67 4.48 0.07
C TYR A 60 13.07 4.68 -1.32
N THR A 61 12.42 3.67 -1.85
CA THR A 61 11.80 3.80 -3.20
C THR A 61 10.56 2.91 -3.30
N LEU A 62 9.41 3.49 -3.47
CA LEU A 62 8.17 2.68 -3.57
C LEU A 62 7.91 2.31 -5.04
N ARG A 63 7.82 1.04 -5.33
CA ARG A 63 7.56 0.61 -6.73
C ARG A 63 6.43 -0.42 -6.78
N TYR A 64 5.28 -0.04 -7.23
CA TYR A 64 4.15 -1.00 -7.31
C TYR A 64 3.31 -0.74 -8.57
N THR A 65 2.56 -1.71 -9.00
CA THR A 65 1.72 -1.51 -10.22
C THR A 65 0.24 -1.70 -9.87
N ALA A 66 -0.49 -0.63 -9.73
CA ALA A 66 -1.94 -0.75 -9.39
C ALA A 66 -2.81 -0.48 -10.61
N THR A 67 -3.96 -1.10 -10.67
CA THR A 67 -4.87 -0.88 -11.82
C THR A 67 -6.33 -1.05 -11.39
N ALA A 68 -7.15 -0.08 -11.64
CA ALA A 68 -8.58 -0.20 -11.24
C ALA A 68 -9.47 -0.24 -12.48
N SER A 69 -10.45 -1.10 -12.51
CA SER A 69 -11.35 -1.17 -13.69
C SER A 69 -11.73 0.24 -14.13
N THR A 70 -11.71 1.17 -13.19
CA THR A 70 -12.05 2.58 -13.53
C THR A 70 -10.83 3.47 -13.35
N ASP A 71 -10.90 4.70 -13.80
CA ASP A 71 -9.74 5.62 -13.64
C ASP A 71 -9.81 6.27 -12.26
N VAL A 72 -9.65 5.49 -11.21
CA VAL A 72 -9.74 6.06 -9.84
C VAL A 72 -8.37 6.53 -9.35
N THR A 73 -8.35 7.65 -8.67
CA THR A 73 -7.07 8.18 -8.12
C THR A 73 -7.26 8.46 -6.63
N VAL A 74 -7.05 7.47 -5.79
CA VAL A 74 -7.26 7.69 -4.33
C VAL A 74 -5.96 8.17 -3.68
N ARG A 75 -5.67 7.70 -2.50
CA ARG A 75 -4.42 8.15 -1.81
C ARG A 75 -3.58 6.94 -1.37
N ALA A 76 -2.29 7.09 -1.34
CA ALA A 76 -1.41 5.96 -0.89
C ALA A 76 -0.14 6.54 -0.26
N LEU A 77 0.46 5.81 0.64
CA LEU A 77 1.70 6.32 1.30
C LEU A 77 2.22 5.31 2.32
N VAL A 78 2.82 5.76 3.39
CA VAL A 78 3.35 4.83 4.42
C VAL A 78 3.31 5.51 5.79
N GLY A 79 3.55 4.79 6.84
CA GLY A 79 3.53 5.43 8.20
C GLY A 79 4.01 4.44 9.26
N GLN A 80 3.92 4.83 10.51
CA GLN A 80 4.36 3.92 11.61
C GLN A 80 3.17 3.52 12.48
N ASN A 81 2.74 2.31 12.39
CA ASN A 81 1.58 1.87 13.22
C ASN A 81 1.97 1.86 14.71
N GLY A 82 1.72 2.94 15.39
CA GLY A 82 2.06 3.00 16.85
C GLY A 82 2.56 4.40 17.20
N ALA A 83 2.25 4.87 18.38
CA ALA A 83 2.70 6.23 18.78
C ALA A 83 4.23 6.30 18.83
N PRO A 84 4.76 7.49 18.71
CA PRO A 84 3.92 8.70 18.53
C PRO A 84 3.39 8.80 17.09
N TYR A 85 3.60 7.79 16.29
CA TYR A 85 3.12 7.82 14.88
C TYR A 85 3.95 8.82 14.07
N GLY A 86 3.92 8.72 12.77
CA GLY A 86 4.70 9.66 11.92
C GLY A 86 4.76 9.13 10.48
N THR A 87 4.04 9.73 9.59
CA THR A 87 4.05 9.24 8.17
C THR A 87 5.15 9.94 7.38
N VAL A 88 5.67 9.29 6.37
CA VAL A 88 6.75 9.92 5.55
C VAL A 88 6.29 10.05 4.10
N LEU A 89 5.37 9.22 3.68
CA LEU A 89 4.86 9.30 2.28
C LEU A 89 3.54 10.06 2.23
N ASP A 90 3.34 10.85 1.21
CA ASP A 90 2.07 11.61 1.09
C ASP A 90 1.75 11.87 -0.39
N THR A 91 1.33 10.87 -1.11
CA THR A 91 1.01 11.08 -2.55
C THR A 91 -0.31 10.40 -2.91
N SER A 92 -0.75 10.56 -4.13
CA SER A 92 -2.03 9.94 -4.56
C SER A 92 -1.80 9.03 -5.76
N PRO A 93 -2.12 7.77 -5.59
CA PRO A 93 -1.94 6.78 -6.68
C PRO A 93 -2.93 7.02 -7.81
N ALA A 94 -2.61 6.58 -9.00
CA ALA A 94 -3.53 6.77 -10.16
C ALA A 94 -3.85 5.41 -10.76
N LEU A 95 -5.09 5.17 -11.10
CA LEU A 95 -5.46 3.85 -11.70
C LEU A 95 -6.30 4.05 -12.96
N THR A 96 -6.51 2.99 -13.70
CA THR A 96 -7.33 3.10 -14.95
C THR A 96 -7.54 1.72 -15.56
N SER A 97 -7.78 1.65 -16.84
CA SER A 97 -7.99 0.33 -17.49
C SER A 97 -6.64 -0.24 -17.97
N GLU A 98 -5.57 0.18 -17.36
CA GLU A 98 -4.23 -0.34 -17.78
C GLU A 98 -3.30 -0.41 -16.57
N PRO A 99 -2.15 -1.00 -16.78
CA PRO A 99 -1.15 -1.14 -15.69
C PRO A 99 -0.50 0.22 -15.40
N ARG A 100 -0.51 0.63 -14.15
CA ARG A 100 0.12 1.93 -13.81
C ARG A 100 1.26 1.71 -12.80
N GLN A 101 2.46 1.57 -13.30
CA GLN A 101 3.62 1.35 -12.38
C GLN A 101 4.06 2.66 -11.73
N VAL A 102 3.70 2.86 -10.49
CA VAL A 102 4.10 4.12 -9.80
C VAL A 102 5.45 3.93 -9.11
N THR A 103 6.34 4.86 -9.26
CA THR A 103 7.68 4.73 -8.62
C THR A 103 8.21 6.10 -8.21
N GLU A 104 8.71 6.22 -7.01
CA GLU A 104 9.24 7.54 -6.56
C GLU A 104 10.18 7.35 -5.36
N THR A 105 11.31 8.01 -5.39
CA THR A 105 12.28 7.87 -4.26
C THR A 105 12.00 8.93 -3.19
N PHE A 106 12.16 8.60 -1.94
CA PHE A 106 11.90 9.60 -0.86
C PHE A 106 12.72 9.25 0.38
N THR A 107 12.93 10.19 1.26
CA THR A 107 13.71 9.92 2.50
C THR A 107 12.76 9.63 3.66
N ALA A 108 12.39 8.39 3.84
CA ALA A 108 11.47 8.05 4.97
C ALA A 108 11.92 8.74 6.25
N SER A 109 11.21 9.75 6.67
CA SER A 109 11.60 10.47 7.92
C SER A 109 10.90 9.84 9.13
N ALA A 110 11.05 8.56 9.31
CA ALA A 110 10.41 7.88 10.47
C ALA A 110 11.02 6.50 10.69
N THR A 111 10.31 5.63 11.35
CA THR A 111 10.85 4.27 11.61
C THR A 111 9.72 3.23 11.56
N TYR A 112 9.80 2.29 10.65
CA TYR A 112 8.73 1.25 10.57
C TYR A 112 9.33 -0.13 10.88
N PRO A 113 9.78 -0.29 12.09
CA PRO A 113 10.38 -1.57 12.53
C PRO A 113 9.29 -2.65 12.68
N ALA A 114 9.62 -3.88 12.41
CA ALA A 114 8.61 -4.97 12.55
C ALA A 114 8.44 -5.35 14.02
N THR A 115 9.09 -4.65 14.91
CA THR A 115 8.96 -4.97 16.36
C THR A 115 7.85 -4.13 16.98
N PRO A 116 6.76 -4.78 17.29
CA PRO A 116 5.60 -4.08 17.91
C PRO A 116 5.90 -3.74 19.37
N ALA A 117 6.14 -2.50 19.66
CA ALA A 117 6.43 -2.09 21.06
C ALA A 117 5.96 -0.66 21.31
N ALA A 118 5.72 -0.31 22.55
CA ALA A 118 5.26 1.07 22.87
C ALA A 118 6.22 2.10 22.24
N ASP A 119 7.42 2.17 22.75
CA ASP A 119 8.40 3.15 22.20
C ASP A 119 8.97 2.66 20.87
N ASP A 120 8.59 1.48 20.45
CA ASP A 120 9.11 0.94 19.17
C ASP A 120 7.95 0.49 18.27
N PRO A 121 7.25 1.45 17.74
CA PRO A 121 6.10 1.17 16.86
C PRO A 121 6.58 0.66 15.50
N GLU A 122 5.73 0.03 14.74
CA GLU A 122 6.15 -0.48 13.40
C GLU A 122 5.58 0.42 12.31
N GLY A 123 5.64 -0.02 11.07
CA GLY A 123 5.10 0.81 9.97
C GLY A 123 4.47 -0.08 8.90
N GLN A 124 3.61 0.47 8.09
CA GLN A 124 2.95 -0.34 7.04
C GLN A 124 2.59 0.53 5.83
N ILE A 125 1.65 0.10 5.03
CA ILE A 125 1.24 0.91 3.85
C ILE A 125 -0.23 1.29 3.99
N ALA A 126 -0.57 2.50 3.63
CA ALA A 126 -1.99 2.93 3.77
C ALA A 126 -2.58 3.28 2.40
N PHE A 127 -3.65 2.62 2.04
CA PHE A 127 -4.31 2.91 0.74
C PHE A 127 -5.72 3.44 1.04
N GLN A 128 -5.91 4.71 0.92
CA GLN A 128 -7.23 5.30 1.26
C GLN A 128 -8.19 5.33 0.07
N LEU A 129 -8.94 4.28 -0.11
CA LEU A 129 -9.94 4.24 -1.22
C LEU A 129 -11.30 4.68 -0.66
N GLY A 130 -11.32 5.73 0.12
CA GLY A 130 -12.59 6.20 0.72
C GLY A 130 -13.18 7.37 -0.08
N GLY A 131 -14.42 7.25 -0.46
CA GLY A 131 -15.09 8.34 -1.23
C GLY A 131 -14.10 8.98 -2.21
N PHE A 132 -13.69 8.26 -3.22
CA PHE A 132 -12.73 8.84 -4.21
C PHE A 132 -13.29 8.79 -5.63
N SER A 133 -13.64 7.64 -6.11
CA SER A 133 -14.20 7.55 -7.50
C SER A 133 -15.71 7.73 -7.48
N ALA A 134 -16.35 7.64 -8.62
CA ALA A 134 -17.82 7.82 -8.66
C ALA A 134 -18.53 6.47 -8.55
N ASP A 135 -18.69 5.77 -9.65
CA ASP A 135 -19.36 4.44 -9.59
C ASP A 135 -18.49 3.44 -8.85
N ALA A 136 -18.94 2.23 -8.71
CA ALA A 136 -18.13 1.21 -7.98
C ALA A 136 -16.97 0.72 -8.85
N TRP A 137 -15.78 0.73 -8.31
CA TRP A 137 -14.61 0.25 -9.09
C TRP A 137 -13.77 -0.70 -8.25
N THR A 138 -12.53 -0.88 -8.58
CA THR A 138 -11.70 -1.83 -7.80
C THR A 138 -10.21 -1.56 -8.03
N LEU A 139 -9.36 -2.20 -7.27
CA LEU A 139 -7.89 -1.98 -7.44
C LEU A 139 -7.21 -3.31 -7.74
N CYS A 140 -6.06 -3.28 -8.35
CA CYS A 140 -5.36 -4.55 -8.67
C CYS A 140 -3.84 -4.35 -8.68
N LEU A 141 -3.20 -4.55 -7.56
CA LEU A 141 -1.72 -4.39 -7.50
C LEU A 141 -1.05 -5.72 -7.83
N ASP A 142 0.16 -5.93 -7.40
CA ASP A 142 0.84 -7.23 -7.71
C ASP A 142 2.28 -7.21 -7.19
N ASP A 143 3.01 -6.17 -7.48
CA ASP A 143 4.43 -6.10 -7.00
C ASP A 143 4.62 -4.88 -6.09
N VAL A 144 5.33 -5.04 -5.01
CA VAL A 144 5.54 -3.89 -4.09
C VAL A 144 6.89 -4.04 -3.38
N ALA A 145 7.82 -3.17 -3.65
CA ALA A 145 9.15 -3.25 -2.99
C ALA A 145 9.50 -1.93 -2.33
N LEU A 146 10.31 -1.96 -1.31
CA LEU A 146 10.71 -0.70 -0.62
C LEU A 146 12.00 -0.91 0.18
N ASP A 147 13.12 -0.55 -0.39
CA ASP A 147 14.41 -0.73 0.33
C ASP A 147 15.13 0.61 0.47
N SER A 148 16.10 0.67 1.34
CA SER A 148 16.85 1.95 1.53
C SER A 148 18.28 1.81 1.02
N GLU A 149 18.60 2.49 -0.06
CA GLU A 149 19.98 2.40 -0.60
C GLU A 149 20.36 0.94 -0.87
N VAL A 150 20.40 0.53 -2.10
CA VAL A 150 20.77 -0.88 -2.41
C VAL A 150 22.21 -1.17 -2.01
N GLU A 151 22.70 -2.34 -2.29
CA GLU A 151 24.11 -2.67 -1.94
C GLU A 151 24.30 -2.60 -0.42
N LEU A 152 23.30 -2.96 0.33
CA LEU A 152 23.42 -2.91 1.82
C LEU A 152 23.75 -1.49 2.27
N ALA A 1 13.24 -7.53 5.61
CA ALA A 1 13.05 -6.06 5.56
C ALA A 1 11.77 -5.71 4.81
N SER A 2 10.79 -5.18 5.49
CA SER A 2 9.51 -4.82 4.81
C SER A 2 9.07 -5.96 3.88
N PRO A 3 9.06 -7.14 4.42
CA PRO A 3 8.65 -8.34 3.64
C PRO A 3 7.15 -8.34 3.41
N ILE A 4 6.68 -7.60 2.44
CA ILE A 4 5.22 -7.55 2.18
C ILE A 4 4.89 -8.30 0.88
N GLY A 5 5.48 -9.44 0.68
CA GLY A 5 5.22 -10.22 -0.57
C GLY A 5 5.91 -9.55 -1.75
N GLU A 6 7.10 -9.07 -1.56
CA GLU A 6 7.83 -8.39 -2.67
C GLU A 6 7.64 -9.17 -3.98
N GLY A 7 6.66 -8.79 -4.77
CA GLY A 7 6.44 -9.50 -6.05
C GLY A 7 5.06 -9.18 -6.60
N THR A 8 4.51 -10.06 -7.40
CA THR A 8 3.15 -9.80 -7.98
C THR A 8 2.10 -10.67 -7.29
N PHE A 9 2.21 -10.87 -6.01
CA PHE A 9 1.22 -11.70 -5.28
C PHE A 9 0.88 -12.95 -6.10
N ASP A 10 1.72 -13.96 -6.03
CA ASP A 10 1.44 -15.20 -6.82
C ASP A 10 1.03 -16.34 -5.88
N ASP A 11 0.54 -16.01 -4.72
CA ASP A 11 0.11 -17.06 -3.74
C ASP A 11 0.01 -16.45 -2.33
N GLY A 12 -1.08 -15.78 -2.05
CA GLY A 12 -1.24 -15.17 -0.70
C GLY A 12 -0.32 -13.95 -0.59
N PRO A 13 -0.92 -12.79 -0.74
CA PRO A 13 -0.15 -11.52 -0.67
C PRO A 13 0.25 -11.23 0.78
N GLU A 14 1.27 -11.87 1.28
CA GLU A 14 1.72 -11.62 2.68
C GLU A 14 0.52 -11.43 3.62
N GLY A 15 0.07 -10.22 3.80
CA GLY A 15 -1.10 -9.99 4.72
C GLY A 15 -1.93 -8.80 4.24
N TRP A 16 -1.69 -8.34 3.04
CA TRP A 16 -2.48 -7.18 2.52
C TRP A 16 -3.96 -7.30 2.91
N VAL A 17 -4.52 -6.27 3.49
CA VAL A 17 -5.95 -6.33 3.88
C VAL A 17 -6.70 -5.11 3.32
N ALA A 18 -7.95 -5.25 2.98
CA ALA A 18 -8.70 -4.09 2.43
C ALA A 18 -10.03 -3.95 3.18
N TYR A 19 -10.21 -2.85 3.86
CA TYR A 19 -11.46 -2.63 4.62
C TYR A 19 -12.35 -1.60 3.93
N GLY A 20 -13.55 -1.41 4.42
CA GLY A 20 -14.47 -0.41 3.79
C GLY A 20 -14.89 -0.89 2.40
N THR A 21 -14.89 -2.18 2.17
CA THR A 21 -15.30 -2.69 0.83
C THR A 21 -16.31 -3.82 0.97
N ASP A 22 -16.52 -4.58 -0.08
CA ASP A 22 -17.50 -5.70 -0.01
C ASP A 22 -16.80 -6.99 0.44
N GLY A 23 -15.90 -6.89 1.38
CA GLY A 23 -15.19 -8.11 1.86
C GLY A 23 -13.68 -7.91 1.77
N PRO A 24 -12.97 -8.99 1.92
CA PRO A 24 -11.49 -8.95 1.86
C PRO A 24 -11.02 -8.76 0.41
N LEU A 25 -9.80 -9.11 0.13
CA LEU A 25 -9.26 -8.96 -1.26
C LEU A 25 -8.94 -10.33 -1.85
N ASP A 26 -8.92 -10.45 -3.15
CA ASP A 26 -8.61 -11.76 -3.79
C ASP A 26 -7.37 -11.63 -4.69
N THR A 27 -6.52 -12.61 -4.70
CA THR A 27 -5.31 -12.53 -5.56
C THR A 27 -5.20 -13.77 -6.47
N SER A 28 -5.80 -14.86 -6.09
CA SER A 28 -5.72 -16.09 -6.93
C SER A 28 -5.87 -15.74 -8.41
N THR A 29 -6.69 -14.77 -8.73
CA THR A 29 -6.87 -14.39 -10.16
C THR A 29 -5.53 -14.08 -10.81
N GLY A 30 -4.71 -13.27 -10.20
CA GLY A 30 -3.39 -12.94 -10.79
C GLY A 30 -2.79 -11.74 -10.06
N ALA A 31 -3.61 -10.92 -9.48
CA ALA A 31 -3.10 -9.72 -8.74
C ALA A 31 -4.01 -9.43 -7.55
N LEU A 32 -3.59 -8.57 -6.66
CA LEU A 32 -4.46 -8.24 -5.48
C LEU A 32 -5.57 -7.28 -5.87
N CYS A 33 -6.71 -7.81 -6.24
CA CYS A 33 -7.85 -6.91 -6.64
C CYS A 33 -8.85 -6.77 -5.50
N VAL A 34 -8.92 -5.60 -4.92
CA VAL A 34 -9.91 -5.38 -3.84
C VAL A 34 -11.21 -4.89 -4.47
N ALA A 35 -12.33 -5.29 -3.95
CA ALA A 35 -13.63 -4.86 -4.55
C ALA A 35 -14.10 -3.54 -3.96
N VAL A 36 -13.60 -2.45 -4.46
CA VAL A 36 -14.04 -1.13 -3.95
C VAL A 36 -15.50 -0.88 -4.35
N PRO A 37 -16.30 -0.54 -3.38
CA PRO A 37 -17.74 -0.30 -3.63
C PRO A 37 -17.96 0.99 -4.43
N ALA A 38 -18.96 1.02 -5.27
CA ALA A 38 -19.23 2.24 -6.08
C ALA A 38 -19.06 3.49 -5.23
N GLY A 39 -18.41 4.49 -5.76
CA GLY A 39 -18.21 5.74 -4.97
C GLY A 39 -17.73 5.38 -3.57
N SER A 40 -16.45 5.34 -3.35
CA SER A 40 -15.93 4.99 -1.99
C SER A 40 -15.83 6.25 -1.13
N ALA A 41 -16.72 7.17 -1.32
CA ALA A 41 -16.68 8.43 -0.53
C ALA A 41 -17.54 8.29 0.73
N GLN A 42 -17.80 7.08 1.10
CA GLN A 42 -18.62 6.82 2.32
C GLN A 42 -17.72 6.83 3.55
N TYR A 43 -18.01 5.98 4.51
CA TYR A 43 -17.16 5.95 5.74
C TYR A 43 -15.68 6.06 5.36
N GLY A 44 -15.33 5.64 4.17
CA GLY A 44 -13.91 5.75 3.75
C GLY A 44 -13.32 4.34 3.55
N VAL A 45 -12.99 3.99 2.34
CA VAL A 45 -12.41 2.65 2.08
C VAL A 45 -10.89 2.76 2.04
N GLY A 46 -10.17 1.70 2.22
CA GLY A 46 -8.68 1.79 2.20
C GLY A 46 -8.06 0.42 2.48
N VAL A 47 -6.87 0.19 1.99
CA VAL A 47 -6.19 -1.11 2.24
C VAL A 47 -4.95 -0.89 3.10
N VAL A 48 -4.75 -1.71 4.10
CA VAL A 48 -3.55 -1.52 4.98
C VAL A 48 -2.81 -2.86 5.15
N LEU A 49 -1.52 -2.80 5.34
CA LEU A 49 -0.74 -4.06 5.52
C LEU A 49 0.47 -3.82 6.44
N ASN A 50 0.47 -4.45 7.58
CA ASN A 50 1.62 -4.27 8.52
C ASN A 50 2.80 -5.13 8.09
N GLY A 51 3.95 -4.54 7.89
CA GLY A 51 5.14 -5.34 7.47
C GLY A 51 6.12 -4.43 6.72
N VAL A 52 6.74 -3.50 7.41
CA VAL A 52 7.71 -2.59 6.74
C VAL A 52 9.01 -2.53 7.54
N ALA A 53 10.03 -1.91 7.00
CA ALA A 53 11.32 -1.83 7.74
C ALA A 53 12.01 -0.48 7.48
N ILE A 54 11.70 0.52 8.24
CA ILE A 54 12.36 1.85 8.04
C ILE A 54 13.10 2.26 9.31
N GLU A 55 14.04 3.16 9.19
CA GLU A 55 14.80 3.60 10.41
C GLU A 55 15.21 5.07 10.28
N GLU A 56 14.80 5.89 11.20
CA GLU A 56 15.16 7.34 11.15
C GLU A 56 15.15 7.85 9.71
N GLY A 57 15.95 8.84 9.43
CA GLY A 57 16.01 9.40 8.04
C GLY A 57 16.91 8.52 7.18
N THR A 58 16.33 7.58 6.47
CA THR A 58 17.15 6.68 5.61
C THR A 58 16.64 6.72 4.17
N THR A 59 17.31 6.09 3.26
CA THR A 59 16.85 6.09 1.84
C THR A 59 15.90 4.92 1.60
N TYR A 60 15.00 5.06 0.67
CA TYR A 60 14.04 3.95 0.37
C TYR A 60 13.44 4.11 -1.02
N THR A 61 12.67 3.15 -1.45
CA THR A 61 12.05 3.23 -2.80
C THR A 61 10.71 2.48 -2.80
N LEU A 62 9.64 3.15 -3.10
CA LEU A 62 8.32 2.47 -3.10
C LEU A 62 8.03 1.87 -4.49
N ARG A 63 7.84 0.59 -4.55
CA ARG A 63 7.55 -0.06 -5.85
C ARG A 63 6.20 -0.78 -5.79
N TYR A 64 5.41 -0.68 -6.82
CA TYR A 64 4.08 -1.35 -6.81
C TYR A 64 3.36 -1.12 -8.14
N THR A 65 2.66 -2.10 -8.64
CA THR A 65 1.93 -1.93 -9.93
C THR A 65 0.44 -2.14 -9.72
N ALA A 66 -0.29 -1.07 -9.51
CA ALA A 66 -1.75 -1.19 -9.29
C ALA A 66 -2.50 -0.96 -10.61
N THR A 67 -3.69 -1.48 -10.73
CA THR A 67 -4.47 -1.28 -11.98
C THR A 67 -5.97 -1.24 -11.67
N ALA A 68 -6.62 -0.14 -11.95
CA ALA A 68 -8.07 -0.04 -11.68
C ALA A 68 -8.86 -0.18 -12.98
N SER A 69 -9.84 -1.04 -13.01
CA SER A 69 -10.64 -1.23 -14.26
C SER A 69 -11.42 0.05 -14.57
N THR A 70 -11.41 0.99 -13.66
CA THR A 70 -12.16 2.27 -13.91
C THR A 70 -11.17 3.45 -13.94
N ASP A 71 -9.91 3.19 -14.14
CA ASP A 71 -8.91 4.30 -14.18
C ASP A 71 -9.19 5.27 -13.03
N VAL A 72 -8.56 5.07 -11.90
CA VAL A 72 -8.80 5.98 -10.75
C VAL A 72 -7.48 6.45 -10.14
N THR A 73 -7.52 7.51 -9.38
CA THR A 73 -6.27 8.01 -8.74
C THR A 73 -6.53 8.22 -7.24
N VAL A 74 -6.31 7.20 -6.45
CA VAL A 74 -6.57 7.34 -4.99
C VAL A 74 -5.30 7.84 -4.26
N ARG A 75 -5.03 7.32 -3.11
CA ARG A 75 -3.82 7.77 -2.35
C ARG A 75 -3.02 6.57 -1.83
N ALA A 76 -1.73 6.70 -1.77
CA ALA A 76 -0.88 5.57 -1.27
C ALA A 76 0.38 6.14 -0.61
N LEU A 77 0.94 5.42 0.33
CA LEU A 77 2.16 5.93 1.02
C LEU A 77 2.61 4.93 2.09
N VAL A 78 3.18 5.41 3.17
CA VAL A 78 3.64 4.49 4.24
C VAL A 78 3.51 5.19 5.60
N GLY A 79 3.82 4.52 6.68
CA GLY A 79 3.70 5.17 8.01
C GLY A 79 4.14 4.20 9.10
N GLN A 80 4.01 4.60 10.34
CA GLN A 80 4.41 3.71 11.46
C GLN A 80 3.20 2.92 11.97
N ASN A 81 3.22 2.52 13.21
CA ASN A 81 2.08 1.75 13.77
C ASN A 81 2.01 1.94 15.28
N GLY A 82 1.61 3.11 15.72
CA GLY A 82 1.53 3.37 17.18
C GLY A 82 2.22 4.71 17.50
N ALA A 83 1.70 5.45 18.44
CA ALA A 83 2.31 6.76 18.78
C ALA A 83 3.84 6.64 18.80
N PRO A 84 4.51 7.73 18.53
CA PRO A 84 3.82 9.01 18.21
C PRO A 84 3.33 9.03 16.76
N TYR A 85 3.36 7.91 16.09
CA TYR A 85 2.91 7.87 14.67
C TYR A 85 3.81 8.74 13.81
N GLY A 86 4.02 8.36 12.57
CA GLY A 86 4.89 9.18 11.69
C GLY A 86 4.83 8.63 10.26
N THR A 87 4.56 9.47 9.29
CA THR A 87 4.47 8.98 7.89
C THR A 87 5.72 9.43 7.10
N VAL A 88 6.08 8.70 6.09
CA VAL A 88 7.28 9.08 5.29
C VAL A 88 6.91 9.22 3.81
N LEU A 89 5.87 8.56 3.38
CA LEU A 89 5.46 8.65 1.94
C LEU A 89 4.21 9.52 1.78
N ASP A 90 4.12 10.24 0.71
CA ASP A 90 2.93 11.10 0.48
C ASP A 90 2.70 11.29 -1.01
N THR A 91 2.17 10.30 -1.68
CA THR A 91 1.94 10.44 -3.16
C THR A 91 0.57 9.91 -3.55
N SER A 92 0.22 9.99 -4.81
CA SER A 92 -1.11 9.49 -5.27
C SER A 92 -0.91 8.39 -6.32
N PRO A 93 -1.38 7.22 -5.99
CA PRO A 93 -1.26 6.06 -6.91
C PRO A 93 -2.24 6.19 -8.09
N ALA A 94 -1.75 6.52 -9.25
CA ALA A 94 -2.66 6.65 -10.43
C ALA A 94 -3.00 5.25 -10.95
N LEU A 95 -4.14 5.08 -11.55
CA LEU A 95 -4.51 3.73 -12.06
C LEU A 95 -5.19 3.83 -13.44
N THR A 96 -5.25 2.75 -14.16
CA THR A 96 -5.89 2.77 -15.50
C THR A 96 -6.23 1.34 -15.94
N SER A 97 -6.78 1.19 -17.11
CA SER A 97 -7.14 -0.18 -17.59
C SER A 97 -5.87 -1.02 -17.77
N GLU A 98 -4.79 -0.40 -18.11
CA GLU A 98 -3.52 -1.16 -18.29
C GLU A 98 -2.75 -1.24 -16.98
N PRO A 99 -1.62 -1.89 -17.02
CA PRO A 99 -0.78 -2.04 -15.81
C PRO A 99 -0.12 -0.71 -15.45
N ARG A 100 -0.19 -0.32 -14.21
CA ARG A 100 0.43 0.99 -13.80
C ARG A 100 1.50 0.75 -12.74
N GLN A 101 2.74 0.58 -13.15
CA GLN A 101 3.83 0.36 -12.17
C GLN A 101 4.21 1.68 -11.49
N VAL A 102 4.80 1.61 -10.33
CA VAL A 102 5.19 2.87 -9.63
C VAL A 102 6.57 2.70 -8.98
N THR A 103 7.43 3.67 -9.14
CA THR A 103 8.78 3.55 -8.53
C THR A 103 9.32 4.95 -8.18
N GLU A 104 9.48 5.24 -6.93
CA GLU A 104 10.00 6.59 -6.53
C GLU A 104 10.86 6.47 -5.26
N THR A 105 11.97 7.16 -5.22
CA THR A 105 12.83 7.09 -4.02
C THR A 105 12.43 8.18 -3.01
N PHE A 106 12.78 8.01 -1.76
CA PHE A 106 12.42 9.03 -0.74
C PHE A 106 13.19 8.78 0.56
N THR A 107 13.45 9.81 1.31
CA THR A 107 14.19 9.63 2.60
C THR A 107 13.21 9.36 3.74
N ALA A 108 12.91 8.12 4.00
CA ALA A 108 11.96 7.80 5.09
C ALA A 108 12.40 8.48 6.40
N SER A 109 11.60 9.38 6.90
CA SER A 109 11.97 10.07 8.17
C SER A 109 11.24 9.44 9.36
N ALA A 110 11.38 8.14 9.52
CA ALA A 110 10.70 7.46 10.66
C ALA A 110 11.28 6.08 10.88
N THR A 111 10.56 5.22 11.55
CA THR A 111 11.07 3.84 11.80
C THR A 111 9.93 2.82 11.73
N TYR A 112 9.98 1.92 10.80
CA TYR A 112 8.90 0.90 10.69
C TYR A 112 9.46 -0.50 10.98
N PRO A 113 9.73 -0.74 12.23
CA PRO A 113 10.28 -2.05 12.66
C PRO A 113 9.21 -3.15 12.54
N ALA A 114 9.42 -4.26 13.17
CA ALA A 114 8.41 -5.37 13.09
C ALA A 114 8.11 -5.91 14.48
N THR A 115 8.35 -5.13 15.50
CA THR A 115 8.07 -5.60 16.89
C THR A 115 6.76 -4.99 17.39
N PRO A 116 5.72 -5.78 17.34
CA PRO A 116 4.39 -5.32 17.80
C PRO A 116 4.35 -5.23 19.33
N ALA A 117 4.89 -4.18 19.88
CA ALA A 117 4.89 -4.02 21.36
C ALA A 117 4.10 -2.78 21.76
N ALA A 118 3.94 -2.55 23.04
CA ALA A 118 3.17 -1.35 23.49
C ALA A 118 4.01 -0.09 23.29
N ASP A 119 5.16 -0.03 23.90
CA ASP A 119 6.02 1.18 23.75
C ASP A 119 6.88 1.07 22.49
N ASP A 120 6.74 -0.01 21.76
CA ASP A 120 7.56 -0.18 20.52
C ASP A 120 6.65 -0.58 19.35
N PRO A 121 6.09 0.41 18.70
CA PRO A 121 5.20 0.16 17.54
C PRO A 121 6.02 -0.24 16.31
N GLU A 122 5.40 -0.25 15.16
CA GLU A 122 6.16 -0.63 13.93
C GLU A 122 5.74 0.26 12.76
N GLY A 123 5.71 -0.28 11.56
CA GLY A 123 5.31 0.54 10.39
C GLY A 123 4.60 -0.34 9.37
N GLN A 124 3.80 0.23 8.52
CA GLN A 124 3.07 -0.58 7.50
C GLN A 124 2.82 0.24 6.22
N ILE A 125 1.85 -0.15 5.45
CA ILE A 125 1.53 0.60 4.21
C ILE A 125 0.12 1.15 4.30
N ALA A 126 -0.12 2.33 3.79
CA ALA A 126 -1.48 2.91 3.87
C ALA A 126 -2.02 3.22 2.47
N PHE A 127 -3.16 2.67 2.16
CA PHE A 127 -3.79 2.93 0.84
C PHE A 127 -5.14 3.61 1.09
N GLN A 128 -5.25 4.87 0.77
CA GLN A 128 -6.52 5.59 1.05
C GLN A 128 -7.51 5.48 -0.11
N LEU A 129 -8.49 4.63 0.03
CA LEU A 129 -9.51 4.49 -1.05
C LEU A 129 -10.82 5.12 -0.56
N GLY A 130 -10.74 6.28 0.01
CA GLY A 130 -11.96 6.96 0.52
C GLY A 130 -12.48 7.95 -0.52
N GLY A 131 -13.15 7.46 -1.52
CA GLY A 131 -13.69 8.36 -2.58
C GLY A 131 -12.57 8.78 -3.54
N PHE A 132 -12.61 8.29 -4.75
CA PHE A 132 -11.54 8.66 -5.72
C PHE A 132 -12.01 8.38 -7.15
N SER A 133 -12.54 7.21 -7.40
CA SER A 133 -13.01 6.90 -8.79
C SER A 133 -14.48 7.32 -8.95
N ALA A 134 -15.26 6.53 -9.63
CA ALA A 134 -16.70 6.90 -9.82
C ALA A 134 -17.59 5.69 -9.54
N ASP A 135 -17.77 4.82 -10.51
CA ASP A 135 -18.64 3.62 -10.30
C ASP A 135 -17.85 2.53 -9.58
N ALA A 136 -18.53 1.57 -9.02
CA ALA A 136 -17.84 0.46 -8.31
C ALA A 136 -16.59 0.03 -9.08
N TRP A 137 -15.44 0.07 -8.47
CA TRP A 137 -14.20 -0.34 -9.19
C TRP A 137 -13.32 -1.19 -8.28
N THR A 138 -12.14 -1.51 -8.73
CA THR A 138 -11.24 -2.38 -7.91
C THR A 138 -9.77 -2.04 -8.22
N LEU A 139 -8.86 -2.64 -7.50
CA LEU A 139 -7.42 -2.34 -7.76
C LEU A 139 -6.55 -3.59 -7.67
N CYS A 140 -5.89 -3.93 -8.74
CA CYS A 140 -4.98 -5.13 -8.73
C CYS A 140 -3.51 -4.70 -8.65
N LEU A 141 -2.89 -4.91 -7.52
CA LEU A 141 -1.46 -4.54 -7.39
C LEU A 141 -0.60 -5.78 -7.69
N ASP A 142 0.69 -5.67 -7.62
CA ASP A 142 1.55 -6.86 -7.91
C ASP A 142 3.02 -6.45 -8.04
N ASP A 143 3.56 -5.80 -7.04
CA ASP A 143 5.00 -5.37 -7.10
C ASP A 143 5.30 -4.49 -5.88
N VAL A 144 4.88 -4.91 -4.72
CA VAL A 144 5.14 -4.08 -3.51
C VAL A 144 6.46 -4.47 -2.84
N ALA A 145 7.41 -3.60 -2.87
CA ALA A 145 8.73 -3.91 -2.24
C ALA A 145 9.38 -2.62 -1.71
N LEU A 146 10.11 -2.73 -0.64
CA LEU A 146 10.77 -1.51 -0.07
C LEU A 146 12.17 -1.86 0.45
N ASP A 147 13.17 -1.17 -0.01
CA ASP A 147 14.56 -1.45 0.46
C ASP A 147 15.29 -0.16 0.81
N SER A 148 16.47 -0.25 1.35
CA SER A 148 17.22 0.98 1.72
C SER A 148 18.55 1.05 0.95
N GLU A 149 18.94 2.22 0.52
CA GLU A 149 20.22 2.35 -0.23
C GLU A 149 20.37 1.21 -1.24
N VAL A 150 19.95 1.43 -2.46
CA VAL A 150 20.06 0.36 -3.49
C VAL A 150 20.45 0.97 -4.84
N GLU A 151 21.05 2.13 -4.83
CA GLU A 151 21.45 2.77 -6.11
C GLU A 151 22.98 2.77 -6.24
N LEU A 152 23.53 1.75 -6.85
CA LEU A 152 25.01 1.69 -7.01
C LEU A 152 25.70 2.06 -5.70
N ALA A 1 15.92 -5.37 1.29
CA ALA A 1 15.51 -5.60 -0.13
C ALA A 1 14.00 -5.35 -0.28
N SER A 2 13.20 -6.03 0.49
CA SER A 2 11.72 -5.83 0.39
C SER A 2 11.00 -6.69 1.43
N PRO A 3 10.45 -6.04 2.42
CA PRO A 3 9.73 -6.75 3.49
C PRO A 3 8.30 -7.10 3.05
N ILE A 4 8.02 -7.11 1.78
CA ILE A 4 6.66 -7.44 1.31
C ILE A 4 6.73 -8.34 0.08
N GLY A 5 7.68 -8.12 -0.79
CA GLY A 5 7.80 -8.97 -2.01
C GLY A 5 8.65 -8.25 -3.05
N GLU A 6 9.68 -8.88 -3.54
CA GLU A 6 10.54 -8.23 -4.56
C GLU A 6 9.82 -8.16 -5.90
N GLY A 7 8.98 -7.19 -6.09
CA GLY A 7 8.24 -7.07 -7.38
C GLY A 7 6.75 -7.29 -7.15
N THR A 8 6.16 -8.23 -7.82
CA THR A 8 4.71 -8.50 -7.64
C THR A 8 4.48 -9.34 -6.39
N PHE A 9 3.24 -9.63 -6.07
CA PHE A 9 2.96 -10.45 -4.87
C PHE A 9 3.45 -11.88 -5.08
N ASP A 10 3.35 -12.37 -6.29
CA ASP A 10 3.83 -13.75 -6.59
C ASP A 10 3.53 -14.70 -5.43
N ASP A 11 2.34 -14.59 -4.86
CA ASP A 11 1.96 -15.48 -3.72
C ASP A 11 0.76 -14.87 -2.98
N GLY A 12 -0.40 -14.88 -3.59
CA GLY A 12 -1.60 -14.31 -2.93
C GLY A 12 -1.24 -12.97 -2.28
N PRO A 13 -2.15 -12.48 -1.48
CA PRO A 13 -1.95 -11.19 -0.78
C PRO A 13 -0.95 -11.35 0.37
N GLU A 14 0.32 -11.34 0.06
CA GLU A 14 1.37 -11.50 1.12
C GLU A 14 0.90 -10.92 2.46
N GLY A 15 0.75 -9.63 2.53
CA GLY A 15 0.30 -9.01 3.81
C GLY A 15 -0.58 -7.80 3.51
N TRP A 16 -0.97 -7.60 2.28
CA TRP A 16 -1.82 -6.44 1.93
C TRP A 16 -3.27 -6.70 2.33
N VAL A 17 -3.64 -6.37 3.55
CA VAL A 17 -5.04 -6.61 3.98
C VAL A 17 -5.92 -5.43 3.56
N ALA A 18 -7.14 -5.67 3.20
CA ALA A 18 -8.02 -4.54 2.78
C ALA A 18 -9.33 -4.61 3.56
N TYR A 19 -9.71 -3.51 4.16
CA TYR A 19 -10.99 -3.49 4.95
C TYR A 19 -12.01 -2.58 4.28
N GLY A 20 -13.27 -2.95 4.37
CA GLY A 20 -14.33 -2.11 3.74
C GLY A 20 -15.56 -2.99 3.47
N THR A 21 -15.64 -3.58 2.31
CA THR A 21 -16.81 -4.45 2.00
C THR A 21 -16.41 -5.53 0.99
N ASP A 22 -15.14 -5.78 0.85
CA ASP A 22 -14.68 -6.82 -0.12
C ASP A 22 -14.30 -8.10 0.63
N GLY A 23 -14.50 -9.23 0.01
CA GLY A 23 -14.15 -10.52 0.68
C GLY A 23 -12.63 -10.65 0.77
N PRO A 24 -12.16 -11.83 0.50
CA PRO A 24 -10.69 -12.09 0.54
C PRO A 24 -10.01 -11.46 -0.67
N LEU A 25 -8.92 -10.77 -0.47
CA LEU A 25 -8.21 -10.13 -1.62
C LEU A 25 -8.15 -11.10 -2.80
N ASP A 26 -8.82 -10.77 -3.87
CA ASP A 26 -8.81 -11.68 -5.06
C ASP A 26 -7.40 -11.73 -5.67
N THR A 27 -6.67 -12.77 -5.40
CA THR A 27 -5.30 -12.89 -5.96
C THR A 27 -5.20 -14.13 -6.84
N SER A 28 -5.00 -15.28 -6.25
CA SER A 28 -4.89 -16.53 -7.06
C SER A 28 -4.04 -16.29 -8.30
N THR A 29 -3.02 -15.48 -8.20
CA THR A 29 -2.15 -15.21 -9.37
C THR A 29 -1.00 -14.28 -8.98
N GLY A 30 -1.24 -13.40 -8.05
CA GLY A 30 -0.15 -12.46 -7.62
C GLY A 30 -0.66 -11.02 -7.72
N ALA A 31 -1.90 -10.83 -8.09
CA ALA A 31 -2.45 -9.46 -8.20
C ALA A 31 -3.49 -9.22 -7.11
N LEU A 32 -3.18 -8.39 -6.15
CA LEU A 32 -4.16 -8.11 -5.06
C LEU A 32 -5.34 -7.31 -5.61
N CYS A 33 -6.45 -7.97 -5.84
CA CYS A 33 -7.64 -7.26 -6.38
C CYS A 33 -8.72 -7.12 -5.31
N VAL A 34 -8.87 -5.94 -4.75
CA VAL A 34 -9.90 -5.74 -3.70
C VAL A 34 -11.22 -5.30 -4.35
N ALA A 35 -12.32 -5.54 -3.69
CA ALA A 35 -13.64 -5.16 -4.29
C ALA A 35 -14.20 -3.90 -3.63
N VAL A 36 -14.07 -2.77 -4.27
CA VAL A 36 -14.62 -1.51 -3.69
C VAL A 36 -16.10 -1.40 -4.06
N PRO A 37 -16.94 -1.29 -3.05
CA PRO A 37 -18.40 -1.21 -3.27
C PRO A 37 -18.78 0.11 -3.95
N ALA A 38 -19.80 0.10 -4.77
CA ALA A 38 -20.24 1.34 -5.45
C ALA A 38 -20.31 2.49 -4.44
N GLY A 39 -19.50 3.49 -4.62
CA GLY A 39 -19.52 4.63 -3.67
C GLY A 39 -18.79 4.22 -2.39
N SER A 40 -17.49 4.10 -2.45
CA SER A 40 -16.72 3.71 -1.23
C SER A 40 -16.41 4.95 -0.39
N ALA A 41 -17.39 5.80 -0.22
CA ALA A 41 -17.20 7.04 0.59
C ALA A 41 -17.50 6.75 2.06
N GLN A 42 -18.15 7.66 2.73
CA GLN A 42 -18.47 7.46 4.17
C GLN A 42 -17.27 6.87 4.91
N TYR A 43 -17.51 5.96 5.82
CA TYR A 43 -16.38 5.33 6.60
C TYR A 43 -15.09 5.33 5.78
N GLY A 44 -15.17 5.04 4.51
CA GLY A 44 -13.94 5.06 3.65
C GLY A 44 -13.29 3.68 3.64
N VAL A 45 -12.94 3.20 2.48
CA VAL A 45 -12.27 1.87 2.39
C VAL A 45 -10.76 2.06 2.49
N GLY A 46 -10.00 1.02 2.44
CA GLY A 46 -8.52 1.19 2.55
C GLY A 46 -7.82 -0.16 2.63
N VAL A 47 -6.53 -0.15 2.78
CA VAL A 47 -5.74 -1.42 2.87
C VAL A 47 -4.50 -1.16 3.72
N VAL A 48 -4.22 -2.01 4.67
CA VAL A 48 -3.02 -1.78 5.52
C VAL A 48 -2.04 -2.95 5.40
N LEU A 49 -0.78 -2.66 5.18
CA LEU A 49 0.22 -3.75 5.05
C LEU A 49 1.35 -3.56 6.06
N ASN A 50 1.22 -4.13 7.23
CA ASN A 50 2.28 -3.98 8.27
C ASN A 50 3.48 -4.87 7.92
N GLY A 51 4.67 -4.42 8.23
CA GLY A 51 5.88 -5.24 7.91
C GLY A 51 6.82 -4.42 7.02
N VAL A 52 7.34 -3.33 7.51
CA VAL A 52 8.27 -2.51 6.69
C VAL A 52 9.62 -2.37 7.41
N ALA A 53 10.60 -1.82 6.75
CA ALA A 53 11.94 -1.67 7.41
C ALA A 53 12.58 -0.33 7.02
N ILE A 54 12.15 0.74 7.62
CA ILE A 54 12.75 2.08 7.30
C ILE A 54 13.53 2.60 8.51
N GLU A 55 14.44 3.50 8.31
CA GLU A 55 15.23 4.03 9.47
C GLU A 55 15.72 5.45 9.17
N GLU A 56 15.54 6.34 10.12
CA GLU A 56 16.00 7.75 9.93
C GLU A 56 15.79 8.21 8.49
N GLY A 57 16.56 9.18 8.05
CA GLY A 57 16.41 9.68 6.65
C GLY A 57 17.24 8.82 5.70
N THR A 58 16.73 7.68 5.32
CA THR A 58 17.50 6.81 4.39
C THR A 58 16.88 6.87 2.98
N THR A 59 17.49 6.25 2.01
CA THR A 59 16.94 6.30 0.63
C THR A 59 15.98 5.12 0.41
N TYR A 60 15.06 5.28 -0.50
CA TYR A 60 14.09 4.17 -0.77
C TYR A 60 13.45 4.34 -2.15
N THR A 61 12.60 3.44 -2.53
CA THR A 61 11.95 3.53 -3.87
C THR A 61 10.57 2.89 -3.82
N LEU A 62 9.54 3.62 -4.15
CA LEU A 62 8.17 3.05 -4.12
C LEU A 62 7.84 2.40 -5.48
N ARG A 63 7.59 1.12 -5.49
CA ARG A 63 7.27 0.44 -6.78
C ARG A 63 5.97 -0.36 -6.63
N TYR A 64 4.94 0.02 -7.34
CA TYR A 64 3.65 -0.73 -7.25
C TYR A 64 2.80 -0.48 -8.51
N THR A 65 2.14 -1.49 -8.99
CA THR A 65 1.30 -1.31 -10.22
C THR A 65 -0.16 -1.62 -9.90
N ALA A 66 -0.96 -0.61 -9.67
CA ALA A 66 -2.38 -0.85 -9.35
C ALA A 66 -3.26 -0.54 -10.56
N THR A 67 -4.40 -1.17 -10.66
CA THR A 67 -5.30 -0.92 -11.82
C THR A 67 -6.76 -1.14 -11.42
N ALA A 68 -7.51 -0.08 -11.30
CA ALA A 68 -8.94 -0.23 -10.92
C ALA A 68 -9.82 -0.32 -12.17
N SER A 69 -10.76 -1.22 -12.19
CA SER A 69 -11.64 -1.34 -13.39
C SER A 69 -12.08 0.05 -13.82
N THR A 70 -12.12 0.97 -12.90
CA THR A 70 -12.55 2.36 -13.24
C THR A 70 -11.36 3.32 -13.08
N ASP A 71 -11.56 4.58 -13.33
CA ASP A 71 -10.44 5.56 -13.16
C ASP A 71 -10.52 6.19 -11.78
N VAL A 72 -10.24 5.43 -10.74
CA VAL A 72 -10.31 5.98 -9.36
C VAL A 72 -8.95 6.52 -8.92
N THR A 73 -8.96 7.55 -8.12
CA THR A 73 -7.68 8.12 -7.62
C THR A 73 -7.75 8.24 -6.09
N VAL A 74 -7.34 7.22 -5.38
CA VAL A 74 -7.41 7.27 -3.91
C VAL A 74 -6.11 7.84 -3.33
N ARG A 75 -5.75 7.46 -2.14
CA ARG A 75 -4.50 8.00 -1.53
C ARG A 75 -3.59 6.87 -1.05
N ALA A 76 -2.32 6.98 -1.29
CA ALA A 76 -1.37 5.92 -0.82
C ALA A 76 -0.09 6.56 -0.27
N LEU A 77 0.60 5.87 0.59
CA LEU A 77 1.85 6.45 1.17
C LEU A 77 2.41 5.50 2.23
N VAL A 78 3.20 6.01 3.14
CA VAL A 78 3.78 5.15 4.21
C VAL A 78 3.95 5.97 5.48
N GLY A 79 4.24 5.34 6.58
CA GLY A 79 4.40 6.11 7.85
C GLY A 79 4.77 5.16 8.98
N GLN A 80 5.01 5.69 10.15
CA GLN A 80 5.38 4.81 11.30
C GLN A 80 4.24 4.74 12.30
N ASN A 81 3.95 3.56 12.76
CA ASN A 81 2.85 3.39 13.76
C ASN A 81 3.43 2.71 15.01
N GLY A 82 3.78 3.48 15.99
CA GLY A 82 4.35 2.91 17.23
C GLY A 82 5.60 3.71 17.63
N ALA A 83 5.60 4.99 17.38
CA ALA A 83 6.78 5.82 17.74
C ALA A 83 8.03 5.32 16.99
N PRO A 84 8.88 6.25 16.60
CA PRO A 84 8.65 7.69 16.87
C PRO A 84 7.70 8.29 15.81
N TYR A 85 6.97 7.46 15.11
CA TYR A 85 6.04 7.99 14.06
C TYR A 85 6.80 8.82 13.03
N GLY A 86 6.15 9.18 11.96
CA GLY A 86 6.83 10.00 10.92
C GLY A 86 6.48 9.45 9.53
N THR A 87 5.85 10.24 8.71
CA THR A 87 5.49 9.77 7.35
C THR A 87 6.51 10.26 6.32
N VAL A 88 6.78 9.47 5.31
CA VAL A 88 7.78 9.89 4.29
C VAL A 88 7.15 9.86 2.89
N LEU A 89 6.04 9.17 2.74
CA LEU A 89 5.38 9.11 1.41
C LEU A 89 4.09 9.93 1.39
N ASP A 90 3.88 10.68 0.34
CA ASP A 90 2.64 11.50 0.25
C ASP A 90 2.24 11.67 -1.21
N THR A 91 1.56 10.71 -1.79
CA THR A 91 1.18 10.84 -3.22
C THR A 91 -0.24 10.30 -3.44
N SER A 92 -0.72 10.38 -4.65
CA SER A 92 -2.09 9.88 -4.94
C SER A 92 -2.02 8.77 -6.00
N PRO A 93 -2.33 7.57 -5.58
CA PRO A 93 -2.29 6.40 -6.49
C PRO A 93 -3.44 6.48 -7.52
N ALA A 94 -3.14 6.92 -8.71
CA ALA A 94 -4.21 7.00 -9.75
C ALA A 94 -4.50 5.60 -10.30
N LEU A 95 -5.70 5.38 -10.77
CA LEU A 95 -6.04 4.03 -11.32
C LEU A 95 -6.93 4.16 -12.56
N THR A 96 -7.13 3.08 -13.26
CA THR A 96 -7.99 3.13 -14.48
C THR A 96 -8.11 1.74 -15.08
N SER A 97 -8.82 1.61 -16.17
CA SER A 97 -8.98 0.27 -16.81
C SER A 97 -7.63 -0.22 -17.36
N GLU A 98 -6.63 0.63 -17.34
CA GLU A 98 -5.30 0.21 -17.85
C GLU A 98 -4.33 0.00 -16.69
N PRO A 99 -3.20 -0.60 -16.99
CA PRO A 99 -2.18 -0.87 -15.96
C PRO A 99 -1.48 0.43 -15.54
N ARG A 100 -1.39 0.68 -14.26
CA ARG A 100 -0.72 1.94 -13.80
C ARG A 100 0.49 1.60 -12.93
N GLN A 101 1.65 1.50 -13.51
CA GLN A 101 2.86 1.17 -12.71
C GLN A 101 3.30 2.40 -11.92
N VAL A 102 3.97 2.20 -10.81
CA VAL A 102 4.42 3.36 -10.00
C VAL A 102 5.91 3.22 -9.64
N THR A 103 6.67 4.27 -9.81
CA THR A 103 8.12 4.19 -9.48
C THR A 103 8.63 5.57 -9.05
N GLU A 104 9.22 5.65 -7.89
CA GLU A 104 9.73 6.97 -7.41
C GLU A 104 10.82 6.76 -6.36
N THR A 105 11.71 7.71 -6.20
CA THR A 105 12.80 7.56 -5.20
C THR A 105 12.68 8.66 -4.13
N PHE A 106 12.40 8.29 -2.91
CA PHE A 106 12.27 9.31 -1.85
C PHE A 106 13.17 8.97 -0.65
N THR A 107 13.55 9.94 0.12
CA THR A 107 14.42 9.67 1.30
C THR A 107 13.56 9.45 2.54
N ALA A 108 13.16 8.24 2.79
CA ALA A 108 12.32 7.96 4.00
C ALA A 108 12.86 8.72 5.21
N SER A 109 12.25 9.84 5.53
CA SER A 109 12.72 10.63 6.70
C SER A 109 12.02 10.16 7.98
N ALA A 110 12.06 8.88 8.24
CA ALA A 110 11.39 8.35 9.47
C ALA A 110 11.97 6.98 9.84
N THR A 111 11.19 6.17 10.50
CA THR A 111 11.70 4.82 10.89
C THR A 111 10.53 3.85 11.04
N TYR A 112 10.52 2.80 10.26
CA TYR A 112 9.42 1.80 10.35
C TYR A 112 9.96 0.47 10.85
N PRO A 113 9.95 0.32 12.15
CA PRO A 113 10.44 -0.93 12.78
C PRO A 113 9.46 -2.08 12.53
N ALA A 114 9.51 -3.10 13.34
CA ALA A 114 8.57 -4.26 13.15
C ALA A 114 8.35 -4.99 14.48
N THR A 115 8.28 -4.25 15.55
CA THR A 115 8.06 -4.90 16.88
C THR A 115 6.64 -4.64 17.37
N PRO A 116 5.77 -5.57 17.09
CA PRO A 116 4.35 -5.45 17.50
C PRO A 116 4.20 -5.66 19.01
N ALA A 117 3.56 -4.74 19.69
CA ALA A 117 3.38 -4.88 21.16
C ALA A 117 2.08 -4.23 21.61
N ALA A 118 1.93 -3.96 22.88
CA ALA A 118 0.68 -3.33 23.37
C ALA A 118 0.56 -1.91 22.83
N ASP A 119 1.62 -1.40 22.25
CA ASP A 119 1.58 -0.01 21.69
C ASP A 119 2.69 0.18 20.67
N ASP A 120 3.19 -0.89 20.11
CA ASP A 120 4.29 -0.77 19.10
C ASP A 120 3.87 -1.42 17.79
N PRO A 121 2.93 -0.80 17.12
CA PRO A 121 2.42 -1.32 15.82
C PRO A 121 3.39 -1.05 14.66
N GLU A 122 4.62 -0.75 14.97
CA GLU A 122 5.64 -0.50 13.91
C GLU A 122 5.05 0.34 12.77
N GLY A 123 5.77 0.47 11.68
CA GLY A 123 5.25 1.28 10.53
C GLY A 123 4.80 0.36 9.40
N GLN A 124 3.97 0.84 8.53
CA GLN A 124 3.49 0.00 7.40
C GLN A 124 3.16 0.86 6.18
N ILE A 125 2.24 0.41 5.36
CA ILE A 125 1.85 1.19 4.16
C ILE A 125 0.37 1.55 4.24
N ALA A 126 0.00 2.70 3.73
CA ALA A 126 -1.44 3.11 3.82
C ALA A 126 -2.08 3.22 2.43
N PHE A 127 -3.04 2.37 2.16
CA PHE A 127 -3.76 2.42 0.85
C PHE A 127 -5.24 2.68 1.13
N GLN A 128 -5.60 3.89 1.46
CA GLN A 128 -7.02 4.18 1.79
C GLN A 128 -7.82 4.55 0.55
N LEU A 129 -8.88 3.83 0.30
CA LEU A 129 -9.75 4.14 -0.87
C LEU A 129 -11.06 4.74 -0.37
N GLY A 130 -10.97 5.75 0.45
CA GLY A 130 -12.21 6.39 1.00
C GLY A 130 -12.57 7.61 0.14
N GLY A 131 -13.80 7.71 -0.28
CA GLY A 131 -14.21 8.87 -1.11
C GLY A 131 -13.24 9.04 -2.28
N PHE A 132 -13.57 8.47 -3.41
CA PHE A 132 -12.66 8.58 -4.59
C PHE A 132 -13.44 8.32 -5.89
N SER A 133 -13.69 7.08 -6.20
CA SER A 133 -14.43 6.77 -7.46
C SER A 133 -15.94 6.74 -7.19
N ALA A 134 -16.74 6.70 -8.22
CA ALA A 134 -18.21 6.68 -8.02
C ALA A 134 -18.74 5.24 -8.15
N ASP A 135 -19.13 4.83 -9.32
CA ASP A 135 -19.65 3.45 -9.49
C ASP A 135 -18.72 2.44 -8.79
N ALA A 136 -19.23 1.29 -8.46
CA ALA A 136 -18.39 0.27 -7.79
C ALA A 136 -17.13 -0.01 -8.59
N TRP A 137 -15.99 0.06 -7.97
CA TRP A 137 -14.72 -0.20 -8.70
C TRP A 137 -13.81 -1.11 -7.87
N THR A 138 -12.56 -1.18 -8.20
CA THR A 138 -11.66 -2.08 -7.44
C THR A 138 -10.19 -1.68 -7.63
N LEU A 139 -9.30 -2.34 -6.95
CA LEU A 139 -7.84 -2.03 -7.10
C LEU A 139 -7.06 -3.33 -7.28
N CYS A 140 -6.27 -3.42 -8.32
CA CYS A 140 -5.50 -4.67 -8.53
C CYS A 140 -3.99 -4.38 -8.60
N LEU A 141 -3.30 -4.58 -7.51
CA LEU A 141 -1.83 -4.34 -7.52
C LEU A 141 -1.10 -5.61 -7.94
N ASP A 142 0.20 -5.58 -8.00
CA ASP A 142 0.97 -6.80 -8.39
C ASP A 142 2.43 -6.43 -8.67
N ASP A 143 3.00 -5.58 -7.88
CA ASP A 143 4.41 -5.18 -8.10
C ASP A 143 4.88 -4.28 -6.95
N VAL A 144 4.71 -4.71 -5.74
CA VAL A 144 5.12 -3.87 -4.58
C VAL A 144 6.58 -4.17 -4.21
N ALA A 145 7.42 -3.18 -4.25
CA ALA A 145 8.86 -3.41 -3.92
C ALA A 145 9.44 -2.19 -3.18
N LEU A 146 10.26 -2.43 -2.19
CA LEU A 146 10.85 -1.29 -1.43
C LEU A 146 12.26 -1.66 -0.95
N ASP A 147 13.24 -0.88 -1.29
CA ASP A 147 14.64 -1.19 -0.86
C ASP A 147 15.34 0.08 -0.37
N SER A 148 16.59 -0.02 -0.01
CA SER A 148 17.33 1.18 0.47
C SER A 148 18.71 1.24 -0.18
N GLU A 149 19.43 2.31 0.05
CA GLU A 149 20.80 2.43 -0.57
C GLU A 149 21.87 2.18 0.50
N VAL A 150 21.71 1.16 1.29
CA VAL A 150 22.73 0.87 2.35
C VAL A 150 22.32 -0.39 3.14
N GLU A 151 23.27 -1.21 3.47
CA GLU A 151 22.94 -2.45 4.24
C GLU A 151 21.96 -2.12 5.38
N LEU A 152 21.30 -3.11 5.91
CA LEU A 152 20.34 -2.85 7.02
C LEU A 152 20.21 -4.09 7.91
N ALA A 1 15.35 -8.75 6.89
CA ALA A 1 14.34 -9.01 7.96
C ALA A 1 13.07 -9.61 7.35
N SER A 2 11.93 -9.29 7.89
CA SER A 2 10.65 -9.84 7.33
C SER A 2 9.81 -8.73 6.71
N PRO A 3 10.10 -8.44 5.47
CA PRO A 3 9.37 -7.38 4.74
C PRO A 3 7.99 -7.89 4.32
N ILE A 4 7.42 -7.31 3.31
CA ILE A 4 6.07 -7.76 2.85
C ILE A 4 6.22 -8.75 1.69
N GLY A 5 7.37 -9.34 1.55
CA GLY A 5 7.58 -10.32 0.44
C GLY A 5 7.85 -9.56 -0.86
N GLU A 6 8.98 -8.93 -0.97
CA GLU A 6 9.30 -8.18 -2.22
C GLU A 6 8.87 -8.98 -3.44
N GLY A 7 7.69 -8.73 -3.95
CA GLY A 7 7.22 -9.48 -5.15
C GLY A 7 5.76 -9.12 -5.44
N THR A 8 5.07 -9.96 -6.16
CA THR A 8 3.64 -9.66 -6.49
C THR A 8 2.72 -10.41 -5.53
N PHE A 9 1.50 -10.67 -5.96
CA PHE A 9 0.54 -11.40 -5.07
C PHE A 9 0.09 -12.70 -5.73
N ASP A 10 1.00 -13.43 -6.32
CA ASP A 10 0.63 -14.70 -6.99
C ASP A 10 0.89 -15.88 -6.05
N ASP A 11 0.23 -15.92 -4.93
CA ASP A 11 0.42 -17.04 -3.94
C ASP A 11 -0.11 -16.61 -2.56
N GLY A 12 -0.16 -15.33 -2.31
CA GLY A 12 -0.66 -14.85 -0.98
C GLY A 12 -0.53 -13.33 -0.90
N PRO A 13 -1.59 -12.70 -0.44
CA PRO A 13 -1.60 -11.22 -0.32
C PRO A 13 -0.81 -10.79 0.93
N GLU A 14 -0.18 -11.71 1.59
CA GLU A 14 0.61 -11.35 2.82
C GLU A 14 -0.32 -10.75 3.88
N GLY A 15 -0.51 -9.46 3.86
CA GLY A 15 -1.40 -8.82 4.88
C GLY A 15 -2.09 -7.60 4.28
N TRP A 16 -2.26 -7.59 2.98
CA TRP A 16 -2.93 -6.42 2.33
C TRP A 16 -4.43 -6.44 2.62
N VAL A 17 -4.83 -5.87 3.73
CA VAL A 17 -6.29 -5.86 4.07
C VAL A 17 -6.96 -4.64 3.44
N ALA A 18 -8.23 -4.72 3.16
CA ALA A 18 -8.93 -3.57 2.56
C ALA A 18 -10.29 -3.38 3.24
N TYR A 19 -10.62 -2.17 3.60
CA TYR A 19 -11.92 -1.93 4.31
C TYR A 19 -12.81 -0.97 3.51
N GLY A 20 -14.09 -0.96 3.79
CA GLY A 20 -15.02 -0.05 3.07
C GLY A 20 -15.23 -0.56 1.64
N THR A 21 -15.53 -1.82 1.49
CA THR A 21 -15.75 -2.37 0.13
C THR A 21 -16.79 -3.50 0.17
N ASP A 22 -16.72 -4.41 -0.76
CA ASP A 22 -17.70 -5.53 -0.78
C ASP A 22 -17.16 -6.71 0.04
N GLY A 23 -16.63 -6.44 1.20
CA GLY A 23 -16.08 -7.53 2.05
C GLY A 23 -14.56 -7.46 2.05
N PRO A 24 -13.95 -8.62 2.09
CA PRO A 24 -12.47 -8.70 2.10
C PRO A 24 -11.91 -8.35 0.72
N LEU A 25 -10.70 -8.75 0.44
CA LEU A 25 -10.10 -8.43 -0.89
C LEU A 25 -9.94 -9.72 -1.71
N ASP A 26 -9.30 -9.64 -2.84
CA ASP A 26 -9.12 -10.86 -3.67
C ASP A 26 -7.66 -10.98 -4.12
N THR A 27 -7.24 -12.16 -4.51
CA THR A 27 -5.83 -12.33 -4.96
C THR A 27 -5.78 -13.13 -6.26
N SER A 28 -6.68 -14.08 -6.42
CA SER A 28 -6.69 -14.90 -7.66
C SER A 28 -5.29 -15.47 -7.92
N THR A 29 -4.54 -15.72 -6.89
CA THR A 29 -3.17 -16.28 -7.08
C THR A 29 -2.46 -15.56 -8.24
N GLY A 30 -2.38 -14.26 -8.18
CA GLY A 30 -1.70 -13.50 -9.27
C GLY A 30 -1.50 -12.05 -8.85
N ALA A 31 -2.56 -11.39 -8.46
CA ALA A 31 -2.44 -9.96 -8.03
C ALA A 31 -3.49 -9.62 -6.98
N LEU A 32 -3.19 -8.71 -6.10
CA LEU A 32 -4.19 -8.33 -5.05
C LEU A 32 -5.22 -7.37 -5.64
N CYS A 33 -6.40 -7.85 -5.94
CA CYS A 33 -7.44 -6.96 -6.53
C CYS A 33 -8.56 -6.70 -5.53
N VAL A 34 -8.61 -5.52 -4.96
CA VAL A 34 -9.69 -5.21 -3.98
C VAL A 34 -10.87 -4.58 -4.73
N ALA A 35 -12.07 -4.93 -4.38
CA ALA A 35 -13.25 -4.37 -5.10
C ALA A 35 -13.72 -3.06 -4.45
N VAL A 36 -13.31 -1.94 -4.99
CA VAL A 36 -13.74 -0.63 -4.41
C VAL A 36 -15.12 -0.26 -4.96
N PRO A 37 -16.01 0.08 -4.07
CA PRO A 37 -17.40 0.45 -4.47
C PRO A 37 -17.40 1.81 -5.18
N ALA A 38 -18.55 2.27 -5.57
CA ALA A 38 -18.62 3.59 -6.28
C ALA A 38 -17.71 4.60 -5.59
N GLY A 39 -17.45 5.71 -6.23
CA GLY A 39 -16.58 6.76 -5.62
C GLY A 39 -16.81 6.80 -4.12
N SER A 40 -15.86 6.34 -3.34
CA SER A 40 -16.05 6.32 -1.86
C SER A 40 -16.75 7.60 -1.40
N ALA A 41 -18.04 7.57 -1.35
CA ALA A 41 -18.81 8.77 -0.93
C ALA A 41 -19.54 8.48 0.37
N GLN A 42 -19.04 7.54 1.10
CA GLN A 42 -19.67 7.16 2.40
C GLN A 42 -18.90 5.98 3.00
N TYR A 43 -17.62 5.93 2.79
CA TYR A 43 -16.87 4.77 3.32
C TYR A 43 -15.39 5.07 3.47
N GLY A 44 -14.83 5.95 2.70
CA GLY A 44 -13.38 6.18 2.81
C GLY A 44 -12.74 4.80 2.66
N VAL A 45 -12.52 4.36 1.46
CA VAL A 45 -11.99 2.99 1.26
C VAL A 45 -10.47 3.03 1.32
N GLY A 46 -9.85 2.04 1.89
CA GLY A 46 -8.36 2.04 1.98
C GLY A 46 -7.83 0.67 2.35
N VAL A 47 -6.67 0.33 1.87
CA VAL A 47 -6.06 -0.99 2.18
C VAL A 47 -4.82 -0.80 3.07
N VAL A 48 -4.73 -1.51 4.16
CA VAL A 48 -3.54 -1.34 5.05
C VAL A 48 -2.79 -2.66 5.20
N LEU A 49 -1.49 -2.60 5.30
CA LEU A 49 -0.69 -3.86 5.45
C LEU A 49 0.52 -3.62 6.37
N ASN A 50 0.57 -4.30 7.48
CA ASN A 50 1.72 -4.11 8.42
C ASN A 50 2.84 -5.09 8.09
N GLY A 51 4.07 -4.70 8.32
CA GLY A 51 5.22 -5.61 8.02
C GLY A 51 6.22 -4.90 7.12
N VAL A 52 7.04 -4.04 7.67
CA VAL A 52 8.04 -3.33 6.83
C VAL A 52 9.41 -3.38 7.50
N ALA A 53 10.47 -3.20 6.74
CA ALA A 53 11.83 -3.24 7.35
C ALA A 53 12.41 -1.83 7.45
N ILE A 54 11.77 -0.96 8.19
CA ILE A 54 12.30 0.43 8.33
C ILE A 54 12.52 0.76 9.81
N GLU A 55 13.45 1.62 10.11
CA GLU A 55 13.70 1.97 11.53
C GLU A 55 14.74 3.09 11.63
N GLU A 56 14.74 3.99 10.70
CA GLU A 56 15.73 5.11 10.72
C GLU A 56 15.54 6.02 9.51
N GLY A 57 16.40 6.99 9.34
CA GLY A 57 16.29 7.91 8.17
C GLY A 57 17.18 7.37 7.05
N THR A 58 16.81 6.25 6.49
CA THR A 58 17.64 5.64 5.41
C THR A 58 16.92 5.76 4.06
N THR A 59 17.56 5.34 3.01
CA THR A 59 16.92 5.42 1.66
C THR A 59 16.13 4.14 1.38
N TYR A 60 15.18 4.21 0.47
CA TYR A 60 14.38 3.00 0.14
C TYR A 60 13.80 3.15 -1.27
N THR A 61 13.01 2.20 -1.70
CA THR A 61 12.42 2.28 -3.06
C THR A 61 11.06 1.59 -3.09
N LEU A 62 10.00 2.32 -3.28
CA LEU A 62 8.64 1.70 -3.33
C LEU A 62 8.31 1.29 -4.76
N ARG A 63 8.06 0.03 -4.98
CA ARG A 63 7.72 -0.43 -6.36
C ARG A 63 6.43 -1.26 -6.33
N TYR A 64 5.51 -0.95 -7.20
CA TYR A 64 4.22 -1.72 -7.23
C TYR A 64 3.46 -1.42 -8.53
N THR A 65 2.66 -2.34 -8.98
CA THR A 65 1.90 -2.11 -10.24
C THR A 65 0.39 -2.17 -9.97
N ALA A 66 -0.22 -1.04 -9.72
CA ALA A 66 -1.68 -1.04 -9.43
C ALA A 66 -2.49 -0.73 -10.69
N THR A 67 -3.71 -1.19 -10.74
CA THR A 67 -4.57 -0.92 -11.93
C THR A 67 -6.04 -0.85 -11.48
N ALA A 68 -6.77 0.13 -11.94
CA ALA A 68 -8.20 0.25 -11.53
C ALA A 68 -9.11 0.18 -12.76
N SER A 69 -10.16 -0.60 -12.69
CA SER A 69 -11.08 -0.69 -13.85
C SER A 69 -11.35 0.71 -14.40
N THR A 70 -11.23 1.72 -13.59
CA THR A 70 -11.46 3.10 -14.05
C THR A 70 -10.16 3.91 -13.97
N ASP A 71 -10.24 5.21 -14.10
CA ASP A 71 -9.01 6.04 -14.01
C ASP A 71 -8.96 6.72 -12.64
N VAL A 72 -9.19 5.97 -11.60
CA VAL A 72 -9.17 6.56 -10.23
C VAL A 72 -7.78 7.10 -9.89
N THR A 73 -7.67 7.80 -8.79
CA THR A 73 -6.36 8.36 -8.37
C THR A 73 -6.44 8.68 -6.88
N VAL A 74 -6.21 7.70 -6.04
CA VAL A 74 -6.30 7.94 -4.58
C VAL A 74 -4.95 8.38 -4.02
N ARG A 75 -4.75 8.26 -2.73
CA ARG A 75 -3.45 8.67 -2.14
C ARG A 75 -2.79 7.49 -1.43
N ALA A 76 -1.68 7.02 -1.93
CA ALA A 76 -0.99 5.86 -1.28
C ALA A 76 0.38 6.31 -0.76
N LEU A 77 0.91 5.60 0.20
CA LEU A 77 2.24 5.97 0.76
C LEU A 77 2.61 5.00 1.89
N VAL A 78 3.32 5.47 2.90
CA VAL A 78 3.71 4.58 4.02
C VAL A 78 3.87 5.41 5.30
N GLY A 79 4.07 4.78 6.42
CA GLY A 79 4.23 5.57 7.68
C GLY A 79 4.35 4.62 8.88
N GLN A 80 4.65 5.15 10.03
CA GLN A 80 4.77 4.29 11.23
C GLN A 80 3.45 4.22 11.98
N ASN A 81 3.09 3.05 12.43
CA ASN A 81 1.82 2.90 13.19
C ASN A 81 2.13 2.28 14.55
N GLY A 82 2.26 3.10 15.55
CA GLY A 82 2.57 2.59 16.90
C GLY A 82 3.72 3.40 17.51
N ALA A 83 3.78 4.67 17.23
CA ALA A 83 4.87 5.52 17.79
C ALA A 83 6.23 5.00 17.32
N PRO A 84 7.14 5.91 17.06
CA PRO A 84 6.86 7.36 17.19
C PRO A 84 6.14 7.90 15.94
N TYR A 85 5.55 7.02 15.16
CA TYR A 85 4.85 7.49 13.93
C TYR A 85 5.81 8.24 13.00
N GLY A 86 5.39 8.53 11.81
CA GLY A 86 6.27 9.26 10.85
C GLY A 86 6.07 8.70 9.45
N THR A 87 5.56 9.51 8.56
CA THR A 87 5.33 9.03 7.16
C THR A 87 6.55 9.33 6.29
N VAL A 88 6.83 8.49 5.33
CA VAL A 88 8.00 8.72 4.45
C VAL A 88 7.57 8.78 2.98
N LEU A 89 6.43 8.23 2.66
CA LEU A 89 5.95 8.27 1.26
C LEU A 89 4.82 9.29 1.10
N ASP A 90 4.73 9.92 -0.03
CA ASP A 90 3.65 10.92 -0.26
C ASP A 90 3.28 10.99 -1.74
N THR A 91 2.36 10.18 -2.17
CA THR A 91 1.97 10.20 -3.62
C THR A 91 0.60 9.57 -3.82
N SER A 92 0.14 9.51 -5.05
CA SER A 92 -1.21 8.91 -5.31
C SER A 92 -1.09 7.86 -6.42
N PRO A 93 -1.62 6.69 -6.15
CA PRO A 93 -1.57 5.59 -7.14
C PRO A 93 -2.53 5.85 -8.31
N ALA A 94 -2.06 6.47 -9.35
CA ALA A 94 -2.95 6.73 -10.52
C ALA A 94 -3.25 5.41 -11.21
N LEU A 95 -4.50 5.07 -11.39
CA LEU A 95 -4.84 3.78 -12.05
C LEU A 95 -5.65 4.02 -13.32
N THR A 96 -5.85 2.99 -14.10
CA THR A 96 -6.64 3.13 -15.35
C THR A 96 -6.95 1.75 -15.93
N SER A 97 -7.08 1.65 -17.23
CA SER A 97 -7.39 0.32 -17.83
C SER A 97 -6.09 -0.37 -18.26
N GLU A 98 -4.99 -0.03 -17.63
CA GLU A 98 -3.70 -0.66 -17.99
C GLU A 98 -2.83 -0.82 -16.75
N PRO A 99 -1.73 -1.50 -16.91
CA PRO A 99 -0.80 -1.73 -15.78
C PRO A 99 -0.05 -0.44 -15.43
N ARG A 100 -0.02 -0.08 -14.19
CA ARG A 100 0.70 1.17 -13.79
C ARG A 100 1.82 0.84 -12.82
N GLN A 101 3.01 0.64 -13.31
CA GLN A 101 4.15 0.31 -12.42
C GLN A 101 4.76 1.58 -11.82
N VAL A 102 4.34 1.94 -10.65
CA VAL A 102 4.89 3.18 -10.01
C VAL A 102 6.13 2.84 -9.18
N THR A 103 7.18 3.60 -9.32
CA THR A 103 8.42 3.31 -8.55
C THR A 103 9.19 4.60 -8.27
N GLU A 104 9.73 4.75 -7.09
CA GLU A 104 10.50 5.98 -6.77
C GLU A 104 11.42 5.74 -5.58
N THR A 105 12.41 6.58 -5.41
CA THR A 105 13.35 6.39 -4.25
C THR A 105 13.17 7.52 -3.24
N PHE A 106 12.98 7.19 -2.00
CA PHE A 106 12.80 8.25 -0.96
C PHE A 106 13.61 7.91 0.29
N THR A 107 13.92 8.89 1.08
CA THR A 107 14.70 8.63 2.32
C THR A 107 13.75 8.33 3.48
N ALA A 108 13.46 7.08 3.72
CA ALA A 108 12.53 6.73 4.83
C ALA A 108 12.96 7.44 6.11
N SER A 109 12.46 8.62 6.34
CA SER A 109 12.84 9.37 7.57
C SER A 109 11.93 8.95 8.72
N ALA A 110 11.84 7.67 8.99
CA ALA A 110 10.97 7.21 10.11
C ALA A 110 11.39 5.82 10.57
N THR A 111 10.49 5.09 11.18
CA THR A 111 10.85 3.72 11.66
C THR A 111 9.62 2.81 11.64
N TYR A 112 9.63 1.82 10.79
CA TYR A 112 8.47 0.88 10.72
C TYR A 112 8.88 -0.49 11.28
N PRO A 113 8.77 -0.63 12.56
CA PRO A 113 9.14 -1.90 13.23
C PRO A 113 8.10 -2.98 12.92
N ALA A 114 8.13 -4.06 13.66
CA ALA A 114 7.15 -5.16 13.41
C ALA A 114 6.80 -5.87 14.72
N THR A 115 6.45 -5.12 15.73
CA THR A 115 6.10 -5.76 17.04
C THR A 115 4.68 -5.37 17.44
N PRO A 116 3.76 -6.24 17.13
CA PRO A 116 2.33 -5.99 17.47
C PRO A 116 2.08 -6.18 18.97
N ALA A 117 1.56 -5.17 19.61
CA ALA A 117 1.31 -5.29 21.08
C ALA A 117 -0.10 -4.79 21.41
N ALA A 118 -0.36 -4.51 22.66
CA ALA A 118 -1.72 -4.03 23.04
C ALA A 118 -2.07 -2.76 22.26
N ASP A 119 -1.09 -2.13 21.67
CA ASP A 119 -1.37 -0.89 20.89
C ASP A 119 -0.16 -0.53 20.03
N ASP A 120 0.64 -1.50 19.66
CA ASP A 120 1.84 -1.21 18.82
C ASP A 120 1.69 -1.84 17.44
N PRO A 121 1.01 -1.15 16.58
CA PRO A 121 0.79 -1.64 15.19
C PRO A 121 2.01 -1.45 14.30
N GLU A 122 3.15 -1.23 14.89
CA GLU A 122 4.43 -1.04 14.12
C GLU A 122 4.21 -0.25 12.84
N GLY A 123 5.19 -0.22 11.98
CA GLY A 123 5.07 0.55 10.70
C GLY A 123 4.39 -0.32 9.64
N GLN A 124 3.66 0.30 8.74
CA GLN A 124 2.97 -0.49 7.67
C GLN A 124 2.82 0.36 6.40
N ILE A 125 1.88 0.01 5.57
CA ILE A 125 1.64 0.77 4.31
C ILE A 125 0.23 1.35 4.35
N ALA A 126 0.01 2.49 3.77
CA ALA A 126 -1.35 3.09 3.79
C ALA A 126 -1.87 3.34 2.38
N PHE A 127 -2.99 2.77 2.07
CA PHE A 127 -3.61 2.98 0.73
C PHE A 127 -4.96 3.65 0.95
N GLN A 128 -5.01 4.94 0.79
CA GLN A 128 -6.29 5.66 1.05
C GLN A 128 -7.18 5.75 -0.20
N LEU A 129 -7.95 4.72 -0.46
CA LEU A 129 -8.87 4.76 -1.62
C LEU A 129 -10.18 5.45 -1.19
N GLY A 130 -10.06 6.56 -0.51
CA GLY A 130 -11.28 7.28 -0.05
C GLY A 130 -12.07 7.76 -1.26
N GLY A 131 -13.07 8.58 -1.05
CA GLY A 131 -13.88 9.07 -2.20
C GLY A 131 -12.94 9.66 -3.26
N PHE A 132 -12.49 8.87 -4.17
CA PHE A 132 -11.56 9.38 -5.23
C PHE A 132 -12.18 9.23 -6.62
N SER A 133 -12.68 8.07 -6.95
CA SER A 133 -13.28 7.87 -8.30
C SER A 133 -14.77 8.25 -8.26
N ALA A 134 -15.41 8.22 -9.40
CA ALA A 134 -16.86 8.57 -9.43
C ALA A 134 -17.73 7.31 -9.39
N ASP A 135 -17.47 6.38 -10.27
CA ASP A 135 -18.28 5.12 -10.27
C ASP A 135 -17.52 4.00 -9.55
N ALA A 136 -18.14 2.88 -9.35
CA ALA A 136 -17.45 1.76 -8.65
C ALA A 136 -16.15 1.40 -9.37
N TRP A 137 -15.05 1.40 -8.68
CA TRP A 137 -13.76 1.05 -9.36
C TRP A 137 -13.00 0.04 -8.51
N THR A 138 -11.77 -0.22 -8.82
CA THR A 138 -11.03 -1.24 -8.04
C THR A 138 -9.52 -1.01 -8.11
N LEU A 139 -8.77 -1.75 -7.34
CA LEU A 139 -7.28 -1.60 -7.34
C LEU A 139 -6.63 -2.97 -7.50
N CYS A 140 -5.74 -3.12 -8.43
CA CYS A 140 -5.08 -4.44 -8.62
C CYS A 140 -3.55 -4.29 -8.61
N LEU A 141 -2.93 -4.61 -7.52
CA LEU A 141 -1.45 -4.51 -7.45
C LEU A 141 -0.82 -5.87 -7.75
N ASP A 142 0.47 -5.98 -7.69
CA ASP A 142 1.13 -7.30 -7.97
C ASP A 142 2.64 -7.13 -8.07
N ASP A 143 3.24 -6.48 -7.10
CA ASP A 143 4.72 -6.28 -7.14
C ASP A 143 5.11 -5.22 -6.11
N VAL A 144 4.75 -5.41 -4.87
CA VAL A 144 5.08 -4.40 -3.82
C VAL A 144 6.36 -4.83 -3.09
N ALA A 145 7.39 -4.03 -3.15
CA ALA A 145 8.65 -4.38 -2.45
C ALA A 145 9.34 -3.11 -1.93
N LEU A 146 10.15 -3.24 -0.91
CA LEU A 146 10.84 -2.04 -0.36
C LEU A 146 12.22 -2.43 0.18
N ASP A 147 13.20 -1.58 0.03
CA ASP A 147 14.56 -1.90 0.54
C ASP A 147 15.48 -0.69 0.41
N SER A 148 16.45 -0.58 1.29
CA SER A 148 17.38 0.59 1.21
C SER A 148 18.62 0.22 0.39
N GLU A 149 19.25 1.19 -0.22
CA GLU A 149 20.47 0.90 -1.02
C GLU A 149 21.69 1.59 -0.41
N VAL A 150 22.60 2.04 -1.22
CA VAL A 150 23.82 2.72 -0.68
C VAL A 150 24.40 3.67 -1.73
N GLU A 151 23.57 4.43 -2.39
CA GLU A 151 24.08 5.37 -3.42
C GLU A 151 23.31 6.69 -3.35
N LEU A 152 22.76 7.02 -2.20
CA LEU A 152 22.00 8.29 -2.08
C LEU A 152 22.84 9.47 -2.58
N ALA A 1 13.89 -5.99 8.59
CA ALA A 1 13.28 -7.24 9.13
C ALA A 1 12.26 -7.80 8.13
N SER A 2 11.40 -8.67 8.57
CA SER A 2 10.38 -9.26 7.65
C SER A 2 9.64 -8.15 6.91
N PRO A 3 9.95 -8.03 5.63
CA PRO A 3 9.31 -7.00 4.80
C PRO A 3 7.88 -7.42 4.44
N ILE A 4 7.35 -6.90 3.37
CA ILE A 4 5.96 -7.28 2.97
C ILE A 4 5.99 -8.41 1.95
N GLY A 5 7.03 -9.18 1.93
CA GLY A 5 7.12 -10.30 0.97
C GLY A 5 7.88 -9.84 -0.29
N GLU A 6 7.89 -8.56 -0.54
CA GLU A 6 8.61 -8.05 -1.74
C GLU A 6 8.29 -8.92 -2.96
N GLY A 7 7.12 -8.79 -3.50
CA GLY A 7 6.75 -9.61 -4.69
C GLY A 7 5.53 -9.01 -5.37
N THR A 8 4.89 -9.76 -6.23
CA THR A 8 3.68 -9.22 -6.94
C THR A 8 2.44 -10.05 -6.56
N PHE A 9 2.37 -10.53 -5.36
CA PHE A 9 1.19 -11.33 -4.94
C PHE A 9 1.06 -12.57 -5.82
N ASP A 10 2.14 -13.30 -6.01
CA ASP A 10 2.07 -14.51 -6.86
C ASP A 10 1.73 -15.75 -6.02
N ASP A 11 0.95 -15.56 -4.98
CA ASP A 11 0.56 -16.70 -4.10
C ASP A 11 0.06 -16.17 -2.74
N GLY A 12 -0.65 -15.08 -2.75
CA GLY A 12 -1.17 -14.51 -1.48
C GLY A 12 -0.75 -13.05 -1.36
N PRO A 13 -1.68 -12.24 -0.94
CA PRO A 13 -1.41 -10.79 -0.78
C PRO A 13 -0.56 -10.54 0.48
N GLU A 14 -0.19 -11.58 1.17
CA GLU A 14 0.64 -11.40 2.41
C GLU A 14 -0.19 -10.72 3.50
N GLY A 15 -0.26 -9.41 3.49
CA GLY A 15 -1.06 -8.70 4.53
C GLY A 15 -1.87 -7.58 3.89
N TRP A 16 -1.85 -7.49 2.59
CA TRP A 16 -2.63 -6.40 1.91
C TRP A 16 -4.13 -6.62 2.13
N VAL A 17 -4.74 -5.84 2.98
CA VAL A 17 -6.20 -6.00 3.22
C VAL A 17 -6.95 -4.76 2.70
N ALA A 18 -8.18 -4.92 2.31
CA ALA A 18 -8.96 -3.75 1.82
C ALA A 18 -10.34 -3.75 2.46
N TYR A 19 -10.80 -2.61 2.88
CA TYR A 19 -12.14 -2.54 3.53
C TYR A 19 -13.01 -1.46 2.87
N GLY A 20 -14.29 -1.65 2.84
CA GLY A 20 -15.20 -0.64 2.23
C GLY A 20 -15.47 -1.00 0.77
N THR A 21 -15.36 -2.25 0.42
CA THR A 21 -15.62 -2.65 -0.99
C THR A 21 -16.50 -3.90 -1.03
N ASP A 22 -16.32 -4.72 -2.04
CA ASP A 22 -17.14 -5.97 -2.15
C ASP A 22 -16.26 -7.21 -2.05
N GLY A 23 -16.67 -8.19 -1.31
CA GLY A 23 -15.86 -9.43 -1.18
C GLY A 23 -14.43 -9.07 -0.78
N PRO A 24 -13.65 -10.09 -0.52
CA PRO A 24 -12.23 -9.88 -0.13
C PRO A 24 -11.39 -9.44 -1.33
N LEU A 25 -10.10 -9.62 -1.27
CA LEU A 25 -9.24 -9.22 -2.41
C LEU A 25 -9.01 -10.40 -3.35
N ASP A 26 -8.92 -10.15 -4.63
CA ASP A 26 -8.70 -11.26 -5.60
C ASP A 26 -7.21 -11.36 -5.94
N THR A 27 -6.60 -12.48 -5.66
CA THR A 27 -5.15 -12.62 -5.96
C THR A 27 -4.92 -13.77 -6.94
N SER A 28 -5.56 -14.89 -6.73
CA SER A 28 -5.37 -16.04 -7.65
C SER A 28 -3.88 -16.21 -7.98
N THR A 29 -3.02 -15.95 -7.03
CA THR A 29 -1.56 -16.08 -7.27
C THR A 29 -1.16 -15.24 -8.50
N GLY A 30 -1.38 -13.96 -8.44
CA GLY A 30 -1.01 -13.10 -9.60
C GLY A 30 -0.88 -11.65 -9.13
N ALA A 31 -1.98 -11.01 -8.81
CA ALA A 31 -1.91 -9.60 -8.35
C ALA A 31 -3.07 -9.29 -7.40
N LEU A 32 -2.94 -8.26 -6.60
CA LEU A 32 -4.04 -7.90 -5.65
C LEU A 32 -5.04 -6.96 -6.34
N CYS A 33 -6.23 -7.44 -6.58
CA CYS A 33 -7.24 -6.57 -7.25
C CYS A 33 -8.47 -6.38 -6.35
N VAL A 34 -8.61 -5.21 -5.79
CA VAL A 34 -9.79 -4.96 -4.91
C VAL A 34 -10.95 -4.41 -5.75
N ALA A 35 -12.16 -4.75 -5.40
CA ALA A 35 -13.33 -4.25 -6.18
C ALA A 35 -13.93 -3.00 -5.56
N VAL A 36 -13.49 -1.84 -5.97
CA VAL A 36 -14.06 -0.60 -5.39
C VAL A 36 -15.49 -0.40 -5.91
N PRO A 37 -16.39 -0.13 -5.01
CA PRO A 37 -17.81 0.05 -5.38
C PRO A 37 -18.02 1.38 -6.13
N ALA A 38 -19.05 1.46 -6.93
CA ALA A 38 -19.32 2.71 -7.69
C ALA A 38 -19.11 3.93 -6.78
N GLY A 39 -18.08 4.69 -7.06
CA GLY A 39 -17.81 5.89 -6.23
C GLY A 39 -17.62 5.47 -4.77
N SER A 40 -16.46 5.70 -4.21
CA SER A 40 -16.23 5.33 -2.80
C SER A 40 -16.71 6.45 -1.88
N ALA A 41 -17.90 6.92 -2.10
CA ALA A 41 -18.44 8.02 -1.25
C ALA A 41 -19.17 7.44 -0.05
N GLN A 42 -18.55 7.50 1.09
CA GLN A 42 -19.16 6.97 2.34
C GLN A 42 -18.08 6.91 3.43
N TYR A 43 -18.19 6.02 4.37
CA TYR A 43 -17.15 5.93 5.43
C TYR A 43 -15.76 6.05 4.80
N GLY A 44 -15.64 5.66 3.54
CA GLY A 44 -14.31 5.76 2.86
C GLY A 44 -13.73 4.37 2.67
N VAL A 45 -13.32 4.04 1.47
CA VAL A 45 -12.72 2.70 1.24
C VAL A 45 -11.21 2.79 1.48
N GLY A 46 -10.49 1.71 1.37
CA GLY A 46 -9.02 1.80 1.60
C GLY A 46 -8.39 0.41 1.68
N VAL A 47 -7.11 0.37 1.94
CA VAL A 47 -6.39 -0.92 2.06
C VAL A 47 -5.22 -0.76 3.02
N VAL A 48 -5.12 -1.59 4.01
CA VAL A 48 -3.99 -1.44 4.99
C VAL A 48 -3.12 -2.70 5.01
N LEU A 49 -1.83 -2.53 4.97
CA LEU A 49 -0.91 -3.70 4.98
C LEU A 49 0.07 -3.60 6.15
N ASN A 50 -0.30 -4.14 7.29
CA ASN A 50 0.61 -4.06 8.46
C ASN A 50 1.79 -5.01 8.29
N GLY A 51 2.99 -4.49 8.16
CA GLY A 51 4.17 -5.38 7.98
C GLY A 51 5.26 -4.62 7.23
N VAL A 52 5.82 -3.60 7.82
CA VAL A 52 6.89 -2.82 7.13
C VAL A 52 8.18 -2.86 7.97
N ALA A 53 9.26 -2.35 7.45
CA ALA A 53 10.54 -2.38 8.21
C ALA A 53 11.35 -1.10 7.97
N ILE A 54 11.24 -0.14 8.84
CA ILE A 54 12.01 1.13 8.66
C ILE A 54 12.61 1.57 10.00
N GLU A 55 13.61 2.40 9.97
CA GLU A 55 14.23 2.86 11.26
C GLU A 55 14.75 4.29 11.12
N GLU A 56 14.50 5.12 12.10
CA GLU A 56 14.97 6.53 12.06
C GLU A 56 14.96 7.09 10.64
N GLY A 57 15.78 8.08 10.39
CA GLY A 57 15.83 8.67 9.01
C GLY A 57 16.74 7.82 8.12
N THR A 58 16.24 6.74 7.60
CA THR A 58 17.07 5.88 6.71
C THR A 58 16.59 6.00 5.26
N THR A 59 17.33 5.45 4.33
CA THR A 59 16.91 5.53 2.91
C THR A 59 16.02 4.34 2.54
N TYR A 60 15.12 4.52 1.61
CA TYR A 60 14.23 3.40 1.21
C TYR A 60 13.74 3.60 -0.23
N THR A 61 13.08 2.62 -0.78
CA THR A 61 12.58 2.75 -2.17
C THR A 61 11.20 2.08 -2.30
N LEU A 62 10.17 2.85 -2.56
CA LEU A 62 8.82 2.25 -2.70
C LEU A 62 8.57 1.85 -4.15
N ARG A 63 8.31 0.60 -4.40
CA ARG A 63 8.06 0.16 -5.80
C ARG A 63 6.76 -0.66 -5.88
N TYR A 64 5.87 -0.29 -6.76
CA TYR A 64 4.59 -1.04 -6.90
C TYR A 64 3.90 -0.67 -8.21
N THR A 65 3.17 -1.58 -8.78
CA THR A 65 2.47 -1.27 -10.07
C THR A 65 0.96 -1.41 -9.90
N ALA A 66 0.29 -0.32 -9.64
CA ALA A 66 -1.19 -0.37 -9.46
C ALA A 66 -1.91 -0.08 -10.78
N THR A 67 -3.08 -0.62 -10.96
CA THR A 67 -3.82 -0.37 -12.23
C THR A 67 -5.33 -0.40 -11.96
N ALA A 68 -6.02 0.68 -12.26
CA ALA A 68 -7.49 0.71 -12.04
C ALA A 68 -8.21 0.83 -13.38
N SER A 69 -9.22 0.02 -13.61
CA SER A 69 -9.95 0.11 -14.90
C SER A 69 -10.30 1.58 -15.18
N THR A 70 -10.36 2.37 -14.15
CA THR A 70 -10.69 3.82 -14.33
C THR A 70 -9.49 4.68 -13.95
N ASP A 71 -9.54 5.96 -14.24
CA ASP A 71 -8.41 6.85 -13.87
C ASP A 71 -8.61 7.35 -12.44
N VAL A 72 -8.55 6.47 -11.48
CA VAL A 72 -8.77 6.88 -10.07
C VAL A 72 -7.47 7.38 -9.44
N THR A 73 -7.56 8.46 -8.70
CA THR A 73 -6.34 9.01 -8.03
C THR A 73 -6.61 9.07 -6.52
N VAL A 74 -6.37 8.01 -5.81
CA VAL A 74 -6.63 8.01 -4.35
C VAL A 74 -5.38 8.49 -3.59
N ARG A 75 -5.22 8.07 -2.37
CA ARG A 75 -4.03 8.51 -1.58
C ARG A 75 -3.28 7.30 -1.03
N ALA A 76 -1.98 7.30 -1.17
CA ALA A 76 -1.17 6.15 -0.66
C ALA A 76 0.10 6.67 0.03
N LEU A 77 0.65 5.91 0.93
CA LEU A 77 1.88 6.35 1.64
C LEU A 77 2.32 5.30 2.67
N VAL A 78 2.91 5.71 3.76
CA VAL A 78 3.36 4.74 4.79
C VAL A 78 3.33 5.41 6.17
N GLY A 79 3.43 4.65 7.23
CA GLY A 79 3.40 5.29 8.58
C GLY A 79 3.73 4.26 9.67
N GLN A 80 3.64 4.67 10.91
CA GLN A 80 3.93 3.73 12.04
C GLN A 80 2.66 3.47 12.84
N ASN A 81 2.56 2.30 13.44
CA ASN A 81 1.35 1.99 14.25
C ASN A 81 1.67 2.04 15.74
N GLY A 82 1.48 3.18 16.37
CA GLY A 82 1.77 3.29 17.82
C GLY A 82 2.53 4.60 18.10
N ALA A 83 2.08 5.36 19.05
CA ALA A 83 2.77 6.64 19.37
C ALA A 83 4.29 6.46 19.33
N PRO A 84 4.99 7.54 19.09
CA PRO A 84 4.35 8.85 18.86
C PRO A 84 3.80 8.95 17.44
N TYR A 85 3.74 7.86 16.72
CA TYR A 85 3.22 7.90 15.33
C TYR A 85 4.09 8.83 14.47
N GLY A 86 4.07 8.64 13.18
CA GLY A 86 4.89 9.50 12.28
C GLY A 86 4.92 8.91 10.87
N THR A 87 4.34 9.57 9.92
CA THR A 87 4.33 9.03 8.53
C THR A 87 5.56 9.53 7.77
N VAL A 88 5.97 8.80 6.76
CA VAL A 88 7.16 9.23 5.97
C VAL A 88 6.77 9.44 4.51
N LEU A 89 5.71 8.80 4.07
CA LEU A 89 5.27 8.97 2.66
C LEU A 89 4.04 9.86 2.58
N ASP A 90 3.94 10.67 1.56
CA ASP A 90 2.76 11.56 1.42
C ASP A 90 2.47 11.85 -0.05
N THR A 91 1.89 10.90 -0.74
CA THR A 91 1.60 11.13 -2.19
C THR A 91 0.28 10.43 -2.59
N SER A 92 -0.14 10.61 -3.80
CA SER A 92 -1.40 9.97 -4.26
C SER A 92 -1.15 9.10 -5.50
N PRO A 93 -1.54 7.86 -5.41
CA PRO A 93 -1.35 6.92 -6.54
C PRO A 93 -2.30 7.26 -7.69
N ALA A 94 -1.78 7.42 -8.88
CA ALA A 94 -2.65 7.74 -10.04
C ALA A 94 -2.82 6.49 -10.93
N LEU A 95 -4.03 6.13 -11.24
CA LEU A 95 -4.24 4.93 -12.09
C LEU A 95 -4.98 5.31 -13.39
N THR A 96 -5.21 4.35 -14.24
CA THR A 96 -5.92 4.66 -15.53
C THR A 96 -6.54 3.38 -16.11
N SER A 97 -5.74 2.57 -16.75
CA SER A 97 -6.29 1.32 -17.35
C SER A 97 -5.15 0.32 -17.56
N GLU A 98 -4.01 0.78 -17.96
CA GLU A 98 -2.86 -0.15 -18.19
C GLU A 98 -2.05 -0.30 -16.90
N PRO A 99 -0.99 -1.06 -16.98
CA PRO A 99 -0.13 -1.29 -15.79
C PRO A 99 0.65 -0.01 -15.45
N ARG A 100 0.59 0.42 -14.22
CA ARG A 100 1.33 1.65 -13.83
C ARG A 100 2.35 1.34 -12.74
N GLN A 101 3.56 1.04 -13.13
CA GLN A 101 4.62 0.74 -12.11
C GLN A 101 5.00 2.00 -11.36
N VAL A 102 5.57 1.85 -10.19
CA VAL A 102 5.98 3.05 -9.41
C VAL A 102 7.38 2.87 -8.83
N THR A 103 8.19 3.90 -8.85
CA THR A 103 9.57 3.77 -8.32
C THR A 103 10.04 5.12 -7.76
N GLU A 104 10.31 5.19 -6.48
CA GLU A 104 10.77 6.48 -5.90
C GLU A 104 11.58 6.21 -4.62
N THR A 105 12.69 6.87 -4.46
CA THR A 105 13.52 6.66 -3.24
C THR A 105 13.32 7.82 -2.26
N PHE A 106 12.85 7.53 -1.09
CA PHE A 106 12.63 8.62 -0.09
C PHE A 106 13.34 8.29 1.23
N THR A 107 13.63 9.28 2.03
CA THR A 107 14.32 9.03 3.32
C THR A 107 13.29 8.78 4.42
N ALA A 108 13.02 7.54 4.73
CA ALA A 108 12.02 7.24 5.80
C ALA A 108 12.44 7.87 7.13
N SER A 109 11.76 8.90 7.55
CA SER A 109 12.12 9.56 8.83
C SER A 109 11.26 8.99 9.96
N ALA A 110 11.24 7.70 10.13
CA ALA A 110 10.42 7.10 11.21
C ALA A 110 10.91 5.68 11.54
N THR A 111 10.04 4.84 12.00
CA THR A 111 10.45 3.44 12.34
C THR A 111 9.27 2.48 12.20
N TYR A 112 9.32 1.61 11.22
CA TYR A 112 8.19 0.64 11.03
C TYR A 112 8.65 -0.77 11.37
N PRO A 113 8.88 -1.00 12.63
CA PRO A 113 9.34 -2.34 13.09
C PRO A 113 8.20 -3.35 13.00
N ALA A 114 8.35 -4.36 12.19
CA ALA A 114 7.26 -5.38 12.06
C ALA A 114 7.00 -6.05 13.40
N THR A 115 7.87 -5.86 14.36
CA THR A 115 7.67 -6.49 15.69
C THR A 115 7.01 -5.48 16.65
N PRO A 116 5.75 -5.69 16.89
CA PRO A 116 5.00 -4.80 17.82
C PRO A 116 5.41 -5.06 19.27
N ALA A 117 6.04 -4.10 19.90
CA ALA A 117 6.47 -4.30 21.31
C ALA A 117 5.81 -3.24 22.21
N ALA A 118 4.53 -3.03 22.06
CA ALA A 118 3.85 -2.01 22.91
C ALA A 118 4.53 -0.64 22.75
N ASP A 119 5.52 -0.37 23.57
CA ASP A 119 6.23 0.93 23.46
C ASP A 119 6.90 1.07 22.09
N ASP A 120 6.97 0.00 21.35
CA ASP A 120 7.61 0.08 20.00
C ASP A 120 6.55 -0.05 18.91
N PRO A 121 6.24 1.08 18.31
CA PRO A 121 5.23 1.11 17.22
C PRO A 121 5.80 0.49 15.94
N GLU A 122 4.98 -0.16 15.16
CA GLU A 122 5.48 -0.76 13.90
C GLU A 122 5.22 0.17 12.71
N GLY A 123 4.88 -0.38 11.58
CA GLY A 123 4.59 0.49 10.40
C GLY A 123 3.90 -0.34 9.31
N GLN A 124 3.18 0.31 8.44
CA GLN A 124 2.48 -0.43 7.35
C GLN A 124 2.34 0.45 6.10
N ILE A 125 1.44 0.10 5.24
CA ILE A 125 1.25 0.91 4.00
C ILE A 125 -0.18 1.47 3.96
N ALA A 126 -0.37 2.61 3.37
CA ALA A 126 -1.74 3.21 3.32
C ALA A 126 -2.26 3.28 1.89
N PHE A 127 -3.49 2.87 1.70
CA PHE A 127 -4.12 2.91 0.35
C PHE A 127 -5.61 3.20 0.52
N GLN A 128 -5.94 4.41 0.85
CA GLN A 128 -7.38 4.75 1.08
C GLN A 128 -8.09 5.14 -0.22
N LEU A 129 -9.17 4.47 -0.50
CA LEU A 129 -9.95 4.79 -1.73
C LEU A 129 -11.32 5.32 -1.31
N GLY A 130 -11.33 6.35 -0.49
CA GLY A 130 -12.61 6.92 -0.02
C GLY A 130 -12.87 8.26 -0.71
N GLY A 131 -13.75 8.29 -1.67
CA GLY A 131 -14.04 9.57 -2.38
C GLY A 131 -12.93 9.87 -3.38
N PHE A 132 -12.88 9.16 -4.48
CA PHE A 132 -11.81 9.42 -5.49
C PHE A 132 -12.37 9.23 -6.90
N SER A 133 -12.63 8.02 -7.30
CA SER A 133 -13.18 7.80 -8.67
C SER A 133 -14.71 7.87 -8.64
N ALA A 134 -15.32 8.16 -9.76
CA ALA A 134 -16.81 8.26 -9.80
C ALA A 134 -17.45 6.86 -9.90
N ASP A 135 -17.70 6.39 -11.09
CA ASP A 135 -18.33 5.05 -11.25
C ASP A 135 -17.55 4.00 -10.47
N ALA A 136 -17.89 2.74 -10.64
CA ALA A 136 -17.17 1.66 -9.91
C ALA A 136 -15.82 1.39 -10.56
N TRP A 137 -14.81 1.18 -9.77
CA TRP A 137 -13.46 0.90 -10.34
C TRP A 137 -12.71 -0.07 -9.45
N THR A 138 -11.44 -0.22 -9.65
CA THR A 138 -10.67 -1.20 -8.83
C THR A 138 -9.17 -0.88 -8.86
N LEU A 139 -8.42 -1.54 -8.03
CA LEU A 139 -6.94 -1.32 -8.01
C LEU A 139 -6.21 -2.66 -8.10
N CYS A 140 -5.32 -2.79 -9.04
CA CYS A 140 -4.59 -4.09 -9.19
C CYS A 140 -3.08 -3.88 -9.05
N LEU A 141 -2.52 -4.21 -7.93
CA LEU A 141 -1.06 -4.05 -7.74
C LEU A 141 -0.37 -5.38 -8.06
N ASP A 142 0.94 -5.44 -7.92
CA ASP A 142 1.66 -6.72 -8.19
C ASP A 142 3.17 -6.47 -8.24
N ASP A 143 3.71 -5.87 -7.21
CA ASP A 143 5.17 -5.59 -7.19
C ASP A 143 5.50 -4.63 -6.05
N VAL A 144 5.07 -4.93 -4.86
CA VAL A 144 5.35 -4.02 -3.71
C VAL A 144 6.60 -4.48 -2.96
N ALA A 145 7.64 -3.69 -2.99
CA ALA A 145 8.89 -4.08 -2.27
C ALA A 145 9.59 -2.84 -1.71
N LEU A 146 10.52 -3.03 -0.82
CA LEU A 146 11.25 -1.86 -0.23
C LEU A 146 12.70 -2.23 0.05
N ASP A 147 13.60 -1.28 -0.06
CA ASP A 147 15.03 -1.57 0.21
C ASP A 147 15.65 -0.49 1.10
N SER A 148 16.93 -0.54 1.32
CA SER A 148 17.58 0.49 2.18
C SER A 148 18.90 0.93 1.56
N GLU A 149 18.93 2.08 0.94
CA GLU A 149 20.19 2.57 0.32
C GLU A 149 20.81 1.46 -0.55
N VAL A 150 20.15 1.08 -1.60
CA VAL A 150 20.71 0.02 -2.48
C VAL A 150 20.03 0.06 -3.85
N GLU A 151 20.03 1.21 -4.48
CA GLU A 151 19.39 1.32 -5.82
C GLU A 151 19.98 0.28 -6.78
N LEU A 152 19.44 0.16 -7.96
CA LEU A 152 19.98 -0.83 -8.93
C LEU A 152 21.35 -0.39 -9.43
N ALA A 1 16.13 -5.34 4.75
CA ALA A 1 15.07 -6.09 5.50
C ALA A 1 13.91 -6.44 4.57
N SER A 2 13.14 -5.46 4.17
CA SER A 2 12.00 -5.74 3.26
C SER A 2 11.18 -6.92 3.79
N PRO A 3 10.19 -6.59 4.59
CA PRO A 3 9.32 -7.63 5.18
C PRO A 3 8.24 -8.08 4.18
N ILE A 4 8.44 -7.84 2.91
CA ILE A 4 7.42 -8.26 1.90
C ILE A 4 8.12 -8.66 0.61
N GLY A 5 9.17 -7.95 0.23
CA GLY A 5 9.89 -8.29 -1.02
C GLY A 5 8.93 -8.29 -2.20
N GLU A 6 9.45 -8.22 -3.40
CA GLU A 6 8.56 -8.23 -4.59
C GLU A 6 7.58 -9.40 -4.52
N GLY A 7 6.44 -9.19 -3.91
CA GLY A 7 5.45 -10.30 -3.81
C GLY A 7 4.70 -10.43 -5.13
N THR A 8 4.51 -9.33 -5.82
CA THR A 8 3.78 -9.38 -7.12
C THR A 8 2.46 -10.14 -6.97
N PHE A 9 1.97 -10.28 -5.76
CA PHE A 9 0.68 -11.00 -5.53
C PHE A 9 0.54 -12.18 -6.49
N ASP A 10 1.56 -12.97 -6.63
CA ASP A 10 1.49 -14.14 -7.54
C ASP A 10 1.22 -15.43 -6.76
N ASP A 11 0.33 -15.36 -5.81
CA ASP A 11 -0.01 -16.57 -4.97
C ASP A 11 -0.72 -16.12 -3.70
N GLY A 12 -0.49 -14.92 -3.27
CA GLY A 12 -1.16 -14.43 -2.02
C GLY A 12 -0.76 -12.97 -1.78
N PRO A 13 -1.65 -12.25 -1.15
CA PRO A 13 -1.41 -10.82 -0.84
C PRO A 13 -0.38 -10.68 0.28
N GLU A 14 0.12 -11.77 0.79
CA GLU A 14 1.12 -11.69 1.89
C GLU A 14 0.50 -11.01 3.12
N GLY A 15 0.60 -9.71 3.21
CA GLY A 15 0.01 -9.01 4.39
C GLY A 15 -1.00 -7.96 3.91
N TRP A 16 -0.96 -7.62 2.66
CA TRP A 16 -1.92 -6.61 2.13
C TRP A 16 -3.37 -6.99 2.45
N VAL A 17 -4.18 -6.03 2.81
CA VAL A 17 -5.60 -6.33 3.12
C VAL A 17 -6.49 -5.16 2.68
N ALA A 18 -7.75 -5.40 2.47
CA ALA A 18 -8.65 -4.28 2.05
C ALA A 18 -9.95 -4.34 2.87
N TYR A 19 -10.71 -3.28 2.90
CA TYR A 19 -11.95 -3.29 3.71
C TYR A 19 -13.04 -2.38 3.11
N GLY A 20 -14.28 -2.76 3.28
CA GLY A 20 -15.42 -1.95 2.74
C GLY A 20 -16.39 -2.87 2.01
N THR A 21 -16.10 -3.21 0.78
CA THR A 21 -17.02 -4.11 0.02
C THR A 21 -16.23 -4.94 -0.99
N ASP A 22 -14.96 -5.14 -0.75
CA ASP A 22 -14.14 -5.95 -1.69
C ASP A 22 -13.81 -7.30 -1.08
N GLY A 23 -14.65 -7.78 -0.20
CA GLY A 23 -14.42 -9.11 0.44
C GLY A 23 -12.92 -9.30 0.69
N PRO A 24 -12.46 -10.49 0.42
CA PRO A 24 -11.02 -10.81 0.61
C PRO A 24 -10.19 -10.14 -0.48
N LEU A 25 -9.00 -10.63 -0.73
CA LEU A 25 -8.14 -10.03 -1.78
C LEU A 25 -8.00 -10.99 -2.97
N ASP A 26 -8.35 -10.55 -4.14
CA ASP A 26 -8.22 -11.43 -5.34
C ASP A 26 -6.78 -11.44 -5.85
N THR A 27 -6.06 -12.49 -5.61
CA THR A 27 -4.64 -12.53 -6.07
C THR A 27 -4.43 -13.69 -7.05
N SER A 28 -5.23 -14.73 -6.92
CA SER A 28 -5.10 -15.91 -7.83
C SER A 28 -5.02 -15.49 -9.30
N THR A 29 -3.86 -15.11 -9.77
CA THR A 29 -3.73 -14.68 -11.19
C THR A 29 -2.36 -14.01 -11.40
N GLY A 30 -1.85 -13.36 -10.39
CA GLY A 30 -0.52 -12.70 -10.53
C GLY A 30 -0.63 -11.23 -10.11
N ALA A 31 -1.80 -10.80 -9.71
CA ALA A 31 -1.97 -9.37 -9.29
C ALA A 31 -3.07 -9.25 -8.26
N LEU A 32 -2.85 -8.50 -7.21
CA LEU A 32 -3.90 -8.33 -6.17
C LEU A 32 -4.97 -7.35 -6.69
N CYS A 33 -6.22 -7.64 -6.46
CA CYS A 33 -7.28 -6.71 -6.95
C CYS A 33 -8.41 -6.59 -5.93
N VAL A 34 -8.65 -5.41 -5.44
CA VAL A 34 -9.74 -5.22 -4.46
C VAL A 34 -10.94 -4.58 -5.16
N ALA A 35 -12.13 -4.99 -4.81
CA ALA A 35 -13.34 -4.41 -5.48
C ALA A 35 -13.81 -3.15 -4.76
N VAL A 36 -13.51 -2.00 -5.31
CA VAL A 36 -13.95 -0.72 -4.67
C VAL A 36 -15.39 -0.42 -5.09
N PRO A 37 -16.23 -0.22 -4.11
CA PRO A 37 -17.67 0.07 -4.36
C PRO A 37 -17.86 1.43 -5.04
N ALA A 38 -19.09 1.80 -5.30
CA ALA A 38 -19.37 3.10 -5.97
C ALA A 38 -18.84 4.28 -5.16
N GLY A 39 -17.96 5.04 -5.76
CA GLY A 39 -17.37 6.23 -5.05
C GLY A 39 -17.11 5.90 -3.58
N SER A 40 -16.89 4.65 -3.25
CA SER A 40 -16.63 4.26 -1.83
C SER A 40 -17.31 5.22 -0.87
N ALA A 41 -18.54 5.55 -1.14
CA ALA A 41 -19.27 6.50 -0.26
C ALA A 41 -19.99 5.73 0.86
N GLN A 42 -19.74 6.13 2.08
CA GLN A 42 -20.37 5.47 3.28
C GLN A 42 -19.55 4.23 3.64
N TYR A 43 -18.29 4.26 3.35
CA TYR A 43 -17.47 3.06 3.64
C TYR A 43 -16.00 3.38 3.80
N GLY A 44 -15.51 4.37 3.12
CA GLY A 44 -14.06 4.65 3.21
C GLY A 44 -13.36 3.33 2.89
N VAL A 45 -13.24 3.01 1.64
CA VAL A 45 -12.61 1.72 1.26
C VAL A 45 -11.11 1.91 1.17
N GLY A 46 -10.35 1.03 1.74
CA GLY A 46 -8.88 1.21 1.68
C GLY A 46 -8.16 -0.12 1.88
N VAL A 47 -6.90 -0.16 1.52
CA VAL A 47 -6.12 -1.42 1.68
C VAL A 47 -4.89 -1.15 2.54
N VAL A 48 -4.73 -1.86 3.63
CA VAL A 48 -3.55 -1.62 4.51
C VAL A 48 -2.68 -2.88 4.61
N LEU A 49 -1.39 -2.70 4.62
CA LEU A 49 -0.47 -3.88 4.74
C LEU A 49 0.38 -3.75 6.00
N ASN A 50 -0.02 -4.38 7.07
CA ASN A 50 0.78 -4.29 8.33
C ASN A 50 2.01 -5.19 8.26
N GLY A 51 3.18 -4.61 8.25
CA GLY A 51 4.41 -5.44 8.19
C GLY A 51 5.49 -4.72 7.39
N VAL A 52 6.09 -3.70 7.95
CA VAL A 52 7.15 -2.97 7.21
C VAL A 52 8.36 -2.73 8.12
N ALA A 53 9.53 -2.59 7.56
CA ALA A 53 10.74 -2.36 8.40
C ALA A 53 11.52 -1.13 7.91
N ILE A 54 11.43 -0.05 8.62
CA ILE A 54 12.17 1.19 8.21
C ILE A 54 12.92 1.76 9.41
N GLU A 55 13.83 2.67 9.19
CA GLU A 55 14.59 3.25 10.34
C GLU A 55 15.09 4.66 10.00
N GLU A 56 14.84 5.60 10.87
CA GLU A 56 15.30 7.01 10.64
C GLU A 56 15.17 7.38 9.15
N GLY A 57 15.94 8.34 8.71
CA GLY A 57 15.86 8.75 7.27
C GLY A 57 16.79 7.87 6.44
N THR A 58 16.41 6.65 6.22
CA THR A 58 17.28 5.74 5.41
C THR A 58 16.80 5.73 3.94
N THR A 59 17.52 5.09 3.08
CA THR A 59 17.12 5.06 1.64
C THR A 59 16.20 3.87 1.37
N TYR A 60 15.39 3.96 0.35
CA TYR A 60 14.47 2.83 0.03
C TYR A 60 14.00 2.93 -1.42
N THR A 61 13.10 2.06 -1.82
CA THR A 61 12.60 2.11 -3.22
C THR A 61 11.16 1.59 -3.27
N LEU A 62 10.23 2.43 -3.60
CA LEU A 62 8.80 1.98 -3.67
C LEU A 62 8.48 1.47 -5.06
N ARG A 63 8.10 0.23 -5.17
CA ARG A 63 7.78 -0.34 -6.50
C ARG A 63 6.39 -1.01 -6.48
N TYR A 64 5.55 -0.68 -7.40
CA TYR A 64 4.18 -1.29 -7.43
C TYR A 64 3.45 -0.88 -8.70
N THR A 65 2.66 -1.76 -9.26
CA THR A 65 1.91 -1.42 -10.50
C THR A 65 0.41 -1.52 -10.26
N ALA A 66 -0.21 -0.42 -9.90
CA ALA A 66 -1.68 -0.46 -9.63
C ALA A 66 -2.45 -0.13 -10.92
N THR A 67 -3.62 -0.68 -11.06
CA THR A 67 -4.43 -0.41 -12.28
C THR A 67 -5.93 -0.50 -11.95
N ALA A 68 -6.60 0.63 -11.91
CA ALA A 68 -8.06 0.59 -11.61
C ALA A 68 -8.86 0.65 -12.90
N SER A 69 -9.85 -0.19 -13.04
CA SER A 69 -10.67 -0.17 -14.29
C SER A 69 -11.02 1.28 -14.63
N THR A 70 -11.06 2.13 -13.64
CA THR A 70 -11.38 3.57 -13.89
C THR A 70 -10.14 4.44 -13.62
N ASP A 71 -10.20 5.69 -13.97
CA ASP A 71 -9.03 6.57 -13.70
C ASP A 71 -9.14 7.13 -12.28
N VAL A 72 -9.13 6.27 -11.29
CA VAL A 72 -9.25 6.75 -9.89
C VAL A 72 -7.90 7.16 -9.31
N THR A 73 -7.86 8.26 -8.62
CA THR A 73 -6.59 8.72 -8.00
C THR A 73 -6.83 8.94 -6.51
N VAL A 74 -6.68 7.91 -5.71
CA VAL A 74 -6.92 8.07 -4.25
C VAL A 74 -5.63 8.46 -3.53
N ARG A 75 -5.42 7.92 -2.36
CA ARG A 75 -4.19 8.27 -1.60
C ARG A 75 -3.38 7.00 -1.27
N ALA A 76 -2.07 7.11 -1.27
CA ALA A 76 -1.22 5.93 -0.95
C ALA A 76 0.10 6.41 -0.32
N LEU A 77 0.67 5.65 0.56
CA LEU A 77 1.94 6.08 1.21
C LEU A 77 2.37 5.08 2.29
N VAL A 78 3.19 5.51 3.21
CA VAL A 78 3.66 4.60 4.29
C VAL A 78 3.80 5.39 5.60
N GLY A 79 4.02 4.73 6.70
CA GLY A 79 4.15 5.48 7.99
C GLY A 79 4.31 4.52 9.16
N GLN A 80 4.30 5.04 10.35
CA GLN A 80 4.44 4.17 11.56
C GLN A 80 3.10 4.03 12.26
N ASN A 81 2.94 3.01 13.07
CA ASN A 81 1.65 2.82 13.79
C ASN A 81 1.86 3.03 15.29
N GLY A 82 1.62 4.22 15.77
CA GLY A 82 1.80 4.50 17.22
C GLY A 82 2.85 5.60 17.40
N ALA A 83 2.56 6.58 18.21
CA ALA A 83 3.53 7.69 18.43
C ALA A 83 4.95 7.12 18.57
N PRO A 84 5.92 7.92 18.22
CA PRO A 84 5.66 9.30 17.72
C PRO A 84 5.23 9.27 16.24
N TYR A 85 4.91 8.11 15.72
CA TYR A 85 4.49 8.02 14.29
C TYR A 85 5.62 8.52 13.38
N GLY A 86 5.48 8.33 12.09
CA GLY A 86 6.53 8.77 11.14
C GLY A 86 6.16 8.36 9.73
N THR A 87 5.79 9.30 8.90
CA THR A 87 5.41 8.95 7.50
C THR A 87 6.58 9.20 6.55
N VAL A 88 6.70 8.41 5.51
CA VAL A 88 7.82 8.61 4.55
C VAL A 88 7.27 8.85 3.14
N LEU A 89 6.08 8.40 2.88
CA LEU A 89 5.48 8.60 1.53
C LEU A 89 4.26 9.52 1.60
N ASP A 90 4.07 10.34 0.61
CA ASP A 90 2.89 11.25 0.61
C ASP A 90 2.45 11.55 -0.82
N THR A 91 1.75 10.66 -1.46
CA THR A 91 1.31 10.92 -2.86
C THR A 91 0.01 10.18 -3.17
N SER A 92 -0.43 10.21 -4.40
CA SER A 92 -1.70 9.52 -4.76
C SER A 92 -1.42 8.45 -5.82
N PRO A 93 -1.97 7.28 -5.62
CA PRO A 93 -1.78 6.16 -6.57
C PRO A 93 -2.62 6.38 -7.83
N ALA A 94 -2.21 7.24 -8.70
CA ALA A 94 -2.99 7.47 -9.95
C ALA A 94 -3.29 6.11 -10.60
N LEU A 95 -4.50 5.89 -11.02
CA LEU A 95 -4.84 4.59 -11.65
C LEU A 95 -5.60 4.79 -12.96
N THR A 96 -5.68 3.77 -13.76
CA THR A 96 -6.41 3.88 -15.07
C THR A 96 -6.68 2.48 -15.63
N SER A 97 -7.29 2.41 -16.79
CA SER A 97 -7.58 1.08 -17.39
C SER A 97 -6.28 0.38 -17.79
N GLU A 98 -5.24 1.13 -17.99
CA GLU A 98 -3.93 0.51 -18.38
C GLU A 98 -3.09 0.22 -17.13
N PRO A 99 -2.02 -0.49 -17.35
CA PRO A 99 -1.10 -0.84 -16.23
C PRO A 99 -0.31 0.39 -15.78
N ARG A 100 -0.25 0.63 -14.51
CA ARG A 100 0.50 1.82 -14.01
C ARG A 100 1.63 1.39 -13.08
N GLN A 101 2.81 1.18 -13.60
CA GLN A 101 3.96 0.75 -12.76
C GLN A 101 4.48 1.95 -11.95
N VAL A 102 5.06 1.69 -10.81
CA VAL A 102 5.59 2.82 -9.98
C VAL A 102 7.02 2.50 -9.52
N THR A 103 7.92 3.44 -9.65
CA THR A 103 9.32 3.19 -9.22
C THR A 103 9.97 4.51 -8.77
N GLU A 104 10.34 4.60 -7.53
CA GLU A 104 10.98 5.86 -7.05
C GLU A 104 11.76 5.61 -5.76
N THR A 105 12.99 6.03 -5.69
CA THR A 105 13.79 5.81 -4.46
C THR A 105 13.62 6.98 -3.50
N PHE A 106 12.90 6.79 -2.43
CA PHE A 106 12.69 7.89 -1.45
C PHE A 106 13.45 7.62 -0.15
N THR A 107 13.77 8.64 0.60
CA THR A 107 14.50 8.44 1.87
C THR A 107 13.51 8.26 3.02
N ALA A 108 13.11 7.05 3.28
CA ALA A 108 12.13 6.79 4.38
C ALA A 108 12.51 7.63 5.61
N SER A 109 11.87 8.75 5.79
CA SER A 109 12.18 9.61 6.98
C SER A 109 11.35 9.18 8.18
N ALA A 110 11.40 7.92 8.52
CA ALA A 110 10.59 7.44 9.69
C ALA A 110 11.24 6.19 10.31
N THR A 111 10.48 5.38 10.97
CA THR A 111 11.05 4.15 11.60
C THR A 111 9.96 3.12 11.86
N TYR A 112 9.97 2.04 11.14
CA TYR A 112 8.93 0.99 11.38
C TYR A 112 9.60 -0.29 11.92
N PRO A 113 9.60 -0.41 13.22
CA PRO A 113 10.22 -1.59 13.87
C PRO A 113 9.29 -2.80 13.85
N ALA A 114 8.48 -2.94 12.82
CA ALA A 114 7.55 -4.11 12.72
C ALA A 114 7.06 -4.53 14.10
N THR A 115 6.60 -3.61 14.91
CA THR A 115 6.11 -3.97 16.26
C THR A 115 4.63 -3.61 16.42
N PRO A 116 3.79 -4.59 16.24
CA PRO A 116 2.33 -4.38 16.35
C PRO A 116 1.93 -4.26 17.83
N ALA A 117 2.18 -3.13 18.43
CA ALA A 117 1.81 -2.96 19.88
C ALA A 117 1.51 -1.48 20.17
N ALA A 118 0.97 -1.20 21.32
CA ALA A 118 0.65 0.21 21.67
C ALA A 118 1.95 0.99 21.94
N ASP A 119 2.69 0.60 22.94
CA ASP A 119 3.96 1.32 23.24
C ASP A 119 4.98 1.09 22.12
N ASP A 120 4.90 -0.03 21.45
CA ASP A 120 5.86 -0.31 20.35
C ASP A 120 5.16 -0.15 19.00
N PRO A 121 5.32 1.03 18.43
CA PRO A 121 4.70 1.33 17.12
C PRO A 121 5.44 0.61 15.99
N GLU A 122 4.77 0.32 14.91
CA GLU A 122 5.45 -0.37 13.76
C GLU A 122 5.34 0.49 12.50
N GLY A 123 5.02 -0.10 11.38
CA GLY A 123 4.90 0.69 10.13
C GLY A 123 4.25 -0.15 9.04
N GLN A 124 3.42 0.44 8.22
CA GLN A 124 2.76 -0.34 7.14
C GLN A 124 2.47 0.56 5.94
N ILE A 125 1.55 0.17 5.10
CA ILE A 125 1.21 1.01 3.91
C ILE A 125 -0.26 1.44 4.01
N ALA A 126 -0.57 2.60 3.54
CA ALA A 126 -1.98 3.07 3.62
C ALA A 126 -2.53 3.40 2.24
N PHE A 127 -3.59 2.73 1.86
CA PHE A 127 -4.23 2.99 0.54
C PHE A 127 -5.64 3.50 0.82
N GLN A 128 -5.83 4.79 0.81
CA GLN A 128 -7.17 5.35 1.16
C GLN A 128 -8.09 5.47 -0.06
N LEU A 129 -8.88 4.46 -0.28
CA LEU A 129 -9.86 4.50 -1.41
C LEU A 129 -11.24 4.86 -0.85
N GLY A 130 -11.28 5.81 0.06
CA GLY A 130 -12.58 6.19 0.67
C GLY A 130 -13.15 7.43 -0.02
N GLY A 131 -14.37 7.33 -0.48
CA GLY A 131 -15.02 8.49 -1.16
C GLY A 131 -14.01 9.22 -2.05
N PHE A 132 -13.50 8.56 -3.07
CA PHE A 132 -12.51 9.23 -3.98
C PHE A 132 -13.07 9.32 -5.40
N SER A 133 -13.33 8.21 -6.03
CA SER A 133 -13.86 8.26 -7.43
C SER A 133 -15.39 8.35 -7.42
N ALA A 134 -16.00 8.43 -8.57
CA ALA A 134 -17.48 8.53 -8.63
C ALA A 134 -18.11 7.13 -8.61
N ASP A 135 -18.30 6.54 -9.75
CA ASP A 135 -18.90 5.18 -9.80
C ASP A 135 -17.98 4.18 -9.11
N ALA A 136 -18.38 2.93 -9.06
CA ALA A 136 -17.53 1.91 -8.39
C ALA A 136 -16.35 1.51 -9.28
N TRP A 137 -15.18 1.41 -8.71
CA TRP A 137 -14.01 1.02 -9.53
C TRP A 137 -13.18 -0.02 -8.79
N THR A 138 -11.92 -0.14 -9.08
CA THR A 138 -11.11 -1.17 -8.37
C THR A 138 -9.61 -0.86 -8.47
N LEU A 139 -8.81 -1.60 -7.77
CA LEU A 139 -7.33 -1.37 -7.82
C LEU A 139 -6.62 -2.70 -8.02
N CYS A 140 -5.76 -2.79 -9.00
CA CYS A 140 -5.06 -4.08 -9.23
C CYS A 140 -3.54 -3.90 -9.20
N LEU A 141 -2.93 -4.17 -8.08
CA LEU A 141 -1.45 -4.03 -7.99
C LEU A 141 -0.80 -5.37 -8.37
N ASP A 142 0.49 -5.48 -8.28
CA ASP A 142 1.15 -6.78 -8.65
C ASP A 142 2.67 -6.62 -8.70
N ASP A 143 3.24 -5.96 -7.73
CA ASP A 143 4.73 -5.79 -7.72
C ASP A 143 5.12 -4.85 -6.58
N VAL A 144 4.84 -5.23 -5.36
CA VAL A 144 5.19 -4.36 -4.21
C VAL A 144 6.53 -4.77 -3.62
N ALA A 145 7.51 -3.92 -3.71
CA ALA A 145 8.85 -4.25 -3.16
C ALA A 145 9.45 -3.04 -2.44
N LEU A 146 10.19 -3.26 -1.38
CA LEU A 146 10.79 -2.12 -0.65
C LEU A 146 12.06 -2.58 0.08
N ASP A 147 13.14 -1.87 -0.08
CA ASP A 147 14.41 -2.26 0.60
C ASP A 147 15.36 -1.07 0.67
N SER A 148 16.26 -1.07 1.63
CA SER A 148 17.23 0.06 1.74
C SER A 148 18.50 -0.25 0.94
N GLU A 149 19.17 0.76 0.46
CA GLU A 149 20.42 0.53 -0.31
C GLU A 149 21.64 0.97 0.50
N VAL A 150 21.70 0.60 1.75
CA VAL A 150 22.87 1.00 2.59
C VAL A 150 23.26 -0.13 3.53
N GLU A 151 22.88 -1.34 3.20
CA GLU A 151 23.24 -2.50 4.08
C GLU A 151 22.93 -3.81 3.37
N LEU A 152 23.02 -4.91 4.07
CA LEU A 152 22.73 -6.22 3.43
C LEU A 152 21.23 -6.51 3.44
#